data_9FXR
#
_entry.id   9FXR
#
_cell.length_a   200.172
_cell.length_b   200.362
_cell.length_c   144.473
_cell.angle_alpha   90.000
_cell.angle_beta   133.815
_cell.angle_gamma   90.000
#
_symmetry.space_group_name_H-M   'C 1 2 1'
#
loop_
_entity.id
_entity.type
_entity.pdbx_description
1 polymer 'Trans-O-hydroxybenzylidenepyruvate hydratase-aldolase'
2 non-polymer 'PYRUVIC ACID'
3 non-polymer 'PHOSPHATE ION'
4 non-polymer GLYCEROL
5 water water
#
_entity_poly.entity_id   1
_entity_poly.type   'polypeptide(L)'
_entity_poly.pdbx_seq_one_letter_code
;MRGSHHHHHHGSMSNKIMKTSRLTAEDINGAWTIMPTPSTPDASDWRSTATVDLEETARIVEELIAAGVNGILSMGTFGE
CATLTWDEKRDYVSTIVETIRGRVPYFCGTTALNTREVIRQTRELIDIGANGTMLGVPMWVKMDLPTAVQFYRDVADAVP
EAAIAIYANPEAFKFDFPRPFWAEMSKIPQVVTA(KPI)YLGIGMLDLDLRLAPNIRFLPHEDDYYAAARINPERITAFW
SSGAMCGPATAIMLRDEVVRAKSTGDWAKAKAISDDMRAADSTLFPRGDFSEFSKYNIGLEKARMDAAGWLKAGPCRPPY
NLVPEDYLAGAQKSGKAWAALHAKYSNELK
;
_entity_poly.pdbx_strand_id   A,B,C,D,H,J,L,N
#
loop_
_chem_comp.id
_chem_comp.type
_chem_comp.name
_chem_comp.formula
GOL non-polymer GLYCEROL 'C3 H8 O3'
PO4 non-polymer 'PHOSPHATE ION' 'O4 P -3'
PYR non-polymer 'PYRUVIC ACID' 'C3 H4 O3'
#
# COMPACT_ATOMS: atom_id res chain seq x y z
N SER A 21 -13.96 2.68 -18.17
CA SER A 21 -12.92 2.60 -17.12
C SER A 21 -11.96 1.43 -17.41
N ARG A 22 -10.94 1.30 -16.56
CA ARG A 22 -9.75 0.55 -16.91
C ARG A 22 -10.03 -0.95 -16.87
N LEU A 23 -9.41 -1.68 -17.80
CA LEU A 23 -9.51 -3.13 -17.83
C LEU A 23 -8.90 -3.71 -16.57
N THR A 24 -9.42 -4.86 -16.14
CA THR A 24 -8.77 -5.70 -15.14
C THR A 24 -8.56 -7.08 -15.75
N ALA A 25 -7.83 -7.93 -15.03
CA ALA A 25 -7.60 -9.30 -15.43
C ALA A 25 -8.91 -10.06 -15.71
N GLU A 26 -9.98 -9.73 -14.96
CA GLU A 26 -11.27 -10.39 -15.09
C GLU A 26 -11.83 -10.17 -16.48
N ASP A 27 -11.46 -9.06 -17.13
CA ASP A 27 -11.96 -8.74 -18.45
C ASP A 27 -11.17 -9.41 -19.57
N ILE A 28 -10.04 -10.06 -19.25
CA ILE A 28 -9.18 -10.60 -20.28
C ILE A 28 -9.49 -12.08 -20.43
N ASN A 29 -10.17 -12.45 -21.53
CA ASN A 29 -10.53 -13.84 -21.81
C ASN A 29 -10.39 -14.14 -23.29
N GLY A 30 -10.14 -15.40 -23.60
CA GLY A 30 -10.26 -15.88 -24.97
C GLY A 30 -9.04 -15.54 -25.81
N ALA A 31 -9.30 -15.32 -27.11
CA ALA A 31 -8.24 -15.22 -28.11
C ALA A 31 -7.84 -13.77 -28.32
N TRP A 32 -6.59 -13.45 -27.98
CA TRP A 32 -6.03 -12.13 -28.20
C TRP A 32 -5.00 -12.20 -29.32
N THR A 33 -5.22 -11.46 -30.39
CA THR A 33 -4.40 -11.62 -31.56
C THR A 33 -3.46 -10.43 -31.66
N ILE A 34 -2.22 -10.70 -32.06
CA ILE A 34 -1.21 -9.66 -32.21
C ILE A 34 -1.11 -9.34 -33.68
N MET A 35 -1.44 -8.10 -34.05
CA MET A 35 -1.43 -7.71 -35.44
C MET A 35 -0.09 -7.10 -35.82
N PRO A 36 0.30 -7.23 -37.10
CA PRO A 36 1.47 -6.53 -37.63
C PRO A 36 1.12 -5.07 -37.87
N THR A 37 2.13 -4.28 -38.22
CA THR A 37 1.91 -2.93 -38.71
C THR A 37 2.07 -2.96 -40.23
N PRO A 38 0.97 -3.07 -40.99
CA PRO A 38 1.04 -3.27 -42.44
C PRO A 38 1.87 -2.15 -43.06
N SER A 39 2.72 -2.50 -44.01
CA SER A 39 3.61 -1.50 -44.58
C SER A 39 3.31 -1.31 -46.07
N THR A 40 3.59 -0.09 -46.56
CA THR A 40 3.47 0.26 -47.96
C THR A 40 4.64 -0.35 -48.72
N PRO A 41 4.60 -0.38 -50.06
CA PRO A 41 5.66 -1.04 -50.84
C PRO A 41 7.06 -0.45 -50.69
N ASP A 42 7.18 0.83 -50.31
CA ASP A 42 8.49 1.50 -50.23
C ASP A 42 9.08 1.47 -48.80
N ALA A 43 8.53 0.63 -47.90
CA ALA A 43 8.80 0.77 -46.48
C ALA A 43 10.22 0.35 -46.08
N SER A 44 10.89 -0.45 -46.91
CA SER A 44 12.27 -0.86 -46.63
C SER A 44 13.26 0.27 -46.90
N ASP A 45 12.81 1.35 -47.54
CA ASP A 45 13.70 2.43 -47.90
C ASP A 45 13.76 3.45 -46.74
N TRP A 46 14.98 3.79 -46.30
CA TRP A 46 15.16 4.76 -45.21
C TRP A 46 14.64 6.15 -45.60
N ARG A 47 14.43 6.40 -46.90
CA ARG A 47 13.95 7.69 -47.38
C ARG A 47 12.45 7.85 -47.17
N SER A 48 11.70 6.75 -47.06
CA SER A 48 10.25 6.79 -47.00
C SER A 48 9.78 7.30 -45.63
N THR A 49 8.66 8.03 -45.58
CA THR A 49 8.29 8.70 -44.33
C THR A 49 6.88 8.34 -43.84
N ALA A 50 6.01 7.82 -44.71
CA ALA A 50 4.68 7.43 -44.23
C ALA A 50 4.40 6.02 -44.67
N THR A 51 4.97 5.03 -43.96
CA THR A 51 5.09 3.69 -44.50
C THR A 51 3.97 2.80 -43.98
N VAL A 52 3.00 3.33 -43.21
CA VAL A 52 1.90 2.51 -42.73
C VAL A 52 0.75 2.52 -43.74
N ASP A 53 0.33 1.32 -44.19
CA ASP A 53 -0.88 1.15 -44.98
C ASP A 53 -2.09 1.19 -44.05
N LEU A 54 -2.72 2.37 -43.98
CA LEU A 54 -3.76 2.60 -43.00
C LEU A 54 -5.07 1.89 -43.40
N GLU A 55 -5.29 1.71 -44.70
CA GLU A 55 -6.50 1.04 -45.14
C GLU A 55 -6.41 -0.46 -44.83
N GLU A 56 -5.27 -1.09 -45.12
CA GLU A 56 -5.06 -2.48 -44.74
C GLU A 56 -5.16 -2.64 -43.21
N THR A 57 -4.71 -1.66 -42.45
CA THR A 57 -4.82 -1.72 -40.99
C THR A 57 -6.29 -1.89 -40.60
N ALA A 58 -7.13 -0.99 -41.12
CA ALA A 58 -8.56 -0.97 -40.83
C ALA A 58 -9.22 -2.28 -41.24
N ARG A 59 -8.81 -2.82 -42.39
CA ARG A 59 -9.39 -4.02 -42.93
C ARG A 59 -9.11 -5.21 -42.01
N ILE A 60 -7.87 -5.30 -41.51
CA ILE A 60 -7.46 -6.38 -40.64
C ILE A 60 -8.25 -6.30 -39.33
N VAL A 61 -8.39 -5.08 -38.79
CA VAL A 61 -9.08 -4.93 -37.52
C VAL A 61 -10.52 -5.43 -37.66
N GLU A 62 -11.22 -4.99 -38.72
CA GLU A 62 -12.60 -5.40 -38.92
C GLU A 62 -12.70 -6.90 -39.13
N GLU A 63 -11.79 -7.49 -39.89
CA GLU A 63 -11.79 -8.94 -40.08
C GLU A 63 -11.59 -9.69 -38.75
N LEU A 64 -10.76 -9.16 -37.86
CA LEU A 64 -10.52 -9.84 -36.60
C LEU A 64 -11.74 -9.73 -35.70
N ILE A 65 -12.37 -8.56 -35.62
CA ILE A 65 -13.57 -8.43 -34.83
C ILE A 65 -14.66 -9.33 -35.39
N ALA A 66 -14.75 -9.42 -36.72
CA ALA A 66 -15.75 -10.24 -37.37
C ALA A 66 -15.49 -11.71 -37.11
N ALA A 67 -14.23 -12.11 -37.01
CA ALA A 67 -13.91 -13.50 -36.67
C ALA A 67 -14.25 -13.82 -35.21
N GLY A 68 -14.47 -12.82 -34.37
CA GLY A 68 -14.91 -13.05 -32.99
C GLY A 68 -13.76 -12.97 -31.97
N VAL A 69 -12.62 -12.35 -32.33
CA VAL A 69 -11.49 -12.30 -31.41
C VAL A 69 -11.90 -11.42 -30.22
N ASN A 70 -11.27 -11.68 -29.08
CA ASN A 70 -11.68 -11.08 -27.83
C ASN A 70 -10.91 -9.79 -27.55
N GLY A 71 -9.74 -9.64 -28.17
CA GLY A 71 -8.94 -8.44 -27.98
C GLY A 71 -7.79 -8.39 -28.97
N ILE A 72 -7.21 -7.20 -29.14
CA ILE A 72 -6.16 -7.00 -30.12
C ILE A 72 -4.94 -6.39 -29.43
N LEU A 73 -3.77 -6.97 -29.69
CA LEU A 73 -2.50 -6.40 -29.28
C LEU A 73 -1.74 -5.98 -30.52
N SER A 74 -0.83 -5.03 -30.35
CA SER A 74 -0.08 -4.50 -31.47
C SER A 74 1.27 -3.97 -30.99
N MET A 75 2.14 -3.69 -31.96
CA MET A 75 3.39 -2.97 -31.72
C MET A 75 4.26 -3.67 -30.67
N GLY A 76 4.40 -4.99 -30.85
CA GLY A 76 5.52 -5.72 -30.24
C GLY A 76 6.72 -5.75 -31.20
N THR A 77 7.48 -6.86 -31.18
CA THR A 77 8.66 -6.96 -32.01
C THR A 77 8.26 -6.99 -33.49
N PHE A 78 7.43 -7.95 -33.92
CA PHE A 78 7.16 -8.10 -35.34
C PHE A 78 6.21 -7.00 -35.80
N GLY A 79 5.48 -6.38 -34.86
CA GLY A 79 4.70 -5.17 -35.10
C GLY A 79 5.56 -3.94 -35.33
N GLU A 80 6.89 -4.09 -35.18
CA GLU A 80 7.87 -3.07 -35.58
C GLU A 80 7.75 -1.80 -34.73
N CYS A 81 7.41 -1.97 -33.45
CA CYS A 81 7.51 -0.89 -32.49
C CYS A 81 8.86 -0.17 -32.63
N ALA A 82 9.92 -0.93 -32.90
CA ALA A 82 11.26 -0.39 -32.95
C ALA A 82 11.51 0.52 -34.15
N THR A 83 10.83 0.26 -35.26
CA THR A 83 11.26 0.87 -36.52
C THR A 83 10.24 1.86 -37.06
N LEU A 84 9.11 2.08 -36.38
CA LEU A 84 8.12 3.05 -36.81
C LEU A 84 8.51 4.43 -36.31
N THR A 85 8.23 5.47 -37.10
CA THR A 85 8.34 6.83 -36.60
C THR A 85 7.15 7.14 -35.71
N TRP A 86 7.28 8.24 -34.95
CA TRP A 86 6.24 8.62 -34.01
C TRP A 86 4.96 9.01 -34.78
N ASP A 87 5.11 9.68 -35.93
CA ASP A 87 3.94 10.01 -36.72
C ASP A 87 3.23 8.76 -37.25
N GLU A 88 4.00 7.75 -37.69
CA GLU A 88 3.42 6.52 -38.15
C GLU A 88 2.62 5.84 -37.04
N LYS A 89 3.18 5.81 -35.83
CA LYS A 89 2.51 5.09 -34.71
C LYS A 89 1.16 5.76 -34.40
N ARG A 90 1.15 7.07 -34.25
CA ARG A 90 -0.13 7.79 -34.02
CA ARG A 90 -0.13 7.80 -34.01
C ARG A 90 -1.27 7.59 -35.06
N ASP A 91 -0.83 7.57 -36.32
CA ASP A 91 -1.82 7.35 -37.41
C ASP A 91 -2.30 5.91 -37.34
N TYR A 92 -1.38 4.97 -37.06
CA TYR A 92 -1.75 3.57 -36.94
C TYR A 92 -2.77 3.40 -35.82
N VAL A 93 -2.47 3.93 -34.63
CA VAL A 93 -3.32 3.73 -33.47
C VAL A 93 -4.64 4.47 -33.69
N SER A 94 -4.61 5.66 -34.30
CA SER A 94 -5.83 6.41 -34.61
C SER A 94 -6.75 5.57 -35.47
N THR A 95 -6.19 4.99 -36.54
CA THR A 95 -6.96 4.19 -37.48
C THR A 95 -7.58 3.01 -36.72
N ILE A 96 -6.77 2.34 -35.90
CA ILE A 96 -7.29 1.17 -35.19
C ILE A 96 -8.45 1.60 -34.27
N VAL A 97 -8.25 2.67 -33.52
CA VAL A 97 -9.21 3.08 -32.51
C VAL A 97 -10.52 3.47 -33.20
N GLU A 98 -10.44 4.19 -34.33
CA GLU A 98 -11.67 4.61 -35.00
C GLU A 98 -12.34 3.42 -35.67
N THR A 99 -11.60 2.38 -36.08
CA THR A 99 -12.20 1.20 -36.68
C THR A 99 -12.89 0.36 -35.58
N ILE A 100 -12.24 0.23 -34.41
CA ILE A 100 -12.73 -0.62 -33.34
C ILE A 100 -13.99 -0.04 -32.73
N ARG A 101 -14.03 1.29 -32.58
CA ARG A 101 -15.21 1.97 -32.05
C ARG A 101 -15.64 1.34 -30.72
N GLY A 102 -14.68 1.02 -29.85
CA GLY A 102 -14.99 0.50 -28.53
C GLY A 102 -15.45 -0.97 -28.48
N ARG A 103 -15.44 -1.71 -29.59
CA ARG A 103 -16.08 -3.01 -29.60
C ARG A 103 -15.25 -4.08 -28.90
N VAL A 104 -13.92 -3.94 -28.93
CA VAL A 104 -13.06 -4.89 -28.27
C VAL A 104 -11.93 -4.08 -27.64
N PRO A 105 -11.28 -4.61 -26.58
CA PRO A 105 -10.09 -3.99 -26.03
C PRO A 105 -8.91 -4.02 -27.00
N TYR A 106 -8.12 -2.95 -26.95
CA TYR A 106 -6.96 -2.78 -27.80
C TYR A 106 -5.78 -2.29 -26.96
N PHE A 107 -4.63 -2.94 -27.15
CA PHE A 107 -3.36 -2.53 -26.55
C PHE A 107 -2.37 -2.17 -27.67
N CYS A 108 -1.82 -0.95 -27.58
CA CYS A 108 -0.72 -0.51 -28.42
C CYS A 108 0.58 -0.94 -27.73
N GLY A 109 1.74 -0.53 -28.26
CA GLY A 109 3.03 -0.84 -27.67
C GLY A 109 3.88 0.43 -27.61
N THR A 110 4.50 0.68 -26.44
CA THR A 110 5.18 1.93 -26.20
C THR A 110 6.59 1.70 -25.65
N THR A 111 7.14 0.49 -25.85
CA THR A 111 8.48 0.20 -25.38
C THR A 111 9.46 1.17 -26.06
N ALA A 112 10.36 1.74 -25.27
CA ALA A 112 11.35 2.69 -25.76
C ALA A 112 12.60 2.59 -24.89
N LEU A 113 13.58 3.44 -25.18
CA LEU A 113 14.89 3.33 -24.54
C LEU A 113 14.91 3.89 -23.12
N ASN A 114 13.87 4.62 -22.70
CA ASN A 114 13.89 5.17 -21.34
C ASN A 114 12.49 5.50 -20.84
N THR A 115 12.40 5.77 -19.53
CA THR A 115 11.14 5.85 -18.83
C THR A 115 10.34 7.04 -19.30
N ARG A 116 11.03 8.16 -19.57
CA ARG A 116 10.34 9.40 -19.91
C ARG A 116 9.72 9.28 -21.31
N GLU A 117 10.44 8.65 -22.23
CA GLU A 117 9.92 8.46 -23.58
C GLU A 117 8.73 7.50 -23.55
N VAL A 118 8.79 6.47 -22.71
CA VAL A 118 7.71 5.51 -22.61
C VAL A 118 6.45 6.21 -22.12
N ILE A 119 6.63 7.04 -21.10
CA ILE A 119 5.51 7.76 -20.49
C ILE A 119 4.89 8.73 -21.51
N ARG A 120 5.73 9.49 -22.21
CA ARG A 120 5.24 10.43 -23.21
C ARG A 120 4.38 9.70 -24.24
N GLN A 121 4.87 8.57 -24.77
CA GLN A 121 4.14 7.85 -25.81
C GLN A 121 2.87 7.21 -25.26
N THR A 122 2.97 6.60 -24.07
CA THR A 122 1.82 5.95 -23.47
C THR A 122 0.72 6.96 -23.23
N ARG A 123 1.07 8.15 -22.76
CA ARG A 123 0.07 9.19 -22.56
C ARG A 123 -0.66 9.51 -23.85
N GLU A 124 0.07 9.73 -24.95
CA GLU A 124 -0.57 10.14 -26.20
C GLU A 124 -1.43 9.01 -26.78
N LEU A 125 -0.97 7.75 -26.72
CA LEU A 125 -1.70 6.69 -27.38
C LEU A 125 -2.93 6.29 -26.56
N ILE A 126 -2.84 6.41 -25.23
CA ILE A 126 -4.01 6.22 -24.40
C ILE A 126 -5.02 7.32 -24.65
N ASP A 127 -4.57 8.57 -24.79
CA ASP A 127 -5.45 9.69 -25.11
C ASP A 127 -6.14 9.48 -26.45
N ILE A 128 -5.43 8.93 -27.45
CA ILE A 128 -6.04 8.67 -28.75
C ILE A 128 -7.15 7.63 -28.60
N GLY A 129 -6.99 6.65 -27.69
CA GLY A 129 -8.08 5.78 -27.33
C GLY A 129 -7.71 4.31 -27.15
N ALA A 130 -6.43 3.94 -27.15
CA ALA A 130 -6.04 2.60 -26.74
C ALA A 130 -6.36 2.37 -25.26
N ASN A 131 -6.64 1.12 -24.90
CA ASN A 131 -7.01 0.79 -23.54
C ASN A 131 -5.79 0.53 -22.67
N GLY A 132 -4.63 0.33 -23.31
CA GLY A 132 -3.45 -0.13 -22.61
C GLY A 132 -2.26 -0.27 -23.54
N THR A 133 -1.12 -0.63 -22.95
CA THR A 133 0.13 -0.73 -23.68
C THR A 133 0.78 -2.06 -23.34
N MET A 134 1.23 -2.73 -24.40
CA MET A 134 2.06 -3.91 -24.28
C MET A 134 3.50 -3.42 -24.18
N LEU A 135 4.12 -3.63 -23.01
CA LEU A 135 5.32 -2.89 -22.66
C LEU A 135 6.44 -3.83 -22.20
N GLY A 136 7.56 -3.80 -22.93
CA GLY A 136 8.80 -4.44 -22.52
C GLY A 136 9.62 -3.50 -21.65
N VAL A 137 10.92 -3.76 -21.49
CA VAL A 137 11.78 -2.86 -20.75
C VAL A 137 12.85 -2.29 -21.66
N PRO A 138 13.33 -1.07 -21.36
CA PRO A 138 14.49 -0.51 -22.02
C PRO A 138 15.64 -1.49 -22.01
N MET A 139 16.37 -1.58 -23.13
CA MET A 139 17.23 -2.73 -23.35
C MET A 139 18.63 -2.33 -23.85
N TRP A 140 18.97 -1.05 -23.92
CA TRP A 140 20.33 -0.65 -24.21
C TRP A 140 21.24 -1.17 -23.11
N VAL A 141 20.91 -0.82 -21.86
CA VAL A 141 21.59 -1.40 -20.72
C VAL A 141 20.64 -2.45 -20.14
N LYS A 142 21.21 -3.62 -19.85
CA LYS A 142 20.43 -4.70 -19.27
C LYS A 142 19.95 -4.34 -17.88
N MET A 143 18.64 -4.49 -17.64
CA MET A 143 18.04 -4.17 -16.38
C MET A 143 18.20 -5.32 -15.37
N ASP A 144 18.32 -4.97 -14.09
CA ASP A 144 18.22 -5.92 -12.99
C ASP A 144 16.79 -5.86 -12.43
N LEU A 145 16.50 -6.72 -11.45
CA LEU A 145 15.16 -6.84 -10.92
C LEU A 145 14.64 -5.50 -10.36
N PRO A 146 15.32 -4.83 -9.41
CA PRO A 146 14.78 -3.57 -8.87
C PRO A 146 14.58 -2.46 -9.90
N THR A 147 15.46 -2.37 -10.90
CA THR A 147 15.33 -1.38 -11.96
C THR A 147 14.04 -1.62 -12.74
N ALA A 148 13.80 -2.87 -13.11
CA ALA A 148 12.64 -3.27 -13.90
C ALA A 148 11.35 -3.01 -13.14
N VAL A 149 11.35 -3.36 -11.85
CA VAL A 149 10.17 -3.18 -11.03
C VAL A 149 9.84 -1.70 -10.98
N GLN A 150 10.86 -0.86 -10.70
CA GLN A 150 10.66 0.57 -10.58
C GLN A 150 10.18 1.15 -11.91
N PHE A 151 10.67 0.60 -13.03
CA PHE A 151 10.26 1.07 -14.33
C PHE A 151 8.76 0.94 -14.50
N TYR A 152 8.19 -0.24 -14.28
CA TYR A 152 6.74 -0.49 -14.44
C TYR A 152 5.92 0.34 -13.42
N ARG A 153 6.45 0.55 -12.21
CA ARG A 153 5.76 1.38 -11.18
C ARG A 153 5.69 2.84 -11.63
N ASP A 154 6.77 3.35 -12.23
CA ASP A 154 6.84 4.75 -12.72
C ASP A 154 5.79 4.96 -13.84
N VAL A 155 5.72 4.03 -14.78
CA VAL A 155 4.78 4.18 -15.93
C VAL A 155 3.35 4.08 -15.38
N ALA A 156 3.13 3.19 -14.43
CA ALA A 156 1.80 3.07 -13.83
C ALA A 156 1.43 4.32 -13.03
N ASP A 157 2.35 4.91 -12.26
CA ASP A 157 2.13 6.18 -11.59
C ASP A 157 1.87 7.31 -12.58
N ALA A 158 2.67 7.37 -13.64
CA ALA A 158 2.59 8.46 -14.58
C ALA A 158 1.31 8.38 -15.42
N VAL A 159 0.81 7.17 -15.67
CA VAL A 159 -0.31 7.01 -16.58
C VAL A 159 -1.29 6.03 -15.96
N PRO A 160 -1.98 6.44 -14.87
CA PRO A 160 -2.81 5.51 -14.09
C PRO A 160 -4.04 4.96 -14.79
N GLU A 161 -4.50 5.62 -15.86
CA GLU A 161 -5.64 5.16 -16.63
C GLU A 161 -5.24 4.02 -17.57
N ALA A 162 -3.96 3.83 -17.85
CA ALA A 162 -3.52 2.80 -18.81
C ALA A 162 -3.41 1.43 -18.16
N ALA A 163 -4.01 0.43 -18.80
CA ALA A 163 -3.72 -0.96 -18.49
C ALA A 163 -2.34 -1.32 -19.06
N ILE A 164 -1.65 -2.25 -18.40
CA ILE A 164 -0.34 -2.66 -18.85
C ILE A 164 -0.33 -4.17 -19.07
N ALA A 165 0.19 -4.56 -20.24
CA ALA A 165 0.54 -5.95 -20.53
C ALA A 165 2.05 -6.05 -20.53
N ILE A 166 2.61 -6.91 -19.66
CA ILE A 166 4.03 -7.10 -19.61
C ILE A 166 4.41 -7.93 -20.84
N TYR A 167 5.32 -7.38 -21.65
CA TYR A 167 5.87 -8.06 -22.80
C TYR A 167 7.16 -8.76 -22.37
N ALA A 168 7.01 -10.03 -21.92
CA ALA A 168 8.08 -10.74 -21.25
C ALA A 168 8.92 -11.54 -22.24
N ASN A 169 9.74 -10.81 -23.03
CA ASN A 169 10.61 -11.40 -24.02
C ASN A 169 12.08 -11.13 -23.66
N PRO A 170 12.78 -12.12 -23.07
CA PRO A 170 14.18 -11.96 -22.67
C PRO A 170 15.16 -11.78 -23.83
N GLU A 171 14.85 -12.32 -25.01
CA GLU A 171 15.74 -12.15 -26.14
C GLU A 171 15.75 -10.68 -26.56
N ALA A 172 14.57 -10.10 -26.72
CA ALA A 172 14.49 -8.70 -27.09
C ALA A 172 15.01 -7.79 -25.96
N PHE A 173 14.57 -8.01 -24.72
CA PHE A 173 14.75 -6.98 -23.71
C PHE A 173 15.85 -7.32 -22.72
N LYS A 174 16.52 -8.47 -22.88
CA LYS A 174 17.68 -8.88 -22.10
C LYS A 174 17.32 -9.33 -20.70
N PHE A 175 16.54 -8.55 -19.95
CA PHE A 175 16.00 -8.96 -18.67
C PHE A 175 15.23 -10.27 -18.79
N ASP A 176 15.30 -11.16 -17.78
CA ASP A 176 14.71 -12.49 -17.90
C ASP A 176 13.33 -12.65 -17.26
N PHE A 177 12.76 -11.57 -16.67
CA PHE A 177 11.45 -11.56 -16.05
C PHE A 177 11.29 -12.72 -15.07
N PRO A 178 12.09 -12.75 -13.97
CA PRO A 178 12.11 -13.90 -13.04
C PRO A 178 10.95 -13.90 -12.05
N ARG A 179 10.91 -14.94 -11.20
CA ARG A 179 9.74 -15.17 -10.35
C ARG A 179 9.46 -13.96 -9.46
N PRO A 180 10.46 -13.40 -8.73
CA PRO A 180 10.19 -12.27 -7.81
C PRO A 180 9.61 -11.05 -8.53
N PHE A 181 9.94 -10.92 -9.82
CA PHE A 181 9.43 -9.83 -10.63
C PHE A 181 7.92 -9.91 -10.73
N TRP A 182 7.39 -11.13 -10.94
CA TRP A 182 5.95 -11.29 -11.05
C TRP A 182 5.25 -11.00 -9.74
N ALA A 183 5.89 -11.35 -8.63
CA ALA A 183 5.30 -11.06 -7.33
C ALA A 183 5.12 -9.55 -7.19
N GLU A 184 6.10 -8.77 -7.65
CA GLU A 184 6.04 -7.32 -7.55
C GLU A 184 4.98 -6.73 -8.49
N MET A 185 4.83 -7.30 -9.70
CA MET A 185 3.90 -6.77 -10.68
C MET A 185 2.46 -6.99 -10.23
N SER A 186 2.20 -8.06 -9.49
CA SER A 186 0.85 -8.34 -9.02
C SER A 186 0.41 -7.26 -8.01
N LYS A 187 1.33 -6.48 -7.46
CA LYS A 187 0.97 -5.34 -6.60
C LYS A 187 0.62 -4.07 -7.38
N ILE A 188 0.82 -4.03 -8.70
CA ILE A 188 0.50 -2.85 -9.47
C ILE A 188 -0.86 -3.07 -10.11
N PRO A 189 -1.92 -2.35 -9.69
CA PRO A 189 -3.25 -2.57 -10.24
C PRO A 189 -3.35 -2.40 -11.77
N GLN A 190 -2.51 -1.54 -12.34
CA GLN A 190 -2.54 -1.29 -13.78
C GLN A 190 -2.04 -2.48 -14.59
N VAL A 191 -1.21 -3.35 -13.98
CA VAL A 191 -0.68 -4.51 -14.67
C VAL A 191 -1.71 -5.62 -14.63
N VAL A 192 -2.28 -5.97 -15.77
CA VAL A 192 -3.44 -6.85 -15.76
C VAL A 192 -3.17 -8.10 -16.57
N THR A 193 -2.11 -8.10 -17.38
CA THR A 193 -1.85 -9.24 -18.24
C THR A 193 -0.37 -9.28 -18.60
N ALA A 194 0.04 -10.40 -19.21
CA ALA A 194 1.41 -10.59 -19.65
C ALA A 194 1.40 -11.43 -20.93
N KPI A 195 2.14 -10.97 -21.96
CA KPI A 195 2.48 -11.84 -23.07
CB KPI A 195 2.80 -11.03 -24.34
CG KPI A 195 3.17 -11.88 -25.55
CD KPI A 195 3.65 -11.09 -26.78
CE KPI A 195 4.36 -11.94 -27.87
NZ KPI A 195 4.64 -11.06 -29.07
CX1 KPI A 195 5.59 -11.03 -29.93
C1 KPI A 195 6.72 -12.02 -30.01
CX2 KPI A 195 5.53 -9.90 -30.70
O1 KPI A 195 4.67 -9.02 -30.46
O2 KPI A 195 6.36 -9.77 -31.62
C KPI A 195 3.63 -12.73 -22.62
O KPI A 195 4.75 -12.28 -22.43
N TYR A 196 3.34 -14.01 -22.40
CA TYR A 196 4.26 -14.91 -21.74
C TYR A 196 4.76 -15.94 -22.75
N LEU A 197 6.02 -16.36 -22.60
CA LEU A 197 6.56 -17.38 -23.47
C LEU A 197 6.51 -18.74 -22.75
N GLY A 198 7.63 -19.45 -22.64
CA GLY A 198 7.61 -20.82 -22.12
C GLY A 198 6.80 -20.93 -20.82
N ILE A 199 6.07 -22.05 -20.67
CA ILE A 199 5.20 -22.21 -19.52
C ILE A 199 5.85 -23.06 -18.42
N GLY A 200 7.18 -23.20 -18.47
CA GLY A 200 7.92 -24.01 -17.51
C GLY A 200 7.70 -23.61 -16.04
N MET A 201 7.60 -22.30 -15.80
CA MET A 201 7.43 -21.77 -14.45
C MET A 201 6.05 -21.13 -14.26
N LEU A 202 5.06 -21.51 -15.09
CA LEU A 202 3.76 -20.87 -15.06
C LEU A 202 3.00 -21.22 -13.79
N ASP A 203 2.98 -22.49 -13.40
CA ASP A 203 2.35 -22.93 -12.14
C ASP A 203 2.74 -21.99 -11.00
N LEU A 204 4.04 -21.70 -10.84
CA LEU A 204 4.52 -20.85 -9.77
C LEU A 204 4.17 -19.38 -9.97
N ASP A 205 4.33 -18.88 -11.20
CA ASP A 205 4.08 -17.48 -11.49
C ASP A 205 2.62 -17.15 -11.20
N LEU A 206 1.71 -18.08 -11.51
CA LEU A 206 0.31 -17.87 -11.18
C LEU A 206 0.12 -17.68 -9.68
N ARG A 207 0.85 -18.47 -8.87
CA ARG A 207 0.73 -18.40 -7.42
C ARG A 207 1.29 -17.07 -6.93
N LEU A 208 2.41 -16.63 -7.49
CA LEU A 208 3.06 -15.40 -7.05
C LEU A 208 2.31 -14.15 -7.49
N ALA A 209 1.51 -14.26 -8.56
CA ALA A 209 0.89 -13.08 -9.13
C ALA A 209 -0.60 -13.33 -9.37
N PRO A 210 -1.43 -13.37 -8.31
CA PRO A 210 -2.86 -13.66 -8.46
C PRO A 210 -3.66 -12.68 -9.31
N ASN A 211 -3.17 -11.45 -9.52
CA ASN A 211 -4.01 -10.43 -10.15
C ASN A 211 -3.68 -10.24 -11.62
N ILE A 212 -2.92 -11.14 -12.23
CA ILE A 212 -2.49 -10.98 -13.61
C ILE A 212 -3.06 -12.12 -14.45
N ARG A 213 -3.63 -11.77 -15.60
CA ARG A 213 -4.02 -12.77 -16.58
C ARG A 213 -2.80 -13.11 -17.45
N PHE A 214 -2.23 -14.29 -17.23
CA PHE A 214 -1.07 -14.70 -17.99
C PHE A 214 -1.55 -15.25 -19.33
N LEU A 215 -1.03 -14.72 -20.43
CA LEU A 215 -1.40 -15.22 -21.74
C LEU A 215 -0.29 -16.11 -22.28
N PRO A 216 -0.46 -17.45 -22.31
CA PRO A 216 0.50 -18.29 -23.03
C PRO A 216 0.29 -18.08 -24.52
N HIS A 217 1.33 -18.36 -25.28
CA HIS A 217 1.24 -18.56 -26.71
C HIS A 217 0.18 -19.62 -26.99
N GLU A 218 -0.48 -19.48 -28.13
CA GLU A 218 -1.58 -20.36 -28.56
C GLU A 218 -1.16 -21.83 -28.52
N ASP A 219 0.07 -22.15 -28.92
CA ASP A 219 0.53 -23.53 -28.96
C ASP A 219 0.64 -24.12 -27.56
N ASP A 220 0.79 -23.28 -26.54
CA ASP A 220 0.91 -23.74 -25.16
C ASP A 220 -0.40 -23.60 -24.39
N TYR A 221 -1.45 -23.09 -25.03
CA TYR A 221 -2.69 -22.80 -24.31
C TYR A 221 -3.31 -24.10 -23.78
N TYR A 222 -3.32 -25.15 -24.60
CA TYR A 222 -3.90 -26.40 -24.22
C TYR A 222 -3.30 -26.89 -22.91
N ALA A 223 -1.97 -26.95 -22.86
CA ALA A 223 -1.27 -27.41 -21.67
C ALA A 223 -1.54 -26.48 -20.49
N ALA A 224 -1.47 -25.18 -20.70
CA ALA A 224 -1.60 -24.23 -19.58
C ALA A 224 -3.00 -24.28 -19.00
N ALA A 225 -4.00 -24.40 -19.88
CA ALA A 225 -5.39 -24.46 -19.46
C ALA A 225 -5.67 -25.72 -18.65
N ARG A 226 -4.98 -26.82 -18.98
CA ARG A 226 -5.15 -28.03 -18.20
C ARG A 226 -4.50 -27.90 -16.83
N ILE A 227 -3.40 -27.14 -16.73
CA ILE A 227 -2.70 -26.95 -15.47
C ILE A 227 -3.58 -26.17 -14.51
N ASN A 228 -4.18 -25.09 -15.00
CA ASN A 228 -4.96 -24.22 -14.15
C ASN A 228 -6.13 -23.66 -14.95
N PRO A 229 -7.23 -24.43 -15.13
CA PRO A 229 -8.36 -23.98 -15.95
C PRO A 229 -9.10 -22.74 -15.43
N GLU A 230 -8.98 -22.43 -14.13
CA GLU A 230 -9.66 -21.27 -13.55
C GLU A 230 -8.90 -20.00 -13.94
N ARG A 231 -7.56 -20.05 -13.99
CA ARG A 231 -6.77 -18.86 -14.22
C ARG A 231 -6.41 -18.69 -15.70
N ILE A 232 -6.24 -19.78 -16.43
CA ILE A 232 -5.76 -19.71 -17.80
C ILE A 232 -6.97 -19.80 -18.72
N THR A 233 -7.51 -18.62 -19.07
CA THR A 233 -8.74 -18.49 -19.85
C THR A 233 -8.47 -17.75 -21.17
N ALA A 234 -7.23 -17.30 -21.40
CA ALA A 234 -6.91 -16.49 -22.57
C ALA A 234 -5.51 -16.85 -23.05
N PHE A 235 -5.23 -16.51 -24.32
CA PHE A 235 -3.95 -16.76 -24.92
C PHE A 235 -3.69 -15.72 -26.00
N TRP A 236 -2.45 -15.63 -26.44
CA TRP A 236 -2.14 -14.73 -27.53
C TRP A 236 -1.79 -15.55 -28.77
N SER A 237 -2.02 -14.93 -29.94
CA SER A 237 -1.92 -15.61 -31.22
C SER A 237 -1.30 -14.68 -32.25
N SER A 238 -0.24 -15.18 -32.87
CA SER A 238 0.32 -14.63 -34.10
C SER A 238 -0.22 -15.40 -35.30
N GLY A 239 -0.56 -16.68 -35.09
CA GLY A 239 -0.99 -17.57 -36.16
C GLY A 239 -2.33 -17.16 -36.76
N ALA A 240 -3.13 -16.46 -35.96
CA ALA A 240 -4.39 -15.87 -36.39
C ALA A 240 -4.23 -14.90 -37.57
N MET A 241 -3.04 -14.31 -37.76
CA MET A 241 -2.81 -13.43 -38.88
C MET A 241 -2.66 -14.21 -40.19
N CYS A 242 -2.73 -15.54 -40.11
CA CYS A 242 -2.72 -16.42 -41.26
C CYS A 242 -4.13 -16.99 -41.52
N GLY A 243 -5.12 -16.45 -40.78
CA GLY A 243 -6.47 -16.97 -40.74
C GLY A 243 -6.86 -17.32 -39.31
N PRO A 244 -7.78 -16.57 -38.67
CA PRO A 244 -8.08 -16.76 -37.25
C PRO A 244 -8.99 -17.92 -36.84
N ALA A 245 -9.50 -18.70 -37.80
CA ALA A 245 -10.44 -19.74 -37.43
C ALA A 245 -9.80 -20.75 -36.47
N THR A 246 -8.51 -21.02 -36.63
CA THR A 246 -7.84 -22.00 -35.79
C THR A 246 -7.86 -21.56 -34.33
N ALA A 247 -7.55 -20.29 -34.06
CA ALA A 247 -7.52 -19.77 -32.72
C ALA A 247 -8.92 -19.73 -32.11
N ILE A 248 -9.92 -19.37 -32.93
CA ILE A 248 -11.30 -19.31 -32.46
C ILE A 248 -11.76 -20.71 -32.07
N MET A 249 -11.43 -21.70 -32.88
CA MET A 249 -11.80 -23.08 -32.61
C MET A 249 -11.15 -23.57 -31.32
N LEU A 250 -9.86 -23.26 -31.12
CA LEU A 250 -9.15 -23.67 -29.93
C LEU A 250 -9.82 -23.08 -28.70
N ARG A 251 -10.12 -21.78 -28.74
CA ARG A 251 -10.79 -21.13 -27.64
C ARG A 251 -12.09 -21.86 -27.29
N ASP A 252 -12.91 -22.13 -28.32
CA ASP A 252 -14.23 -22.69 -28.15
C ASP A 252 -14.14 -24.12 -27.61
N GLU A 253 -13.21 -24.90 -28.14
CA GLU A 253 -13.08 -26.31 -27.79
C GLU A 253 -12.50 -26.45 -26.39
N VAL A 254 -11.67 -25.49 -25.95
CA VAL A 254 -11.13 -25.52 -24.60
C VAL A 254 -12.23 -25.14 -23.60
N VAL A 255 -13.11 -24.20 -23.94
CA VAL A 255 -14.24 -23.90 -23.07
C VAL A 255 -15.08 -25.16 -22.87
N ARG A 256 -15.35 -25.89 -23.97
CA ARG A 256 -16.15 -27.11 -23.93
C ARG A 256 -15.48 -28.16 -23.04
N ALA A 257 -14.16 -28.36 -23.23
CA ALA A 257 -13.40 -29.37 -22.51
C ALA A 257 -13.35 -29.12 -21.00
N LYS A 258 -13.27 -27.85 -20.60
CA LYS A 258 -13.25 -27.53 -19.20
C LYS A 258 -14.56 -27.96 -18.56
N SER A 259 -15.64 -27.90 -19.35
CA SER A 259 -16.96 -28.23 -18.85
C SER A 259 -17.20 -29.74 -18.90
N THR A 260 -16.77 -30.43 -19.97
CA THR A 260 -17.13 -31.82 -20.18
C THR A 260 -16.06 -32.76 -19.61
N GLY A 261 -14.80 -32.29 -19.55
CA GLY A 261 -13.69 -33.17 -19.20
C GLY A 261 -13.13 -33.94 -20.41
N ASP A 262 -13.68 -33.70 -21.62
CA ASP A 262 -13.16 -34.36 -22.82
C ASP A 262 -12.23 -33.41 -23.56
N TRP A 263 -10.92 -33.69 -23.52
CA TRP A 263 -9.89 -32.80 -24.02
C TRP A 263 -9.38 -33.19 -25.40
N ALA A 264 -9.91 -34.29 -25.96
CA ALA A 264 -9.34 -34.88 -27.16
C ALA A 264 -9.37 -33.89 -28.33
N LYS A 265 -10.45 -33.15 -28.48
CA LYS A 265 -10.59 -32.30 -29.63
C LYS A 265 -9.66 -31.09 -29.51
N ALA A 266 -9.55 -30.53 -28.30
CA ALA A 266 -8.64 -29.41 -28.06
C ALA A 266 -7.20 -29.83 -28.31
N LYS A 267 -6.87 -31.06 -27.90
CA LYS A 267 -5.53 -31.57 -28.06
C LYS A 267 -5.18 -31.69 -29.54
N ALA A 268 -6.13 -32.13 -30.37
CA ALA A 268 -5.92 -32.30 -31.80
C ALA A 268 -5.67 -30.97 -32.47
N ILE A 269 -6.40 -29.93 -32.06
CA ILE A 269 -6.17 -28.61 -32.63
C ILE A 269 -4.79 -28.12 -32.21
N SER A 270 -4.45 -28.34 -30.94
CA SER A 270 -3.17 -27.88 -30.43
C SER A 270 -2.02 -28.56 -31.18
N ASP A 271 -2.19 -29.85 -31.51
CA ASP A 271 -1.14 -30.60 -32.20
C ASP A 271 -0.97 -30.09 -33.64
N ASP A 272 -2.08 -29.80 -34.32
CA ASP A 272 -2.05 -29.17 -35.63
C ASP A 272 -1.29 -27.85 -35.60
N MET A 273 -1.51 -27.05 -34.57
CA MET A 273 -0.85 -25.76 -34.45
C MET A 273 0.65 -25.95 -34.29
N ARG A 274 1.06 -26.89 -33.45
CA ARG A 274 2.48 -27.12 -33.24
C ARG A 274 3.13 -27.55 -34.55
N ALA A 275 2.47 -28.43 -35.29
CA ALA A 275 3.00 -28.86 -36.59
C ALA A 275 3.11 -27.69 -37.56
N ALA A 276 2.12 -26.79 -37.59
CA ALA A 276 2.19 -25.64 -38.49
C ALA A 276 3.37 -24.73 -38.17
N ASP A 277 3.77 -24.70 -36.89
CA ASP A 277 4.84 -23.83 -36.43
C ASP A 277 6.21 -24.53 -36.56
N SER A 278 6.21 -25.79 -36.96
CA SER A 278 7.41 -26.58 -36.79
C SER A 278 8.55 -26.10 -37.71
N THR A 279 8.30 -25.41 -38.81
CA THR A 279 9.40 -24.97 -39.67
C THR A 279 9.71 -23.47 -39.51
N LEU A 280 9.09 -22.83 -38.52
CA LEU A 280 9.19 -21.38 -38.42
C LEU A 280 10.57 -20.96 -37.93
N PHE A 281 11.05 -21.62 -36.87
CA PHE A 281 12.33 -21.28 -36.25
C PHE A 281 13.49 -21.79 -37.08
N PRO A 282 14.49 -20.94 -37.44
CA PRO A 282 15.72 -21.41 -38.07
C PRO A 282 16.46 -22.41 -37.17
N ARG A 283 16.59 -23.66 -37.65
CA ARG A 283 17.29 -24.72 -36.94
C ARG A 283 16.66 -25.00 -35.57
N GLY A 284 15.34 -24.78 -35.41
CA GLY A 284 14.67 -25.10 -34.16
C GLY A 284 14.97 -24.12 -33.03
N ASP A 285 15.73 -23.06 -33.31
CA ASP A 285 16.43 -22.26 -32.31
C ASP A 285 15.70 -20.93 -32.07
N PHE A 286 15.16 -20.72 -30.87
CA PHE A 286 14.46 -19.48 -30.53
C PHE A 286 15.37 -18.25 -30.66
N SER A 287 16.66 -18.37 -30.33
CA SER A 287 17.56 -17.24 -30.38
C SER A 287 17.89 -16.84 -31.82
N GLU A 288 17.96 -17.82 -32.73
CA GLU A 288 18.19 -17.54 -34.15
C GLU A 288 16.91 -16.96 -34.79
N PHE A 289 15.74 -17.45 -34.37
CA PHE A 289 14.49 -16.84 -34.76
C PHE A 289 14.44 -15.37 -34.34
N SER A 290 14.96 -15.06 -33.15
CA SER A 290 14.86 -13.75 -32.55
C SER A 290 15.68 -12.71 -33.31
N LYS A 291 16.74 -13.14 -34.02
CA LYS A 291 17.47 -12.25 -34.92
C LYS A 291 16.67 -11.82 -36.15
N TYR A 292 15.70 -12.66 -36.54
CA TYR A 292 14.92 -12.43 -37.75
C TYR A 292 13.43 -12.43 -37.41
N ASN A 293 13.12 -12.06 -36.16
CA ASN A 293 11.77 -12.09 -35.62
C ASN A 293 10.82 -11.39 -36.61
N ILE A 294 11.19 -10.20 -37.07
CA ILE A 294 10.30 -9.34 -37.84
C ILE A 294 10.12 -9.90 -39.26
N GLY A 295 11.23 -10.13 -39.96
CA GLY A 295 11.14 -10.59 -41.33
C GLY A 295 10.45 -11.95 -41.45
N LEU A 296 10.64 -12.82 -40.46
CA LEU A 296 10.10 -14.17 -40.56
C LEU A 296 8.59 -14.16 -40.32
N GLU A 297 8.13 -13.40 -39.33
CA GLU A 297 6.70 -13.29 -39.08
C GLU A 297 6.00 -12.68 -40.30
N LYS A 298 6.58 -11.61 -40.87
CA LYS A 298 5.94 -10.92 -41.98
C LYS A 298 5.94 -11.81 -43.22
N ALA A 299 7.02 -12.54 -43.47
CA ALA A 299 7.07 -13.44 -44.60
C ALA A 299 6.06 -14.56 -44.43
N ARG A 300 5.86 -15.02 -43.21
CA ARG A 300 4.87 -16.05 -42.93
C ARG A 300 3.46 -15.54 -43.25
N MET A 301 3.10 -14.36 -42.73
CA MET A 301 1.78 -13.81 -42.97
C MET A 301 1.57 -13.59 -44.46
N ASP A 302 2.60 -13.11 -45.15
CA ASP A 302 2.49 -12.84 -46.58
C ASP A 302 2.19 -14.15 -47.32
N ALA A 303 2.86 -15.24 -46.92
CA ALA A 303 2.66 -16.51 -47.60
C ALA A 303 1.25 -17.07 -47.37
N ALA A 304 0.64 -16.78 -46.21
CA ALA A 304 -0.67 -17.34 -45.88
C ALA A 304 -1.77 -16.64 -46.65
N GLY A 305 -1.57 -15.36 -46.96
CA GLY A 305 -2.45 -14.64 -47.88
C GLY A 305 -3.71 -14.09 -47.23
N TRP A 306 -3.86 -14.18 -45.91
CA TRP A 306 -5.04 -13.63 -45.27
C TRP A 306 -4.92 -12.12 -45.12
N LEU A 307 -3.68 -11.62 -44.97
CA LEU A 307 -3.45 -10.19 -44.93
C LEU A 307 -2.13 -9.91 -45.62
N LYS A 308 -1.89 -8.62 -45.90
CA LYS A 308 -0.69 -8.16 -46.57
C LYS A 308 0.13 -7.34 -45.58
N ALA A 309 1.15 -7.95 -45.00
CA ALA A 309 1.98 -7.32 -43.98
C ALA A 309 2.95 -6.34 -44.62
N GLY A 310 3.51 -6.73 -45.76
CA GLY A 310 4.39 -5.86 -46.53
C GLY A 310 5.84 -5.96 -46.07
N PRO A 311 6.75 -5.23 -46.71
CA PRO A 311 8.18 -5.27 -46.35
C PRO A 311 8.51 -4.66 -45.01
N CYS A 312 9.70 -4.98 -44.49
CA CYS A 312 10.10 -4.54 -43.18
C CYS A 312 10.84 -3.21 -43.24
N ARG A 313 10.63 -2.39 -42.22
CA ARG A 313 11.26 -1.10 -42.12
C ARG A 313 12.71 -1.26 -41.70
N PRO A 314 13.61 -0.35 -42.11
CA PRO A 314 15.03 -0.48 -41.80
C PRO A 314 15.30 -0.30 -40.32
N PRO A 315 16.26 -1.03 -39.74
CA PRO A 315 17.22 -1.80 -40.53
C PRO A 315 16.96 -3.28 -40.78
N TYR A 316 15.79 -3.80 -40.37
CA TYR A 316 15.60 -5.24 -40.25
C TYR A 316 14.92 -5.83 -41.50
N ASN A 317 15.48 -5.57 -42.67
CA ASN A 317 14.87 -5.96 -43.93
C ASN A 317 15.68 -7.03 -44.67
N LEU A 318 16.61 -7.73 -44.02
CA LEU A 318 17.39 -8.77 -44.69
C LEU A 318 17.26 -10.08 -43.90
N VAL A 319 16.79 -11.12 -44.57
CA VAL A 319 16.63 -12.43 -43.94
C VAL A 319 17.23 -13.46 -44.88
N PRO A 320 18.09 -14.39 -44.42
CA PRO A 320 18.58 -15.47 -45.26
C PRO A 320 17.43 -16.22 -45.94
N GLU A 321 17.63 -16.61 -47.20
CA GLU A 321 16.63 -17.27 -48.01
C GLU A 321 16.19 -18.61 -47.41
N ASP A 322 17.13 -19.42 -46.91
CA ASP A 322 16.82 -20.69 -46.25
C ASP A 322 15.72 -20.50 -45.20
N TYR A 323 15.87 -19.45 -44.39
CA TYR A 323 14.99 -19.24 -43.26
C TYR A 323 13.61 -18.80 -43.74
N LEU A 324 13.56 -17.96 -44.78
CA LEU A 324 12.32 -17.50 -45.36
C LEU A 324 11.47 -18.69 -45.81
N ALA A 325 12.10 -19.67 -46.46
CA ALA A 325 11.38 -20.85 -46.93
C ALA A 325 10.63 -21.52 -45.78
N GLY A 326 11.30 -21.68 -44.61
CA GLY A 326 10.68 -22.26 -43.44
C GLY A 326 9.47 -21.47 -42.96
N ALA A 327 9.60 -20.12 -42.97
CA ALA A 327 8.52 -19.23 -42.54
C ALA A 327 7.34 -19.31 -43.51
N GLN A 328 7.64 -19.45 -44.81
CA GLN A 328 6.61 -19.51 -45.83
C GLN A 328 5.84 -20.82 -45.73
N LYS A 329 6.56 -21.90 -45.45
CA LYS A 329 5.93 -23.20 -45.25
C LYS A 329 4.97 -23.11 -44.07
N SER A 330 5.39 -22.43 -43.00
CA SER A 330 4.58 -22.29 -41.81
C SER A 330 3.30 -21.53 -42.15
N GLY A 331 3.44 -20.47 -42.94
CA GLY A 331 2.31 -19.67 -43.38
C GLY A 331 1.27 -20.51 -44.14
N LYS A 332 1.76 -21.34 -45.06
CA LYS A 332 0.89 -22.18 -45.86
C LYS A 332 0.21 -23.21 -44.96
N ALA A 333 0.91 -23.68 -43.93
CA ALA A 333 0.34 -24.65 -43.03
C ALA A 333 -0.80 -24.01 -42.21
N TRP A 334 -0.59 -22.78 -41.73
CA TRP A 334 -1.62 -22.09 -40.97
C TRP A 334 -2.82 -21.73 -41.83
N ALA A 335 -2.59 -21.39 -43.10
CA ALA A 335 -3.67 -21.11 -44.04
C ALA A 335 -4.51 -22.36 -44.26
N ALA A 336 -3.86 -23.53 -44.37
CA ALA A 336 -4.56 -24.81 -44.45
C ALA A 336 -5.41 -25.04 -43.20
N LEU A 337 -4.86 -24.75 -42.02
CA LEU A 337 -5.62 -24.92 -40.78
C LEU A 337 -6.84 -24.01 -40.81
N HIS A 338 -6.67 -22.77 -41.27
CA HIS A 338 -7.77 -21.81 -41.31
C HIS A 338 -8.89 -22.36 -42.21
N ALA A 339 -8.53 -22.95 -43.35
CA ALA A 339 -9.51 -23.52 -44.25
C ALA A 339 -10.26 -24.65 -43.54
N LYS A 340 -9.51 -25.59 -42.94
CA LYS A 340 -10.12 -26.73 -42.28
C LYS A 340 -11.06 -26.27 -41.17
N TYR A 341 -10.62 -25.35 -40.30
CA TYR A 341 -11.37 -25.02 -39.08
C TYR A 341 -12.49 -24.02 -39.40
N SER A 342 -12.39 -23.29 -40.51
CA SER A 342 -13.51 -22.48 -40.97
C SER A 342 -14.76 -23.34 -41.25
N ASN A 343 -14.56 -24.55 -41.80
CA ASN A 343 -15.64 -25.48 -42.10
C ASN A 343 -16.26 -26.05 -40.82
N GLU A 344 -15.41 -26.39 -39.86
CA GLU A 344 -15.86 -26.95 -38.60
C GLU A 344 -16.58 -25.91 -37.74
N LEU A 345 -16.27 -24.63 -37.91
CA LEU A 345 -16.85 -23.57 -37.09
C LEU A 345 -18.33 -23.43 -37.43
N LYS A 346 -18.69 -23.61 -38.72
CA LYS A 346 -20.07 -23.49 -39.17
C LYS A 346 -20.22 -24.12 -40.57
N SER B 21 13.20 -59.89 -17.28
CA SER B 21 13.44 -59.20 -18.57
C SER B 21 13.70 -57.70 -18.32
N ARG B 22 13.99 -56.97 -19.40
CA ARG B 22 14.38 -55.58 -19.29
C ARG B 22 13.16 -54.73 -18.97
N LEU B 23 13.39 -53.66 -18.18
CA LEU B 23 12.35 -52.69 -17.89
C LEU B 23 11.87 -52.04 -19.17
N THR B 24 10.59 -51.66 -19.18
CA THR B 24 10.02 -50.77 -20.18
C THR B 24 9.40 -49.59 -19.45
N ALA B 25 8.98 -48.60 -20.23
CA ALA B 25 8.30 -47.42 -19.71
C ALA B 25 7.07 -47.80 -18.88
N GLU B 26 6.38 -48.90 -19.25
CA GLU B 26 5.19 -49.35 -18.55
C GLU B 26 5.50 -49.70 -17.12
N ASP B 27 6.73 -50.10 -16.84
CA ASP B 27 7.13 -50.49 -15.50
C ASP B 27 7.52 -49.29 -14.63
N ILE B 28 7.64 -48.08 -15.21
CA ILE B 28 8.13 -46.95 -14.47
C ILE B 28 6.94 -46.13 -13.99
N ASN B 29 6.66 -46.19 -12.68
CA ASN B 29 5.55 -45.46 -12.09
C ASN B 29 5.93 -44.91 -10.73
N GLY B 30 5.28 -43.82 -10.33
CA GLY B 30 5.34 -43.38 -8.95
C GLY B 30 6.62 -42.60 -8.64
N ALA B 31 7.09 -42.73 -7.41
CA ALA B 31 8.14 -41.88 -6.86
C ALA B 31 9.49 -42.55 -7.03
N TRP B 32 10.35 -41.93 -7.83
CA TRP B 32 11.72 -42.39 -8.03
C TRP B 32 12.67 -41.43 -7.35
N THR B 33 13.45 -41.93 -6.40
CA THR B 33 14.26 -41.05 -5.58
C THR B 33 15.70 -41.17 -6.04
N ILE B 34 16.41 -40.04 -6.06
CA ILE B 34 17.80 -40.01 -6.45
C ILE B 34 18.61 -39.93 -5.16
N MET B 35 19.43 -40.95 -4.91
CA MET B 35 20.21 -40.99 -3.68
C MET B 35 21.59 -40.42 -3.91
N PRO B 36 22.19 -39.84 -2.85
CA PRO B 36 23.57 -39.40 -2.88
C PRO B 36 24.50 -40.60 -2.75
N THR B 37 25.79 -40.35 -2.89
CA THR B 37 26.79 -41.37 -2.57
C THR B 37 27.39 -40.98 -1.23
N PRO B 38 26.91 -41.57 -0.12
CA PRO B 38 27.32 -41.15 1.22
C PRO B 38 28.84 -41.24 1.34
N SER B 39 29.45 -40.24 1.95
CA SER B 39 30.89 -40.21 2.03
C SER B 39 31.37 -40.33 3.47
N THR B 40 32.56 -40.91 3.65
CA THR B 40 33.23 -41.01 4.92
C THR B 40 33.79 -39.64 5.31
N PRO B 41 34.19 -39.43 6.56
CA PRO B 41 34.64 -38.10 7.01
C PRO B 41 35.86 -37.54 6.30
N ASP B 42 36.71 -38.39 5.71
CA ASP B 42 37.94 -37.93 5.08
C ASP B 42 37.80 -37.71 3.56
N ALA B 43 36.55 -37.67 3.04
CA ALA B 43 36.31 -37.78 1.62
C ALA B 43 36.75 -36.54 0.82
N SER B 44 36.88 -35.39 1.48
CA SER B 44 37.32 -34.17 0.81
C SER B 44 38.83 -34.21 0.51
N ASP B 45 39.55 -35.16 1.11
CA ASP B 45 40.98 -35.21 0.94
C ASP B 45 41.35 -36.05 -0.28
N TRP B 46 42.16 -35.50 -1.20
CA TRP B 46 42.58 -36.22 -2.39
C TRP B 46 43.40 -37.46 -2.06
N ARG B 47 43.92 -37.56 -0.83
CA ARG B 47 44.71 -38.72 -0.40
C ARG B 47 43.83 -39.93 -0.09
N SER B 48 42.55 -39.73 0.24
CA SER B 48 41.67 -40.81 0.68
C SER B 48 41.28 -41.69 -0.51
N THR B 49 41.09 -43.00 -0.30
CA THR B 49 40.92 -43.90 -1.44
C THR B 49 39.62 -44.73 -1.35
N ALA B 50 39.03 -44.87 -0.16
CA ALA B 50 37.79 -45.62 -0.07
C ALA B 50 36.77 -44.77 0.67
N THR B 51 36.18 -43.81 -0.02
CA THR B 51 35.46 -42.73 0.63
C THR B 51 33.96 -42.99 0.67
N VAL B 52 33.51 -44.18 0.23
CA VAL B 52 32.08 -44.47 0.29
C VAL B 52 31.74 -45.14 1.63
N ASP B 53 30.80 -44.54 2.38
CA ASP B 53 30.22 -45.16 3.56
C ASP B 53 29.18 -46.18 3.11
N LEU B 54 29.60 -47.45 3.07
CA LEU B 54 28.78 -48.50 2.51
C LEU B 54 27.64 -48.87 3.45
N GLU B 55 27.84 -48.70 4.76
CA GLU B 55 26.77 -49.03 5.69
C GLU B 55 25.65 -48.00 5.62
N GLU B 56 26.00 -46.71 5.58
CA GLU B 56 25.01 -45.66 5.36
C GLU B 56 24.30 -45.86 4.01
N THR B 57 25.00 -46.35 2.99
CA THR B 57 24.37 -46.62 1.70
C THR B 57 23.23 -47.61 1.89
N ALA B 58 23.55 -48.74 2.53
CA ALA B 58 22.60 -49.83 2.76
C ALA B 58 21.41 -49.34 3.57
N ARG B 59 21.68 -48.50 4.57
CA ARG B 59 20.65 -48.02 5.47
C ARG B 59 19.65 -47.14 4.71
N ILE B 60 20.17 -46.27 3.83
CA ILE B 60 19.34 -45.39 3.04
C ILE B 60 18.45 -46.22 2.10
N VAL B 61 19.04 -47.24 1.47
CA VAL B 61 18.29 -48.05 0.52
C VAL B 61 17.11 -48.70 1.23
N GLU B 62 17.36 -49.31 2.40
CA GLU B 62 16.32 -50.00 3.12
C GLU B 62 15.25 -49.01 3.60
N GLU B 63 15.66 -47.82 4.07
CA GLU B 63 14.70 -46.81 4.47
C GLU B 63 13.81 -46.37 3.29
N LEU B 64 14.38 -46.27 2.09
CA LEU B 64 13.61 -45.84 0.94
C LEU B 64 12.61 -46.92 0.55
N ILE B 65 13.04 -48.18 0.51
CA ILE B 65 12.13 -49.26 0.17
C ILE B 65 11.01 -49.32 1.21
N ALA B 66 11.36 -49.11 2.48
CA ALA B 66 10.40 -49.18 3.56
C ALA B 66 9.41 -48.03 3.47
N ALA B 67 9.86 -46.86 2.99
CA ALA B 67 8.95 -45.74 2.80
C ALA B 67 7.99 -46.00 1.62
N GLY B 68 8.29 -46.96 0.76
CA GLY B 68 7.38 -47.30 -0.34
C GLY B 68 7.78 -46.70 -1.69
N VAL B 69 9.04 -46.26 -1.86
CA VAL B 69 9.45 -45.68 -3.13
C VAL B 69 9.40 -46.74 -4.21
N ASN B 70 9.20 -46.31 -5.44
CA ASN B 70 8.93 -47.20 -6.55
C ASN B 70 10.20 -47.58 -7.29
N GLY B 71 11.25 -46.76 -7.15
CA GLY B 71 12.52 -47.04 -7.79
C GLY B 71 13.60 -46.10 -7.28
N ILE B 72 14.84 -46.46 -7.55
CA ILE B 72 15.98 -45.69 -7.06
C ILE B 72 16.90 -45.34 -8.22
N LEU B 73 17.28 -44.07 -8.31
CA LEU B 73 18.31 -43.61 -9.23
C LEU B 73 19.51 -43.15 -8.41
N SER B 74 20.68 -43.19 -9.04
CA SER B 74 21.91 -42.84 -8.34
C SER B 74 22.96 -42.35 -9.33
N MET B 75 24.02 -41.77 -8.78
CA MET B 75 25.21 -41.41 -9.54
C MET B 75 24.86 -40.47 -10.69
N GLY B 76 24.07 -39.44 -10.37
CA GLY B 76 24.01 -38.24 -11.20
C GLY B 76 25.05 -37.21 -10.75
N THR B 77 24.74 -35.92 -10.87
CA THR B 77 25.68 -34.88 -10.51
C THR B 77 25.93 -34.90 -9.00
N PHE B 78 24.88 -34.77 -8.17
CA PHE B 78 25.11 -34.62 -6.74
C PHE B 78 25.48 -35.97 -6.14
N GLY B 79 25.15 -37.06 -6.84
CA GLY B 79 25.61 -38.41 -6.52
C GLY B 79 27.09 -38.61 -6.81
N GLU B 80 27.74 -37.61 -7.40
CA GLU B 80 29.19 -37.55 -7.54
C GLU B 80 29.72 -38.62 -8.47
N CYS B 81 28.96 -38.95 -9.51
CA CYS B 81 29.44 -39.80 -10.58
C CYS B 81 30.83 -39.33 -11.03
N ALA B 82 31.04 -38.01 -11.06
CA ALA B 82 32.25 -37.45 -11.61
C ALA B 82 33.45 -37.67 -10.70
N THR B 83 33.25 -37.77 -9.39
CA THR B 83 34.37 -37.68 -8.47
C THR B 83 34.65 -38.99 -7.74
N LEU B 84 33.89 -40.04 -8.01
CA LEU B 84 34.14 -41.34 -7.40
C LEU B 84 35.20 -42.08 -8.22
N THR B 85 36.04 -42.88 -7.56
CA THR B 85 36.91 -43.80 -8.27
C THR B 85 36.11 -45.00 -8.73
N TRP B 86 36.68 -45.77 -9.65
CA TRP B 86 35.99 -46.92 -10.22
C TRP B 86 35.76 -47.99 -9.15
N ASP B 87 36.72 -48.15 -8.23
CA ASP B 87 36.55 -49.09 -7.14
C ASP B 87 35.42 -48.66 -6.20
N GLU B 88 35.32 -47.37 -5.91
CA GLU B 88 34.24 -46.88 -5.06
C GLU B 88 32.89 -47.16 -5.73
N LYS B 89 32.79 -47.01 -7.03
CA LYS B 89 31.50 -47.19 -7.74
C LYS B 89 31.05 -48.66 -7.66
N ARG B 90 31.95 -49.60 -7.94
CA ARG B 90 31.62 -51.05 -7.87
C ARG B 90 31.11 -51.41 -6.46
N ASP B 91 31.79 -50.92 -5.43
CA ASP B 91 31.43 -51.23 -4.02
C ASP B 91 30.07 -50.62 -3.71
N TYR B 92 29.85 -49.40 -4.17
CA TYR B 92 28.58 -48.73 -3.92
C TYR B 92 27.45 -49.52 -4.58
N VAL B 93 27.61 -49.85 -5.86
CA VAL B 93 26.54 -50.50 -6.60
C VAL B 93 26.34 -51.91 -6.05
N SER B 94 27.42 -52.60 -5.69
CA SER B 94 27.31 -53.93 -5.09
C SER B 94 26.46 -53.88 -3.83
N THR B 95 26.77 -52.92 -2.96
CA THR B 95 26.05 -52.76 -1.71
C THR B 95 24.58 -52.52 -2.00
N ILE B 96 24.29 -51.62 -2.95
CA ILE B 96 22.89 -51.31 -3.24
C ILE B 96 22.17 -52.55 -3.75
N VAL B 97 22.80 -53.27 -4.68
CA VAL B 97 22.15 -54.40 -5.32
C VAL B 97 21.87 -55.49 -4.29
N GLU B 98 22.84 -55.75 -3.37
CA GLU B 98 22.66 -56.78 -2.37
C GLU B 98 21.58 -56.35 -1.36
N THR B 99 21.47 -55.05 -1.08
CA THR B 99 20.45 -54.58 -0.14
C THR B 99 19.06 -54.66 -0.78
N ILE B 100 18.95 -54.29 -2.07
CA ILE B 100 17.67 -54.22 -2.76
C ILE B 100 17.10 -55.62 -2.97
N ARG B 101 17.97 -56.58 -3.30
CA ARG B 101 17.53 -57.96 -3.49
C ARG B 101 16.37 -58.03 -4.49
N GLY B 102 16.43 -57.24 -5.57
CA GLY B 102 15.42 -57.30 -6.61
C GLY B 102 14.07 -56.65 -6.26
N ARG B 103 13.93 -55.99 -5.11
CA ARG B 103 12.61 -55.57 -4.65
C ARG B 103 12.10 -54.34 -5.40
N VAL B 104 13.02 -53.48 -5.85
CA VAL B 104 12.63 -52.33 -6.66
C VAL B 104 13.67 -52.21 -7.77
N PRO B 105 13.31 -51.55 -8.89
CA PRO B 105 14.29 -51.21 -9.92
C PRO B 105 15.32 -50.20 -9.42
N TYR B 106 16.55 -50.37 -9.92
CA TYR B 106 17.66 -49.52 -9.56
C TYR B 106 18.44 -49.15 -10.82
N PHE B 107 18.72 -47.83 -10.97
CA PHE B 107 19.58 -47.33 -12.02
C PHE B 107 20.82 -46.69 -11.41
N CYS B 108 21.99 -47.14 -11.87
CA CYS B 108 23.28 -46.54 -11.55
C CYS B 108 23.52 -45.42 -12.57
N GLY B 109 24.69 -44.79 -12.56
CA GLY B 109 25.05 -43.75 -13.50
C GLY B 109 26.44 -44.01 -14.05
N THR B 110 26.58 -43.95 -15.39
CA THR B 110 27.81 -44.35 -16.04
C THR B 110 28.30 -43.28 -17.01
N THR B 111 27.85 -42.03 -16.84
CA THR B 111 28.30 -40.95 -17.69
C THR B 111 29.82 -40.82 -17.57
N ALA B 112 30.49 -40.69 -18.72
CA ALA B 112 31.94 -40.58 -18.74
C ALA B 112 32.36 -39.74 -19.96
N LEU B 113 33.66 -39.60 -20.18
CA LEU B 113 34.15 -38.69 -21.21
C LEU B 113 34.06 -39.28 -22.60
N ASN B 114 33.80 -40.59 -22.75
CA ASN B 114 33.70 -41.15 -24.09
C ASN B 114 32.90 -42.45 -24.10
N THR B 115 32.58 -42.92 -25.32
CA THR B 115 31.61 -43.97 -25.52
C THR B 115 32.16 -45.29 -25.00
N ARG B 116 33.47 -45.52 -25.19
CA ARG B 116 34.05 -46.80 -24.81
C ARG B 116 34.09 -46.94 -23.30
N GLU B 117 34.41 -45.86 -22.60
CA GLU B 117 34.42 -45.88 -21.14
C GLU B 117 33.01 -46.07 -20.59
N VAL B 118 32.02 -45.46 -21.23
CA VAL B 118 30.64 -45.58 -20.80
C VAL B 118 30.20 -47.04 -20.92
N ILE B 119 30.54 -47.64 -22.05
CA ILE B 119 30.16 -49.02 -22.33
C ILE B 119 30.82 -49.97 -21.32
N ARG B 120 32.12 -49.79 -21.08
CA ARG B 120 32.85 -50.63 -20.14
C ARG B 120 32.17 -50.56 -18.76
N GLN B 121 31.86 -49.35 -18.26
CA GLN B 121 31.26 -49.21 -16.95
C GLN B 121 29.84 -49.75 -16.90
N THR B 122 29.04 -49.47 -17.95
CA THR B 122 27.66 -49.93 -17.97
C THR B 122 27.64 -51.45 -17.95
N ARG B 123 28.54 -52.09 -18.71
CA ARG B 123 28.61 -53.55 -18.70
C ARG B 123 28.85 -54.07 -17.30
N GLU B 124 29.84 -53.53 -16.58
CA GLU B 124 30.18 -54.05 -15.26
C GLU B 124 29.06 -53.81 -14.25
N LEU B 125 28.42 -52.64 -14.27
CA LEU B 125 27.45 -52.33 -13.24
C LEU B 125 26.13 -53.06 -13.51
N ILE B 126 25.81 -53.29 -14.78
CA ILE B 126 24.66 -54.12 -15.11
C ILE B 126 24.93 -55.57 -14.69
N ASP B 127 26.15 -56.07 -14.91
CA ASP B 127 26.51 -57.42 -14.47
C ASP B 127 26.42 -57.54 -12.96
N ILE B 128 26.82 -56.51 -12.21
CA ILE B 128 26.72 -56.55 -10.76
C ILE B 128 25.26 -56.63 -10.33
N GLY B 129 24.34 -55.99 -11.07
CA GLY B 129 22.92 -56.25 -10.90
C GLY B 129 22.03 -55.01 -10.99
N ALA B 130 22.55 -53.84 -11.38
CA ALA B 130 21.68 -52.71 -11.68
C ALA B 130 20.81 -53.02 -12.89
N ASN B 131 19.62 -52.42 -12.94
CA ASN B 131 18.68 -52.69 -14.02
C ASN B 131 18.91 -51.77 -15.21
N GLY B 132 19.69 -50.71 -14.99
CA GLY B 132 19.84 -49.67 -15.99
C GLY B 132 20.80 -48.57 -15.54
N THR B 133 21.03 -47.63 -16.43
CA THR B 133 21.97 -46.56 -16.19
C THR B 133 21.30 -45.22 -16.51
N MET B 134 21.47 -44.27 -15.61
CA MET B 134 21.09 -42.89 -15.81
C MET B 134 22.28 -42.21 -16.47
N LEU B 135 22.10 -41.82 -17.73
CA LEU B 135 23.23 -41.51 -18.60
C LEU B 135 23.07 -40.14 -19.28
N GLY B 136 24.03 -39.25 -19.00
CA GLY B 136 24.18 -37.99 -19.72
C GLY B 136 25.06 -38.18 -20.96
N VAL B 137 25.61 -37.11 -21.52
CA VAL B 137 26.51 -37.23 -22.64
C VAL B 137 27.89 -36.70 -22.26
N PRO B 138 28.94 -37.25 -22.90
CA PRO B 138 30.30 -36.72 -22.76
C PRO B 138 30.29 -35.22 -23.02
N MET B 139 31.07 -34.47 -22.23
CA MET B 139 30.86 -33.04 -22.15
C MET B 139 32.16 -32.23 -22.22
N TRP B 140 33.30 -32.87 -22.49
CA TRP B 140 34.52 -32.12 -22.77
C TRP B 140 34.31 -31.28 -24.02
N VAL B 141 33.92 -31.94 -25.10
CA VAL B 141 33.50 -31.24 -26.30
C VAL B 141 31.99 -31.26 -26.34
N LYS B 142 31.38 -30.11 -26.62
CA LYS B 142 29.93 -30.02 -26.72
C LYS B 142 29.41 -30.83 -27.91
N MET B 143 28.43 -31.71 -27.63
CA MET B 143 27.86 -32.54 -28.66
C MET B 143 26.78 -31.82 -29.46
N ASP B 144 26.67 -32.17 -30.75
CA ASP B 144 25.55 -31.77 -31.58
C ASP B 144 24.51 -32.89 -31.60
N LEU B 145 23.39 -32.65 -32.27
CA LEU B 145 22.29 -33.60 -32.28
C LEU B 145 22.72 -34.97 -32.80
N PRO B 146 23.28 -35.10 -34.03
CA PRO B 146 23.65 -36.43 -34.53
C PRO B 146 24.66 -37.19 -33.67
N THR B 147 25.63 -36.48 -33.09
CA THR B 147 26.62 -37.09 -32.23
C THR B 147 25.95 -37.71 -31.00
N ALA B 148 25.04 -36.97 -30.38
CA ALA B 148 24.35 -37.41 -29.18
C ALA B 148 23.45 -38.61 -29.47
N VAL B 149 22.75 -38.56 -30.60
CA VAL B 149 21.88 -39.65 -30.97
C VAL B 149 22.71 -40.91 -31.14
N GLN B 150 23.82 -40.81 -31.89
CA GLN B 150 24.68 -41.94 -32.16
C GLN B 150 25.26 -42.49 -30.86
N PHE B 151 25.57 -41.58 -29.91
CA PHE B 151 26.11 -42.01 -28.64
C PHE B 151 25.15 -42.95 -27.92
N TYR B 152 23.89 -42.57 -27.81
CA TYR B 152 22.91 -43.39 -27.12
C TYR B 152 22.63 -44.69 -27.90
N ARG B 153 22.65 -44.62 -29.24
CA ARG B 153 22.47 -45.83 -30.04
C ARG B 153 23.64 -46.81 -29.80
N ASP B 154 24.86 -46.26 -29.72
CA ASP B 154 26.06 -47.05 -29.51
C ASP B 154 25.98 -47.80 -28.17
N VAL B 155 25.57 -47.11 -27.11
CA VAL B 155 25.54 -47.71 -25.79
C VAL B 155 24.47 -48.81 -25.77
N ALA B 156 23.31 -48.53 -26.37
CA ALA B 156 22.23 -49.49 -26.44
C ALA B 156 22.61 -50.74 -27.24
N ASP B 157 23.34 -50.59 -28.35
CA ASP B 157 23.86 -51.73 -29.09
C ASP B 157 24.87 -52.52 -28.27
N ALA B 158 25.77 -51.82 -27.59
CA ALA B 158 26.84 -52.48 -26.85
C ALA B 158 26.31 -53.21 -25.62
N VAL B 159 25.23 -52.69 -25.02
CA VAL B 159 24.75 -53.24 -23.76
C VAL B 159 23.24 -53.38 -23.83
N PRO B 160 22.74 -54.32 -24.66
CA PRO B 160 21.30 -54.42 -24.95
C PRO B 160 20.41 -54.82 -23.77
N GLU B 161 20.99 -55.41 -22.73
CA GLU B 161 20.25 -55.80 -21.54
C GLU B 161 19.95 -54.59 -20.65
N ALA B 162 20.67 -53.47 -20.82
CA ALA B 162 20.54 -52.33 -19.92
C ALA B 162 19.40 -51.43 -20.35
N ALA B 163 18.52 -51.07 -19.39
CA ALA B 163 17.62 -49.95 -19.57
C ALA B 163 18.41 -48.64 -19.47
N ILE B 164 17.96 -47.61 -20.17
CA ILE B 164 18.62 -46.31 -20.15
C ILE B 164 17.63 -45.23 -19.72
N ALA B 165 18.06 -44.41 -18.78
CA ALA B 165 17.40 -43.17 -18.41
C ALA B 165 18.26 -42.01 -18.92
N ILE B 166 17.68 -41.17 -19.79
CA ILE B 166 18.40 -40.01 -20.29
C ILE B 166 18.46 -39.00 -19.17
N TYR B 167 19.70 -38.60 -18.81
CA TYR B 167 19.95 -37.55 -17.84
C TYR B 167 20.08 -36.22 -18.56
N ALA B 168 18.94 -35.53 -18.72
CA ALA B 168 18.86 -34.39 -19.62
C ALA B 168 19.15 -33.09 -18.90
N ASN B 169 20.44 -32.88 -18.57
CA ASN B 169 20.91 -31.69 -17.88
C ASN B 169 21.84 -30.89 -18.78
N PRO B 170 21.35 -29.80 -19.41
CA PRO B 170 22.17 -28.96 -20.28
C PRO B 170 23.32 -28.23 -19.61
N GLU B 171 23.16 -27.89 -18.33
CA GLU B 171 24.22 -27.20 -17.61
C GLU B 171 25.41 -28.13 -17.46
N ALA B 172 25.17 -29.35 -16.99
CA ALA B 172 26.24 -30.32 -16.85
C ALA B 172 26.80 -30.74 -18.21
N PHE B 173 25.94 -31.10 -19.17
CA PHE B 173 26.42 -31.84 -20.32
C PHE B 173 26.50 -30.98 -21.58
N LYS B 174 26.16 -29.68 -21.48
CA LYS B 174 26.31 -28.70 -22.54
C LYS B 174 25.27 -28.85 -23.63
N PHE B 175 25.09 -30.05 -24.18
CA PHE B 175 24.01 -30.36 -25.09
C PHE B 175 22.65 -30.00 -24.50
N ASP B 176 21.72 -29.52 -25.31
CA ASP B 176 20.46 -28.99 -24.80
C ASP B 176 19.27 -29.98 -24.88
N PHE B 177 19.49 -31.21 -25.38
CA PHE B 177 18.47 -32.25 -25.48
C PHE B 177 17.21 -31.71 -26.15
N PRO B 178 17.27 -31.30 -27.44
CA PRO B 178 16.15 -30.64 -28.14
C PRO B 178 15.11 -31.61 -28.65
N ARG B 179 14.04 -31.07 -29.26
CA ARG B 179 12.86 -31.87 -29.60
C ARG B 179 13.25 -33.05 -30.51
N PRO B 180 14.01 -32.82 -31.62
CA PRO B 180 14.33 -33.93 -32.53
C PRO B 180 15.09 -35.07 -31.87
N PHE B 181 15.83 -34.72 -30.81
CA PHE B 181 16.58 -35.70 -30.05
C PHE B 181 15.63 -36.70 -29.42
N TRP B 182 14.53 -36.23 -28.84
CA TRP B 182 13.57 -37.12 -28.21
C TRP B 182 12.89 -38.02 -29.23
N ALA B 183 12.63 -37.49 -30.42
CA ALA B 183 12.04 -38.30 -31.47
C ALA B 183 12.94 -39.49 -31.78
N GLU B 184 14.24 -39.26 -31.80
CA GLU B 184 15.21 -40.31 -32.09
C GLU B 184 15.30 -41.33 -30.95
N MET B 185 15.23 -40.86 -29.71
CA MET B 185 15.40 -41.73 -28.56
C MET B 185 14.20 -42.68 -28.43
N SER B 186 13.02 -42.24 -28.87
CA SER B 186 11.85 -43.08 -28.80
C SER B 186 11.99 -44.30 -29.71
N LYS B 187 12.91 -44.27 -30.68
CA LYS B 187 13.18 -45.44 -31.50
C LYS B 187 14.16 -46.44 -30.87
N ILE B 188 14.77 -46.11 -29.74
CA ILE B 188 15.71 -47.04 -29.10
C ILE B 188 14.95 -47.77 -27.99
N PRO B 189 14.67 -49.08 -28.12
CA PRO B 189 13.90 -49.80 -27.10
C PRO B 189 14.50 -49.75 -25.69
N GLN B 190 15.83 -49.64 -25.59
CA GLN B 190 16.48 -49.61 -24.28
C GLN B 190 16.21 -48.30 -23.53
N VAL B 191 15.89 -47.23 -24.25
CA VAL B 191 15.64 -45.93 -23.63
C VAL B 191 14.21 -45.90 -23.13
N VAL B 192 14.01 -45.88 -21.82
CA VAL B 192 12.67 -46.10 -21.29
C VAL B 192 12.23 -44.92 -20.44
N THR B 193 13.17 -44.04 -20.05
CA THR B 193 12.81 -42.94 -19.19
C THR B 193 13.81 -41.80 -19.36
N ALA B 194 13.48 -40.65 -18.76
CA ALA B 194 14.33 -39.48 -18.81
C ALA B 194 14.17 -38.70 -17.51
N KPI B 195 15.31 -38.33 -16.88
CA KPI B 195 15.29 -37.33 -15.83
CB KPI B 195 16.50 -37.46 -14.90
CG KPI B 195 16.55 -36.43 -13.77
CD KPI B 195 17.83 -36.44 -12.94
CE KPI B 195 18.04 -35.18 -12.06
NZ KPI B 195 19.26 -35.40 -11.19
CX1 KPI B 195 20.16 -34.60 -10.73
C1 KPI B 195 20.15 -33.10 -10.91
CX2 KPI B 195 21.21 -35.29 -10.16
O1 KPI B 195 21.23 -36.54 -10.22
O2 KPI B 195 22.13 -34.65 -9.63
C KPI B 195 15.19 -35.96 -16.51
O KPI B 195 16.12 -35.49 -17.13
N TYR B 196 14.03 -35.32 -16.39
CA TYR B 196 13.69 -34.15 -17.18
C TYR B 196 13.62 -32.94 -16.24
N LEU B 197 14.04 -31.78 -16.73
CA LEU B 197 13.96 -30.55 -15.94
C LEU B 197 12.73 -29.75 -16.40
N GLY B 198 12.86 -28.49 -16.80
CA GLY B 198 11.70 -27.66 -17.10
C GLY B 198 10.68 -28.37 -17.99
N ILE B 199 9.38 -28.18 -17.72
CA ILE B 199 8.32 -28.87 -18.45
C ILE B 199 7.76 -27.99 -19.57
N GLY B 200 8.50 -26.95 -19.98
CA GLY B 200 8.01 -26.00 -20.98
C GLY B 200 7.62 -26.66 -22.31
N MET B 201 8.40 -27.66 -22.72
CA MET B 201 8.19 -28.35 -24.00
C MET B 201 7.75 -29.80 -23.78
N LEU B 202 7.17 -30.13 -22.61
CA LEU B 202 6.82 -31.49 -22.28
C LEU B 202 5.67 -32.01 -23.13
N ASP B 203 4.61 -31.22 -23.30
CA ASP B 203 3.49 -31.56 -24.16
C ASP B 203 3.99 -32.10 -25.52
N LEU B 204 4.92 -31.40 -26.16
CA LEU B 204 5.44 -31.79 -27.45
C LEU B 204 6.36 -33.01 -27.36
N ASP B 205 7.25 -33.04 -26.37
CA ASP B 205 8.18 -34.14 -26.23
C ASP B 205 7.43 -35.45 -26.03
N LEU B 206 6.33 -35.42 -25.29
CA LEU B 206 5.50 -36.61 -25.13
C LEU B 206 5.00 -37.11 -26.49
N ARG B 207 4.60 -36.18 -27.38
CA ARG B 207 4.08 -36.55 -28.69
C ARG B 207 5.21 -37.15 -29.53
N LEU B 208 6.41 -36.55 -29.45
CA LEU B 208 7.52 -36.99 -30.27
C LEU B 208 8.09 -38.32 -29.79
N ALA B 209 7.91 -38.64 -28.51
CA ALA B 209 8.56 -39.80 -27.92
C ALA B 209 7.56 -40.64 -27.15
N PRO B 210 6.65 -41.37 -27.84
CA PRO B 210 5.62 -42.15 -27.16
C PRO B 210 6.12 -43.26 -26.23
N ASN B 211 7.35 -43.73 -26.40
CA ASN B 211 7.79 -44.93 -25.67
C ASN B 211 8.64 -44.60 -24.44
N ILE B 212 8.67 -43.33 -24.02
CA ILE B 212 9.52 -42.92 -22.92
C ILE B 212 8.67 -42.41 -21.77
N ARG B 213 9.00 -42.88 -20.56
CA ARG B 213 8.40 -42.34 -19.36
C ARG B 213 9.20 -41.10 -18.95
N PHE B 214 8.61 -39.92 -19.16
CA PHE B 214 9.29 -38.69 -18.81
C PHE B 214 9.08 -38.45 -17.32
N LEU B 215 10.17 -38.27 -16.57
CA LEU B 215 10.05 -38.00 -15.15
C LEU B 215 10.27 -36.52 -14.89
N PRO B 216 9.23 -35.73 -14.59
CA PRO B 216 9.46 -34.36 -14.13
C PRO B 216 10.01 -34.42 -12.72
N HIS B 217 10.70 -33.36 -12.34
CA HIS B 217 11.01 -33.07 -10.95
C HIS B 217 9.72 -33.07 -10.15
N GLU B 218 9.81 -33.47 -8.89
CA GLU B 218 8.68 -33.56 -7.97
C GLU B 218 7.89 -32.24 -7.94
N ASP B 219 8.56 -31.09 -7.96
CA ASP B 219 7.89 -29.80 -7.87
C ASP B 219 7.02 -29.54 -9.11
N ASP B 220 7.36 -30.18 -10.24
CA ASP B 220 6.64 -29.99 -11.48
C ASP B 220 5.66 -31.13 -11.75
N TYR B 221 5.58 -32.13 -10.86
CA TYR B 221 4.79 -33.32 -11.13
C TYR B 221 3.30 -32.96 -11.21
N TYR B 222 2.84 -32.12 -10.29
CA TYR B 222 1.44 -31.76 -10.24
C TYR B 222 1.01 -31.18 -11.60
N ALA B 223 1.76 -30.19 -12.08
CA ALA B 223 1.45 -29.57 -13.35
C ALA B 223 1.52 -30.58 -14.50
N ALA B 224 2.59 -31.39 -14.54
CA ALA B 224 2.78 -32.30 -15.66
C ALA B 224 1.69 -33.36 -15.70
N ALA B 225 1.29 -33.84 -14.53
CA ALA B 225 0.27 -34.87 -14.41
C ALA B 225 -1.08 -34.32 -14.87
N ARG B 226 -1.34 -33.03 -14.65
CA ARG B 226 -2.58 -32.45 -15.12
C ARG B 226 -2.55 -32.30 -16.64
N ILE B 227 -1.38 -32.05 -17.23
CA ILE B 227 -1.26 -31.89 -18.66
C ILE B 227 -1.59 -33.21 -19.36
N ASN B 228 -0.99 -34.28 -18.86
CA ASN B 228 -1.14 -35.58 -19.50
C ASN B 228 -1.18 -36.67 -18.42
N PRO B 229 -2.34 -36.90 -17.76
CA PRO B 229 -2.43 -37.88 -16.69
C PRO B 229 -2.17 -39.34 -17.10
N GLU B 230 -2.34 -39.66 -18.39
CA GLU B 230 -2.12 -41.01 -18.87
C GLU B 230 -0.62 -41.30 -18.96
N ARG B 231 0.18 -40.30 -19.37
CA ARG B 231 1.60 -40.51 -19.62
C ARG B 231 2.46 -40.14 -18.41
N ILE B 232 2.03 -39.16 -17.62
CA ILE B 232 2.85 -38.64 -16.54
C ILE B 232 2.38 -39.30 -15.26
N THR B 233 3.00 -40.45 -14.93
CA THR B 233 2.62 -41.28 -13.80
C THR B 233 3.76 -41.40 -12.78
N ALA B 234 4.92 -40.79 -13.08
CA ALA B 234 6.12 -40.94 -12.25
C ALA B 234 6.87 -39.62 -12.23
N PHE B 235 7.72 -39.46 -11.21
CA PHE B 235 8.54 -38.27 -11.07
C PHE B 235 9.80 -38.62 -10.31
N TRP B 236 10.78 -37.73 -10.36
CA TRP B 236 12.00 -37.95 -9.61
C TRP B 236 12.07 -36.94 -8.47
N SER B 237 12.75 -37.34 -7.41
CA SER B 237 12.81 -36.60 -6.17
C SER B 237 14.21 -36.62 -5.58
N SER B 238 14.74 -35.43 -5.30
CA SER B 238 15.89 -35.23 -4.46
C SER B 238 15.46 -34.89 -3.02
N GLY B 239 14.27 -34.29 -2.89
CA GLY B 239 13.74 -33.81 -1.62
C GLY B 239 13.44 -34.96 -0.65
N ALA B 240 13.16 -36.13 -1.22
CA ALA B 240 12.96 -37.36 -0.47
C ALA B 240 14.16 -37.73 0.40
N MET B 241 15.37 -37.25 0.06
CA MET B 241 16.54 -37.53 0.88
C MET B 241 16.54 -36.67 2.15
N CYS B 242 15.53 -35.82 2.31
CA CYS B 242 15.31 -35.03 3.51
C CYS B 242 14.13 -35.60 4.33
N GLY B 243 13.65 -36.79 3.91
CA GLY B 243 12.44 -37.40 4.43
C GLY B 243 11.45 -37.67 3.31
N PRO B 244 11.21 -38.94 2.93
CA PRO B 244 10.39 -39.24 1.76
C PRO B 244 8.86 -39.15 1.89
N ALA B 245 8.33 -38.81 3.05
CA ALA B 245 6.89 -38.85 3.23
C ALA B 245 6.21 -37.85 2.28
N THR B 246 6.85 -36.71 2.01
CA THR B 246 6.26 -35.70 1.16
C THR B 246 6.06 -36.24 -0.26
N ALA B 247 7.06 -36.93 -0.80
CA ALA B 247 6.97 -37.48 -2.14
C ALA B 247 5.95 -38.60 -2.22
N ILE B 248 5.89 -39.42 -1.18
CA ILE B 248 4.95 -40.53 -1.14
C ILE B 248 3.52 -39.97 -1.12
N MET B 249 3.30 -38.94 -0.32
CA MET B 249 2.00 -38.32 -0.22
C MET B 249 1.58 -37.70 -1.57
N LEU B 250 2.51 -37.03 -2.25
CA LEU B 250 2.22 -36.42 -3.55
C LEU B 250 1.81 -37.50 -4.52
N ARG B 251 2.58 -38.58 -4.59
CA ARG B 251 2.25 -39.70 -5.48
C ARG B 251 0.83 -40.17 -5.22
N ASP B 252 0.50 -40.41 -3.95
CA ASP B 252 -0.76 -41.01 -3.54
C ASP B 252 -1.91 -40.07 -3.84
N GLU B 253 -1.73 -38.77 -3.56
CA GLU B 253 -2.76 -37.77 -3.73
C GLU B 253 -3.01 -37.48 -5.20
N VAL B 254 -1.98 -37.61 -6.05
CA VAL B 254 -2.16 -37.43 -7.48
C VAL B 254 -2.91 -38.63 -8.07
N VAL B 255 -2.64 -39.86 -7.59
CA VAL B 255 -3.41 -41.01 -8.04
C VAL B 255 -4.90 -40.79 -7.72
N ARG B 256 -5.18 -40.32 -6.50
CA ARG B 256 -6.56 -40.08 -6.07
C ARG B 256 -7.22 -39.00 -6.95
N ALA B 257 -6.52 -37.89 -7.20
CA ALA B 257 -7.02 -36.77 -7.98
C ALA B 257 -7.34 -37.15 -9.42
N LYS B 258 -6.54 -38.03 -10.03
CA LYS B 258 -6.78 -38.46 -11.39
C LYS B 258 -8.11 -39.20 -11.42
N SER B 259 -8.44 -39.88 -10.34
CA SER B 259 -9.65 -40.68 -10.25
C SER B 259 -10.85 -39.81 -9.90
N THR B 260 -10.71 -38.86 -8.95
CA THR B 260 -11.85 -38.12 -8.44
C THR B 260 -12.06 -36.83 -9.21
N GLY B 261 -11.00 -36.25 -9.77
CA GLY B 261 -11.08 -34.93 -10.36
C GLY B 261 -10.84 -33.81 -9.34
N ASP B 262 -10.59 -34.15 -8.07
CA ASP B 262 -10.31 -33.14 -7.05
C ASP B 262 -8.80 -33.02 -6.83
N TRP B 263 -8.23 -31.91 -7.29
CA TRP B 263 -6.78 -31.71 -7.33
C TRP B 263 -6.28 -30.86 -6.17
N ALA B 264 -7.19 -30.39 -5.31
CA ALA B 264 -6.85 -29.37 -4.32
C ALA B 264 -5.75 -29.86 -3.36
N LYS B 265 -5.85 -31.12 -2.94
CA LYS B 265 -4.92 -31.61 -1.94
C LYS B 265 -3.53 -31.80 -2.57
N ALA B 266 -3.48 -32.32 -3.80
CA ALA B 266 -2.22 -32.48 -4.50
C ALA B 266 -1.56 -31.11 -4.74
N LYS B 267 -2.37 -30.11 -5.05
CA LYS B 267 -1.87 -28.79 -5.31
C LYS B 267 -1.21 -28.20 -4.05
N ALA B 268 -1.83 -28.44 -2.88
CA ALA B 268 -1.32 -27.92 -1.63
C ALA B 268 0.03 -28.54 -1.29
N ILE B 269 0.18 -29.85 -1.56
CA ILE B 269 1.45 -30.51 -1.33
C ILE B 269 2.49 -29.91 -2.27
N SER B 270 2.10 -29.73 -3.53
CA SER B 270 3.02 -29.23 -4.53
C SER B 270 3.50 -27.83 -4.16
N ASP B 271 2.61 -27.00 -3.61
CA ASP B 271 2.94 -25.64 -3.22
C ASP B 271 3.92 -25.63 -2.04
N ASP B 272 3.69 -26.52 -1.05
CA ASP B 272 4.62 -26.72 0.05
C ASP B 272 6.02 -27.08 -0.44
N MET B 273 6.10 -27.95 -1.44
CA MET B 273 7.37 -28.38 -1.98
C MET B 273 8.09 -27.22 -2.63
N ARG B 274 7.37 -26.42 -3.41
CA ARG B 274 8.00 -25.30 -4.07
C ARG B 274 8.55 -24.33 -3.02
N ALA B 275 7.77 -24.07 -1.97
CA ALA B 275 8.23 -23.20 -0.90
C ALA B 275 9.49 -23.76 -0.23
N ALA B 276 9.55 -25.08 0.03
CA ALA B 276 10.72 -25.67 0.66
C ALA B 276 11.99 -25.49 -0.20
N ASP B 277 11.79 -25.41 -1.52
CA ASP B 277 12.91 -25.31 -2.46
C ASP B 277 13.30 -23.86 -2.71
N SER B 278 12.54 -22.93 -2.15
CA SER B 278 12.64 -21.56 -2.61
C SER B 278 14.00 -20.92 -2.25
N THR B 279 14.73 -21.40 -1.24
CA THR B 279 16.01 -20.78 -0.91
C THR B 279 17.21 -21.60 -1.40
N LEU B 280 16.95 -22.64 -2.20
CA LEU B 280 18.02 -23.57 -2.52
C LEU B 280 19.00 -22.95 -3.51
N PHE B 281 18.46 -22.33 -4.56
CA PHE B 281 19.25 -21.75 -5.64
C PHE B 281 19.89 -20.44 -5.21
N PRO B 282 21.21 -20.25 -5.36
CA PRO B 282 21.85 -18.95 -5.13
C PRO B 282 21.26 -17.89 -6.06
N ARG B 283 20.61 -16.87 -5.47
CA ARG B 283 19.95 -15.78 -6.18
C ARG B 283 18.93 -16.25 -7.21
N GLY B 284 18.26 -17.37 -6.94
CA GLY B 284 17.18 -17.83 -7.80
C GLY B 284 17.69 -18.48 -9.09
N ASP B 285 19.02 -18.61 -9.26
CA ASP B 285 19.65 -18.82 -10.56
C ASP B 285 20.08 -20.28 -10.73
N PHE B 286 19.47 -20.99 -11.69
CA PHE B 286 19.80 -22.39 -11.94
C PHE B 286 21.27 -22.57 -12.33
N SER B 287 21.85 -21.63 -13.08
CA SER B 287 23.22 -21.75 -13.54
C SER B 287 24.22 -21.57 -12.39
N GLU B 288 23.89 -20.71 -11.42
CA GLU B 288 24.71 -20.51 -10.25
C GLU B 288 24.59 -21.71 -9.30
N PHE B 289 23.39 -22.27 -9.18
CA PHE B 289 23.21 -23.52 -8.47
C PHE B 289 24.08 -24.63 -9.07
N SER B 290 24.17 -24.67 -10.41
CA SER B 290 24.84 -25.73 -11.14
C SER B 290 26.34 -25.73 -10.89
N LYS B 291 26.94 -24.59 -10.55
CA LYS B 291 28.33 -24.54 -10.14
C LYS B 291 28.59 -25.20 -8.78
N TYR B 292 27.55 -25.24 -7.94
CA TYR B 292 27.68 -25.76 -6.58
C TYR B 292 26.66 -26.87 -6.36
N ASN B 293 26.29 -27.55 -7.45
CA ASN B 293 25.26 -28.58 -7.47
C ASN B 293 25.51 -29.56 -6.32
N ILE B 294 26.75 -30.03 -6.20
CA ILE B 294 27.07 -31.12 -5.30
C ILE B 294 27.06 -30.64 -3.84
N GLY B 295 27.81 -29.59 -3.54
CA GLY B 295 27.90 -29.12 -2.17
C GLY B 295 26.55 -28.66 -1.64
N LEU B 296 25.69 -28.08 -2.49
CA LEU B 296 24.44 -27.54 -2.01
C LEU B 296 23.45 -28.65 -1.71
N GLU B 297 23.37 -29.66 -2.58
CA GLU B 297 22.48 -30.78 -2.32
C GLU B 297 22.92 -31.51 -1.04
N LYS B 298 24.23 -31.74 -0.88
CA LYS B 298 24.73 -32.48 0.26
C LYS B 298 24.52 -31.69 1.55
N ALA B 299 24.74 -30.38 1.51
CA ALA B 299 24.54 -29.55 2.68
C ALA B 299 23.07 -29.53 3.06
N ARG B 300 22.19 -29.55 2.05
CA ARG B 300 20.75 -29.59 2.32
C ARG B 300 20.37 -30.90 3.02
N MET B 301 20.82 -32.03 2.50
CA MET B 301 20.49 -33.31 3.10
C MET B 301 21.04 -33.40 4.52
N ASP B 302 22.25 -32.87 4.72
CA ASP B 302 22.88 -32.92 6.03
C ASP B 302 22.04 -32.11 7.01
N ALA B 303 21.52 -30.96 6.59
CA ALA B 303 20.74 -30.13 7.48
C ALA B 303 19.41 -30.78 7.86
N ALA B 304 18.84 -31.60 6.97
CA ALA B 304 17.52 -32.19 7.20
C ALA B 304 17.62 -33.33 8.20
N GLY B 305 18.76 -34.01 8.21
CA GLY B 305 19.05 -35.01 9.24
C GLY B 305 18.43 -36.38 8.99
N TRP B 306 17.81 -36.63 7.83
CA TRP B 306 17.26 -37.95 7.58
C TRP B 306 18.35 -38.93 7.16
N LEU B 307 19.41 -38.42 6.53
CA LEU B 307 20.55 -39.23 6.17
C LEU B 307 21.80 -38.38 6.30
N LYS B 308 22.95 -39.05 6.26
CA LYS B 308 24.25 -38.41 6.39
C LYS B 308 24.98 -38.55 5.05
N ALA B 309 24.96 -37.48 4.26
CA ALA B 309 25.55 -37.48 2.93
C ALA B 309 27.07 -37.35 3.03
N GLY B 310 27.54 -36.52 3.95
CA GLY B 310 28.95 -36.37 4.23
C GLY B 310 29.59 -35.33 3.32
N PRO B 311 30.91 -35.10 3.48
CA PRO B 311 31.62 -34.11 2.65
C PRO B 311 31.79 -34.52 1.19
N CYS B 312 32.11 -33.53 0.36
CA CYS B 312 32.21 -33.74 -1.07
C CYS B 312 33.62 -34.11 -1.47
N ARG B 313 33.72 -34.99 -2.48
CA ARG B 313 35.00 -35.44 -2.99
C ARG B 313 35.61 -34.35 -3.88
N PRO B 314 36.94 -34.28 -3.96
CA PRO B 314 37.60 -33.22 -4.72
C PRO B 314 37.36 -33.41 -6.22
N PRO B 315 37.22 -32.30 -6.98
CA PRO B 315 37.53 -30.97 -6.49
C PRO B 315 36.42 -30.10 -5.92
N TYR B 316 35.20 -30.64 -5.81
CA TYR B 316 34.00 -29.81 -5.60
C TYR B 316 33.63 -29.69 -4.11
N ASN B 317 34.59 -29.30 -3.29
CA ASN B 317 34.40 -29.27 -1.84
C ASN B 317 34.39 -27.85 -1.27
N LEU B 318 34.21 -26.79 -2.11
CA LEU B 318 34.17 -25.43 -1.58
C LEU B 318 32.90 -24.76 -2.06
N VAL B 319 32.09 -24.26 -1.12
CA VAL B 319 30.87 -23.55 -1.47
C VAL B 319 30.81 -22.28 -0.66
N PRO B 320 30.52 -21.10 -1.24
CA PRO B 320 30.34 -19.87 -0.45
C PRO B 320 29.32 -20.08 0.67
N GLU B 321 29.62 -19.52 1.85
CA GLU B 321 28.81 -19.65 3.06
C GLU B 321 27.38 -19.10 2.85
N ASP B 322 27.21 -17.96 2.17
CA ASP B 322 25.89 -17.43 1.87
C ASP B 322 24.99 -18.49 1.24
N TYR B 323 25.55 -19.23 0.29
CA TYR B 323 24.76 -20.17 -0.47
C TYR B 323 24.39 -21.38 0.39
N LEU B 324 25.33 -21.82 1.23
CA LEU B 324 25.11 -22.93 2.15
C LEU B 324 23.91 -22.65 3.04
N ALA B 325 23.81 -21.43 3.57
CA ALA B 325 22.70 -21.05 4.43
C ALA B 325 21.36 -21.30 3.74
N GLY B 326 21.26 -20.91 2.46
CA GLY B 326 20.03 -21.14 1.70
C GLY B 326 19.70 -22.63 1.55
N ALA B 327 20.73 -23.44 1.29
CA ALA B 327 20.57 -24.88 1.16
C ALA B 327 20.14 -25.52 2.49
N GLN B 328 20.68 -25.00 3.60
CA GLN B 328 20.37 -25.52 4.92
C GLN B 328 18.94 -25.19 5.30
N LYS B 329 18.51 -23.99 4.95
CA LYS B 329 17.13 -23.58 5.20
C LYS B 329 16.19 -24.51 4.43
N SER B 330 16.55 -24.85 3.19
CA SER B 330 15.73 -25.70 2.36
C SER B 330 15.62 -27.08 3.00
N GLY B 331 16.74 -27.58 3.52
CA GLY B 331 16.78 -28.87 4.20
C GLY B 331 15.83 -28.92 5.40
N LYS B 332 15.85 -27.86 6.19
CA LYS B 332 15.00 -27.77 7.38
C LYS B 332 13.54 -27.71 6.95
N ALA B 333 13.28 -27.04 5.83
CA ALA B 333 11.91 -26.93 5.35
C ALA B 333 11.39 -28.31 4.89
N TRP B 334 12.23 -29.08 4.18
CA TRP B 334 11.83 -30.41 3.73
C TRP B 334 11.66 -31.38 4.91
N ALA B 335 12.48 -31.24 5.94
CA ALA B 335 12.36 -32.05 7.15
C ALA B 335 11.03 -31.76 7.86
N ALA B 336 10.63 -30.48 7.90
CA ALA B 336 9.32 -30.11 8.43
C ALA B 336 8.21 -30.74 7.61
N LEU B 337 8.33 -30.73 6.28
CA LEU B 337 7.32 -31.35 5.44
C LEU B 337 7.24 -32.85 5.74
N HIS B 338 8.39 -33.49 5.92
CA HIS B 338 8.41 -34.93 6.19
C HIS B 338 7.65 -35.22 7.49
N ALA B 339 7.86 -34.39 8.52
CA ALA B 339 7.16 -34.56 9.78
C ALA B 339 5.65 -34.42 9.57
N LYS B 340 5.23 -33.35 8.90
CA LYS B 340 3.82 -33.10 8.67
C LYS B 340 3.18 -34.27 7.91
N TYR B 341 3.80 -34.72 6.82
CA TYR B 341 3.15 -35.67 5.92
C TYR B 341 3.30 -37.10 6.43
N SER B 342 4.26 -37.35 7.33
CA SER B 342 4.33 -38.63 8.01
C SER B 342 3.07 -38.89 8.84
N ASN B 343 2.50 -37.84 9.47
CA ASN B 343 1.29 -37.95 10.26
C ASN B 343 0.07 -38.22 9.40
N GLU B 344 -0.02 -37.54 8.25
CA GLU B 344 -1.13 -37.71 7.33
C GLU B 344 -1.08 -39.06 6.63
N LEU B 345 0.10 -39.69 6.54
CA LEU B 345 0.20 -41.08 6.08
C LEU B 345 -0.21 -41.95 7.29
N SER C 21 36.16 20.78 -44.05
CA SER C 21 35.70 19.48 -44.64
C SER C 21 35.87 18.34 -43.62
N ARG C 22 35.47 17.13 -44.04
CA ARG C 22 35.19 16.05 -43.11
C ARG C 22 36.49 15.49 -42.56
N LEU C 23 36.45 15.06 -41.29
CA LEU C 23 37.57 14.38 -40.67
C LEU C 23 37.89 13.09 -41.41
N THR C 24 39.16 12.72 -41.40
CA THR C 24 39.62 11.40 -41.82
C THR C 24 40.41 10.79 -40.67
N ALA C 25 40.77 9.51 -40.83
CA ALA C 25 41.57 8.81 -39.85
C ALA C 25 42.90 9.54 -39.56
N GLU C 26 43.45 10.23 -40.58
CA GLU C 26 44.73 10.92 -40.47
C GLU C 26 44.62 12.01 -39.42
N ASP C 27 43.41 12.56 -39.21
CA ASP C 27 43.19 13.65 -38.28
C ASP C 27 43.00 13.16 -36.85
N ILE C 28 42.86 11.85 -36.64
CA ILE C 28 42.53 11.34 -35.31
C ILE C 28 43.83 10.87 -34.65
N ASN C 29 44.28 11.65 -33.65
CA ASN C 29 45.50 11.33 -32.92
C ASN C 29 45.34 11.66 -31.45
N GLY C 30 46.09 10.95 -30.60
CA GLY C 30 46.25 11.36 -29.22
C GLY C 30 45.06 10.95 -28.36
N ALA C 31 44.79 11.77 -27.34
CA ALA C 31 43.86 11.43 -26.27
C ALA C 31 42.48 11.96 -26.59
N TRP C 32 41.53 11.05 -26.76
CA TRP C 32 40.13 11.38 -26.99
C TRP C 32 39.34 11.01 -25.75
N THR C 33 38.68 11.99 -25.16
CA THR C 33 38.05 11.77 -23.87
C THR C 33 36.54 11.70 -24.10
N ILE C 34 35.89 10.78 -23.38
CA ILE C 34 34.46 10.60 -23.47
C ILE C 34 33.85 11.30 -22.26
N MET C 35 33.04 12.32 -22.51
CA MET C 35 32.44 13.08 -21.43
C MET C 35 31.08 12.51 -21.07
N PRO C 36 30.66 12.66 -19.79
CA PRO C 36 29.31 12.33 -19.37
C PRO C 36 28.36 13.44 -19.81
N THR C 37 27.07 13.23 -19.59
CA THR C 37 26.09 14.28 -19.75
C THR C 37 25.72 14.77 -18.36
N PRO C 38 26.34 15.86 -17.86
CA PRO C 38 26.16 16.28 -16.47
C PRO C 38 24.67 16.50 -16.20
N SER C 39 24.21 16.04 -15.03
CA SER C 39 22.80 16.12 -14.75
C SER C 39 22.53 17.05 -13.56
N THR C 40 21.35 17.68 -13.59
CA THR C 40 20.87 18.51 -12.51
C THR C 40 20.44 17.61 -11.35
N PRO C 41 20.24 18.16 -10.14
CA PRO C 41 19.91 17.33 -8.98
C PRO C 41 18.60 16.54 -9.07
N ASP C 42 17.65 16.97 -9.91
CA ASP C 42 16.36 16.29 -9.99
C ASP C 42 16.30 15.24 -11.12
N ALA C 43 17.45 14.85 -11.69
CA ALA C 43 17.49 14.13 -12.94
C ALA C 43 17.01 12.68 -12.83
N SER C 44 17.02 12.11 -11.63
CA SER C 44 16.55 10.75 -11.41
C SER C 44 15.02 10.67 -11.46
N ASP C 45 14.35 11.83 -11.41
CA ASP C 45 12.90 11.85 -11.37
C ASP C 45 12.34 11.85 -12.80
N TRP C 46 11.42 10.92 -13.10
CA TRP C 46 10.81 10.84 -14.42
C TRP C 46 9.99 12.09 -14.75
N ARG C 47 9.65 12.91 -13.74
CA ARG C 47 8.88 14.12 -13.94
C ARG C 47 9.72 15.26 -14.50
N SER C 48 11.04 15.23 -14.30
CA SER C 48 11.92 16.33 -14.68
C SER C 48 12.10 16.37 -16.19
N THR C 49 12.24 17.57 -16.78
CA THR C 49 12.23 17.66 -18.23
C THR C 49 13.48 18.36 -18.79
N ALA C 50 14.22 19.12 -17.98
CA ALA C 50 15.43 19.73 -18.49
C ALA C 50 16.59 19.40 -17.56
N THR C 51 17.12 18.17 -17.68
CA THR C 51 17.96 17.62 -16.63
C THR C 51 19.44 17.79 -16.97
N VAL C 52 19.77 18.49 -18.07
CA VAL C 52 21.17 18.71 -18.40
C VAL C 52 21.68 19.99 -17.73
N ASP C 53 22.74 19.88 -16.92
CA ASP C 53 23.46 21.04 -16.41
C ASP C 53 24.37 21.58 -17.49
N LEU C 54 23.89 22.64 -18.16
CA LEU C 54 24.57 23.14 -19.34
C LEU C 54 25.82 23.93 -18.94
N GLU C 55 25.82 24.54 -17.75
CA GLU C 55 27.00 25.29 -17.33
C GLU C 55 28.14 24.33 -16.99
N GLU C 56 27.85 23.26 -16.24
CA GLU C 56 28.85 22.23 -15.98
C GLU C 56 29.34 21.60 -17.29
N THR C 57 28.47 21.46 -18.29
CA THR C 57 28.89 20.94 -19.58
C THR C 57 30.00 21.83 -20.16
N ALA C 58 29.72 23.13 -20.23
CA ALA C 58 30.64 24.10 -20.78
C ALA C 58 31.97 24.11 -20.02
N ARG C 59 31.88 23.98 -18.70
CA ARG C 59 33.06 24.03 -17.85
C ARG C 59 33.97 22.84 -18.12
N ILE C 60 33.37 21.66 -18.27
CA ILE C 60 34.11 20.43 -18.55
C ILE C 60 34.80 20.56 -19.91
N VAL C 61 34.08 21.08 -20.90
CA VAL C 61 34.64 21.17 -22.23
C VAL C 61 35.89 22.05 -22.20
N GLU C 62 35.78 23.22 -21.56
CA GLU C 62 36.90 24.14 -21.50
C GLU C 62 38.05 23.53 -20.71
N GLU C 63 37.79 22.84 -19.61
CA GLU C 63 38.83 22.17 -18.86
C GLU C 63 39.56 21.12 -19.69
N LEU C 64 38.83 20.40 -20.54
CA LEU C 64 39.43 19.36 -21.35
C LEU C 64 40.32 19.99 -22.43
N ILE C 65 39.83 21.02 -23.10
CA ILE C 65 40.64 21.70 -24.10
C ILE C 65 41.89 22.29 -23.45
N ALA C 66 41.72 22.84 -22.24
CA ALA C 66 42.83 23.46 -21.54
C ALA C 66 43.85 22.41 -21.10
N ALA C 67 43.40 21.19 -20.79
CA ALA C 67 44.32 20.11 -20.46
C ALA C 67 45.08 19.62 -21.71
N GLY C 68 44.62 19.95 -22.91
CA GLY C 68 45.32 19.58 -24.13
C GLY C 68 44.77 18.32 -24.82
N VAL C 69 43.52 17.93 -24.53
CA VAL C 69 42.95 16.75 -25.17
C VAL C 69 42.81 17.01 -26.67
N ASN C 70 42.84 15.94 -27.45
CA ASN C 70 42.90 16.03 -28.89
C ASN C 70 41.51 15.99 -29.51
N GLY C 71 40.54 15.45 -28.78
CA GLY C 71 39.17 15.38 -29.29
C GLY C 71 38.21 14.93 -28.20
N ILE C 72 36.93 15.15 -28.44
CA ILE C 72 35.92 14.85 -27.44
C ILE C 72 34.85 13.95 -28.05
N LEU C 73 34.51 12.87 -27.34
CA LEU C 73 33.38 12.02 -27.67
C LEU C 73 32.33 12.17 -26.58
N SER C 74 31.09 11.88 -26.94
CA SER C 74 29.99 12.05 -26.01
C SER C 74 28.85 11.12 -26.38
N MET C 75 27.90 11.00 -25.45
CA MET C 75 26.64 10.32 -25.69
C MET C 75 26.86 8.89 -26.16
N GLY C 76 27.73 8.16 -25.45
CA GLY C 76 27.71 6.71 -25.46
C GLY C 76 26.82 6.18 -24.35
N THR C 77 27.17 5.03 -23.77
CA THR C 77 26.35 4.42 -22.73
C THR C 77 26.32 5.30 -21.48
N PHE C 78 27.48 5.61 -20.89
CA PHE C 78 27.48 6.31 -19.62
C PHE C 78 27.13 7.79 -19.83
N GLY C 79 27.30 8.28 -21.06
CA GLY C 79 26.83 9.59 -21.48
C GLY C 79 25.31 9.65 -21.62
N GLU C 80 24.62 8.51 -21.43
CA GLU C 80 23.17 8.44 -21.30
C GLU C 80 22.45 8.84 -22.58
N CYS C 81 23.05 8.49 -23.72
CA CYS C 81 22.37 8.60 -25.00
C CYS C 81 20.95 8.02 -24.89
N ALA C 82 20.80 6.92 -24.14
CA ALA C 82 19.54 6.20 -24.09
C ALA C 82 18.48 6.96 -23.30
N THR C 83 18.87 7.79 -22.32
CA THR C 83 17.89 8.28 -21.37
C THR C 83 17.66 9.78 -21.48
N LEU C 84 18.34 10.47 -22.40
CA LEU C 84 18.13 11.88 -22.61
C LEU C 84 16.93 12.08 -23.53
N THR C 85 16.16 13.16 -23.32
CA THR C 85 15.15 13.55 -24.29
C THR C 85 15.84 14.24 -25.46
N TRP C 86 15.10 14.39 -26.55
CA TRP C 86 15.64 15.00 -27.76
C TRP C 86 15.96 16.49 -27.51
N ASP C 87 15.13 17.17 -26.73
CA ASP C 87 15.43 18.56 -26.37
C ASP C 87 16.71 18.67 -25.55
N GLU C 88 16.92 17.76 -24.60
CA GLU C 88 18.14 17.76 -23.80
C GLU C 88 19.36 17.56 -24.69
N LYS C 89 19.27 16.69 -25.68
CA LYS C 89 20.44 16.38 -26.55
C LYS C 89 20.82 17.60 -27.40
N ARG C 90 19.84 18.29 -27.96
CA ARG C 90 20.09 19.48 -28.78
C ARG C 90 20.77 20.57 -27.94
N ASP C 91 20.28 20.78 -26.71
CA ASP C 91 20.84 21.83 -25.82
C ASP C 91 22.26 21.43 -25.44
N TYR C 92 22.47 20.16 -25.12
CA TYR C 92 23.79 19.68 -24.75
C TYR C 92 24.78 19.92 -25.89
N VAL C 93 24.41 19.48 -27.10
CA VAL C 93 25.33 19.56 -28.23
C VAL C 93 25.54 21.02 -28.60
N SER C 94 24.50 21.85 -28.52
CA SER C 94 24.63 23.28 -28.80
C SER C 94 25.66 23.90 -27.86
N THR C 95 25.53 23.61 -26.58
CA THR C 95 26.42 24.15 -25.58
C THR C 95 27.85 23.71 -25.90
N ILE C 96 28.04 22.42 -26.20
CA ILE C 96 29.39 21.94 -26.47
C ILE C 96 29.97 22.65 -27.68
N VAL C 97 29.19 22.74 -28.75
CA VAL C 97 29.68 23.29 -30.01
C VAL C 97 30.06 24.75 -29.81
N GLU C 98 29.23 25.52 -29.08
CA GLU C 98 29.53 26.93 -28.89
C GLU C 98 30.72 27.10 -27.94
N THR C 99 30.94 26.18 -27.02
CA THR C 99 32.10 26.27 -26.13
C THR C 99 33.38 25.93 -26.90
N ILE C 100 33.32 24.89 -27.76
CA ILE C 100 34.49 24.39 -28.47
C ILE C 100 34.96 25.40 -29.50
N ARG C 101 34.02 26.06 -30.18
CA ARG C 101 34.35 27.08 -31.16
C ARG C 101 35.35 26.54 -32.17
N GLY C 102 35.20 25.29 -32.62
CA GLY C 102 36.05 24.72 -33.65
C GLY C 102 37.46 24.31 -33.19
N ARG C 103 37.78 24.38 -31.89
CA ARG C 103 39.16 24.22 -31.47
C ARG C 103 39.61 22.75 -31.50
N VAL C 104 38.68 21.83 -31.26
CA VAL C 104 38.99 20.41 -31.32
C VAL C 104 37.81 19.73 -32.01
N PRO C 105 38.02 18.54 -32.60
CA PRO C 105 36.91 17.72 -33.08
C PRO C 105 36.01 17.22 -31.97
N TYR C 106 34.72 17.14 -32.28
CA TYR C 106 33.70 16.67 -31.36
C TYR C 106 32.77 15.69 -32.07
N PHE C 107 32.52 14.55 -31.42
CA PHE C 107 31.55 13.56 -31.86
C PHE C 107 30.44 13.44 -30.81
N CYS C 108 29.19 13.61 -31.27
CA CYS C 108 27.99 13.35 -30.49
C CYS C 108 27.66 11.86 -30.66
N GLY C 109 26.53 11.41 -30.11
CA GLY C 109 26.08 10.03 -30.24
C GLY C 109 24.61 10.00 -30.65
N THR C 110 24.29 9.20 -31.66
CA THR C 110 22.95 9.23 -32.26
C THR C 110 22.38 7.82 -32.37
N THR C 111 22.91 6.87 -31.59
CA THR C 111 22.38 5.51 -31.60
C THR C 111 20.92 5.54 -31.20
N ALA C 112 20.08 4.83 -31.94
CA ALA C 112 18.65 4.78 -31.68
C ALA C 112 18.11 3.42 -32.13
N LEU C 113 16.79 3.24 -32.03
CA LEU C 113 16.20 1.94 -32.31
C LEU C 113 16.05 1.65 -33.79
N ASN C 114 16.23 2.65 -34.68
CA ASN C 114 16.12 2.35 -36.10
C ASN C 114 16.85 3.37 -36.97
N THR C 115 16.97 3.04 -38.26
CA THR C 115 17.85 3.74 -39.17
C THR C 115 17.32 5.16 -39.41
N ARG C 116 16.01 5.31 -39.49
CA ARG C 116 15.43 6.61 -39.83
C ARG C 116 15.60 7.58 -38.68
N GLU C 117 15.43 7.09 -37.44
CA GLU C 117 15.62 7.93 -36.28
C GLU C 117 17.08 8.33 -36.15
N VAL C 118 18.01 7.42 -36.45
CA VAL C 118 19.42 7.71 -36.38
C VAL C 118 19.78 8.82 -37.36
N ILE C 119 19.26 8.70 -38.57
CA ILE C 119 19.53 9.66 -39.62
C ILE C 119 18.97 11.03 -39.25
N ARG C 120 17.73 11.08 -38.76
CA ARG C 120 17.11 12.34 -38.35
C ARG C 120 17.98 13.04 -37.30
N GLN C 121 18.40 12.30 -36.26
CA GLN C 121 19.19 12.90 -35.20
C GLN C 121 20.58 13.30 -35.68
N THR C 122 21.23 12.45 -36.48
CA THR C 122 22.57 12.74 -36.96
C THR C 122 22.53 14.01 -37.81
N ARG C 123 21.50 14.16 -38.65
CA ARG C 123 21.37 15.36 -39.46
C ARG C 123 21.32 16.60 -38.59
N GLU C 124 20.46 16.61 -37.54
CA GLU C 124 20.31 17.80 -36.73
C GLU C 124 21.57 18.12 -35.95
N LEU C 125 22.25 17.10 -35.38
CA LEU C 125 23.38 17.38 -34.50
C LEU C 125 24.61 17.77 -35.32
N ILE C 126 24.73 17.23 -36.54
CA ILE C 126 25.79 17.67 -37.44
C ILE C 126 25.52 19.12 -37.87
N ASP C 127 24.26 19.47 -38.17
CA ASP C 127 23.90 20.83 -38.51
C ASP C 127 24.22 21.80 -37.36
N ILE C 128 23.97 21.38 -36.11
CA ILE C 128 24.28 22.24 -34.97
C ILE C 128 25.79 22.46 -34.89
N GLY C 129 26.61 21.48 -35.26
CA GLY C 129 28.03 21.73 -35.48
C GLY C 129 28.96 20.61 -34.99
N ALA C 130 28.43 19.46 -34.58
CA ALA C 130 29.30 18.31 -34.32
C ALA C 130 29.98 17.85 -35.60
N ASN C 131 31.17 17.26 -35.48
CA ASN C 131 31.93 16.81 -36.63
C ASN C 131 31.55 15.40 -37.04
N GLY C 132 30.86 14.69 -36.15
CA GLY C 132 30.60 13.28 -36.38
C GLY C 132 29.77 12.68 -35.25
N THR C 133 29.46 11.38 -35.42
CA THR C 133 28.61 10.69 -34.47
C THR C 133 29.28 9.37 -34.10
N MET C 134 29.29 9.11 -32.79
CA MET C 134 29.70 7.84 -32.23
C MET C 134 28.47 6.95 -32.21
N LEU C 135 28.48 5.91 -33.05
CA LEU C 135 27.26 5.22 -33.41
C LEU C 135 27.36 3.71 -33.21
N GLY C 136 26.49 3.18 -32.34
CA GLY C 136 26.30 1.74 -32.19
C GLY C 136 25.25 1.24 -33.19
N VAL C 137 24.68 0.06 -32.95
CA VAL C 137 23.60 -0.43 -33.80
C VAL C 137 22.32 -0.59 -32.98
N PRO C 138 21.16 -0.44 -33.66
CA PRO C 138 19.87 -0.75 -33.05
C PRO C 138 19.91 -2.13 -32.42
N MET C 139 19.30 -2.27 -31.23
CA MET C 139 19.60 -3.42 -30.38
C MET C 139 18.34 -4.07 -29.80
N TRP C 140 17.14 -3.65 -30.20
CA TRP C 140 15.93 -4.36 -29.79
C TRP C 140 15.98 -5.77 -30.38
N VAL C 141 16.15 -5.86 -31.69
CA VAL C 141 16.42 -7.13 -32.34
C VAL C 141 17.90 -7.17 -32.63
N LYS C 142 18.53 -8.30 -32.32
CA LYS C 142 19.94 -8.50 -32.57
C LYS C 142 20.23 -8.52 -34.07
N MET C 143 21.20 -7.69 -34.48
CA MET C 143 21.59 -7.60 -35.87
C MET C 143 22.56 -8.72 -36.27
N ASP C 144 22.46 -9.15 -37.53
CA ASP C 144 23.47 -10.00 -38.15
C ASP C 144 24.44 -9.14 -38.94
N LEU C 145 25.47 -9.76 -39.53
CA LEU C 145 26.50 -9.02 -40.22
C LEU C 145 25.94 -8.17 -41.36
N PRO C 146 25.20 -8.73 -42.36
CA PRO C 146 24.71 -7.90 -43.46
C PRO C 146 23.79 -6.76 -43.04
N THR C 147 22.96 -6.97 -42.01
CA THR C 147 22.08 -5.93 -41.51
C THR C 147 22.89 -4.75 -40.97
N ALA C 148 23.92 -5.06 -40.18
CA ALA C 148 24.76 -4.07 -39.55
C ALA C 148 25.54 -3.27 -40.60
N VAL C 149 26.07 -3.97 -41.60
CA VAL C 149 26.83 -3.32 -42.65
C VAL C 149 25.92 -2.34 -43.38
N GLN C 150 24.72 -2.80 -43.75
CA GLN C 150 23.78 -1.97 -44.50
C GLN C 150 23.38 -0.76 -43.65
N PHE C 151 23.25 -0.96 -42.33
CA PHE C 151 22.88 0.13 -41.45
C PHE C 151 23.89 1.26 -41.54
N TYR C 152 25.19 0.94 -41.41
CA TYR C 152 26.21 1.98 -41.45
C TYR C 152 26.31 2.59 -42.86
N ARG C 153 26.11 1.79 -43.90
CA ARG C 153 26.10 2.33 -45.26
C ARG C 153 24.95 3.31 -45.45
N ASP C 154 23.77 2.97 -44.91
CA ASP C 154 22.58 3.79 -45.00
C ASP C 154 22.82 5.16 -44.34
N VAL C 155 23.40 5.16 -43.14
CA VAL C 155 23.61 6.41 -42.41
C VAL C 155 24.61 7.27 -43.18
N ALA C 156 25.68 6.64 -43.67
CA ALA C 156 26.70 7.35 -44.42
C ALA C 156 26.15 7.95 -45.72
N ASP C 157 25.28 7.23 -46.44
CA ASP C 157 24.60 7.79 -47.61
C ASP C 157 23.70 8.95 -47.23
N ALA C 158 22.94 8.80 -46.16
CA ALA C 158 21.95 9.81 -45.78
C ALA C 158 22.63 11.07 -45.26
N VAL C 159 23.81 10.94 -44.64
CA VAL C 159 24.44 12.08 -44.00
C VAL C 159 25.92 12.08 -44.35
N PRO C 160 26.24 12.37 -45.64
CA PRO C 160 27.62 12.20 -46.13
C PRO C 160 28.65 13.15 -45.53
N GLU C 161 28.21 14.26 -44.94
CA GLU C 161 29.12 15.21 -44.32
C GLU C 161 29.59 14.71 -42.95
N ALA C 162 28.89 13.74 -42.35
CA ALA C 162 29.21 13.30 -40.99
C ALA C 162 30.32 12.26 -40.99
N ALA C 163 31.33 12.47 -40.13
CA ALA C 163 32.25 11.39 -39.78
C ALA C 163 31.55 10.40 -38.84
N ILE C 164 31.95 9.13 -38.90
CA ILE C 164 31.35 8.10 -38.08
C ILE C 164 32.44 7.41 -37.27
N ALA C 165 32.18 7.28 -35.96
CA ALA C 165 32.94 6.43 -35.07
C ALA C 165 32.08 5.23 -34.71
N ILE C 166 32.56 4.03 -35.02
CA ILE C 166 31.85 2.81 -34.68
C ILE C 166 31.99 2.61 -33.19
N TYR C 167 30.84 2.52 -32.50
CA TYR C 167 30.78 2.22 -31.07
C TYR C 167 30.61 0.72 -30.89
N ALA C 168 31.73 0.01 -30.80
CA ALA C 168 31.74 -1.44 -30.90
C ALA C 168 31.62 -2.09 -29.53
N ASN C 169 30.41 -2.02 -28.96
CA ASN C 169 30.11 -2.59 -27.66
C ASN C 169 29.08 -3.71 -27.80
N PRO C 170 29.52 -4.99 -27.76
CA PRO C 170 28.62 -6.13 -27.89
C PRO C 170 27.62 -6.30 -26.75
N GLU C 171 27.99 -5.87 -25.55
CA GLU C 171 27.07 -5.99 -24.42
C GLU C 171 25.87 -5.09 -24.65
N ALA C 172 26.13 -3.83 -24.97
CA ALA C 172 25.05 -2.90 -25.24
C ALA C 172 24.26 -3.29 -26.50
N PHE C 173 24.96 -3.58 -27.60
CA PHE C 173 24.27 -3.59 -28.89
C PHE C 173 24.04 -5.01 -29.41
N LYS C 174 24.48 -6.04 -28.65
CA LYS C 174 24.22 -7.44 -28.93
C LYS C 174 25.09 -7.96 -30.08
N PHE C 175 25.11 -7.29 -31.22
CA PHE C 175 26.02 -7.61 -32.32
C PHE C 175 27.48 -7.62 -31.83
N ASP C 176 28.30 -8.53 -32.36
CA ASP C 176 29.65 -8.72 -31.83
C ASP C 176 30.76 -8.02 -32.63
N PHE C 177 30.40 -7.27 -33.69
CA PHE C 177 31.35 -6.51 -34.52
C PHE C 177 32.54 -7.39 -34.94
N PRO C 178 32.29 -8.47 -35.74
CA PRO C 178 33.32 -9.45 -36.09
C PRO C 178 34.24 -8.97 -37.22
N ARG C 179 35.22 -9.83 -37.57
CA ARG C 179 36.29 -9.41 -38.46
C ARG C 179 35.73 -8.93 -39.80
N PRO C 180 34.83 -9.70 -40.47
CA PRO C 180 34.35 -9.28 -41.79
C PRO C 180 33.63 -7.94 -41.78
N PHE C 181 33.06 -7.60 -40.61
CA PHE C 181 32.39 -6.31 -40.45
C PHE C 181 33.39 -5.17 -40.63
N TRP C 182 34.59 -5.30 -40.06
CA TRP C 182 35.59 -4.26 -40.18
C TRP C 182 36.06 -4.12 -41.63
N ALA C 183 36.16 -5.23 -42.34
CA ALA C 183 36.55 -5.17 -43.73
C ALA C 183 35.55 -4.32 -44.52
N GLU C 184 34.26 -4.47 -44.21
CA GLU C 184 33.22 -3.73 -44.89
C GLU C 184 33.24 -2.24 -44.52
N MET C 185 33.52 -1.94 -43.25
CA MET C 185 33.50 -0.56 -42.78
C MET C 185 34.65 0.25 -43.39
N SER C 186 35.77 -0.41 -43.67
CA SER C 186 36.90 0.27 -44.27
C SER C 186 36.57 0.75 -45.68
N LYS C 187 35.50 0.22 -46.31
CA LYS C 187 35.06 0.72 -47.60
C LYS C 187 34.15 1.95 -47.51
N ILE C 188 33.72 2.36 -46.31
CA ILE C 188 32.86 3.52 -46.18
C ILE C 188 33.74 4.72 -45.80
N PRO C 189 33.94 5.71 -46.69
CA PRO C 189 34.83 6.83 -46.38
C PRO C 189 34.44 7.62 -45.12
N GLN C 190 33.14 7.65 -44.78
CA GLN C 190 32.69 8.39 -43.61
C GLN C 190 33.13 7.73 -42.29
N VAL C 191 33.40 6.42 -42.32
CA VAL C 191 33.80 5.71 -41.12
C VAL C 191 35.29 5.90 -40.92
N VAL C 192 35.67 6.62 -39.86
CA VAL C 192 37.06 7.04 -39.75
C VAL C 192 37.68 6.51 -38.46
N THR C 193 36.86 6.06 -37.52
CA THR C 193 37.39 5.62 -36.24
C THR C 193 36.42 4.63 -35.58
N ALA C 194 36.89 4.00 -34.50
CA ALA C 194 36.10 3.05 -33.75
C ALA C 194 36.48 3.12 -32.27
N KPI C 195 35.46 3.22 -31.40
CA KPI C 195 35.68 2.98 -29.98
CB KPI C 195 34.61 3.66 -29.13
CG KPI C 195 34.77 3.47 -27.62
CD KPI C 195 33.63 4.01 -26.75
CE KPI C 195 33.61 3.46 -25.30
NZ KPI C 195 32.55 4.14 -24.50
CX1 KPI C 195 31.77 3.75 -23.56
C1 KPI C 195 31.81 2.39 -22.91
CX2 KPI C 195 30.76 4.65 -23.27
O1 KPI C 195 29.80 4.30 -22.58
O2 KPI C 195 30.81 5.79 -23.78
C KPI C 195 35.74 1.47 -29.77
O KPI C 195 34.75 0.78 -29.90
N TYR C 196 36.94 0.96 -29.50
CA TYR C 196 37.20 -0.47 -29.54
C TYR C 196 37.45 -0.96 -28.11
N LEU C 197 37.01 -2.18 -27.82
CA LEU C 197 37.25 -2.76 -26.50
C LEU C 197 38.46 -3.72 -26.59
N GLY C 198 38.32 -4.97 -26.16
CA GLY C 198 39.49 -5.87 -26.08
C GLY C 198 40.31 -5.85 -27.37
N ILE C 199 41.64 -5.92 -27.23
CA ILE C 199 42.54 -5.81 -28.39
C ILE C 199 42.99 -7.19 -28.88
N GLY C 200 42.24 -8.25 -28.51
CA GLY C 200 42.61 -9.61 -28.88
C GLY C 200 42.78 -9.84 -30.39
N MET C 201 41.90 -9.20 -31.17
CA MET C 201 41.90 -9.37 -32.63
C MET C 201 42.30 -8.07 -33.35
N LEU C 202 43.02 -7.17 -32.66
CA LEU C 202 43.35 -5.86 -33.20
C LEU C 202 44.35 -5.97 -34.36
N ASP C 203 45.41 -6.77 -34.19
CA ASP C 203 46.38 -7.00 -35.26
C ASP C 203 45.65 -7.27 -36.59
N LEU C 204 44.67 -8.18 -36.58
CA LEU C 204 43.96 -8.57 -37.79
C LEU C 204 42.99 -7.47 -38.25
N ASP C 205 42.26 -6.86 -37.32
CA ASP C 205 41.30 -5.83 -37.67
C ASP C 205 42.00 -4.67 -38.38
N LEU C 206 43.20 -4.31 -37.91
CA LEU C 206 43.97 -3.27 -38.58
C LEU C 206 44.27 -3.65 -40.03
N ARG C 207 44.57 -4.93 -40.29
CA ARG C 207 44.89 -5.40 -41.63
C ARG C 207 43.63 -5.33 -42.50
N LEU C 208 42.48 -5.74 -41.94
CA LEU C 208 41.23 -5.78 -42.68
C LEU C 208 40.68 -4.39 -42.95
N ALA C 209 41.04 -3.40 -42.12
CA ALA C 209 40.43 -2.10 -42.20
C ALA C 209 41.49 -1.01 -42.19
N PRO C 210 42.25 -0.83 -43.30
CA PRO C 210 43.33 0.16 -43.35
C PRO C 210 42.92 1.62 -43.14
N ASN C 211 41.64 1.96 -43.35
CA ASN C 211 41.24 3.36 -43.35
C ASN C 211 40.62 3.82 -42.05
N ILE C 212 40.72 3.00 -40.99
CA ILE C 212 40.07 3.32 -39.74
C ILE C 212 41.12 3.52 -38.65
N ARG C 213 40.95 4.60 -37.89
CA ARG C 213 41.75 4.81 -36.69
C ARG C 213 41.07 4.05 -35.53
N PHE C 214 41.66 2.92 -35.12
CA PHE C 214 41.10 2.15 -34.03
C PHE C 214 41.54 2.79 -32.74
N LEU C 215 40.60 3.10 -31.85
CA LEU C 215 40.93 3.66 -30.56
C LEU C 215 40.80 2.60 -29.50
N PRO C 216 41.92 2.06 -28.96
CA PRO C 216 41.82 1.21 -27.78
C PRO C 216 41.47 2.08 -26.59
N HIS C 217 40.89 1.45 -25.57
CA HIS C 217 40.80 2.00 -24.23
C HIS C 217 42.20 2.37 -23.78
N GLU C 218 42.28 3.41 -22.94
CA GLU C 218 43.54 3.95 -22.42
C GLU C 218 44.39 2.86 -21.78
N ASP C 219 43.78 1.92 -21.04
CA ASP C 219 44.52 0.88 -20.35
C ASP C 219 45.20 -0.07 -21.34
N ASP C 220 44.67 -0.16 -22.57
CA ASP C 220 45.21 -1.04 -23.58
C ASP C 220 46.09 -0.30 -24.58
N TYR C 221 46.24 1.02 -24.44
CA TYR C 221 46.93 1.81 -25.44
C TYR C 221 48.41 1.40 -25.51
N TYR C 222 49.03 1.20 -24.36
CA TYR C 222 50.44 0.85 -24.31
C TYR C 222 50.69 -0.39 -25.15
N ALA C 223 49.92 -1.45 -24.89
CA ALA C 223 50.07 -2.69 -25.63
C ALA C 223 49.79 -2.49 -27.12
N ALA C 224 48.69 -1.79 -27.44
CA ALA C 224 48.29 -1.66 -28.84
C ALA C 224 49.31 -0.85 -29.64
N ALA C 225 49.85 0.19 -29.01
CA ALA C 225 50.83 1.04 -29.64
C ALA C 225 52.13 0.28 -29.91
N ARG C 226 52.47 -0.68 -29.04
CA ARG C 226 53.65 -1.49 -29.28
C ARG C 226 53.41 -2.47 -30.41
N ILE C 227 52.18 -2.94 -30.59
CA ILE C 227 51.85 -3.90 -31.63
C ILE C 227 52.01 -3.22 -32.99
N ASN C 228 51.46 -2.00 -33.11
CA ASN C 228 51.46 -1.32 -34.38
C ASN C 228 51.61 0.19 -34.13
N PRO C 229 52.85 0.68 -33.89
CA PRO C 229 53.05 2.10 -33.58
C PRO C 229 52.68 3.08 -34.69
N GLU C 230 52.63 2.62 -35.95
CA GLU C 230 52.29 3.47 -37.07
C GLU C 230 50.78 3.73 -37.08
N ARG C 231 49.97 2.72 -36.74
CA ARG C 231 48.52 2.81 -36.86
C ARG C 231 47.87 3.23 -35.54
N ILE C 232 48.43 2.84 -34.41
CA ILE C 232 47.80 3.07 -33.13
C ILE C 232 48.43 4.32 -32.52
N THR C 233 47.80 5.47 -32.81
CA THR C 233 48.31 6.78 -32.40
C THR C 233 47.34 7.51 -31.48
N ALA C 234 46.17 6.89 -31.21
CA ALA C 234 45.12 7.52 -30.44
C ALA C 234 44.43 6.48 -29.58
N PHE C 235 43.74 6.96 -28.53
CA PHE C 235 43.01 6.09 -27.63
C PHE C 235 41.85 6.87 -27.03
N TRP C 236 40.92 6.16 -26.42
CA TRP C 236 39.82 6.82 -25.75
C TRP C 236 39.97 6.63 -24.24
N SER C 237 39.43 7.59 -23.50
CA SER C 237 39.59 7.68 -22.06
C SER C 237 38.29 8.11 -21.39
N SER C 238 37.87 7.31 -20.42
CA SER C 238 36.87 7.67 -19.44
C SER C 238 37.53 8.17 -18.15
N GLY C 239 38.75 7.70 -17.89
CA GLY C 239 39.49 7.99 -16.66
C GLY C 239 39.88 9.46 -16.58
N ALA C 240 40.00 10.10 -17.74
CA ALA C 240 40.27 11.52 -17.85
C ALA C 240 39.20 12.38 -17.17
N MET C 241 37.97 11.86 -17.00
CA MET C 241 36.93 12.59 -16.31
C MET C 241 37.16 12.60 -14.80
N CYS C 242 38.23 11.94 -14.34
CA CYS C 242 38.66 11.96 -12.95
C CYS C 242 39.91 12.83 -12.78
N GLY C 243 40.27 13.57 -13.86
CA GLY C 243 41.52 14.30 -13.95
C GLY C 243 42.32 13.84 -15.16
N PRO C 244 42.45 14.66 -16.22
CA PRO C 244 43.07 14.22 -17.46
C PRO C 244 44.60 14.14 -17.53
N ALA C 245 45.32 14.51 -16.47
CA ALA C 245 46.76 14.55 -16.55
C ALA C 245 47.33 13.17 -16.88
N THR C 246 46.70 12.10 -16.37
CA THR C 246 47.20 10.76 -16.58
C THR C 246 47.18 10.40 -18.07
N ALA C 247 46.07 10.72 -18.75
CA ALA C 247 45.93 10.42 -20.17
C ALA C 247 46.90 11.26 -21.01
N ILE C 248 47.08 12.52 -20.63
CA ILE C 248 47.97 13.41 -21.34
C ILE C 248 49.41 12.89 -21.23
N MET C 249 49.79 12.47 -20.02
CA MET C 249 51.11 11.93 -19.79
C MET C 249 51.35 10.67 -20.62
N LEU C 250 50.36 9.76 -20.66
CA LEU C 250 50.47 8.53 -21.41
C LEU C 250 50.70 8.86 -22.89
N ARG C 251 49.88 9.77 -23.43
CA ARG C 251 50.02 10.16 -24.81
C ARG C 251 51.45 10.63 -25.09
N ASP C 252 51.95 11.52 -24.23
CA ASP C 252 53.23 12.18 -24.44
C ASP C 252 54.37 11.17 -24.33
N GLU C 253 54.28 10.28 -23.33
CA GLU C 253 55.32 9.29 -23.07
C GLU C 253 55.35 8.23 -24.14
N VAL C 254 54.21 7.92 -24.75
CA VAL C 254 54.18 6.95 -25.85
C VAL C 254 54.78 7.58 -27.12
N VAL C 255 54.55 8.86 -27.38
CA VAL C 255 55.23 9.51 -28.54
C VAL C 255 56.77 9.42 -28.37
N ARG C 256 57.26 9.61 -27.14
CA ARG C 256 58.72 9.56 -26.88
C ARG C 256 59.22 8.11 -27.04
N ALA C 257 58.53 7.15 -26.46
CA ALA C 257 58.89 5.72 -26.57
C ALA C 257 59.00 5.30 -28.05
N LYS C 258 58.10 5.80 -28.89
CA LYS C 258 58.13 5.38 -30.28
C LYS C 258 59.40 5.90 -30.93
N SER C 259 59.87 7.05 -30.46
CA SER C 259 61.05 7.69 -31.03
C SER C 259 62.32 7.08 -30.42
N THR C 260 62.35 6.86 -29.10
CA THR C 260 63.58 6.48 -28.43
C THR C 260 63.73 4.95 -28.35
N GLY C 261 62.62 4.23 -28.34
CA GLY C 261 62.65 2.79 -28.07
C GLY C 261 62.61 2.47 -26.58
N ASP C 262 62.55 3.48 -25.70
CA ASP C 262 62.47 3.23 -24.26
C ASP C 262 61.02 3.32 -23.78
N TRP C 263 60.45 2.15 -23.44
CA TRP C 263 59.02 2.04 -23.15
C TRP C 263 58.74 2.00 -21.65
N ALA C 264 59.78 2.07 -20.82
CA ALA C 264 59.64 1.83 -19.38
C ALA C 264 58.66 2.82 -18.74
N LYS C 265 58.75 4.09 -19.13
CA LYS C 265 57.96 5.11 -18.46
C LYS C 265 56.51 4.97 -18.88
N ALA C 266 56.25 4.68 -20.16
CA ALA C 266 54.88 4.49 -20.64
C ALA C 266 54.26 3.27 -19.95
N LYS C 267 55.05 2.23 -19.76
CA LYS C 267 54.58 1.01 -19.13
C LYS C 267 54.15 1.29 -17.70
N ALA C 268 54.91 2.13 -16.99
CA ALA C 268 54.62 2.45 -15.59
C ALA C 268 53.31 3.21 -15.48
N ILE C 269 53.06 4.12 -16.41
CA ILE C 269 51.81 4.86 -16.40
C ILE C 269 50.66 3.89 -16.68
N SER C 270 50.87 3.01 -17.65
CA SER C 270 49.83 2.07 -18.03
C SER C 270 49.49 1.15 -16.85
N ASP C 271 50.49 0.75 -16.07
CA ASP C 271 50.28 -0.13 -14.93
C ASP C 271 49.50 0.57 -13.83
N ASP C 272 49.82 1.83 -13.56
CA ASP C 272 49.07 2.67 -12.64
C ASP C 272 47.60 2.75 -13.04
N MET C 273 47.33 2.92 -14.33
CA MET C 273 45.97 3.02 -14.82
C MET C 273 45.22 1.73 -14.59
N ARG C 274 45.86 0.59 -14.88
CA ARG C 274 45.18 -0.68 -14.69
C ARG C 274 44.84 -0.86 -13.22
N ALA C 275 45.78 -0.53 -12.32
CA ALA C 275 45.52 -0.62 -10.90
C ALA C 275 44.34 0.29 -10.48
N ALA C 276 44.26 1.51 -11.01
CA ALA C 276 43.17 2.41 -10.65
C ALA C 276 41.82 1.83 -11.07
N ASP C 277 41.80 1.02 -12.13
CA ASP C 277 40.58 0.47 -12.69
C ASP C 277 40.23 -0.86 -12.02
N SER C 278 41.11 -1.35 -11.15
CA SER C 278 40.99 -2.73 -10.73
C SER C 278 39.73 -2.99 -9.89
N THR C 279 39.11 -1.99 -9.23
CA THR C 279 37.93 -2.26 -8.42
C THR C 279 36.64 -1.80 -9.12
N LEU C 280 36.74 -1.39 -10.39
CA LEU C 280 35.61 -0.77 -11.04
C LEU C 280 34.52 -1.79 -11.37
N PHE C 281 34.93 -2.93 -11.94
CA PHE C 281 34.00 -3.97 -12.37
C PHE C 281 33.50 -4.78 -11.19
N PRO C 282 32.17 -4.96 -11.00
CA PRO C 282 31.63 -5.88 -10.00
C PRO C 282 32.12 -7.30 -10.24
N ARG C 283 32.90 -7.84 -9.29
CA ARG C 283 33.44 -9.20 -9.35
C ARG C 283 34.30 -9.42 -10.60
N GLY C 284 34.96 -8.37 -11.11
CA GLY C 284 35.88 -8.52 -12.23
C GLY C 284 35.17 -8.71 -13.58
N ASP C 285 33.82 -8.63 -13.59
CA ASP C 285 32.99 -9.15 -14.66
C ASP C 285 32.47 -8.03 -15.56
N PHE C 286 32.90 -8.00 -16.83
CA PHE C 286 32.47 -6.98 -17.77
C PHE C 286 30.95 -6.97 -17.97
N SER C 287 30.30 -8.15 -17.97
CA SER C 287 28.87 -8.23 -18.20
C SER C 287 28.07 -7.69 -17.02
N GLU C 288 28.59 -7.87 -15.79
CA GLU C 288 27.96 -7.34 -14.60
C GLU C 288 28.17 -5.82 -14.52
N PHE C 289 29.35 -5.35 -14.92
CA PHE C 289 29.57 -3.93 -15.08
C PHE C 289 28.58 -3.31 -16.07
N SER C 290 28.28 -4.03 -17.16
CA SER C 290 27.46 -3.52 -18.24
C SER C 290 26.01 -3.31 -17.82
N LYS C 291 25.53 -4.04 -16.80
CA LYS C 291 24.22 -3.79 -16.22
C LYS C 291 24.14 -2.46 -15.45
N TYR C 292 25.30 -2.00 -14.95
CA TYR C 292 25.37 -0.81 -14.13
C TYR C 292 26.36 0.18 -14.73
N ASN C 293 26.52 0.11 -16.05
CA ASN C 293 27.49 0.89 -16.80
C ASN C 293 27.37 2.36 -16.39
N ILE C 294 26.14 2.88 -16.36
CA ILE C 294 25.91 4.31 -16.21
C ILE C 294 26.16 4.73 -14.76
N GLY C 295 25.51 4.07 -13.82
CA GLY C 295 25.65 4.44 -12.42
C GLY C 295 27.08 4.29 -11.93
N LEU C 296 27.83 3.32 -12.43
CA LEU C 296 29.17 3.07 -11.91
C LEU C 296 30.15 4.12 -12.44
N GLU C 297 30.05 4.47 -13.72
CA GLU C 297 30.89 5.51 -14.26
C GLU C 297 30.61 6.85 -13.57
N LYS C 298 29.34 7.17 -13.36
CA LYS C 298 28.96 8.46 -12.77
C LYS C 298 29.40 8.50 -11.31
N ALA C 299 29.24 7.40 -10.58
CA ALA C 299 29.67 7.35 -9.19
C ALA C 299 31.17 7.50 -9.10
N ARG C 300 31.90 6.92 -10.06
CA ARG C 300 33.34 7.05 -10.09
C ARG C 300 33.76 8.51 -10.29
N MET C 301 33.18 9.17 -11.29
CA MET C 301 33.53 10.55 -11.58
C MET C 301 33.19 11.43 -10.38
N ASP C 302 32.05 11.17 -9.74
CA ASP C 302 31.62 11.97 -8.61
C ASP C 302 32.65 11.82 -7.49
N ALA C 303 33.16 10.60 -7.26
CA ALA C 303 34.10 10.39 -6.19
C ALA C 303 35.43 11.08 -6.44
N ALA C 304 35.84 11.23 -7.72
CA ALA C 304 37.13 11.79 -8.05
C ALA C 304 37.13 13.30 -7.87
N GLY C 305 35.97 13.93 -8.07
CA GLY C 305 35.77 15.33 -7.74
C GLY C 305 36.29 16.30 -8.79
N TRP C 306 36.74 15.85 -9.96
CA TRP C 306 37.18 16.78 -10.99
C TRP C 306 35.99 17.39 -11.72
N LEU C 307 34.88 16.64 -11.80
CA LEU C 307 33.66 17.17 -12.36
C LEU C 307 32.49 16.59 -11.59
N LYS C 308 31.32 17.17 -11.81
CA LYS C 308 30.08 16.77 -11.16
C LYS C 308 29.16 16.16 -12.22
N ALA C 309 29.11 14.83 -12.27
CA ALA C 309 28.33 14.12 -13.26
C ALA C 309 26.85 14.14 -12.90
N GLY C 310 26.57 14.00 -11.60
CA GLY C 310 25.21 14.10 -11.09
C GLY C 310 24.48 12.75 -11.17
N PRO C 311 23.21 12.71 -10.73
CA PRO C 311 22.44 11.45 -10.73
C PRO C 311 22.04 10.98 -12.11
N CYS C 312 21.65 9.70 -12.19
CA CYS C 312 21.35 9.08 -13.46
C CYS C 312 19.87 9.23 -13.79
N ARG C 313 19.59 9.39 -15.08
CA ARG C 313 18.23 9.53 -15.57
C ARG C 313 17.57 8.17 -15.60
N PRO C 314 16.22 8.12 -15.42
CA PRO C 314 15.52 6.84 -15.35
C PRO C 314 15.53 6.13 -16.71
N PRO C 315 15.60 4.80 -16.72
CA PRO C 315 15.43 3.98 -15.52
C PRO C 315 16.65 3.54 -14.74
N TYR C 316 17.86 3.98 -15.13
CA TYR C 316 19.10 3.36 -14.68
C TYR C 316 19.71 4.08 -13.46
N ASN C 317 18.91 4.26 -12.42
CA ASN C 317 19.32 5.05 -11.26
C ASN C 317 19.46 4.19 -9.99
N LEU C 318 19.56 2.86 -10.11
CA LEU C 318 19.70 2.01 -8.92
C LEU C 318 20.92 1.11 -9.10
N VAL C 319 21.87 1.22 -8.17
CA VAL C 319 23.07 0.40 -8.25
C VAL C 319 23.29 -0.21 -6.87
N PRO C 320 23.55 -1.53 -6.74
CA PRO C 320 23.91 -2.09 -5.44
C PRO C 320 25.07 -1.33 -4.78
N GLU C 321 24.97 -1.16 -3.45
CA GLU C 321 25.95 -0.42 -2.66
C GLU C 321 27.35 -1.06 -2.75
N ASP C 322 27.48 -2.39 -2.70
CA ASP C 322 28.77 -3.04 -2.83
C ASP C 322 29.51 -2.54 -4.07
N TYR C 323 28.78 -2.45 -5.17
CA TYR C 323 29.39 -2.12 -6.44
C TYR C 323 29.81 -0.65 -6.48
N LEU C 324 29.00 0.22 -5.89
CA LEU C 324 29.29 1.65 -5.80
C LEU C 324 30.63 1.86 -5.11
N ALA C 325 30.86 1.15 -4.01
CA ALA C 325 32.10 1.28 -3.25
C ALA C 325 33.31 1.04 -4.16
N GLY C 326 33.24 0.00 -5.00
CA GLY C 326 34.32 -0.31 -5.93
C GLY C 326 34.56 0.82 -6.94
N ALA C 327 33.47 1.40 -7.46
CA ALA C 327 33.54 2.49 -8.40
C ALA C 327 34.13 3.75 -7.74
N GLN C 328 33.78 3.98 -6.48
CA GLN C 328 34.26 5.14 -5.75
C GLN C 328 35.75 5.01 -5.46
N LYS C 329 36.18 3.80 -5.12
CA LYS C 329 37.58 3.54 -4.90
C LYS C 329 38.37 3.83 -6.17
N SER C 330 37.82 3.42 -7.30
CA SER C 330 38.47 3.62 -8.58
C SER C 330 38.61 5.12 -8.86
N GLY C 331 37.55 5.87 -8.55
CA GLY C 331 37.56 7.32 -8.73
C GLY C 331 38.67 7.99 -7.93
N LYS C 332 38.81 7.57 -6.66
CA LYS C 332 39.82 8.12 -5.78
C LYS C 332 41.20 7.77 -6.30
N ALA C 333 41.34 6.57 -6.87
CA ALA C 333 42.62 6.16 -7.40
C ALA C 333 43.02 7.01 -8.62
N TRP C 334 42.06 7.28 -9.50
CA TRP C 334 42.32 8.11 -10.67
C TRP C 334 42.62 9.57 -10.29
N ALA C 335 41.95 10.08 -9.25
CA ALA C 335 42.23 11.41 -8.74
C ALA C 335 43.66 11.50 -8.19
N ALA C 336 44.11 10.46 -7.49
CA ALA C 336 45.50 10.37 -7.04
C ALA C 336 46.46 10.37 -8.24
N LEU C 337 46.13 9.63 -9.30
CA LEU C 337 46.98 9.63 -10.48
C LEU C 337 47.05 11.02 -11.08
N HIS C 338 45.91 11.71 -11.14
CA HIS C 338 45.88 13.05 -11.72
C HIS C 338 46.80 13.98 -10.92
N ALA C 339 46.78 13.87 -9.60
CA ALA C 339 47.65 14.68 -8.76
C ALA C 339 49.11 14.38 -9.08
N LYS C 340 49.48 13.10 -9.10
CA LYS C 340 50.85 12.70 -9.35
C LYS C 340 51.32 13.22 -10.71
N TYR C 341 50.52 13.02 -11.77
CA TYR C 341 50.99 13.26 -13.13
C TYR C 341 50.85 14.74 -13.49
N SER C 342 50.01 15.49 -12.77
CA SER C 342 49.98 16.95 -12.91
C SER C 342 51.34 17.56 -12.58
N ASN C 343 52.05 17.02 -11.57
CA ASN C 343 53.37 17.50 -11.17
C ASN C 343 54.43 17.19 -12.22
N GLU C 344 54.36 15.98 -12.78
CA GLU C 344 55.32 15.57 -13.80
C GLU C 344 55.08 16.31 -15.12
N LEU C 345 53.87 16.82 -15.37
CA LEU C 345 53.64 17.71 -16.50
C LEU C 345 54.17 19.09 -16.10
N SER D 21 66.48 -32.12 -13.39
CA SER D 21 65.55 -31.40 -12.47
C SER D 21 64.32 -30.93 -13.25
N ARG D 22 63.36 -30.33 -12.53
CA ARG D 22 62.08 -29.97 -13.11
C ARG D 22 62.25 -28.74 -14.00
N LEU D 23 61.49 -28.68 -15.09
CA LEU D 23 61.46 -27.51 -15.95
C LEU D 23 61.01 -26.28 -15.17
N THR D 24 61.52 -25.12 -15.58
CA THR D 24 61.00 -23.83 -15.16
C THR D 24 60.63 -23.04 -16.41
N ALA D 25 59.98 -21.89 -16.20
CA ALA D 25 59.63 -20.98 -17.27
C ALA D 25 60.84 -20.58 -18.11
N GLU D 26 62.03 -20.47 -17.46
CA GLU D 26 63.25 -20.05 -18.14
C GLU D 26 63.61 -21.06 -19.22
N ASP D 27 63.21 -22.32 -19.06
CA ASP D 27 63.53 -23.36 -20.02
C ASP D 27 62.56 -23.39 -21.20
N ILE D 28 61.47 -22.64 -21.15
CA ILE D 28 60.44 -22.74 -22.17
C ILE D 28 60.66 -21.61 -23.18
N ASN D 29 61.14 -21.97 -24.38
CA ASN D 29 61.39 -20.99 -25.43
C ASN D 29 61.01 -21.56 -26.79
N GLY D 30 60.66 -20.69 -27.71
CA GLY D 30 60.55 -21.07 -29.11
C GLY D 30 59.24 -21.76 -29.43
N ALA D 31 59.31 -22.67 -30.40
CA ALA D 31 58.13 -23.28 -31.01
C ALA D 31 57.77 -24.58 -30.31
N TRP D 32 56.60 -24.60 -29.67
CA TRP D 32 56.07 -25.77 -29.02
C TRP D 32 54.89 -26.29 -29.82
N THR D 33 54.99 -27.52 -30.30
CA THR D 33 53.99 -28.02 -31.23
C THR D 33 53.10 -29.00 -30.49
N ILE D 34 51.81 -28.95 -30.79
CA ILE D 34 50.84 -29.84 -30.17
C ILE D 34 50.54 -30.92 -31.18
N MET D 35 50.87 -32.17 -30.82
CA MET D 35 50.68 -33.27 -31.74
C MET D 35 49.34 -33.94 -31.49
N PRO D 36 48.75 -34.53 -32.55
CA PRO D 36 47.54 -35.35 -32.42
C PRO D 36 47.91 -36.71 -31.86
N THR D 37 46.89 -37.51 -31.56
CA THR D 37 47.10 -38.91 -31.24
C THR D 37 46.71 -39.71 -32.47
N PRO D 38 47.69 -40.11 -33.32
CA PRO D 38 47.38 -40.76 -34.60
C PRO D 38 46.53 -42.00 -34.35
N SER D 39 45.52 -42.20 -35.19
CA SER D 39 44.61 -43.31 -34.96
C SER D 39 44.70 -44.31 -36.12
N THR D 40 44.41 -45.59 -35.78
CA THR D 40 44.34 -46.67 -36.74
C THR D 40 43.05 -46.55 -37.53
N PRO D 41 42.88 -47.27 -38.64
CA PRO D 41 41.69 -47.11 -39.49
C PRO D 41 40.35 -47.46 -38.83
N ASP D 42 40.35 -48.29 -37.79
CA ASP D 42 39.11 -48.74 -37.16
C ASP D 42 38.73 -47.89 -35.93
N ALA D 43 39.35 -46.72 -35.74
CA ALA D 43 39.31 -46.01 -34.48
C ALA D 43 37.95 -45.40 -34.18
N SER D 44 37.12 -45.17 -35.21
CA SER D 44 35.80 -44.59 -35.02
C SER D 44 34.82 -45.62 -34.44
N ASP D 45 35.21 -46.90 -34.44
CA ASP D 45 34.31 -47.95 -33.98
C ASP D 45 34.49 -48.15 -32.47
N TRP D 46 33.36 -48.12 -31.73
CA TRP D 46 33.39 -48.30 -30.28
C TRP D 46 33.90 -49.70 -29.89
N ARG D 47 33.91 -50.65 -30.84
CA ARG D 47 34.38 -52.00 -30.59
C ARG D 47 35.90 -52.09 -30.54
N SER D 48 36.61 -51.16 -31.18
CA SER D 48 38.06 -51.24 -31.32
C SER D 48 38.75 -50.90 -30.00
N THR D 49 39.89 -51.53 -29.70
CA THR D 49 40.47 -51.40 -28.36
C THR D 49 41.91 -50.88 -28.38
N ALA D 50 42.62 -50.98 -29.51
CA ALA D 50 43.99 -50.47 -29.53
C ALA D 50 44.13 -49.55 -30.73
N THR D 51 43.64 -48.32 -30.60
CA THR D 51 43.40 -47.49 -31.77
C THR D 51 44.54 -46.51 -32.00
N VAL D 52 45.63 -46.59 -31.22
CA VAL D 52 46.76 -45.68 -31.44
C VAL D 52 47.74 -46.30 -32.44
N ASP D 53 48.03 -45.58 -33.53
CA ASP D 53 49.11 -45.94 -34.44
C ASP D 53 50.44 -45.51 -33.86
N LEU D 54 51.13 -46.46 -33.22
CA LEU D 54 52.32 -46.14 -32.45
C LEU D 54 53.51 -45.84 -33.37
N GLU D 55 53.53 -46.43 -34.56
CA GLU D 55 54.64 -46.17 -35.48
C GLU D 55 54.52 -44.77 -36.06
N GLU D 56 53.32 -44.35 -36.48
CA GLU D 56 53.08 -42.99 -36.92
C GLU D 56 53.40 -42.00 -35.78
N THR D 57 53.13 -42.36 -34.53
CA THR D 57 53.45 -41.50 -33.41
C THR D 57 54.95 -41.22 -33.41
N ALA D 58 55.74 -42.29 -33.45
CA ALA D 58 57.19 -42.21 -33.40
C ALA D 58 57.73 -41.38 -34.57
N ARG D 59 57.13 -41.56 -35.75
CA ARG D 59 57.59 -40.89 -36.95
C ARG D 59 57.38 -39.39 -36.83
N ILE D 60 56.22 -38.98 -36.30
CA ILE D 60 55.90 -37.57 -36.13
C ILE D 60 56.89 -36.95 -35.13
N VAL D 61 57.16 -37.66 -34.03
CA VAL D 61 58.05 -37.11 -33.01
C VAL D 61 59.42 -36.83 -33.62
N GLU D 62 59.96 -37.82 -34.35
CA GLU D 62 61.28 -37.66 -34.94
C GLU D 62 61.28 -36.53 -35.97
N GLU D 63 60.23 -36.43 -36.79
CA GLU D 63 60.13 -35.34 -37.75
C GLU D 63 60.10 -33.97 -37.07
N LEU D 64 59.44 -33.87 -35.91
CA LEU D 64 59.36 -32.59 -35.23
C LEU D 64 60.71 -32.22 -34.63
N ILE D 65 61.40 -33.18 -34.01
CA ILE D 65 62.72 -32.91 -33.47
C ILE D 65 63.65 -32.51 -34.61
N ALA D 66 63.53 -33.19 -35.75
CA ALA D 66 64.40 -32.93 -36.89
C ALA D 66 64.11 -31.56 -37.47
N ALA D 67 62.86 -31.10 -37.41
CA ALA D 67 62.53 -29.76 -37.86
C ALA D 67 63.09 -28.68 -36.91
N GLY D 68 63.47 -29.06 -35.68
CA GLY D 68 64.07 -28.12 -34.76
C GLY D 68 63.09 -27.54 -33.73
N VAL D 69 61.93 -28.20 -33.51
CA VAL D 69 60.96 -27.70 -32.54
C VAL D 69 61.59 -27.77 -31.15
N ASN D 70 61.13 -26.90 -30.28
CA ASN D 70 61.75 -26.70 -28.97
C ASN D 70 61.10 -27.57 -27.90
N GLY D 71 59.86 -28.00 -28.14
CA GLY D 71 59.15 -28.85 -27.20
C GLY D 71 57.88 -29.39 -27.81
N ILE D 72 57.34 -30.43 -27.17
CA ILE D 72 56.15 -31.10 -27.69
C ILE D 72 55.08 -31.15 -26.61
N LEU D 73 53.86 -30.76 -26.98
CA LEU D 73 52.68 -30.94 -26.13
C LEU D 73 51.77 -31.94 -26.80
N SER D 74 50.93 -32.59 -25.99
CA SER D 74 50.06 -33.62 -26.49
C SER D 74 48.82 -33.74 -25.60
N MET D 75 47.84 -34.49 -26.11
CA MET D 75 46.68 -34.90 -25.34
C MET D 75 45.94 -33.68 -24.76
N GLY D 76 45.71 -32.68 -25.62
CA GLY D 76 44.68 -31.69 -25.39
C GLY D 76 43.35 -32.17 -26.01
N THR D 77 42.54 -31.21 -26.51
CA THR D 77 41.25 -31.54 -27.06
C THR D 77 41.42 -32.35 -28.34
N PHE D 78 42.13 -31.82 -29.34
CA PHE D 78 42.18 -32.51 -30.63
C PHE D 78 43.10 -33.73 -30.54
N GLY D 79 43.99 -33.75 -29.54
CA GLY D 79 44.77 -34.92 -29.19
C GLY D 79 43.95 -36.03 -28.54
N GLU D 80 42.66 -35.77 -28.30
CA GLU D 80 41.68 -36.77 -27.89
C GLU D 80 41.99 -37.35 -26.51
N CYS D 81 42.50 -36.51 -25.62
CA CYS D 81 42.60 -36.86 -24.21
C CYS D 81 41.28 -37.48 -23.73
N ALA D 82 40.15 -36.95 -24.21
CA ALA D 82 38.86 -37.36 -23.72
C ALA D 82 38.46 -38.76 -24.18
N THR D 83 38.95 -39.20 -25.34
CA THR D 83 38.38 -40.38 -25.96
C THR D 83 39.34 -41.56 -26.00
N LEU D 84 40.57 -41.41 -25.48
CA LEU D 84 41.52 -42.51 -25.43
C LEU D 84 41.26 -43.35 -24.20
N THR D 85 41.47 -44.67 -24.29
CA THR D 85 41.48 -45.51 -23.10
C THR D 85 42.81 -45.31 -22.36
N TRP D 86 42.84 -45.76 -21.10
CA TRP D 86 44.03 -45.59 -20.29
C TRP D 86 45.19 -46.41 -20.85
N ASP D 87 44.92 -47.60 -21.39
CA ASP D 87 45.96 -48.39 -22.02
C ASP D 87 46.53 -47.70 -23.25
N GLU D 88 45.66 -47.09 -24.07
CA GLU D 88 46.12 -46.36 -25.24
C GLU D 88 47.03 -45.21 -24.83
N LYS D 89 46.70 -44.50 -23.75
CA LYS D 89 47.48 -43.34 -23.34
C LYS D 89 48.87 -43.78 -22.88
N ARG D 90 48.94 -44.85 -22.08
CA ARG D 90 50.22 -45.35 -21.59
C ARG D 90 51.11 -45.72 -22.77
N ASP D 91 50.55 -46.41 -23.77
CA ASP D 91 51.32 -46.86 -24.90
C ASP D 91 51.82 -45.68 -25.73
N TYR D 92 50.95 -44.69 -25.93
CA TYR D 92 51.27 -43.49 -26.68
C TYR D 92 52.44 -42.77 -26.01
N VAL D 93 52.33 -42.53 -24.70
CA VAL D 93 53.33 -41.74 -24.00
C VAL D 93 54.65 -42.52 -23.95
N SER D 94 54.57 -43.86 -23.77
CA SER D 94 55.76 -44.69 -23.78
C SER D 94 56.52 -44.54 -25.09
N THR D 95 55.78 -44.64 -26.20
CA THR D 95 56.37 -44.53 -27.52
C THR D 95 57.03 -43.16 -27.66
N ILE D 96 56.33 -42.10 -27.26
CA ILE D 96 56.89 -40.76 -27.41
C ILE D 96 58.19 -40.64 -26.60
N VAL D 97 58.16 -41.10 -25.35
CA VAL D 97 59.29 -40.91 -24.46
C VAL D 97 60.49 -41.68 -25.00
N GLU D 98 60.28 -42.91 -25.50
CA GLU D 98 61.38 -43.72 -26.02
C GLU D 98 61.93 -43.09 -27.30
N THR D 99 61.07 -42.45 -28.11
CA THR D 99 61.53 -41.82 -29.34
C THR D 99 62.33 -40.55 -29.02
N ILE D 100 61.86 -39.76 -28.05
CA ILE D 100 62.46 -38.47 -27.73
C ILE D 100 63.84 -38.66 -27.11
N ARG D 101 63.96 -39.68 -26.24
CA ARG D 101 65.23 -39.98 -25.60
C ARG D 101 65.80 -38.74 -24.91
N GLY D 102 64.97 -37.93 -24.27
CA GLY D 102 65.43 -36.77 -23.52
C GLY D 102 65.84 -35.55 -24.37
N ARG D 103 65.66 -35.59 -25.70
CA ARG D 103 66.23 -34.54 -26.54
C ARG D 103 65.44 -33.24 -26.46
N VAL D 104 64.13 -33.30 -26.20
CA VAL D 104 63.33 -32.11 -26.05
C VAL D 104 62.37 -32.37 -24.90
N PRO D 105 61.87 -31.31 -24.24
CA PRO D 105 60.79 -31.47 -23.26
C PRO D 105 59.48 -31.93 -23.90
N TYR D 106 58.75 -32.75 -23.14
CA TYR D 106 57.48 -33.31 -23.57
C TYR D 106 56.46 -33.20 -22.43
N PHE D 107 55.27 -32.70 -22.78
CA PHE D 107 54.12 -32.65 -21.87
C PHE D 107 53.01 -33.53 -22.42
N CYS D 108 52.52 -34.46 -21.58
CA CYS D 108 51.33 -35.25 -21.84
C CYS D 108 50.13 -34.45 -21.34
N GLY D 109 48.93 -35.03 -21.38
CA GLY D 109 47.72 -34.38 -20.89
C GLY D 109 46.94 -35.35 -20.01
N THR D 110 46.52 -34.89 -18.83
CA THR D 110 45.93 -35.77 -17.83
C THR D 110 44.62 -35.20 -17.30
N THR D 111 44.00 -34.28 -18.05
CA THR D 111 42.73 -33.71 -17.64
C THR D 111 41.70 -34.83 -17.49
N ALA D 112 40.95 -34.81 -16.40
CA ALA D 112 39.94 -35.83 -16.12
C ALA D 112 38.81 -35.20 -15.31
N LEU D 113 37.83 -36.02 -14.92
CA LEU D 113 36.64 -35.51 -14.26
C LEU D 113 36.86 -35.20 -12.78
N ASN D 114 37.98 -35.61 -12.17
CA ASN D 114 38.20 -35.30 -10.78
C ASN D 114 39.67 -35.36 -10.39
N THR D 115 39.96 -34.86 -9.18
CA THR D 115 41.32 -34.56 -8.77
C THR D 115 42.11 -35.86 -8.60
N ARG D 116 41.45 -36.89 -8.08
CA ARG D 116 42.13 -38.14 -7.76
C ARG D 116 42.53 -38.86 -9.04
N GLU D 117 41.64 -38.84 -10.04
CA GLU D 117 41.95 -39.46 -11.31
C GLU D 117 43.09 -38.72 -12.01
N VAL D 118 43.10 -37.39 -11.91
CA VAL D 118 44.14 -36.59 -12.53
C VAL D 118 45.50 -36.94 -11.92
N ILE D 119 45.51 -37.05 -10.60
CA ILE D 119 46.73 -37.34 -9.86
C ILE D 119 47.24 -38.74 -10.23
N ARG D 120 46.35 -39.74 -10.24
CA ARG D 120 46.73 -41.09 -10.60
C ARG D 120 47.39 -41.11 -11.99
N GLN D 121 46.76 -40.47 -12.98
CA GLN D 121 47.29 -40.47 -14.34
C GLN D 121 48.60 -39.70 -14.44
N THR D 122 48.66 -38.52 -13.81
CA THR D 122 49.86 -37.70 -13.86
C THR D 122 51.03 -38.46 -13.26
N ARG D 123 50.81 -39.16 -12.14
CA ARG D 123 51.86 -39.95 -11.54
C ARG D 123 52.41 -40.98 -12.52
N GLU D 124 51.54 -41.75 -13.18
CA GLU D 124 52.00 -42.81 -14.06
C GLU D 124 52.73 -42.24 -15.29
N LEU D 125 52.22 -41.15 -15.89
CA LEU D 125 52.80 -40.67 -17.13
C LEU D 125 54.11 -39.94 -16.85
N ILE D 126 54.22 -39.29 -15.69
CA ILE D 126 55.50 -38.71 -15.30
C ILE D 126 56.51 -39.81 -15.03
N ASP D 127 56.11 -40.91 -14.38
CA ASP D 127 56.98 -42.04 -14.14
C ASP D 127 57.46 -42.65 -15.46
N ILE D 128 56.57 -42.74 -16.47
CA ILE D 128 56.96 -43.28 -17.77
C ILE D 128 58.02 -42.38 -18.41
N GLY D 129 57.96 -41.06 -18.21
CA GLY D 129 59.05 -40.19 -18.57
C GLY D 129 58.64 -38.84 -19.17
N ALA D 130 57.37 -38.48 -19.18
CA ALA D 130 56.98 -37.11 -19.54
C ALA D 130 57.52 -36.11 -18.53
N ASN D 131 57.79 -34.89 -18.97
CA ASN D 131 58.34 -33.85 -18.10
C ASN D 131 57.24 -33.10 -17.36
N GLY D 132 55.99 -33.24 -17.83
CA GLY D 132 54.91 -32.42 -17.32
C GLY D 132 53.59 -32.78 -17.97
N THR D 133 52.53 -32.09 -17.52
CA THR D 133 51.20 -32.37 -17.99
C THR D 133 50.54 -31.04 -18.36
N MET D 134 49.90 -31.07 -19.53
CA MET D 134 49.06 -29.99 -19.99
C MET D 134 47.67 -30.26 -19.43
N LEU D 135 47.23 -29.40 -18.52
CA LEU D 135 46.13 -29.75 -17.63
C LEU D 135 45.05 -28.67 -17.62
N GLY D 136 43.83 -29.06 -18.04
CA GLY D 136 42.64 -28.24 -17.89
C GLY D 136 42.00 -28.49 -16.52
N VAL D 137 40.73 -28.13 -16.36
CA VAL D 137 40.04 -28.42 -15.10
C VAL D 137 38.87 -29.36 -15.38
N PRO D 138 38.50 -30.17 -14.37
CA PRO D 138 37.28 -30.97 -14.44
C PRO D 138 36.09 -30.09 -14.81
N MET D 139 35.20 -30.59 -15.67
CA MET D 139 34.27 -29.73 -16.38
C MET D 139 32.84 -30.26 -16.37
N TRP D 140 32.54 -31.36 -15.65
CA TRP D 140 31.17 -31.80 -15.48
C TRP D 140 30.42 -30.72 -14.72
N VAL D 141 30.96 -30.33 -13.55
CA VAL D 141 30.43 -29.17 -12.85
C VAL D 141 31.39 -28.01 -13.12
N LYS D 142 30.82 -26.86 -13.45
CA LYS D 142 31.63 -25.66 -13.68
C LYS D 142 32.34 -25.22 -12.40
N MET D 143 33.65 -25.03 -12.49
CA MET D 143 34.44 -24.60 -11.36
C MET D 143 34.37 -23.09 -11.16
N ASP D 144 34.44 -22.66 -9.89
CA ASP D 144 34.66 -21.27 -9.53
C ASP D 144 36.16 -21.04 -9.27
N LEU D 145 36.54 -19.80 -9.00
CA LEU D 145 37.95 -19.46 -8.84
C LEU D 145 38.61 -20.27 -7.72
N PRO D 146 38.11 -20.26 -6.46
CA PRO D 146 38.77 -21.02 -5.39
C PRO D 146 38.88 -22.52 -5.65
N THR D 147 37.87 -23.12 -6.27
CA THR D 147 37.89 -24.54 -6.60
C THR D 147 39.03 -24.85 -7.57
N ALA D 148 39.16 -24.03 -8.61
CA ALA D 148 40.17 -24.21 -9.63
C ALA D 148 41.58 -24.04 -9.06
N VAL D 149 41.75 -23.02 -8.22
CA VAL D 149 43.04 -22.77 -7.62
C VAL D 149 43.45 -23.97 -6.78
N GLN D 150 42.52 -24.46 -5.95
CA GLN D 150 42.79 -25.58 -5.05
C GLN D 150 43.09 -26.82 -5.88
N PHE D 151 42.43 -26.98 -7.03
CA PHE D 151 42.66 -28.13 -7.89
C PHE D 151 44.12 -28.17 -8.33
N TYR D 152 44.64 -27.06 -8.86
CA TYR D 152 46.01 -27.03 -9.33
C TYR D 152 47.00 -27.15 -8.16
N ARG D 153 46.67 -26.58 -6.99
CA ARG D 153 47.53 -26.75 -5.83
C ARG D 153 47.58 -28.22 -5.39
N ASP D 154 46.42 -28.89 -5.43
CA ASP D 154 46.32 -30.31 -5.05
C ASP D 154 47.21 -31.16 -5.95
N VAL D 155 47.16 -30.93 -7.27
CA VAL D 155 47.91 -31.75 -8.21
C VAL D 155 49.40 -31.50 -8.00
N ALA D 156 49.78 -30.25 -7.82
CA ALA D 156 51.17 -29.89 -7.57
C ALA D 156 51.72 -30.50 -6.27
N ASP D 157 50.93 -30.50 -5.19
CA ASP D 157 51.31 -31.19 -3.97
C ASP D 157 51.47 -32.70 -4.18
N ALA D 158 50.51 -33.29 -4.89
CA ALA D 158 50.49 -34.73 -5.05
C ALA D 158 51.64 -35.20 -5.97
N VAL D 159 52.03 -34.37 -6.93
CA VAL D 159 52.99 -34.80 -7.94
C VAL D 159 54.01 -33.68 -8.12
N PRO D 160 54.88 -33.44 -7.10
CA PRO D 160 55.78 -32.29 -7.12
C PRO D 160 56.87 -32.31 -8.19
N GLU D 161 57.16 -33.48 -8.77
CA GLU D 161 58.15 -33.62 -9.82
C GLU D 161 57.59 -33.13 -11.16
N ALA D 162 56.26 -33.04 -11.31
CA ALA D 162 55.67 -32.71 -12.60
C ALA D 162 55.61 -31.20 -12.83
N ALA D 163 56.07 -30.75 -14.01
CA ALA D 163 55.76 -29.42 -14.47
C ALA D 163 54.30 -29.38 -14.93
N ILE D 164 53.68 -28.21 -14.83
CA ILE D 164 52.29 -28.06 -15.23
C ILE D 164 52.18 -26.94 -16.26
N ALA D 165 51.48 -27.24 -17.36
CA ALA D 165 51.03 -26.25 -18.32
C ALA D 165 49.52 -26.10 -18.15
N ILE D 166 49.07 -24.89 -17.84
CA ILE D 166 47.64 -24.64 -17.71
C ILE D 166 47.06 -24.62 -19.12
N TYR D 167 46.06 -25.49 -19.34
CA TYR D 167 45.31 -25.55 -20.59
C TYR D 167 44.08 -24.68 -20.45
N ALA D 168 44.22 -23.39 -20.82
CA ALA D 168 43.24 -22.37 -20.50
C ALA D 168 42.22 -22.22 -21.61
N ASN D 169 41.34 -23.22 -21.74
CA ASN D 169 40.30 -23.25 -22.75
C ASN D 169 38.91 -23.19 -22.08
N PRO D 170 38.27 -22.01 -22.05
CA PRO D 170 36.94 -21.86 -21.44
C PRO D 170 35.81 -22.61 -22.12
N GLU D 171 35.92 -22.83 -23.44
CA GLU D 171 34.89 -23.56 -24.14
C GLU D 171 34.87 -25.02 -23.64
N ALA D 172 36.04 -25.64 -23.63
CA ALA D 172 36.13 -27.01 -23.15
C ALA D 172 35.83 -27.11 -21.65
N PHE D 173 36.43 -26.24 -20.82
CA PHE D 173 36.46 -26.53 -19.40
C PHE D 173 35.50 -25.63 -18.61
N LYS D 174 34.76 -24.76 -19.31
CA LYS D 174 33.70 -23.93 -18.72
C LYS D 174 34.25 -22.77 -17.88
N PHE D 175 35.17 -23.05 -16.96
CA PHE D 175 35.88 -22.02 -16.21
C PHE D 175 36.58 -21.03 -17.15
N ASP D 176 36.61 -19.75 -16.82
CA ASP D 176 37.10 -18.71 -17.73
C ASP D 176 38.56 -18.30 -17.51
N PHE D 177 39.26 -18.90 -16.53
CA PHE D 177 40.67 -18.62 -16.22
C PHE D 177 40.92 -17.11 -16.08
N PRO D 178 40.29 -16.44 -15.08
CA PRO D 178 40.34 -14.97 -14.96
C PRO D 178 41.63 -14.46 -14.34
N ARG D 179 41.75 -13.12 -14.23
CA ARG D 179 43.02 -12.50 -13.85
C ARG D 179 43.48 -13.01 -12.48
N PRO D 180 42.62 -13.03 -11.43
CA PRO D 180 43.08 -13.45 -10.09
C PRO D 180 43.60 -14.89 -10.07
N PHE D 181 43.09 -15.71 -11.00
CA PHE D 181 43.53 -17.08 -11.12
C PHE D 181 45.00 -17.13 -11.48
N TRP D 182 45.44 -16.28 -12.41
CA TRP D 182 46.84 -16.26 -12.81
C TRP D 182 47.74 -15.79 -11.67
N ALA D 183 47.25 -14.84 -10.88
CA ALA D 183 48.03 -14.39 -9.74
C ALA D 183 48.30 -15.56 -8.80
N GLU D 184 47.29 -16.41 -8.60
CA GLU D 184 47.44 -17.56 -7.71
C GLU D 184 48.37 -18.62 -8.29
N MET D 185 48.31 -18.84 -9.61
CA MET D 185 49.11 -19.88 -10.24
C MET D 185 50.59 -19.52 -10.22
N SER D 186 50.91 -18.22 -10.25
CA SER D 186 52.29 -17.78 -10.21
C SER D 186 52.94 -18.14 -8.88
N LYS D 187 52.14 -18.42 -7.84
CA LYS D 187 52.69 -18.90 -6.57
C LYS D 187 52.96 -20.39 -6.52
N ILE D 188 52.56 -21.17 -7.53
CA ILE D 188 52.82 -22.60 -7.53
C ILE D 188 54.06 -22.85 -8.40
N PRO D 189 55.21 -23.24 -7.80
CA PRO D 189 56.43 -23.42 -8.59
C PRO D 189 56.31 -24.42 -9.75
N GLN D 190 55.44 -25.42 -9.61
CA GLN D 190 55.28 -26.44 -10.63
C GLN D 190 54.61 -25.88 -11.89
N VAL D 191 53.83 -24.79 -11.76
CA VAL D 191 53.15 -24.20 -12.89
C VAL D 191 54.12 -23.30 -13.64
N VAL D 192 54.50 -23.68 -14.85
CA VAL D 192 55.60 -23.00 -15.52
C VAL D 192 55.16 -22.41 -16.85
N THR D 193 53.99 -22.83 -17.35
CA THR D 193 53.56 -22.36 -18.65
C THR D 193 52.04 -22.47 -18.76
N ALA D 194 51.50 -21.87 -19.83
CA ALA D 194 50.08 -21.90 -20.10
C ALA D 194 49.85 -21.92 -21.61
N KPI D 195 48.99 -22.82 -22.08
CA KPI D 195 48.46 -22.73 -23.42
CB KPI D 195 47.97 -24.08 -23.95
CG KPI D 195 47.38 -24.06 -25.35
CD KPI D 195 46.78 -25.39 -25.83
CE KPI D 195 45.88 -25.27 -27.09
NZ KPI D 195 45.47 -26.66 -27.52
CX1 KPI D 195 44.41 -27.14 -28.07
C1 KPI D 195 43.24 -26.32 -28.56
CX2 KPI D 195 44.40 -28.51 -28.09
O1 KPI D 195 45.32 -29.13 -27.52
O2 KPI D 195 43.45 -29.08 -28.64
C KPI D 195 47.35 -21.67 -23.38
O KPI D 195 46.28 -21.88 -22.81
N TYR D 196 47.61 -20.52 -23.97
CA TYR D 196 46.76 -19.35 -23.82
C TYR D 196 46.07 -19.06 -25.14
N LEU D 197 44.83 -18.56 -25.09
CA LEU D 197 44.11 -18.20 -26.31
C LEU D 197 44.20 -16.68 -26.50
N GLY D 198 43.08 -15.97 -26.65
CA GLY D 198 43.13 -14.55 -26.98
C GLY D 198 44.10 -13.78 -26.09
N ILE D 199 44.80 -12.80 -26.68
CA ILE D 199 45.81 -12.05 -25.94
C ILE D 199 45.27 -10.71 -25.43
N GLY D 200 43.95 -10.58 -25.34
CA GLY D 200 43.32 -9.33 -24.93
C GLY D 200 43.75 -8.84 -23.54
N MET D 201 43.96 -9.79 -22.60
CA MET D 201 44.35 -9.47 -21.25
C MET D 201 45.78 -9.93 -20.93
N LEU D 202 46.61 -10.13 -21.96
CA LEU D 202 47.93 -10.70 -21.78
C LEU D 202 48.87 -9.73 -21.04
N ASP D 203 48.86 -8.46 -21.43
CA ASP D 203 49.65 -7.42 -20.76
C ASP D 203 49.49 -7.55 -19.22
N LEU D 204 48.25 -7.64 -18.75
CA LEU D 204 47.98 -7.71 -17.32
C LEU D 204 48.35 -9.07 -16.73
N ASP D 205 48.02 -10.16 -17.43
CA ASP D 205 48.31 -11.48 -16.91
C ASP D 205 49.81 -11.66 -16.70
N LEU D 206 50.61 -11.11 -17.61
CA LEU D 206 52.06 -11.16 -17.44
C LEU D 206 52.48 -10.48 -16.13
N ARG D 207 51.85 -9.35 -15.81
CA ARG D 207 52.16 -8.59 -14.60
C ARG D 207 51.76 -9.40 -13.37
N LEU D 208 50.58 -10.04 -13.42
CA LEU D 208 50.06 -10.78 -12.27
C LEU D 208 50.81 -12.08 -12.05
N ALA D 209 51.43 -12.63 -13.10
CA ALA D 209 52.02 -13.95 -13.00
C ALA D 209 53.43 -13.95 -13.56
N PRO D 210 54.41 -13.36 -12.84
CA PRO D 210 55.79 -13.26 -13.35
C PRO D 210 56.50 -14.58 -13.61
N ASN D 211 56.04 -15.70 -13.00
CA ASN D 211 56.82 -16.93 -13.08
C ASN D 211 56.29 -17.91 -14.12
N ILE D 212 55.41 -17.45 -15.01
CA ILE D 212 54.79 -18.34 -15.98
C ILE D 212 55.17 -17.90 -17.39
N ARG D 213 55.57 -18.87 -18.21
CA ARG D 213 55.77 -18.62 -19.63
C ARG D 213 54.42 -18.77 -20.34
N PHE D 214 53.84 -17.65 -20.75
CA PHE D 214 52.56 -17.68 -21.43
C PHE D 214 52.82 -17.99 -22.90
N LEU D 215 52.16 -19.02 -23.43
CA LEU D 215 52.32 -19.36 -24.83
C LEU D 215 51.10 -18.88 -25.59
N PRO D 216 51.19 -17.79 -26.38
CA PRO D 216 50.12 -17.48 -27.33
C PRO D 216 50.12 -18.51 -28.45
N HIS D 217 48.97 -18.65 -29.07
CA HIS D 217 48.85 -19.30 -30.37
C HIS D 217 49.81 -18.62 -31.34
N GLU D 218 50.31 -19.41 -32.30
CA GLU D 218 51.27 -18.96 -33.30
C GLU D 218 50.78 -17.71 -34.03
N ASP D 219 49.50 -17.62 -34.34
CA ASP D 219 48.95 -16.49 -35.08
C ASP D 219 49.04 -15.20 -34.27
N ASP D 220 49.08 -15.32 -32.94
CA ASP D 220 49.14 -14.16 -32.06
C ASP D 220 50.55 -13.88 -31.56
N TYR D 221 51.54 -14.70 -31.98
CA TYR D 221 52.87 -14.61 -31.40
C TYR D 221 53.51 -13.26 -31.77
N TYR D 222 53.35 -12.86 -33.04
CA TYR D 222 53.93 -11.61 -33.50
C TYR D 222 53.49 -10.45 -32.62
N ALA D 223 52.19 -10.32 -32.42
CA ALA D 223 51.64 -9.25 -31.61
C ALA D 223 52.14 -9.36 -30.17
N ALA D 224 52.09 -10.56 -29.59
CA ALA D 224 52.41 -10.73 -28.18
C ALA D 224 53.89 -10.43 -27.92
N ALA D 225 54.73 -10.86 -28.86
CA ALA D 225 56.18 -10.64 -28.76
C ALA D 225 56.50 -9.15 -28.84
N ARG D 226 55.73 -8.39 -29.62
CA ARG D 226 55.95 -6.96 -29.70
C ARG D 226 55.51 -6.28 -28.40
N ILE D 227 54.48 -6.81 -27.73
CA ILE D 227 53.98 -6.22 -26.50
C ILE D 227 55.03 -6.37 -25.42
N ASN D 228 55.60 -7.58 -25.30
CA ASN D 228 56.54 -7.85 -24.23
C ASN D 228 57.61 -8.82 -24.75
N PRO D 229 58.62 -8.33 -25.49
CA PRO D 229 59.64 -9.20 -26.07
C PRO D 229 60.50 -9.96 -25.06
N GLU D 230 60.59 -9.50 -23.81
CA GLU D 230 61.39 -10.16 -22.79
C GLU D 230 60.64 -11.40 -22.29
N ARG D 231 59.32 -11.32 -22.16
CA ARG D 231 58.54 -12.40 -21.55
C ARG D 231 57.97 -13.36 -22.60
N ILE D 232 57.64 -12.86 -23.79
CA ILE D 232 56.97 -13.67 -24.79
C ILE D 232 58.05 -14.15 -25.76
N THR D 233 58.59 -15.34 -25.46
CA THR D 233 59.70 -15.94 -26.20
C THR D 233 59.28 -17.28 -26.84
N ALA D 234 58.03 -17.73 -26.58
CA ALA D 234 57.58 -19.04 -27.01
C ALA D 234 56.12 -18.96 -27.40
N PHE D 235 55.66 -19.93 -28.19
CA PHE D 235 54.28 -20.00 -28.63
C PHE D 235 53.93 -21.46 -28.90
N TRP D 236 52.64 -21.73 -29.03
CA TRP D 236 52.21 -23.07 -29.37
C TRP D 236 51.65 -23.07 -30.78
N SER D 237 51.74 -24.24 -31.42
CA SER D 237 51.41 -24.40 -32.83
C SER D 237 50.68 -25.72 -33.06
N SER D 238 49.53 -25.61 -33.69
CA SER D 238 48.82 -26.73 -34.30
C SER D 238 49.14 -26.80 -35.79
N GLY D 239 49.44 -25.65 -36.39
CA GLY D 239 49.67 -25.51 -37.84
C GLY D 239 50.92 -26.26 -38.29
N ALA D 240 51.86 -26.42 -37.36
CA ALA D 240 53.07 -27.21 -37.56
C ALA D 240 52.78 -28.66 -37.95
N MET D 241 51.60 -29.19 -37.59
CA MET D 241 51.25 -30.55 -37.97
C MET D 241 50.88 -30.65 -39.46
N CYS D 242 50.90 -29.50 -40.15
CA CYS D 242 50.69 -29.42 -41.59
C CYS D 242 52.01 -29.15 -42.32
N GLY D 243 53.12 -29.23 -41.56
CA GLY D 243 54.45 -28.83 -42.02
C GLY D 243 55.01 -27.75 -41.11
N PRO D 244 56.05 -28.06 -40.31
CA PRO D 244 56.54 -27.11 -39.31
C PRO D 244 57.45 -25.96 -39.76
N ALA D 245 57.76 -25.86 -41.05
CA ALA D 245 58.71 -24.84 -41.48
C ALA D 245 58.17 -23.44 -41.17
N THR D 246 56.86 -23.24 -41.26
CA THR D 246 56.27 -21.93 -41.03
C THR D 246 56.53 -21.47 -39.59
N ALA D 247 56.32 -22.36 -38.63
CA ALA D 247 56.51 -22.03 -37.23
C ALA D 247 57.99 -21.79 -36.92
N ILE D 248 58.87 -22.59 -37.53
CA ILE D 248 60.30 -22.44 -37.32
C ILE D 248 60.76 -21.09 -37.84
N MET D 249 60.27 -20.72 -39.02
CA MET D 249 60.62 -19.44 -39.63
C MET D 249 60.15 -18.28 -38.75
N LEU D 250 58.91 -18.37 -38.23
CA LEU D 250 58.37 -17.32 -37.38
C LEU D 250 59.24 -17.15 -36.15
N ARG D 251 59.59 -18.26 -35.49
CA ARG D 251 60.45 -18.23 -34.32
C ARG D 251 61.75 -17.49 -34.64
N ASP D 252 62.39 -17.88 -35.75
CA ASP D 252 63.71 -17.38 -36.12
C ASP D 252 63.64 -15.90 -36.46
N GLU D 253 62.60 -15.50 -37.21
CA GLU D 253 62.45 -14.14 -37.67
C GLU D 253 62.08 -13.20 -36.53
N VAL D 254 61.37 -13.71 -35.51
CA VAL D 254 61.05 -12.91 -34.35
C VAL D 254 62.30 -12.70 -33.48
N VAL D 255 63.16 -13.71 -33.36
CA VAL D 255 64.41 -13.53 -32.65
C VAL D 255 65.22 -12.42 -33.32
N ARG D 256 65.30 -12.45 -34.66
CA ARG D 256 66.05 -11.47 -35.41
C ARG D 256 65.46 -10.07 -35.21
N ALA D 257 64.13 -9.94 -35.30
CA ALA D 257 63.43 -8.67 -35.17
C ALA D 257 63.62 -8.03 -33.79
N LYS D 258 63.65 -8.84 -32.74
CA LYS D 258 63.86 -8.32 -31.41
C LYS D 258 65.24 -7.66 -31.32
N SER D 259 66.19 -8.21 -32.08
CA SER D 259 67.55 -7.72 -32.09
C SER D 259 67.70 -6.51 -33.01
N THR D 260 67.10 -6.53 -34.20
CA THR D 260 67.34 -5.52 -35.21
C THR D 260 66.33 -4.39 -35.12
N GLY D 261 65.13 -4.67 -34.62
CA GLY D 261 64.04 -3.70 -34.65
C GLY D 261 63.27 -3.72 -35.97
N ASP D 262 63.64 -4.60 -36.91
CA ASP D 262 62.92 -4.72 -38.19
C ASP D 262 61.92 -5.88 -38.12
N TRP D 263 60.63 -5.55 -38.05
CA TRP D 263 59.57 -6.52 -37.80
C TRP D 263 58.84 -6.93 -39.07
N ALA D 264 59.23 -6.36 -40.22
CA ALA D 264 58.47 -6.51 -41.44
C ALA D 264 58.37 -7.99 -41.85
N LYS D 265 59.45 -8.73 -41.72
CA LYS D 265 59.46 -10.09 -42.22
C LYS D 265 58.61 -10.97 -41.29
N ALA D 266 58.72 -10.76 -39.96
CA ALA D 266 57.91 -11.51 -39.02
C ALA D 266 56.42 -11.24 -39.24
N LYS D 267 56.10 -9.99 -39.55
CA LYS D 267 54.72 -9.59 -39.77
C LYS D 267 54.15 -10.31 -40.99
N ALA D 268 54.96 -10.45 -42.05
CA ALA D 268 54.52 -11.10 -43.27
C ALA D 268 54.23 -12.58 -43.05
N ILE D 269 55.05 -13.23 -42.23
CA ILE D 269 54.82 -14.62 -41.91
C ILE D 269 53.54 -14.73 -41.10
N SER D 270 53.37 -13.83 -40.13
CA SER D 270 52.20 -13.86 -39.28
C SER D 270 50.92 -13.66 -40.10
N ASP D 271 50.99 -12.80 -41.13
CA ASP D 271 49.83 -12.51 -41.97
C ASP D 271 49.47 -13.73 -42.81
N ASP D 272 50.48 -14.42 -43.37
CA ASP D 272 50.29 -15.67 -44.08
C ASP D 272 49.59 -16.71 -43.20
N MET D 273 49.99 -16.81 -41.94
CA MET D 273 49.41 -17.78 -41.03
C MET D 273 47.95 -17.46 -40.79
N ARG D 274 47.62 -16.18 -40.57
CA ARG D 274 46.25 -15.82 -40.33
C ARG D 274 45.40 -16.17 -41.55
N ALA D 275 45.90 -15.89 -42.75
CA ALA D 275 45.19 -16.24 -43.96
C ALA D 275 44.97 -17.75 -44.07
N ALA D 276 45.99 -18.56 -43.72
CA ALA D 276 45.83 -20.01 -43.81
C ALA D 276 44.75 -20.52 -42.86
N ASP D 277 44.53 -19.80 -41.75
CA ASP D 277 43.57 -20.21 -40.73
C ASP D 277 42.19 -19.66 -41.03
N SER D 278 42.07 -18.83 -42.06
CA SER D 278 40.86 -18.04 -42.19
C SER D 278 39.62 -18.89 -42.49
N THR D 279 39.74 -20.11 -43.03
CA THR D 279 38.54 -20.91 -43.31
C THR D 279 38.32 -22.02 -42.27
N LEU D 280 39.10 -22.03 -41.20
CA LEU D 280 39.09 -23.17 -40.31
C LEU D 280 37.82 -23.20 -39.47
N PHE D 281 37.47 -22.04 -38.88
CA PHE D 281 36.33 -21.92 -37.99
C PHE D 281 35.03 -21.89 -38.79
N PRO D 282 34.03 -22.75 -38.47
CA PRO D 282 32.70 -22.66 -39.08
C PRO D 282 32.07 -21.30 -38.80
N ARG D 283 31.82 -20.53 -39.88
CA ARG D 283 31.25 -19.19 -39.81
C ARG D 283 32.02 -18.24 -38.90
N GLY D 284 33.34 -18.40 -38.82
CA GLY D 284 34.18 -17.47 -38.08
C GLY D 284 34.07 -17.64 -36.56
N ASP D 285 33.32 -18.66 -36.09
CA ASP D 285 32.81 -18.72 -34.73
C ASP D 285 33.61 -19.71 -33.89
N PHE D 286 34.34 -19.22 -32.86
CA PHE D 286 35.13 -20.08 -32.00
C PHE D 286 34.28 -21.15 -31.29
N SER D 287 33.05 -20.80 -30.90
CA SER D 287 32.19 -21.73 -30.16
C SER D 287 31.69 -22.85 -31.07
N GLU D 288 31.44 -22.55 -32.35
CA GLU D 288 31.03 -23.56 -33.32
C GLU D 288 32.22 -24.45 -33.70
N PHE D 289 33.40 -23.87 -33.81
CA PHE D 289 34.62 -24.65 -33.96
C PHE D 289 34.79 -25.63 -32.80
N SER D 290 34.47 -25.18 -31.58
CA SER D 290 34.71 -25.93 -30.36
C SER D 290 33.83 -27.19 -30.29
N LYS D 291 32.67 -27.19 -30.95
CA LYS D 291 31.85 -28.39 -31.06
C LYS D 291 32.49 -29.47 -31.94
N TYR D 292 33.34 -29.05 -32.88
CA TYR D 292 33.94 -29.95 -33.84
C TYR D 292 35.46 -29.84 -33.79
N ASN D 293 35.98 -29.45 -32.62
CA ASN D 293 37.39 -29.19 -32.39
C ASN D 293 38.21 -30.35 -32.95
N ILE D 294 37.83 -31.58 -32.62
CA ILE D 294 38.64 -32.76 -32.89
C ILE D 294 38.60 -33.08 -34.39
N GLY D 295 37.39 -33.25 -34.92
CA GLY D 295 37.25 -33.63 -36.32
C GLY D 295 37.85 -32.61 -37.26
N LEU D 296 37.78 -31.32 -36.91
CA LEU D 296 38.23 -30.28 -37.82
C LEU D 296 39.75 -30.23 -37.85
N GLU D 297 40.39 -30.32 -36.68
CA GLU D 297 41.84 -30.34 -36.64
C GLU D 297 42.38 -31.56 -37.40
N LYS D 298 41.77 -32.73 -37.19
CA LYS D 298 42.26 -33.96 -37.79
C LYS D 298 42.05 -33.92 -39.30
N ALA D 299 40.90 -33.39 -39.74
CA ALA D 299 40.64 -33.27 -41.18
C ALA D 299 41.63 -32.30 -41.82
N ARG D 300 41.98 -31.24 -41.10
CA ARG D 300 42.96 -30.30 -41.58
C ARG D 300 44.33 -30.97 -41.77
N MET D 301 44.81 -31.66 -40.76
CA MET D 301 46.10 -32.31 -40.84
C MET D 301 46.11 -33.35 -41.96
N ASP D 302 45.01 -34.08 -42.11
CA ASP D 302 44.92 -35.11 -43.12
C ASP D 302 45.03 -34.45 -44.50
N ALA D 303 44.39 -33.30 -44.70
CA ALA D 303 44.42 -32.65 -45.99
C ALA D 303 45.82 -32.13 -46.34
N ALA D 304 46.62 -31.74 -45.33
CA ALA D 304 47.92 -31.15 -45.58
C ALA D 304 48.93 -32.22 -45.98
N GLY D 305 48.75 -33.43 -45.48
CA GLY D 305 49.51 -34.57 -45.93
C GLY D 305 50.88 -34.71 -45.28
N TRP D 306 51.22 -33.90 -44.29
CA TRP D 306 52.51 -34.06 -43.64
C TRP D 306 52.47 -35.21 -42.63
N LEU D 307 51.29 -35.47 -42.05
CA LEU D 307 51.13 -36.62 -41.17
C LEU D 307 49.74 -37.20 -41.37
N LYS D 308 49.53 -38.40 -40.86
CA LYS D 308 48.26 -39.11 -40.96
C LYS D 308 47.63 -39.20 -39.56
N ALA D 309 46.68 -38.31 -39.29
CA ALA D 309 46.04 -38.22 -37.98
C ALA D 309 45.03 -39.35 -37.80
N GLY D 310 44.29 -39.65 -38.87
CA GLY D 310 43.36 -40.76 -38.89
C GLY D 310 41.98 -40.35 -38.37
N PRO D 311 41.02 -41.28 -38.33
CA PRO D 311 39.67 -40.97 -37.85
C PRO D 311 39.57 -40.72 -36.36
N CYS D 312 38.46 -40.11 -35.95
CA CYS D 312 38.26 -39.72 -34.57
C CYS D 312 37.59 -40.82 -33.77
N ARG D 313 37.99 -40.93 -32.51
CA ARG D 313 37.43 -41.92 -31.61
C ARG D 313 36.06 -41.46 -31.15
N PRO D 314 35.14 -42.41 -30.83
CA PRO D 314 33.78 -42.05 -30.45
C PRO D 314 33.78 -41.35 -29.09
N PRO D 315 32.87 -40.38 -28.89
CA PRO D 315 31.75 -40.15 -29.80
C PRO D 315 31.90 -39.08 -30.88
N TYR D 316 33.08 -38.46 -31.01
CA TYR D 316 33.22 -37.22 -31.76
C TYR D 316 33.69 -37.46 -33.21
N ASN D 317 32.98 -38.32 -33.93
CA ASN D 317 33.39 -38.74 -35.26
C ASN D 317 32.43 -38.24 -36.34
N LEU D 318 31.59 -37.24 -36.09
CA LEU D 318 30.66 -36.73 -37.10
C LEU D 318 30.84 -35.22 -37.21
N VAL D 319 31.15 -34.74 -38.42
CA VAL D 319 31.33 -33.32 -38.65
C VAL D 319 30.56 -32.95 -39.90
N PRO D 320 29.73 -31.89 -39.91
CA PRO D 320 29.07 -31.46 -41.15
C PRO D 320 30.08 -31.25 -42.28
N GLU D 321 29.69 -31.64 -43.49
CA GLU D 321 30.52 -31.59 -44.68
C GLU D 321 30.99 -30.15 -45.00
N ASP D 322 30.10 -29.16 -44.90
CA ASP D 322 30.45 -27.77 -45.14
C ASP D 322 31.70 -27.39 -44.33
N TYR D 323 31.72 -27.79 -43.06
CA TYR D 323 32.78 -27.38 -42.15
C TYR D 323 34.08 -28.07 -42.49
N LEU D 324 34.00 -29.36 -42.88
CA LEU D 324 35.17 -30.12 -43.28
C LEU D 324 35.89 -29.43 -44.43
N ALA D 325 35.14 -28.95 -45.42
CA ALA D 325 35.71 -28.28 -46.58
C ALA D 325 36.60 -27.11 -46.12
N GLY D 326 36.11 -26.31 -45.16
CA GLY D 326 36.87 -25.20 -44.63
C GLY D 326 38.17 -25.64 -43.96
N ALA D 327 38.10 -26.74 -43.20
CA ALA D 327 39.26 -27.30 -42.52
C ALA D 327 40.29 -27.83 -43.53
N GLN D 328 39.79 -28.42 -44.62
CA GLN D 328 40.65 -29.00 -45.64
C GLN D 328 41.35 -27.89 -46.40
N LYS D 329 40.64 -26.81 -46.68
CA LYS D 329 41.24 -25.67 -47.34
C LYS D 329 42.36 -25.12 -46.48
N SER D 330 42.14 -25.05 -45.17
CA SER D 330 43.13 -24.52 -44.24
C SER D 330 44.37 -25.41 -44.29
N GLY D 331 44.15 -26.72 -44.31
CA GLY D 331 45.25 -27.68 -44.38
C GLY D 331 46.12 -27.47 -45.62
N LYS D 332 45.46 -27.28 -46.77
CA LYS D 332 46.17 -27.08 -48.03
C LYS D 332 46.92 -25.76 -47.98
N ALA D 333 46.36 -24.77 -47.31
CA ALA D 333 47.02 -23.47 -47.20
C ALA D 333 48.28 -23.59 -46.35
N TRP D 334 48.21 -24.33 -45.23
CA TRP D 334 49.37 -24.51 -44.38
C TRP D 334 50.45 -25.35 -45.06
N ALA D 335 50.05 -26.33 -45.87
CA ALA D 335 50.98 -27.14 -46.64
C ALA D 335 51.72 -26.27 -47.65
N ALA D 336 51.01 -25.34 -48.30
CA ALA D 336 51.64 -24.36 -49.19
C ALA D 336 52.65 -23.50 -48.42
N LEU D 337 52.28 -23.06 -47.21
CA LEU D 337 53.21 -22.27 -46.42
C LEU D 337 54.46 -23.08 -46.10
N HIS D 338 54.27 -24.36 -45.75
CA HIS D 338 55.41 -25.21 -45.41
C HIS D 338 56.36 -25.31 -46.60
N ALA D 339 55.81 -25.46 -47.80
CA ALA D 339 56.62 -25.53 -49.02
C ALA D 339 57.41 -24.23 -49.18
N LYS D 340 56.71 -23.09 -49.10
CA LYS D 340 57.36 -21.80 -49.29
C LYS D 340 58.48 -21.61 -48.27
N TYR D 341 58.22 -21.86 -46.98
CA TYR D 341 59.15 -21.48 -45.93
C TYR D 341 60.25 -22.52 -45.78
N SER D 342 60.03 -23.75 -46.26
CA SER D 342 61.10 -24.73 -46.34
C SER D 342 62.25 -24.23 -47.24
N ASN D 343 61.92 -23.52 -48.34
CA ASN D 343 62.92 -22.97 -49.26
C ASN D 343 63.69 -21.83 -48.62
N GLU D 344 62.99 -20.96 -47.89
CA GLU D 344 63.61 -19.82 -47.25
C GLU D 344 64.47 -20.27 -46.06
N LEU D 345 64.22 -21.43 -45.47
CA LEU D 345 65.13 -22.02 -44.49
C LEU D 345 66.27 -22.66 -45.30
N SER E 21 -0.57 45.29 47.30
CA SER E 21 -1.74 45.64 46.45
C SER E 21 -2.01 44.52 45.43
N ARG E 22 -3.10 44.69 44.66
CA ARG E 22 -3.71 43.58 43.95
C ARG E 22 -2.85 43.17 42.75
N LEU E 23 -2.83 41.86 42.47
CA LEU E 23 -2.17 41.34 41.30
C LEU E 23 -2.80 41.91 40.04
N THR E 24 -1.98 42.06 38.99
CA THR E 24 -2.44 42.32 37.64
C THR E 24 -1.87 41.22 36.75
N ALA E 25 -2.34 41.20 35.50
CA ALA E 25 -1.87 40.27 34.49
C ALA E 25 -0.34 40.33 34.34
N GLU E 26 0.26 41.53 34.51
CA GLU E 26 1.69 41.72 34.36
C GLU E 26 2.45 40.87 35.37
N ASP E 27 1.83 40.59 36.51
CA ASP E 27 2.48 39.83 37.57
C ASP E 27 2.35 38.32 37.36
N ILE E 28 1.57 37.87 36.38
CA ILE E 28 1.31 36.45 36.21
C ILE E 28 2.24 35.92 35.12
N ASN E 29 3.26 35.15 35.51
CA ASN E 29 4.22 34.58 34.58
C ASN E 29 4.61 33.17 35.01
N GLY E 30 5.01 32.36 34.03
CA GLY E 30 5.67 31.10 34.31
C GLY E 30 4.69 30.00 34.70
N ALA E 31 5.15 29.10 35.57
CA ALA E 31 4.47 27.85 35.86
C ALA E 31 3.57 28.03 37.09
N TRP E 32 2.27 27.89 36.87
CA TRP E 32 1.29 27.93 37.93
C TRP E 32 0.72 26.54 38.15
N THR E 33 0.88 26.01 39.35
CA THR E 33 0.55 24.62 39.58
C THR E 33 -0.74 24.57 40.38
N ILE E 34 -1.62 23.62 40.02
CA ILE E 34 -2.88 23.44 40.69
C ILE E 34 -2.71 22.28 41.67
N MET E 35 -2.87 22.56 42.96
CA MET E 35 -2.68 21.53 43.96
C MET E 35 -4.00 20.85 44.29
N PRO E 36 -3.95 19.56 44.71
CA PRO E 36 -5.11 18.87 45.25
C PRO E 36 -5.35 19.31 46.68
N THR E 37 -6.45 18.86 47.26
CA THR E 37 -6.69 19.02 48.68
C THR E 37 -6.43 17.68 49.34
N PRO E 38 -5.21 17.46 49.90
CA PRO E 38 -4.82 16.15 50.41
C PRO E 38 -5.84 15.68 51.44
N SER E 39 -6.20 14.40 51.38
CA SER E 39 -7.23 13.90 52.27
C SER E 39 -6.67 12.85 53.23
N THR E 40 -7.29 12.77 54.41
CA THR E 40 -6.97 11.77 55.41
C THR E 40 -7.53 10.42 54.97
N PRO E 41 -7.13 9.31 55.61
CA PRO E 41 -7.55 7.99 55.16
C PRO E 41 -9.06 7.71 55.22
N ASP E 42 -9.80 8.43 56.08
CA ASP E 42 -11.23 8.16 56.25
C ASP E 42 -12.11 9.09 55.38
N ALA E 43 -11.53 9.77 54.39
CA ALA E 43 -12.18 10.91 53.74
C ALA E 43 -13.35 10.48 52.84
N SER E 44 -13.39 9.23 52.40
CA SER E 44 -14.47 8.74 51.56
C SER E 44 -15.74 8.50 52.37
N ASP E 45 -15.64 8.52 53.69
CA ASP E 45 -16.77 8.24 54.55
C ASP E 45 -17.54 9.54 54.83
N TRP E 46 -18.86 9.52 54.59
CA TRP E 46 -19.70 10.69 54.83
C TRP E 46 -19.73 11.08 56.32
N ARG E 47 -19.33 10.17 57.20
CA ARG E 47 -19.30 10.43 58.63
C ARG E 47 -18.13 11.30 59.06
N SER E 48 -17.04 11.33 58.27
CA SER E 48 -15.82 12.00 58.65
C SER E 48 -15.98 13.51 58.53
N THR E 49 -15.33 14.30 59.40
CA THR E 49 -15.63 15.74 59.44
C THR E 49 -14.38 16.62 59.28
N ALA E 50 -13.18 16.09 59.49
CA ALA E 50 -11.99 16.90 59.29
C ALA E 50 -11.04 16.14 58.39
N THR E 51 -11.31 16.15 57.08
CA THR E 51 -10.70 15.19 56.17
C THR E 51 -9.50 15.78 55.47
N VAL E 52 -9.07 17.01 55.82
CA VAL E 52 -7.90 17.60 55.18
C VAL E 52 -6.64 17.24 55.97
N ASP E 53 -5.67 16.62 55.28
CA ASP E 53 -4.33 16.42 55.83
C ASP E 53 -3.55 17.72 55.73
N LEU E 54 -3.51 18.47 56.83
CA LEU E 54 -2.95 19.80 56.81
C LEU E 54 -1.43 19.76 56.76
N GLU E 55 -0.82 18.69 57.30
CA GLU E 55 0.64 18.59 57.25
C GLU E 55 1.11 18.29 55.83
N GLU E 56 0.46 17.35 55.14
CA GLU E 56 0.74 17.09 53.75
C GLU E 56 0.49 18.34 52.89
N THR E 57 -0.51 19.15 53.23
CA THR E 57 -0.76 20.39 52.51
C THR E 57 0.48 21.27 52.56
N ALA E 58 0.97 21.50 53.79
CA ALA E 58 2.13 22.35 54.03
C ALA E 58 3.36 21.84 53.29
N ARG E 59 3.52 20.52 53.29
CA ARG E 59 4.69 19.89 52.68
C ARG E 59 4.70 20.12 51.18
N ILE E 60 3.52 19.98 50.55
CA ILE E 60 3.39 20.17 49.12
C ILE E 60 3.69 21.62 48.77
N VAL E 61 3.17 22.55 49.56
CA VAL E 61 3.37 23.97 49.27
C VAL E 61 4.86 24.28 49.27
N GLU E 62 5.56 23.84 50.31
CA GLU E 62 6.99 24.12 50.43
C GLU E 62 7.76 23.45 49.30
N GLU E 63 7.41 22.22 48.93
CA GLU E 63 8.06 21.55 47.81
C GLU E 63 7.87 22.32 46.50
N LEU E 64 6.69 22.91 46.30
CA LEU E 64 6.41 23.62 45.06
C LEU E 64 7.22 24.92 45.03
N ILE E 65 7.25 25.66 46.14
CA ILE E 65 8.04 26.88 46.19
C ILE E 65 9.51 26.55 45.96
N ALA E 66 9.97 25.43 46.55
CA ALA E 66 11.36 25.04 46.44
C ALA E 66 11.69 24.63 45.02
N ALA E 67 10.72 24.04 44.31
CA ALA E 67 10.94 23.68 42.91
C ALA E 67 11.00 24.93 42.01
N GLY E 68 10.52 26.09 42.50
CA GLY E 68 10.63 27.32 41.75
C GLY E 68 9.34 27.71 41.01
N VAL E 69 8.19 27.16 41.41
CA VAL E 69 6.94 27.49 40.75
C VAL E 69 6.63 28.96 41.00
N ASN E 70 5.88 29.55 40.07
CA ASN E 70 5.66 30.98 40.08
C ASN E 70 4.41 31.36 40.83
N GLY E 71 3.47 30.42 40.97
CA GLY E 71 2.24 30.67 41.68
C GLY E 71 1.48 29.37 41.92
N ILE E 72 0.51 29.42 42.83
CA ILE E 72 -0.25 28.23 43.19
C ILE E 72 -1.74 28.50 43.04
N LEU E 73 -2.44 27.59 42.37
CA LEU E 73 -3.89 27.59 42.32
C LEU E 73 -4.42 26.38 43.07
N SER E 74 -5.64 26.48 43.56
CA SER E 74 -6.22 25.42 44.36
C SER E 74 -7.74 25.44 44.23
N MET E 75 -8.35 24.38 44.72
CA MET E 75 -9.79 24.29 44.88
C MET E 75 -10.52 24.53 43.55
N GLY E 76 -10.05 23.86 42.51
CA GLY E 76 -10.85 23.62 41.32
C GLY E 76 -11.63 22.32 41.46
N THR E 77 -11.86 21.61 40.33
CA THR E 77 -12.63 20.38 40.35
C THR E 77 -11.89 19.31 41.14
N PHE E 78 -10.65 18.97 40.75
CA PHE E 78 -9.98 17.85 41.38
C PHE E 78 -9.48 18.24 42.77
N GLY E 79 -9.35 19.54 43.01
CA GLY E 79 -9.10 20.08 44.35
C GLY E 79 -10.32 19.96 45.28
N GLU E 80 -11.46 19.49 44.74
CA GLU E 80 -12.62 19.11 45.52
C GLU E 80 -13.27 20.31 46.20
N CYS E 81 -13.24 21.46 45.52
CA CYS E 81 -14.01 22.60 45.97
C CYS E 81 -15.45 22.18 46.28
N ALA E 82 -15.99 21.24 45.49
CA ALA E 82 -17.38 20.84 45.60
C ALA E 82 -17.65 20.05 46.87
N THR E 83 -16.67 19.28 47.37
CA THR E 83 -16.98 18.28 48.37
C THR E 83 -16.37 18.59 49.73
N LEU E 84 -15.65 19.71 49.87
CA LEU E 84 -15.09 20.10 51.16
C LEU E 84 -16.14 20.85 51.96
N THR E 85 -16.13 20.69 53.29
CA THR E 85 -16.93 21.54 54.15
C THR E 85 -16.25 22.89 54.27
N TRP E 86 -17.01 23.87 54.77
CA TRP E 86 -16.49 25.22 54.91
C TRP E 86 -15.36 25.27 55.94
N ASP E 87 -15.47 24.48 57.01
CA ASP E 87 -14.40 24.41 57.99
C ASP E 87 -13.12 23.83 57.39
N GLU E 88 -13.25 22.78 56.57
CA GLU E 88 -12.10 22.20 55.91
C GLU E 88 -11.41 23.24 55.02
N LYS E 89 -12.17 24.04 54.28
CA LYS E 89 -11.58 25.03 53.33
C LYS E 89 -10.81 26.13 54.07
N ARG E 90 -11.37 26.64 55.15
CA ARG E 90 -10.70 27.68 55.96
C ARG E 90 -9.38 27.12 56.50
N ASP E 91 -9.41 25.89 56.99
CA ASP E 91 -8.19 25.33 57.57
C ASP E 91 -7.14 25.12 56.49
N TYR E 92 -7.56 24.62 55.34
CA TYR E 92 -6.69 24.39 54.20
C TYR E 92 -6.03 25.70 53.77
N VAL E 93 -6.83 26.74 53.57
CA VAL E 93 -6.32 28.01 53.07
C VAL E 93 -5.42 28.65 54.13
N SER E 94 -5.79 28.54 55.40
CA SER E 94 -4.95 29.06 56.49
C SER E 94 -3.57 28.42 56.46
N THR E 95 -3.54 27.09 56.34
CA THR E 95 -2.30 26.36 56.31
C THR E 95 -1.47 26.84 55.12
N ILE E 96 -2.09 26.97 53.94
CA ILE E 96 -1.35 27.36 52.75
C ILE E 96 -0.76 28.76 52.96
N VAL E 97 -1.59 29.68 53.45
CA VAL E 97 -1.17 31.08 53.56
C VAL E 97 -0.01 31.19 54.56
N GLU E 98 -0.08 30.45 55.68
CA GLU E 98 0.98 30.54 56.67
C GLU E 98 2.24 29.84 56.17
N THR E 99 2.12 28.82 55.31
CA THR E 99 3.30 28.17 54.75
C THR E 99 3.96 29.08 53.72
N ILE E 100 3.15 29.75 52.88
CA ILE E 100 3.65 30.55 51.78
C ILE E 100 4.36 31.79 52.30
N ARG E 101 3.80 32.40 53.36
CA ARG E 101 4.42 33.58 53.96
C ARG E 101 4.71 34.65 52.91
N GLY E 102 3.79 34.86 51.97
CA GLY E 102 3.94 35.91 50.98
C GLY E 102 4.93 35.62 49.84
N ARG E 103 5.52 34.43 49.76
CA ARG E 103 6.63 34.21 48.84
C ARG E 103 6.15 34.07 47.40
N VAL E 104 4.94 33.55 47.19
CA VAL E 104 4.40 33.42 45.84
C VAL E 104 2.92 33.78 45.93
N PRO E 105 2.31 34.21 44.81
CA PRO E 105 0.86 34.37 44.74
C PRO E 105 0.11 33.05 44.87
N TYR E 106 -1.04 33.13 45.52
CA TYR E 106 -1.89 31.99 45.79
C TYR E 106 -3.35 32.37 45.50
N PHE E 107 -4.03 31.51 44.73
CA PHE E 107 -5.45 31.62 44.47
C PHE E 107 -6.18 30.40 45.05
N CYS E 108 -7.19 30.67 45.89
CA CYS E 108 -8.12 29.67 46.38
C CYS E 108 -9.24 29.54 45.35
N GLY E 109 -10.27 28.74 45.64
CA GLY E 109 -11.42 28.58 44.76
C GLY E 109 -12.71 28.71 45.57
N THR E 110 -13.64 29.54 45.07
CA THR E 110 -14.82 29.89 45.83
C THR E 110 -16.09 29.68 45.01
N THR E 111 -16.03 28.85 43.96
CA THR E 111 -17.20 28.58 43.16
C THR E 111 -18.27 27.96 44.05
N ALA E 112 -19.50 28.43 43.92
CA ALA E 112 -20.62 27.93 44.70
C ALA E 112 -21.90 28.05 43.87
N LEU E 113 -23.04 27.71 44.47
CA LEU E 113 -24.28 27.67 43.74
C LEU E 113 -24.92 29.05 43.54
N ASN E 114 -24.42 30.10 44.20
CA ASN E 114 -25.00 31.42 43.99
C ASN E 114 -24.05 32.55 44.37
N THR E 115 -24.43 33.78 43.99
CA THR E 115 -23.54 34.92 44.02
C THR E 115 -23.23 35.29 45.46
N ARG E 116 -24.23 35.19 46.34
CA ARG E 116 -24.06 35.64 47.72
C ARG E 116 -23.12 34.69 48.46
N GLU E 117 -23.25 33.38 48.21
CA GLU E 117 -22.38 32.41 48.84
C GLU E 117 -20.94 32.58 48.33
N VAL E 118 -20.78 32.89 47.03
CA VAL E 118 -19.46 33.07 46.47
C VAL E 118 -18.78 34.26 47.12
N ILE E 119 -19.54 35.35 47.28
CA ILE E 119 -19.04 36.57 47.87
C ILE E 119 -18.64 36.33 49.32
N ARG E 120 -19.50 35.67 50.10
CA ARG E 120 -19.20 35.38 51.50
C ARG E 120 -17.88 34.59 51.60
N GLN E 121 -17.71 33.54 50.80
CA GLN E 121 -16.51 32.73 50.86
C GLN E 121 -15.29 33.50 50.37
N THR E 122 -15.42 34.24 49.27
CA THR E 122 -14.30 34.99 48.72
C THR E 122 -13.82 36.03 49.76
N ARG E 123 -14.76 36.68 50.43
CA ARG E 123 -14.39 37.64 51.46
C ARG E 123 -13.54 36.97 52.54
N GLU E 124 -13.98 35.82 53.06
CA GLU E 124 -13.27 35.18 54.17
C GLU E 124 -11.90 34.68 53.72
N LEU E 125 -11.78 34.09 52.53
CA LEU E 125 -10.54 33.47 52.13
C LEU E 125 -9.52 34.54 51.72
N ILE E 126 -9.99 35.65 51.16
CA ILE E 126 -9.12 36.78 50.90
C ILE E 126 -8.62 37.38 52.22
N ASP E 127 -9.51 37.51 53.21
CA ASP E 127 -9.13 38.01 54.53
C ASP E 127 -8.09 37.08 55.17
N ILE E 128 -8.23 35.76 55.03
CA ILE E 128 -7.26 34.84 55.59
C ILE E 128 -5.90 35.04 54.92
N GLY E 129 -5.87 35.39 53.63
CA GLY E 129 -4.63 35.85 53.01
C GLY E 129 -4.39 35.35 51.60
N ALA E 130 -5.36 34.68 50.96
CA ALA E 130 -5.23 34.39 49.54
C ALA E 130 -5.23 35.67 48.71
N ASN E 131 -4.57 35.67 47.56
CA ASN E 131 -4.45 36.85 46.72
C ASN E 131 -5.63 36.96 45.76
N GLY E 132 -6.37 35.87 45.60
CA GLY E 132 -7.39 35.80 44.57
C GLY E 132 -8.14 34.48 44.60
N THR E 133 -9.13 34.37 43.72
CA THR E 133 -9.98 33.19 43.68
C THR E 133 -10.07 32.72 42.24
N MET E 134 -9.92 31.42 42.07
CA MET E 134 -10.18 30.75 40.82
C MET E 134 -11.66 30.39 40.81
N LEU E 135 -12.41 31.04 39.91
CA LEU E 135 -13.86 31.10 40.05
C LEU E 135 -14.57 30.67 38.76
N GLY E 136 -15.36 29.60 38.86
CA GLY E 136 -16.29 29.20 37.80
C GLY E 136 -17.62 29.92 37.97
N VAL E 137 -18.68 29.41 37.33
CA VAL E 137 -20.01 29.98 37.50
C VAL E 137 -20.94 28.97 38.15
N PRO E 138 -21.93 29.46 38.91
CA PRO E 138 -23.00 28.61 39.41
C PRO E 138 -23.60 27.78 38.28
N MET E 139 -23.89 26.51 38.55
CA MET E 139 -24.10 25.56 37.48
C MET E 139 -25.34 24.67 37.69
N TRP E 140 -26.16 24.95 38.73
CA TRP E 140 -27.43 24.26 38.86
C TRP E 140 -28.30 24.60 37.67
N VAL E 141 -28.49 25.89 37.44
CA VAL E 141 -29.14 26.35 36.21
C VAL E 141 -28.03 26.87 35.30
N LYS E 142 -28.08 26.47 34.04
CA LYS E 142 -27.10 26.92 33.06
C LYS E 142 -27.23 28.42 32.82
N MET E 143 -26.09 29.13 32.92
CA MET E 143 -26.04 30.55 32.72
C MET E 143 -25.97 30.91 31.24
N ASP E 144 -26.57 32.06 30.88
CA ASP E 144 -26.38 32.68 29.57
C ASP E 144 -25.30 33.76 29.71
N LEU E 145 -24.95 34.39 28.58
CA LEU E 145 -23.86 35.36 28.57
C LEU E 145 -24.11 36.52 29.54
N PRO E 146 -25.23 37.27 29.48
CA PRO E 146 -25.42 38.39 30.40
C PRO E 146 -25.44 38.01 31.87
N THR E 147 -25.99 36.84 32.20
CA THR E 147 -26.02 36.37 33.59
C THR E 147 -24.59 36.17 34.11
N ALA E 148 -23.77 35.52 33.29
CA ALA E 148 -22.39 35.21 33.65
C ALA E 148 -21.56 36.48 33.81
N VAL E 149 -21.75 37.41 32.90
CA VAL E 149 -21.02 38.67 32.95
C VAL E 149 -21.36 39.40 34.25
N GLN E 150 -22.66 39.48 34.55
CA GLN E 150 -23.13 40.17 35.74
CA GLN E 150 -23.13 40.18 35.74
C GLN E 150 -22.60 39.48 36.99
N PHE E 151 -22.49 38.15 36.94
CA PHE E 151 -22.00 37.40 38.08
C PHE E 151 -20.58 37.85 38.43
N TYR E 152 -19.70 37.93 37.45
CA TYR E 152 -18.28 38.28 37.72
C TYR E 152 -18.16 39.76 38.10
N ARG E 153 -19.00 40.63 37.54
CA ARG E 153 -19.02 42.05 37.92
C ARG E 153 -19.45 42.21 39.39
N ASP E 154 -20.45 41.44 39.81
CA ASP E 154 -20.97 41.48 41.20
C ASP E 154 -19.87 41.04 42.16
N VAL E 155 -19.18 39.95 41.83
CA VAL E 155 -18.17 39.48 42.77
C VAL E 155 -17.05 40.52 42.87
N ALA E 156 -16.65 41.08 41.73
CA ALA E 156 -15.62 42.09 41.69
C ALA E 156 -16.02 43.36 42.44
N ASP E 157 -17.27 43.82 42.33
CA ASP E 157 -17.77 44.92 43.13
C ASP E 157 -17.76 44.59 44.62
N ALA E 158 -18.21 43.39 44.97
CA ALA E 158 -18.35 43.02 46.37
C ALA E 158 -16.99 42.84 47.04
N VAL E 159 -15.98 42.41 46.27
CA VAL E 159 -14.70 42.06 46.86
C VAL E 159 -13.60 42.66 45.98
N PRO E 160 -13.46 44.00 45.97
CA PRO E 160 -12.57 44.68 45.04
C PRO E 160 -11.07 44.41 45.23
N GLU E 161 -10.68 43.93 46.41
CA GLU E 161 -9.28 43.61 46.68
C GLU E 161 -8.90 42.26 46.08
N ALA E 162 -9.87 41.41 45.71
CA ALA E 162 -9.57 40.07 45.21
C ALA E 162 -9.25 40.07 43.72
N ALA E 163 -8.13 39.45 43.35
CA ALA E 163 -7.90 39.08 41.96
C ALA E 163 -8.80 37.91 41.59
N ILE E 164 -9.19 37.83 40.31
CA ILE E 164 -10.05 36.75 39.86
C ILE E 164 -9.36 36.04 38.70
N ALA E 165 -9.33 34.70 38.79
CA ALA E 165 -9.00 33.83 37.68
C ALA E 165 -10.27 33.14 37.21
N ILE E 166 -10.64 33.33 35.96
CA ILE E 166 -11.81 32.68 35.40
C ILE E 166 -11.47 31.21 35.21
N TYR E 167 -12.28 30.33 35.82
CA TYR E 167 -12.17 28.89 35.67
C TYR E 167 -13.10 28.45 34.54
N ALA E 168 -12.57 28.44 33.32
CA ALA E 168 -13.38 28.31 32.12
C ALA E 168 -13.53 26.85 31.72
N ASN E 169 -14.33 26.11 32.49
CA ASN E 169 -14.60 24.70 32.25
C ASN E 169 -16.08 24.49 31.91
N PRO E 170 -16.43 24.34 30.62
CA PRO E 170 -17.81 24.12 30.19
C PRO E 170 -18.44 22.81 30.67
N GLU E 171 -17.64 21.77 30.87
CA GLU E 171 -18.19 20.50 31.34
C GLU E 171 -18.71 20.68 32.77
N ALA E 172 -17.87 21.24 33.64
CA ALA E 172 -18.28 21.48 35.00
C ALA E 172 -19.41 22.52 35.08
N PHE E 173 -19.26 23.66 34.40
CA PHE E 173 -20.10 24.80 34.73
C PHE E 173 -21.17 25.04 33.67
N LYS E 174 -21.22 24.21 32.63
CA LYS E 174 -22.28 24.23 31.61
C LYS E 174 -22.16 25.39 30.63
N PHE E 175 -22.00 26.62 31.13
CA PHE E 175 -21.69 27.77 30.29
C PHE E 175 -20.42 27.54 29.48
N ASP E 176 -20.38 28.03 28.24
CA ASP E 176 -19.29 27.71 27.32
C ASP E 176 -18.19 28.79 27.24
N PHE E 177 -18.30 29.88 28.02
CA PHE E 177 -17.31 30.96 28.06
C PHE E 177 -16.94 31.43 26.65
N PRO E 178 -17.91 32.00 25.89
CA PRO E 178 -17.70 32.36 24.48
C PRO E 178 -16.97 33.69 24.30
N ARG E 179 -16.72 34.06 23.02
CA ARG E 179 -15.83 35.17 22.72
C ARG E 179 -16.33 36.47 23.38
N PRO E 180 -17.62 36.85 23.23
CA PRO E 180 -18.11 38.12 23.80
C PRO E 180 -17.91 38.20 25.32
N PHE E 181 -17.91 37.03 25.96
CA PHE E 181 -17.72 36.96 27.40
C PHE E 181 -16.34 37.50 27.76
N TRP E 182 -15.31 37.12 26.99
CA TRP E 182 -13.96 37.56 27.27
C TRP E 182 -13.83 39.06 27.06
N ALA E 183 -14.52 39.59 26.06
CA ALA E 183 -14.48 41.02 25.81
C ALA E 183 -14.99 41.76 27.04
N GLU E 184 -16.05 41.23 27.67
CA GLU E 184 -16.62 41.87 28.84
C GLU E 184 -15.70 41.75 30.07
N MET E 185 -15.03 40.59 30.22
CA MET E 185 -14.19 40.36 31.38
C MET E 185 -12.95 41.27 31.35
N SER E 186 -12.48 41.62 30.16
CA SER E 186 -11.33 42.48 30.05
C SER E 186 -11.63 43.88 30.59
N LYS E 187 -12.91 44.24 30.73
CA LYS E 187 -13.27 45.51 31.35
C LYS E 187 -13.30 45.47 32.88
N ILE E 188 -13.17 44.29 33.51
CA ILE E 188 -13.18 44.21 34.96
C ILE E 188 -11.73 44.16 35.44
N PRO E 189 -11.21 45.21 36.10
CA PRO E 189 -9.81 45.21 36.51
C PRO E 189 -9.41 44.05 37.43
N GLN E 190 -10.35 43.52 38.21
CA GLN E 190 -10.05 42.42 39.13
C GLN E 190 -9.77 41.11 38.37
N VAL E 191 -10.29 40.97 37.15
CA VAL E 191 -10.10 39.76 36.38
C VAL E 191 -8.75 39.83 35.68
N VAL E 192 -7.80 38.99 36.08
CA VAL E 192 -6.44 39.16 35.64
C VAL E 192 -5.93 37.93 34.92
N THR E 193 -6.64 36.79 35.05
CA THR E 193 -6.16 35.57 34.43
C THR E 193 -7.33 34.62 34.20
N ALA E 194 -7.06 33.54 33.47
CA ALA E 194 -8.05 32.52 33.18
C ALA E 194 -7.37 31.15 33.09
N KPI E 195 -7.94 30.14 33.78
CA KPI E 195 -7.57 28.77 33.51
CB KPI E 195 -7.86 27.85 34.71
CG KPI E 195 -7.51 26.38 34.50
CD KPI E 195 -7.93 25.43 35.62
CE KPI E 195 -7.92 23.92 35.26
NZ KPI E 195 -8.22 23.15 36.51
CX1 KPI E 195 -8.69 21.98 36.75
C1 KPI E 195 -8.75 20.88 35.72
CX2 KPI E 195 -9.02 21.76 38.05
O1 KPI E 195 -8.71 22.64 38.88
O2 KPI E 195 -9.56 20.70 38.38
C KPI E 195 -8.32 28.36 32.25
O KPI E 195 -9.54 28.20 32.25
N TYR E 196 -7.60 28.19 31.15
CA TYR E 196 -8.20 28.04 29.84
C TYR E 196 -7.94 26.61 29.36
N LEU E 197 -8.89 26.06 28.61
CA LEU E 197 -8.73 24.72 28.04
C LEU E 197 -8.30 24.84 26.58
N GLY E 198 -9.01 24.22 25.64
CA GLY E 198 -8.56 24.21 24.24
C GLY E 198 -8.17 25.59 23.74
N ILE E 199 -7.11 25.67 22.93
CA ILE E 199 -6.58 26.93 22.46
C ILE E 199 -7.09 27.27 21.05
N GLY E 200 -8.19 26.62 20.62
CA GLY E 200 -8.72 26.83 19.28
C GLY E 200 -9.06 28.28 18.95
N MET E 201 -9.59 29.01 19.95
CA MET E 201 -10.00 30.40 19.76
C MET E 201 -9.11 31.37 20.56
N LEU E 202 -7.88 30.95 20.91
CA LEU E 202 -7.02 31.74 21.77
C LEU E 202 -6.54 33.02 21.07
N ASP E 203 -6.09 32.91 19.82
CA ASP E 203 -5.67 34.07 19.02
C ASP E 203 -6.72 35.20 19.14
N LEU E 204 -8.00 34.88 18.97
CA LEU E 204 -9.06 35.88 19.01
C LEU E 204 -9.34 36.36 20.45
N ASP E 205 -9.36 35.44 21.41
CA ASP E 205 -9.66 35.81 22.78
C ASP E 205 -8.62 36.78 23.29
N LEU E 206 -7.36 36.57 22.92
CA LEU E 206 -6.31 37.51 23.30
C LEU E 206 -6.62 38.91 22.77
N ARG E 207 -7.13 39.00 21.54
CA ARG E 207 -7.44 40.28 20.93
C ARG E 207 -8.61 40.95 21.66
N LEU E 208 -9.62 40.15 22.00
CA LEU E 208 -10.81 40.67 22.66
C LEU E 208 -10.55 41.07 24.10
N ALA E 209 -9.53 40.48 24.73
CA ALA E 209 -9.33 40.67 26.16
C ALA E 209 -7.87 41.02 26.45
N PRO E 210 -7.41 42.24 26.11
CA PRO E 210 -6.01 42.60 26.30
C PRO E 210 -5.49 42.58 27.74
N ASN E 211 -6.38 42.63 28.74
CA ASN E 211 -5.92 42.80 30.11
C ASN E 211 -5.89 41.50 30.90
N ILE E 212 -6.01 40.36 30.22
CA ILE E 212 -6.08 39.08 30.91
C ILE E 212 -4.90 38.21 30.50
N ARG E 213 -4.25 37.60 31.50
CA ARG E 213 -3.23 36.60 31.24
C ARG E 213 -3.92 35.25 31.06
N PHE E 214 -3.99 34.76 29.82
CA PHE E 214 -4.64 33.48 29.57
C PHE E 214 -3.65 32.37 29.86
N LEU E 215 -4.02 31.43 30.71
CA LEU E 215 -3.15 30.31 31.01
C LEU E 215 -3.60 29.07 30.25
N PRO E 216 -2.89 28.64 29.20
CA PRO E 216 -3.16 27.33 28.61
C PRO E 216 -2.67 26.26 29.56
N HIS E 217 -3.26 25.08 29.42
CA HIS E 217 -2.73 23.85 29.96
C HIS E 217 -1.29 23.70 29.49
N GLU E 218 -0.47 23.07 30.34
CA GLU E 218 0.95 22.86 30.08
C GLU E 218 1.19 22.19 28.73
N ASP E 219 0.35 21.23 28.34
CA ASP E 219 0.52 20.50 27.10
C ASP E 219 0.32 21.42 25.89
N ASP E 220 -0.44 22.52 26.07
CA ASP E 220 -0.72 23.45 24.98
C ASP E 220 0.17 24.70 25.05
N TYR E 221 1.04 24.79 26.06
CA TYR E 221 1.82 26.01 26.27
C TYR E 221 2.75 26.27 25.08
N TYR E 222 3.40 25.21 24.60
CA TYR E 222 4.36 25.34 23.51
C TYR E 222 3.69 26.01 22.31
N ALA E 223 2.54 25.47 21.90
CA ALA E 223 1.81 26.00 20.78
C ALA E 223 1.35 27.44 21.04
N ALA E 224 0.79 27.69 22.22
CA ALA E 224 0.22 29.00 22.51
C ALA E 224 1.32 30.07 22.54
N ALA E 225 2.46 29.71 23.12
CA ALA E 225 3.58 30.63 23.22
C ALA E 225 4.14 30.98 21.85
N ARG E 226 4.08 30.03 20.90
CA ARG E 226 4.54 30.32 19.56
C ARG E 226 3.55 31.25 18.85
N ILE E 227 2.25 31.14 19.17
CA ILE E 227 1.23 31.96 18.53
C ILE E 227 1.42 33.40 18.96
N ASN E 228 1.62 33.62 20.26
CA ASN E 228 1.71 34.97 20.78
C ASN E 228 2.72 34.98 21.93
N PRO E 229 4.04 35.04 21.64
CA PRO E 229 5.04 35.01 22.69
C PRO E 229 5.03 36.17 23.67
N GLU E 230 4.45 37.32 23.28
CA GLU E 230 4.41 38.49 24.14
C GLU E 230 3.33 38.29 25.22
N ARG E 231 2.19 37.65 24.85
CA ARG E 231 1.05 37.55 25.76
C ARG E 231 1.06 36.23 26.52
N ILE E 232 1.56 35.15 25.90
CA ILE E 232 1.48 33.83 26.50
C ILE E 232 2.81 33.55 27.18
N THR E 233 2.88 33.90 28.48
CA THR E 233 4.10 33.81 29.27
C THR E 233 3.91 32.86 30.46
N ALA E 234 2.70 32.30 30.62
CA ALA E 234 2.38 31.47 31.78
C ALA E 234 1.45 30.35 31.36
N PHE E 235 1.40 29.30 32.17
CA PHE E 235 0.54 28.16 31.93
C PHE E 235 0.18 27.52 33.26
N TRP E 236 -0.82 26.66 33.25
CA TRP E 236 -1.19 25.94 34.45
C TRP E 236 -0.83 24.47 34.27
N SER E 237 -0.57 23.81 35.40
CA SER E 237 -0.05 22.46 35.43
C SER E 237 -0.71 21.65 36.54
N SER E 238 -1.27 20.51 36.16
CA SER E 238 -1.67 19.46 37.08
C SER E 238 -0.58 18.40 37.16
N GLY E 239 0.20 18.26 36.07
CA GLY E 239 1.22 17.23 35.94
C GLY E 239 2.37 17.43 36.92
N ALA E 240 2.57 18.70 37.33
CA ALA E 240 3.53 19.08 38.35
C ALA E 240 3.30 18.37 39.69
N MET E 241 2.07 17.91 39.97
CA MET E 241 1.80 17.19 41.20
C MET E 241 2.33 15.75 41.14
N CYS E 242 2.92 15.38 39.99
CA CYS E 242 3.60 14.10 39.81
C CYS E 242 5.12 14.29 39.81
N GLY E 243 5.56 15.51 40.16
CA GLY E 243 6.95 15.93 40.04
C GLY E 243 7.06 17.17 39.16
N PRO E 244 7.38 18.35 39.72
CA PRO E 244 7.34 19.59 38.95
C PRO E 244 8.51 19.91 38.00
N ALA E 245 9.52 19.05 37.94
CA ALA E 245 10.69 19.39 37.14
C ALA E 245 10.32 19.56 35.66
N THR E 246 9.35 18.78 35.18
CA THR E 246 8.97 18.85 33.78
C THR E 246 8.41 20.24 33.44
N ALA E 247 7.53 20.78 34.29
CA ALA E 247 6.94 22.08 34.07
C ALA E 247 7.98 23.19 34.17
N ILE E 248 8.91 23.06 35.12
CA ILE E 248 9.96 24.06 35.30
C ILE E 248 10.84 24.08 34.06
N MET E 249 11.20 22.91 33.55
CA MET E 249 12.02 22.81 32.36
C MET E 249 11.33 23.45 31.15
N LEU E 250 10.04 23.18 30.98
CA LEU E 250 9.27 23.72 29.87
C LEU E 250 9.29 25.25 29.95
N ARG E 251 9.01 25.79 31.13
CA ARG E 251 9.04 27.23 31.34
C ARG E 251 10.37 27.81 30.89
N ASP E 252 11.46 27.21 31.35
CA ASP E 252 12.82 27.70 31.15
C ASP E 252 13.18 27.63 29.67
N GLU E 253 12.84 26.50 29.02
CA GLU E 253 13.19 26.27 27.65
C GLU E 253 12.38 27.14 26.71
N VAL E 254 11.15 27.49 27.09
CA VAL E 254 10.34 28.39 26.28
C VAL E 254 10.88 29.83 26.40
N VAL E 255 11.34 30.25 27.59
CA VAL E 255 11.95 31.56 27.71
C VAL E 255 13.16 31.64 26.77
N ARG E 256 13.99 30.59 26.75
CA ARG E 256 15.18 30.55 25.91
C ARG E 256 14.80 30.62 24.43
N ALA E 257 13.80 29.82 24.01
CA ALA E 257 13.38 29.74 22.62
C ALA E 257 12.82 31.07 22.10
N LYS E 258 12.12 31.81 22.95
CA LYS E 258 11.59 33.10 22.53
C LYS E 258 12.74 34.04 22.20
N SER E 259 13.85 33.86 22.91
CA SER E 259 15.02 34.71 22.73
C SER E 259 15.88 34.24 21.55
N THR E 260 16.08 32.92 21.40
CA THR E 260 17.01 32.40 20.40
C THR E 260 16.31 32.10 19.08
N GLY E 261 15.02 31.78 19.11
CA GLY E 261 14.32 31.30 17.93
C GLY E 261 14.45 29.78 17.73
N ASP E 262 15.16 29.08 18.64
CA ASP E 262 15.31 27.63 18.53
C ASP E 262 14.30 26.93 19.45
N TRP E 263 13.27 26.32 18.85
CA TRP E 263 12.13 25.77 19.58
C TRP E 263 12.24 24.26 19.79
N ALA E 264 13.30 23.63 19.27
CA ALA E 264 13.38 22.17 19.22
C ALA E 264 13.30 21.55 20.60
N LYS E 265 13.99 22.13 21.58
CA LYS E 265 14.08 21.50 22.88
C LYS E 265 12.74 21.65 23.60
N ALA E 266 12.09 22.82 23.47
CA ALA E 266 10.78 23.03 24.09
C ALA E 266 9.75 22.07 23.48
N LYS E 267 9.86 21.85 22.17
CA LYS E 267 8.94 20.97 21.48
C LYS E 267 9.07 19.54 22.00
N ALA E 268 10.30 19.10 22.27
CA ALA E 268 10.56 17.75 22.76
C ALA E 268 9.96 17.55 24.15
N ILE E 269 10.06 18.56 25.00
CA ILE E 269 9.46 18.48 26.32
C ILE E 269 7.95 18.41 26.19
N SER E 270 7.41 19.26 25.31
CA SER E 270 5.97 19.31 25.12
C SER E 270 5.45 17.96 24.63
N ASP E 271 6.20 17.30 23.75
CA ASP E 271 5.79 16.02 23.18
C ASP E 271 5.80 14.93 24.26
N ASP E 272 6.83 14.93 25.12
CA ASP E 272 6.89 14.04 26.27
C ASP E 272 5.67 14.19 27.16
N MET E 273 5.25 15.44 27.40
CA MET E 273 4.11 15.70 28.25
C MET E 273 2.84 15.14 27.63
N ARG E 274 2.65 15.35 26.33
CA ARG E 274 1.47 14.85 25.67
C ARG E 274 1.43 13.34 25.78
N ALA E 275 2.57 12.67 25.56
CA ALA E 275 2.64 11.22 25.68
C ALA E 275 2.29 10.78 27.11
N ALA E 276 2.78 11.48 28.13
CA ALA E 276 2.48 11.08 29.51
C ALA E 276 0.98 11.17 29.81
N ASP E 277 0.28 12.07 29.11
CA ASP E 277 -1.14 12.31 29.34
C ASP E 277 -1.99 11.39 28.47
N SER E 278 -1.36 10.61 27.61
CA SER E 278 -2.13 9.97 26.56
C SER E 278 -3.07 8.89 27.09
N THR E 279 -2.85 8.32 28.28
CA THR E 279 -3.76 7.29 28.78
C THR E 279 -4.71 7.83 29.87
N LEU E 280 -4.70 9.14 30.10
CA LEU E 280 -5.40 9.67 31.25
C LEU E 280 -6.91 9.64 31.02
N PHE E 281 -7.35 10.10 29.84
CA PHE E 281 -8.76 10.20 29.50
C PHE E 281 -9.34 8.83 29.17
N PRO E 282 -10.46 8.42 29.80
CA PRO E 282 -11.17 7.20 29.39
C PRO E 282 -11.62 7.30 27.93
N ARG E 283 -11.07 6.40 27.08
CA ARG E 283 -11.42 6.32 25.66
C ARG E 283 -11.13 7.64 24.94
N GLY E 284 -10.13 8.43 25.39
CA GLY E 284 -9.75 9.64 24.69
C GLY E 284 -10.73 10.80 24.90
N ASP E 285 -11.76 10.60 25.74
CA ASP E 285 -12.96 11.43 25.75
C ASP E 285 -12.96 12.41 26.92
N PHE E 286 -12.90 13.72 26.64
CA PHE E 286 -12.90 14.73 27.70
C PHE E 286 -14.16 14.66 28.57
N SER E 287 -15.32 14.37 27.98
CA SER E 287 -16.57 14.34 28.72
C SER E 287 -16.63 13.14 29.68
N GLU E 288 -16.04 12.01 29.27
CA GLU E 288 -15.98 10.83 30.13
C GLU E 288 -14.94 11.04 31.25
N PHE E 289 -13.83 11.70 30.93
CA PHE E 289 -12.90 12.12 31.95
C PHE E 289 -13.58 13.01 32.99
N SER E 290 -14.46 13.90 32.53
CA SER E 290 -15.10 14.90 33.37
C SER E 290 -16.04 14.28 34.41
N LYS E 291 -16.59 13.09 34.13
CA LYS E 291 -17.37 12.35 35.10
C LYS E 291 -16.53 11.80 36.25
N TYR E 292 -15.24 11.58 35.99
CA TYR E 292 -14.34 10.97 36.97
C TYR E 292 -13.13 11.88 37.19
N ASN E 293 -13.34 13.18 36.98
CA ASN E 293 -12.31 14.20 37.04
C ASN E 293 -11.52 14.00 38.34
N ILE E 294 -12.22 13.86 39.46
CA ILE E 294 -11.58 13.90 40.77
C ILE E 294 -10.82 12.60 41.03
N GLY E 295 -11.49 11.47 40.90
CA GLY E 295 -10.86 10.19 41.17
C GLY E 295 -9.67 9.94 40.26
N LEU E 296 -9.72 10.38 39.01
CA LEU E 296 -8.66 10.05 38.07
C LEU E 296 -7.42 10.90 38.36
N GLU E 297 -7.61 12.19 38.63
CA GLU E 297 -6.47 13.04 38.98
C GLU E 297 -5.79 12.53 40.26
N LYS E 298 -6.59 12.18 41.27
CA LYS E 298 -6.05 11.76 42.55
C LYS E 298 -5.34 10.42 42.41
N ALA E 299 -5.91 9.50 41.64
CA ALA E 299 -5.28 8.22 41.41
C ALA E 299 -3.96 8.39 40.67
N ARG E 300 -3.92 9.34 39.74
CA ARG E 300 -2.71 9.62 39.00
C ARG E 300 -1.61 10.13 39.94
N MET E 301 -1.93 11.12 40.77
CA MET E 301 -0.95 11.67 41.67
C MET E 301 -0.46 10.60 42.64
N ASP E 302 -1.37 9.75 43.12
CA ASP E 302 -1.01 8.71 44.07
C ASP E 302 -0.03 7.75 43.40
N ALA E 303 -0.25 7.42 42.14
CA ALA E 303 0.64 6.48 41.45
C ALA E 303 2.03 7.07 41.24
N ALA E 304 2.15 8.39 41.08
CA ALA E 304 3.42 9.02 40.77
C ALA E 304 4.30 9.09 41.99
N GLY E 305 3.68 9.19 43.17
CA GLY E 305 4.40 9.06 44.42
C GLY E 305 5.13 10.34 44.87
N TRP E 306 4.90 11.47 44.21
CA TRP E 306 5.54 12.70 44.65
C TRP E 306 4.75 13.30 45.81
N LEU E 307 3.44 13.06 45.85
CA LEU E 307 2.62 13.52 46.96
C LEU E 307 1.54 12.49 47.21
N LYS E 308 0.87 12.62 48.36
CA LYS E 308 -0.20 11.71 48.77
C LYS E 308 -1.52 12.50 48.76
N ALA E 309 -2.30 12.32 47.69
CA ALA E 309 -3.54 13.05 47.52
C ALA E 309 -4.64 12.45 48.40
N GLY E 310 -4.67 11.13 48.47
CA GLY E 310 -5.57 10.41 49.37
C GLY E 310 -6.90 10.13 48.68
N PRO E 311 -7.84 9.46 49.38
CA PRO E 311 -9.15 9.15 48.81
C PRO E 311 -10.05 10.36 48.59
N CYS E 312 -11.08 10.16 47.76
CA CYS E 312 -11.96 11.26 47.38
C CYS E 312 -13.13 11.37 48.34
N ARG E 313 -13.55 12.60 48.58
CA ARG E 313 -14.69 12.88 49.48
C ARG E 313 -16.02 12.52 48.79
N PRO E 314 -17.06 12.12 49.54
CA PRO E 314 -18.35 11.83 48.94
C PRO E 314 -18.97 13.04 48.26
N PRO E 315 -19.58 12.87 47.07
CA PRO E 315 -19.87 11.54 46.53
C PRO E 315 -19.01 10.91 45.44
N TYR E 316 -17.92 11.57 45.06
CA TYR E 316 -17.12 11.14 43.88
C TYR E 316 -15.99 10.19 44.23
N ASN E 317 -16.33 9.08 44.89
CA ASN E 317 -15.29 8.15 45.32
C ASN E 317 -15.37 6.80 44.58
N LEU E 318 -16.07 6.71 43.44
CA LEU E 318 -16.16 5.44 42.72
C LEU E 318 -15.72 5.64 41.28
N VAL E 319 -14.67 4.92 40.86
CA VAL E 319 -14.18 5.05 39.50
C VAL E 319 -14.02 3.66 38.93
N PRO E 320 -14.53 3.37 37.72
CA PRO E 320 -14.27 2.07 37.08
C PRO E 320 -12.77 1.74 37.05
N GLU E 321 -12.46 0.46 37.28
CA GLU E 321 -11.09 -0.04 37.35
C GLU E 321 -10.32 0.19 36.04
N ASP E 322 -10.94 -0.05 34.88
CA ASP E 322 -10.29 0.21 33.60
C ASP E 322 -9.71 1.60 33.54
N TYR E 323 -10.49 2.58 34.01
CA TYR E 323 -10.11 3.97 33.88
C TYR E 323 -8.97 4.30 34.83
N LEU E 324 -9.00 3.73 36.05
CA LEU E 324 -7.96 3.91 37.04
C LEU E 324 -6.61 3.50 36.47
N ALA E 325 -6.57 2.37 35.79
CA ALA E 325 -5.33 1.85 35.20
C ALA E 325 -4.71 2.91 34.28
N GLY E 326 -5.53 3.54 33.44
CA GLY E 326 -5.04 4.59 32.53
C GLY E 326 -4.45 5.78 33.29
N ALA E 327 -5.13 6.19 34.37
CA ALA E 327 -4.66 7.29 35.20
C ALA E 327 -3.36 6.95 35.91
N GLN E 328 -3.22 5.70 36.34
CA GLN E 328 -2.03 5.25 37.05
C GLN E 328 -0.85 5.19 36.10
N LYS E 329 -1.09 4.74 34.87
CA LYS E 329 -0.04 4.71 33.87
C LYS E 329 0.45 6.14 33.62
N SER E 330 -0.47 7.09 33.56
CA SER E 330 -0.13 8.48 33.30
C SER E 330 0.75 9.00 34.43
N GLY E 331 0.38 8.65 35.66
CA GLY E 331 1.14 9.04 36.84
C GLY E 331 2.59 8.57 36.79
N LYS E 332 2.76 7.30 36.41
CA LYS E 332 4.08 6.70 36.31
C LYS E 332 4.86 7.37 35.19
N ALA E 333 4.18 7.75 34.12
CA ALA E 333 4.85 8.42 33.01
C ALA E 333 5.35 9.80 33.45
N TRP E 334 4.53 10.56 34.18
CA TRP E 334 4.94 11.87 34.66
C TRP E 334 6.06 11.79 35.68
N ALA E 335 6.05 10.75 36.53
CA ALA E 335 7.12 10.52 37.48
C ALA E 335 8.44 10.24 36.75
N ALA E 336 8.40 9.46 35.68
CA ALA E 336 9.56 9.25 34.84
C ALA E 336 10.06 10.56 34.24
N LEU E 337 9.15 11.41 33.77
CA LEU E 337 9.55 12.70 33.24
C LEU E 337 10.23 13.53 34.31
N HIS E 338 9.69 13.51 35.53
CA HIS E 338 10.26 14.29 36.62
C HIS E 338 11.70 13.84 36.88
N ALA E 339 11.94 12.51 36.86
CA ALA E 339 13.27 11.99 37.07
C ALA E 339 14.21 12.49 35.97
N LYS E 340 13.78 12.34 34.70
CA LYS E 340 14.62 12.75 33.58
C LYS E 340 14.96 14.24 33.67
N TYR E 341 13.96 15.10 33.92
CA TYR E 341 14.15 16.54 33.79
C TYR E 341 14.79 17.11 35.06
N SER E 342 14.69 16.40 36.19
CA SER E 342 15.43 16.78 37.38
C SER E 342 16.94 16.79 37.13
N ASN E 343 17.43 15.82 36.33
CA ASN E 343 18.85 15.71 36.01
C ASN E 343 19.29 16.83 35.09
N GLU E 344 18.46 17.16 34.10
CA GLU E 344 18.78 18.22 33.16
C GLU E 344 18.70 19.60 33.82
N LEU E 345 17.95 19.74 34.92
CA LEU E 345 17.98 20.97 35.70
C LEU E 345 19.27 20.93 36.54
N THR F 20 2.25 15.45 -12.48
CA THR F 20 1.77 14.55 -13.56
C THR F 20 1.12 13.25 -12.97
N SER F 21 1.72 12.66 -11.90
CA SER F 21 1.18 11.51 -11.14
C SER F 21 0.28 11.97 -9.98
N ARG F 22 -0.01 11.12 -8.99
CA ARG F 22 -0.88 11.46 -7.88
C ARG F 22 -0.24 12.54 -6.99
N LEU F 23 -1.09 13.45 -6.50
CA LEU F 23 -0.61 14.49 -5.60
C LEU F 23 -0.15 13.85 -4.30
N THR F 24 0.85 14.49 -3.66
CA THR F 24 1.22 14.18 -2.29
C THR F 24 1.11 15.48 -1.49
N ALA F 25 1.27 15.35 -0.17
CA ALA F 25 1.25 16.48 0.73
C ALA F 25 2.27 17.55 0.33
N GLU F 26 3.41 17.12 -0.24
CA GLU F 26 4.49 18.01 -0.62
C GLU F 26 3.98 19.00 -1.69
N ASP F 27 3.00 18.58 -2.48
CA ASP F 27 2.48 19.40 -3.57
C ASP F 27 1.42 20.38 -3.09
N ILE F 28 0.96 20.29 -1.85
CA ILE F 28 -0.15 21.10 -1.38
C ILE F 28 0.42 22.29 -0.62
N ASN F 29 0.36 23.49 -1.24
CA ASN F 29 0.86 24.72 -0.64
C ASN F 29 -0.05 25.89 -0.95
N GLY F 30 -0.05 26.89 -0.07
CA GLY F 30 -0.64 28.17 -0.37
C GLY F 30 -2.15 28.16 -0.20
N ALA F 31 -2.82 28.97 -1.04
CA ALA F 31 -4.24 29.28 -0.87
C ALA F 31 -5.08 28.34 -1.70
N TRP F 32 -5.90 27.55 -1.02
CA TRP F 32 -6.84 26.64 -1.66
C TRP F 32 -8.24 27.17 -1.44
N THR F 33 -8.95 27.45 -2.52
CA THR F 33 -10.23 28.09 -2.40
C THR F 33 -11.32 27.06 -2.66
N ILE F 34 -12.40 27.14 -1.88
CA ILE F 34 -13.54 26.25 -2.02
C ILE F 34 -14.60 27.01 -2.80
N MET F 35 -14.94 26.51 -3.98
CA MET F 35 -15.92 27.20 -4.80
C MET F 35 -17.32 26.63 -4.57
N PRO F 36 -18.35 27.46 -4.77
CA PRO F 36 -19.73 27.01 -4.73
C PRO F 36 -20.06 26.29 -6.03
N THR F 37 -21.26 25.72 -6.09
CA THR F 37 -21.79 25.21 -7.35
C THR F 37 -22.83 26.22 -7.84
N PRO F 38 -22.44 27.15 -8.74
CA PRO F 38 -23.33 28.23 -9.15
C PRO F 38 -24.64 27.66 -9.68
N SER F 39 -25.75 28.28 -9.30
CA SER F 39 -27.03 27.74 -9.68
C SER F 39 -27.77 28.71 -10.60
N THR F 40 -28.64 28.13 -11.45
CA THR F 40 -29.51 28.87 -12.33
C THR F 40 -30.66 29.45 -11.51
N PRO F 41 -31.44 30.40 -12.07
CA PRO F 41 -32.49 31.07 -11.28
C PRO F 41 -33.61 30.17 -10.78
N ASP F 42 -33.84 29.02 -11.42
CA ASP F 42 -34.95 28.13 -11.05
C ASP F 42 -34.52 27.01 -10.08
N ALA F 43 -33.32 27.12 -9.48
CA ALA F 43 -32.68 25.98 -8.82
C ALA F 43 -33.38 25.59 -7.51
N SER F 44 -34.15 26.49 -6.90
CA SER F 44 -34.86 26.19 -5.68
C SER F 44 -36.09 25.31 -5.94
N ASP F 45 -36.47 25.16 -7.20
CA ASP F 45 -37.66 24.40 -7.54
C ASP F 45 -37.29 22.93 -7.74
N TRP F 46 -38.01 22.03 -7.03
CA TRP F 46 -37.78 20.60 -7.14
C TRP F 46 -38.04 20.06 -8.56
N ARG F 47 -38.76 20.84 -9.40
CA ARG F 47 -39.06 20.43 -10.76
C ARG F 47 -37.87 20.62 -11.70
N SER F 48 -36.93 21.51 -11.36
CA SER F 48 -35.82 21.86 -12.25
C SER F 48 -34.82 20.72 -12.32
N THR F 49 -34.16 20.51 -13.47
CA THR F 49 -33.34 19.33 -13.65
C THR F 49 -31.90 19.65 -14.07
N ALA F 50 -31.63 20.85 -14.59
CA ALA F 50 -30.26 21.18 -14.93
C ALA F 50 -29.94 22.53 -14.31
N THR F 51 -29.62 22.53 -13.02
CA THR F 51 -29.62 23.75 -12.24
C THR F 51 -28.20 24.31 -12.12
N VAL F 52 -27.20 23.72 -12.79
CA VAL F 52 -25.85 24.26 -12.70
C VAL F 52 -25.61 25.29 -13.81
N ASP F 53 -25.23 26.52 -13.42
CA ASP F 53 -24.77 27.53 -14.37
C ASP F 53 -23.33 27.23 -14.74
N LEU F 54 -23.14 26.57 -15.89
CA LEU F 54 -21.84 26.08 -16.27
C LEU F 54 -20.94 27.20 -16.75
N GLU F 55 -21.52 28.28 -17.30
CA GLU F 55 -20.70 29.38 -17.76
C GLU F 55 -20.14 30.16 -16.56
N GLU F 56 -20.97 30.44 -15.56
CA GLU F 56 -20.50 31.05 -14.33
C GLU F 56 -19.45 30.16 -13.65
N THR F 57 -19.59 28.84 -13.73
CA THR F 57 -18.60 27.94 -13.16
C THR F 57 -17.24 28.22 -13.79
N ALA F 58 -17.21 28.21 -15.14
CA ALA F 58 -15.98 28.41 -15.90
C ALA F 58 -15.36 29.76 -15.58
N ARG F 59 -16.20 30.79 -15.44
CA ARG F 59 -15.73 32.14 -15.21
C ARG F 59 -15.04 32.24 -13.85
N ILE F 60 -15.63 31.61 -12.83
CA ILE F 60 -15.06 31.61 -11.49
C ILE F 60 -13.71 30.90 -11.51
N VAL F 61 -13.63 29.76 -12.19
CA VAL F 61 -12.40 29.00 -12.22
C VAL F 61 -11.28 29.86 -12.81
N GLU F 62 -11.55 30.49 -13.96
CA GLU F 62 -10.53 31.30 -14.62
C GLU F 62 -10.15 32.50 -13.75
N GLU F 63 -11.12 33.15 -13.10
CA GLU F 63 -10.81 34.24 -12.18
C GLU F 63 -9.92 33.79 -11.02
N LEU F 64 -10.13 32.58 -10.51
CA LEU F 64 -9.34 32.10 -9.40
C LEU F 64 -7.92 31.80 -9.85
N ILE F 65 -7.76 31.14 -11.00
CA ILE F 65 -6.43 30.88 -11.52
C ILE F 65 -5.70 32.19 -11.79
N ALA F 66 -6.43 33.18 -12.31
CA ALA F 66 -5.86 34.47 -12.63
C ALA F 66 -5.45 35.21 -11.37
N ALA F 67 -6.19 35.03 -10.27
CA ALA F 67 -5.82 35.64 -9.00
C ALA F 67 -4.57 34.96 -8.40
N GLY F 68 -4.21 33.76 -8.87
CA GLY F 68 -3.00 33.11 -8.40
C GLY F 68 -3.25 32.05 -7.33
N VAL F 69 -4.48 31.53 -7.20
CA VAL F 69 -4.75 30.51 -6.19
C VAL F 69 -3.97 29.25 -6.54
N ASN F 70 -3.66 28.46 -5.53
CA ASN F 70 -2.77 27.32 -5.67
C ASN F 70 -3.54 26.04 -5.96
N GLY F 71 -4.82 26.01 -5.60
CA GLY F 71 -5.66 24.85 -5.85
C GLY F 71 -7.11 25.15 -5.59
N ILE F 72 -7.99 24.27 -6.10
CA ILE F 72 -9.42 24.47 -6.01
C ILE F 72 -10.06 23.25 -5.38
N LEU F 73 -10.91 23.47 -4.37
CA LEU F 73 -11.76 22.44 -3.80
C LEU F 73 -13.20 22.76 -4.13
N SER F 74 -14.03 21.74 -4.14
CA SER F 74 -15.42 21.92 -4.52
C SER F 74 -16.29 20.84 -3.87
N MET F 75 -17.60 21.06 -3.93
CA MET F 75 -18.59 20.05 -3.57
C MET F 75 -18.37 19.57 -2.14
N GLY F 76 -18.20 20.52 -1.22
CA GLY F 76 -18.43 20.29 0.19
C GLY F 76 -19.88 20.60 0.55
N THR F 77 -20.12 21.10 1.77
CA THR F 77 -21.46 21.39 2.22
C THR F 77 -22.07 22.53 1.39
N PHE F 78 -21.43 23.71 1.37
CA PHE F 78 -22.05 24.85 0.72
C PHE F 78 -21.95 24.70 -0.80
N GLY F 79 -21.02 23.87 -1.27
CA GLY F 79 -20.94 23.45 -2.67
C GLY F 79 -22.09 22.52 -3.07
N GLU F 80 -22.94 22.12 -2.10
CA GLU F 80 -24.19 21.43 -2.35
C GLU F 80 -23.96 20.03 -2.93
N CYS F 81 -22.90 19.37 -2.49
CA CYS F 81 -22.69 17.97 -2.79
C CYS F 81 -23.98 17.18 -2.52
N ALA F 82 -24.71 17.56 -1.47
CA ALA F 82 -25.88 16.80 -1.04
C ALA F 82 -27.06 16.96 -1.99
N THR F 83 -27.17 18.11 -2.66
CA THR F 83 -28.42 18.44 -3.32
C THR F 83 -28.30 18.45 -4.84
N LEU F 84 -27.12 18.16 -5.40
CA LEU F 84 -26.94 18.09 -6.84
C LEU F 84 -27.35 16.69 -7.31
N THR F 85 -27.92 16.60 -8.51
CA THR F 85 -28.11 15.31 -9.16
C THR F 85 -26.77 14.83 -9.72
N TRP F 86 -26.72 13.55 -10.06
CA TRP F 86 -25.49 12.96 -10.57
C TRP F 86 -25.12 13.57 -11.94
N ASP F 87 -26.12 13.86 -12.76
CA ASP F 87 -25.88 14.51 -14.04
C ASP F 87 -25.31 15.92 -13.84
N GLU F 88 -25.84 16.69 -12.88
CA GLU F 88 -25.33 18.01 -12.58
C GLU F 88 -23.87 17.93 -12.15
N LYS F 89 -23.53 16.96 -11.32
CA LYS F 89 -22.15 16.85 -10.77
C LYS F 89 -21.15 16.55 -11.89
N ARG F 90 -21.47 15.62 -12.77
CA ARG F 90 -20.60 15.33 -13.94
CA ARG F 90 -20.60 15.34 -13.93
C ARG F 90 -20.34 16.54 -14.90
N ASP F 91 -21.44 17.28 -15.10
CA ASP F 91 -21.32 18.46 -15.99
C ASP F 91 -20.47 19.52 -15.31
N TYR F 92 -20.68 19.70 -14.01
CA TYR F 92 -19.91 20.68 -13.25
C TYR F 92 -18.43 20.33 -13.31
N VAL F 93 -18.09 19.07 -12.99
CA VAL F 93 -16.71 18.66 -12.90
C VAL F 93 -16.07 18.70 -14.30
N SER F 94 -16.83 18.30 -15.32
CA SER F 94 -16.33 18.36 -16.71
C SER F 94 -15.94 19.79 -17.07
N THR F 95 -16.83 20.73 -16.77
CA THR F 95 -16.60 22.12 -17.07
C THR F 95 -15.35 22.58 -16.35
N ILE F 96 -15.22 22.25 -15.06
CA ILE F 96 -14.07 22.71 -14.30
C ILE F 96 -12.80 22.15 -14.92
N VAL F 97 -12.80 20.85 -15.22
CA VAL F 97 -11.58 20.20 -15.69
C VAL F 97 -11.17 20.78 -17.04
N GLU F 98 -12.12 21.04 -17.93
CA GLU F 98 -11.81 21.60 -19.24
C GLU F 98 -11.32 23.04 -19.10
N THR F 99 -11.84 23.79 -18.11
CA THR F 99 -11.40 25.16 -17.91
C THR F 99 -9.98 25.19 -17.32
N ILE F 100 -9.70 24.30 -16.36
CA ILE F 100 -8.44 24.30 -15.64
C ILE F 100 -7.31 23.86 -16.56
N ARG F 101 -7.56 22.87 -17.42
CA ARG F 101 -6.56 22.42 -18.37
C ARG F 101 -5.26 22.05 -17.66
N GLY F 102 -5.35 21.42 -16.49
CA GLY F 102 -4.15 20.97 -15.77
C GLY F 102 -3.36 22.08 -15.05
N ARG F 103 -3.82 23.32 -15.03
CA ARG F 103 -2.99 24.41 -14.54
C ARG F 103 -2.88 24.45 -13.02
N VAL F 104 -3.91 23.96 -12.33
CA VAL F 104 -3.87 23.87 -10.87
C VAL F 104 -4.51 22.55 -10.50
N PRO F 105 -4.17 21.99 -9.31
CA PRO F 105 -4.91 20.85 -8.76
C PRO F 105 -6.35 21.18 -8.42
N TYR F 106 -7.22 20.19 -8.63
CA TYR F 106 -8.64 20.30 -8.39
C TYR F 106 -9.15 19.06 -7.66
N PHE F 107 -9.90 19.28 -6.58
CA PHE F 107 -10.59 18.23 -5.84
C PHE F 107 -12.10 18.44 -5.94
N CYS F 108 -12.81 17.40 -6.39
CA CYS F 108 -14.26 17.34 -6.37
C CYS F 108 -14.68 16.79 -5.00
N GLY F 109 -15.97 16.53 -4.79
CA GLY F 109 -16.47 15.97 -3.55
C GLY F 109 -17.43 14.81 -3.86
N THR F 110 -17.24 13.68 -3.19
CA THR F 110 -17.96 12.46 -3.54
C THR F 110 -18.58 11.81 -2.29
N THR F 111 -18.75 12.59 -1.21
CA THR F 111 -19.38 12.05 -0.01
C THR F 111 -20.78 11.58 -0.36
N ALA F 112 -21.14 10.39 0.13
CA ALA F 112 -22.45 9.80 -0.11
C ALA F 112 -22.84 8.91 1.07
N LEU F 113 -23.97 8.23 0.96
CA LEU F 113 -24.49 7.49 2.10
C LEU F 113 -23.82 6.14 2.31
N ASN F 114 -23.01 5.66 1.36
CA ASN F 114 -22.34 4.38 1.56
C ASN F 114 -21.09 4.24 0.70
N THR F 115 -20.30 3.20 0.98
CA THR F 115 -18.96 3.06 0.46
C THR F 115 -19.00 2.81 -1.05
N ARG F 116 -19.99 2.04 -1.51
CA ARG F 116 -20.05 1.64 -2.90
C ARG F 116 -20.43 2.84 -3.76
N GLU F 117 -21.35 3.67 -3.26
CA GLU F 117 -21.74 4.87 -4.00
C GLU F 117 -20.57 5.85 -4.06
N VAL F 118 -19.80 5.96 -2.98
CA VAL F 118 -18.66 6.86 -2.95
C VAL F 118 -17.63 6.43 -3.98
N ILE F 119 -17.37 5.13 -4.03
CA ILE F 119 -16.39 4.56 -4.94
C ILE F 119 -16.85 4.79 -6.39
N ARG F 120 -18.12 4.50 -6.69
CA ARG F 120 -18.64 4.69 -8.04
C ARG F 120 -18.43 6.15 -8.48
N GLN F 121 -18.80 7.11 -7.63
CA GLN F 121 -18.68 8.52 -7.99
C GLN F 121 -17.22 8.95 -8.11
N THR F 122 -16.38 8.53 -7.17
CA THR F 122 -14.98 8.91 -7.17
C THR F 122 -14.32 8.38 -8.45
N ARG F 123 -14.64 7.15 -8.85
CA ARG F 123 -14.10 6.61 -10.07
C ARG F 123 -14.44 7.49 -11.26
N GLU F 124 -15.71 7.87 -11.42
CA GLU F 124 -16.12 8.64 -12.60
C GLU F 124 -15.49 10.02 -12.59
N LEU F 125 -15.43 10.69 -11.44
CA LEU F 125 -14.99 12.08 -11.43
C LEU F 125 -13.46 12.15 -11.57
N ILE F 126 -12.75 11.13 -11.05
CA ILE F 126 -11.32 11.05 -11.28
C ILE F 126 -11.04 10.77 -12.76
N ASP F 127 -11.83 9.88 -13.39
CA ASP F 127 -11.69 9.60 -14.81
C ASP F 127 -11.95 10.86 -15.63
N ILE F 128 -12.93 11.69 -15.25
CA ILE F 128 -13.20 12.92 -15.97
C ILE F 128 -12.00 13.86 -15.87
N GLY F 129 -11.28 13.87 -14.73
CA GLY F 129 -10.01 14.54 -14.67
C GLY F 129 -9.73 15.29 -13.37
N ALA F 130 -10.57 15.15 -12.34
CA ALA F 130 -10.21 15.67 -11.03
C ALA F 130 -8.99 14.94 -10.47
N ASN F 131 -8.20 15.63 -9.64
CA ASN F 131 -7.00 15.04 -9.07
C ASN F 131 -7.31 14.28 -7.79
N GLY F 132 -8.50 14.50 -7.22
CA GLY F 132 -8.80 13.97 -5.91
C GLY F 132 -10.21 14.34 -5.47
N THR F 133 -10.58 13.84 -4.30
CA THR F 133 -11.92 14.03 -3.77
C THR F 133 -11.81 14.50 -2.33
N MET F 134 -12.59 15.53 -2.03
CA MET F 134 -12.80 16.00 -0.68
C MET F 134 -13.93 15.18 -0.08
N LEU F 135 -13.61 14.34 0.90
CA LEU F 135 -14.48 13.24 1.28
C LEU F 135 -14.74 13.22 2.79
N GLY F 136 -16.03 13.37 3.15
CA GLY F 136 -16.49 13.16 4.52
C GLY F 136 -16.85 11.69 4.71
N VAL F 137 -17.65 11.37 5.75
CA VAL F 137 -18.08 10.00 5.96
C VAL F 137 -19.60 9.93 5.84
N PRO F 138 -20.11 8.76 5.44
CA PRO F 138 -21.54 8.50 5.47
C PRO F 138 -22.09 8.81 6.84
N MET F 139 -23.29 9.43 6.89
CA MET F 139 -23.71 10.09 8.11
C MET F 139 -25.16 9.75 8.48
N TRP F 140 -25.81 8.81 7.79
CA TRP F 140 -27.11 8.33 8.23
C TRP F 140 -26.96 7.67 9.60
N VAL F 141 -26.06 6.70 9.67
CA VAL F 141 -25.68 6.11 10.93
C VAL F 141 -24.33 6.70 11.31
N LYS F 142 -24.22 7.12 12.57
CA LYS F 142 -22.99 7.69 13.08
C LYS F 142 -21.88 6.64 13.10
N MET F 143 -20.72 7.00 12.52
CA MET F 143 -19.60 6.10 12.44
C MET F 143 -18.79 6.13 13.73
N ASP F 144 -18.21 4.97 14.09
CA ASP F 144 -17.18 4.89 15.14
C ASP F 144 -15.82 4.90 14.46
N LEU F 145 -14.75 4.89 15.26
CA LEU F 145 -13.41 5.02 14.73
C LEU F 145 -13.09 3.90 13.73
N PRO F 146 -13.18 2.60 14.07
CA PRO F 146 -12.82 1.55 13.11
C PRO F 146 -13.65 1.55 11.82
N THR F 147 -14.93 1.91 11.90
CA THR F 147 -15.77 2.00 10.72
C THR F 147 -15.23 3.06 9.75
N ALA F 148 -14.91 4.23 10.32
CA ALA F 148 -14.42 5.37 9.55
C ALA F 148 -13.08 5.06 8.91
N VAL F 149 -12.19 4.42 9.67
CA VAL F 149 -10.88 4.08 9.17
C VAL F 149 -11.04 3.14 7.98
N GLN F 150 -11.86 2.10 8.14
CA GLN F 150 -12.07 1.11 7.11
C GLN F 150 -12.68 1.76 5.86
N PHE F 151 -13.56 2.74 6.08
CA PHE F 151 -14.19 3.44 4.97
C PHE F 151 -13.14 4.09 4.09
N TYR F 152 -12.23 4.86 4.69
CA TYR F 152 -11.20 5.56 3.91
C TYR F 152 -10.22 4.57 3.29
N ARG F 153 -9.92 3.46 3.99
CA ARG F 153 -9.06 2.44 3.41
C ARG F 153 -9.73 1.81 2.18
N ASP F 154 -11.04 1.55 2.28
CA ASP F 154 -11.80 0.94 1.20
C ASP F 154 -11.76 1.83 -0.04
N VAL F 155 -11.98 3.15 0.13
CA VAL F 155 -12.03 4.03 -1.01
C VAL F 155 -10.64 4.11 -1.66
N ALA F 156 -9.61 4.20 -0.83
CA ALA F 156 -8.23 4.26 -1.31
C ALA F 156 -7.83 2.99 -2.06
N ASP F 157 -8.24 1.79 -1.59
CA ASP F 157 -8.01 0.55 -2.30
C ASP F 157 -8.76 0.53 -3.63
N ALA F 158 -10.01 0.98 -3.63
CA ALA F 158 -10.85 0.91 -4.81
C ALA F 158 -10.38 1.89 -5.87
N VAL F 159 -9.82 3.04 -5.46
CA VAL F 159 -9.49 4.09 -6.40
C VAL F 159 -8.11 4.62 -6.07
N PRO F 160 -7.05 3.81 -6.32
CA PRO F 160 -5.70 4.15 -5.86
C PRO F 160 -5.06 5.36 -6.53
N GLU F 161 -5.57 5.77 -7.68
CA GLU F 161 -5.09 6.94 -8.40
C GLU F 161 -5.59 8.24 -7.75
N ALA F 162 -6.65 8.18 -6.93
CA ALA F 162 -7.27 9.40 -6.39
C ALA F 162 -6.54 9.87 -5.12
N ALA F 163 -6.21 11.16 -5.08
CA ALA F 163 -5.83 11.79 -3.82
C ALA F 163 -7.10 12.01 -2.99
N ILE F 164 -6.94 11.98 -1.66
CA ILE F 164 -8.08 12.17 -0.77
C ILE F 164 -7.77 13.33 0.17
N ALA F 165 -8.75 14.23 0.27
CA ALA F 165 -8.78 15.25 1.31
C ALA F 165 -9.88 14.89 2.30
N ILE F 166 -9.50 14.70 3.57
CA ILE F 166 -10.48 14.38 4.60
C ILE F 166 -11.25 15.66 4.89
N TYR F 167 -12.58 15.59 4.74
CA TYR F 167 -13.49 16.67 5.07
C TYR F 167 -13.96 16.49 6.51
N ALA F 168 -13.22 17.07 7.45
CA ALA F 168 -13.38 16.77 8.87
C ALA F 168 -14.37 17.71 9.53
N ASN F 169 -15.66 17.52 9.21
CA ASN F 169 -16.75 18.33 9.74
C ASN F 169 -17.67 17.47 10.61
N PRO F 170 -17.54 17.54 11.94
CA PRO F 170 -18.39 16.74 12.85
C PRO F 170 -19.87 17.10 12.83
N GLU F 171 -20.20 18.35 12.54
CA GLU F 171 -21.60 18.75 12.49
C GLU F 171 -22.28 18.03 11.33
N ALA F 172 -21.67 18.11 10.14
CA ALA F 172 -22.24 17.43 8.99
C ALA F 172 -22.19 15.90 9.14
N PHE F 173 -21.05 15.35 9.54
CA PHE F 173 -20.87 13.92 9.36
C PHE F 173 -20.95 13.15 10.68
N LYS F 174 -21.23 13.83 11.79
CA LYS F 174 -21.49 13.23 13.09
C LYS F 174 -20.23 12.71 13.77
N PHE F 175 -19.44 11.89 13.07
CA PHE F 175 -18.13 11.46 13.55
C PHE F 175 -17.25 12.65 13.91
N ASP F 176 -16.43 12.54 14.96
CA ASP F 176 -15.67 13.68 15.48
C ASP F 176 -14.21 13.74 14.99
N PHE F 177 -13.77 12.81 14.14
CA PHE F 177 -12.41 12.77 13.57
C PHE F 177 -11.35 12.94 14.68
N PRO F 178 -11.26 11.98 15.63
CA PRO F 178 -10.38 12.10 16.79
C PRO F 178 -8.92 11.77 16.50
N ARG F 179 -8.06 11.91 17.52
CA ARG F 179 -6.62 11.84 17.33
C ARG F 179 -6.24 10.49 16.70
N PRO F 180 -6.69 9.32 17.22
CA PRO F 180 -6.27 8.03 16.67
C PRO F 180 -6.62 7.85 15.19
N PHE F 181 -7.69 8.55 14.78
CA PHE F 181 -8.13 8.50 13.40
C PHE F 181 -7.05 9.08 12.49
N TRP F 182 -6.44 10.20 12.90
CA TRP F 182 -5.41 10.81 12.09
C TRP F 182 -4.17 9.93 12.01
N ALA F 183 -3.85 9.23 13.10
CA ALA F 183 -2.72 8.32 13.08
C ALA F 183 -2.94 7.25 12.00
N GLU F 184 -4.17 6.75 11.89
CA GLU F 184 -4.49 5.74 10.90
C GLU F 184 -4.45 6.29 9.47
N MET F 185 -4.92 7.53 9.27
CA MET F 185 -4.99 8.11 7.94
C MET F 185 -3.59 8.38 7.39
N SER F 186 -2.63 8.68 8.27
CA SER F 186 -1.27 8.93 7.83
C SER F 186 -0.65 7.67 7.23
N LYS F 187 -1.20 6.49 7.48
CA LYS F 187 -0.74 5.27 6.86
C LYS F 187 -1.35 5.03 5.47
N ILE F 188 -2.32 5.83 5.03
CA ILE F 188 -2.90 5.65 3.70
C ILE F 188 -2.21 6.65 2.77
N PRO F 189 -1.37 6.20 1.81
CA PRO F 189 -0.67 7.14 0.94
C PRO F 189 -1.59 8.08 0.14
N GLN F 190 -2.81 7.63 -0.17
CA GLN F 190 -3.73 8.44 -0.95
C GLN F 190 -4.26 9.64 -0.16
N VAL F 191 -4.25 9.56 1.18
CA VAL F 191 -4.75 10.64 2.00
C VAL F 191 -3.63 11.66 2.16
N VAL F 192 -3.82 12.85 1.59
CA VAL F 192 -2.70 13.78 1.48
C VAL F 192 -3.02 15.10 2.16
N THR F 193 -4.31 15.34 2.45
CA THR F 193 -4.68 16.61 3.04
C THR F 193 -5.98 16.46 3.82
N ALA F 194 -6.33 17.52 4.56
CA ALA F 194 -7.56 17.55 5.34
C ALA F 194 -8.09 18.97 5.38
N KPI F 195 -9.38 19.13 5.11
CA KPI F 195 -10.07 20.37 5.45
CB KPI F 195 -11.32 20.59 4.60
CG KPI F 195 -12.05 21.90 4.86
CD KPI F 195 -13.38 22.07 4.13
CE KPI F 195 -14.33 23.16 4.68
NZ KPI F 195 -15.48 23.27 3.75
CX1 KPI F 195 -16.69 23.71 3.87
C1 KPI F 195 -17.15 24.60 4.98
CX2 KPI F 195 -17.49 23.40 2.82
O1 KPI F 195 -16.97 22.88 1.81
O2 KPI F 195 -18.69 23.68 2.87
C KPI F 195 -10.37 20.34 6.95
O KPI F 195 -11.21 19.59 7.41
N TYR F 196 -9.63 21.15 7.71
CA TYR F 196 -9.63 21.05 9.16
C TYR F 196 -10.31 22.29 9.73
N LEU F 197 -11.02 22.13 10.84
CA LEU F 197 -11.68 23.26 11.50
C LEU F 197 -10.81 23.71 12.68
N GLY F 198 -11.35 23.78 13.89
CA GLY F 198 -10.61 24.33 15.02
C GLY F 198 -9.20 23.73 15.14
N ILE F 199 -8.23 24.56 15.51
CA ILE F 199 -6.84 24.13 15.57
C ILE F 199 -6.42 23.76 16.99
N GLY F 200 -7.37 23.41 17.87
CA GLY F 200 -7.06 23.10 19.28
C GLY F 200 -6.11 21.94 19.46
N MET F 201 -6.26 20.90 18.65
CA MET F 201 -5.44 19.68 18.77
C MET F 201 -4.53 19.52 17.53
N LEU F 202 -4.24 20.61 16.83
CA LEU F 202 -3.42 20.55 15.58
C LEU F 202 -1.96 20.21 15.91
N ASP F 203 -1.39 20.82 16.94
CA ASP F 203 -0.03 20.46 17.35
C ASP F 203 0.12 18.92 17.42
N LEU F 204 -0.83 18.24 18.08
CA LEU F 204 -0.77 16.80 18.24
C LEU F 204 -1.08 16.06 16.94
N ASP F 205 -2.10 16.51 16.21
CA ASP F 205 -2.49 15.84 14.98
C ASP F 205 -1.33 15.84 13.98
N LEU F 206 -0.58 16.94 13.94
CA LEU F 206 0.58 17.00 13.07
C LEU F 206 1.58 15.91 13.44
N ARG F 207 1.77 15.66 14.75
CA ARG F 207 2.72 14.67 15.22
C ARG F 207 2.22 13.27 14.85
N LEU F 208 0.91 13.03 15.00
CA LEU F 208 0.33 11.73 14.75
C LEU F 208 0.28 11.41 13.25
N ALA F 209 0.25 12.43 12.41
CA ALA F 209 0.00 12.23 11.00
C ALA F 209 1.02 12.99 10.16
N PRO F 210 2.29 12.53 10.12
CA PRO F 210 3.33 13.27 9.39
C PRO F 210 3.12 13.42 7.89
N ASN F 211 2.28 12.59 7.27
CA ASN F 211 2.18 12.58 5.82
C ASN F 211 0.97 13.36 5.28
N ILE F 212 0.33 14.16 6.12
CA ILE F 212 -0.88 14.87 5.73
C ILE F 212 -0.63 16.37 5.81
N ARG F 213 -1.03 17.08 4.74
CA ARG F 213 -1.05 18.53 4.79
C ARG F 213 -2.37 18.97 5.40
N PHE F 214 -2.33 19.44 6.64
CA PHE F 214 -3.54 19.91 7.31
C PHE F 214 -3.82 21.33 6.84
N LEU F 215 -5.03 21.57 6.33
CA LEU F 215 -5.40 22.92 5.90
C LEU F 215 -6.27 23.56 6.95
N PRO F 216 -5.78 24.53 7.73
CA PRO F 216 -6.67 25.32 8.58
C PRO F 216 -7.49 26.25 7.71
N HIS F 217 -8.64 26.64 8.24
CA HIS F 217 -9.39 27.78 7.74
C HIS F 217 -8.46 28.99 7.70
N GLU F 218 -8.70 29.88 6.73
CA GLU F 218 -7.92 31.09 6.51
C GLU F 218 -7.79 31.93 7.78
N ASP F 219 -8.86 32.02 8.58
CA ASP F 219 -8.83 32.84 9.79
C ASP F 219 -7.87 32.28 10.83
N ASP F 220 -7.59 30.96 10.76
CA ASP F 220 -6.72 30.31 11.72
C ASP F 220 -5.32 30.08 11.15
N TYR F 221 -5.09 30.48 9.88
CA TYR F 221 -3.83 30.16 9.23
C TYR F 221 -2.67 30.84 9.95
N TYR F 222 -2.86 32.11 10.32
CA TYR F 222 -1.81 32.87 10.98
C TYR F 222 -1.30 32.13 12.20
N ALA F 223 -2.24 31.75 13.08
CA ALA F 223 -1.88 31.05 14.29
C ALA F 223 -1.24 29.69 13.99
N ALA F 224 -1.81 28.93 13.07
CA ALA F 224 -1.32 27.59 12.79
C ALA F 224 0.09 27.64 12.20
N ALA F 225 0.33 28.60 11.32
CA ALA F 225 1.61 28.76 10.67
C ALA F 225 2.68 29.15 11.68
N ARG F 226 2.31 29.89 12.71
CA ARG F 226 3.26 30.24 13.76
C ARG F 226 3.58 29.01 14.61
N ILE F 227 2.61 28.12 14.80
CA ILE F 227 2.79 26.93 15.62
C ILE F 227 3.80 26.02 14.95
N ASN F 228 3.61 25.80 13.65
CA ASN F 228 4.45 24.87 12.92
C ASN F 228 4.67 25.39 11.50
N PRO F 229 5.61 26.35 11.31
CA PRO F 229 5.82 26.92 9.98
C PRO F 229 6.32 25.97 8.91
N GLU F 230 6.92 24.84 9.30
CA GLU F 230 7.43 23.86 8.34
C GLU F 230 6.26 23.07 7.75
N ARG F 231 5.26 22.74 8.58
CA ARG F 231 4.18 21.86 8.16
C ARG F 231 2.96 22.63 7.67
N ILE F 232 2.70 23.81 8.23
CA ILE F 232 1.49 24.54 7.90
C ILE F 232 1.85 25.59 6.86
N THR F 233 1.70 25.20 5.59
CA THR F 233 2.09 26.00 4.43
C THR F 233 0.89 26.35 3.54
N ALA F 234 -0.29 25.83 3.89
CA ALA F 234 -1.48 25.98 3.07
C ALA F 234 -2.69 26.14 3.97
N PHE F 235 -3.77 26.69 3.39
CA PHE F 235 -5.02 26.88 4.09
C PHE F 235 -6.16 26.84 3.10
N TRP F 236 -7.38 26.72 3.61
CA TRP F 236 -8.53 26.75 2.74
C TRP F 236 -9.32 28.03 3.03
N SER F 237 -10.03 28.48 1.99
CA SER F 237 -10.69 29.78 1.99
C SER F 237 -12.04 29.67 1.31
N SER F 238 -13.07 30.11 2.03
CA SER F 238 -14.38 30.40 1.51
C SER F 238 -14.51 31.90 1.21
N GLY F 239 -13.75 32.72 1.95
CA GLY F 239 -13.83 34.17 1.88
C GLY F 239 -13.34 34.70 0.53
N ALA F 240 -12.46 33.93 -0.11
CA ALA F 240 -11.97 34.22 -1.45
C ALA F 240 -13.08 34.31 -2.49
N MET F 241 -14.24 33.68 -2.24
CA MET F 241 -15.36 33.77 -3.17
C MET F 241 -16.05 35.15 -3.08
N CYS F 242 -15.56 36.00 -2.17
CA CYS F 242 -16.01 37.39 -2.05
C CYS F 242 -14.96 38.35 -2.61
N GLY F 243 -13.93 37.79 -3.28
CA GLY F 243 -12.77 38.51 -3.73
C GLY F 243 -11.50 37.90 -3.16
N PRO F 244 -10.67 37.23 -3.97
CA PRO F 244 -9.53 36.50 -3.45
C PRO F 244 -8.26 37.27 -3.05
N ALA F 245 -8.25 38.59 -3.22
CA ALA F 245 -7.02 39.32 -2.95
C ALA F 245 -6.60 39.17 -1.48
N THR F 246 -7.57 39.06 -0.56
CA THR F 246 -7.28 38.96 0.85
C THR F 246 -6.49 37.69 1.14
N ALA F 247 -6.94 36.56 0.58
CA ALA F 247 -6.28 35.28 0.79
C ALA F 247 -4.90 35.25 0.15
N ILE F 248 -4.76 35.86 -1.03
CA ILE F 248 -3.49 35.90 -1.73
C ILE F 248 -2.49 36.70 -0.90
N MET F 249 -2.94 37.84 -0.37
CA MET F 249 -2.09 38.68 0.45
C MET F 249 -1.63 37.94 1.71
N LEU F 250 -2.55 37.22 2.38
CA LEU F 250 -2.23 36.48 3.58
C LEU F 250 -1.17 35.44 3.26
N ARG F 251 -1.36 34.69 2.18
CA ARG F 251 -0.39 33.70 1.75
C ARG F 251 0.99 34.33 1.61
N ASP F 252 1.05 35.44 0.89
CA ASP F 252 2.29 36.10 0.52
C ASP F 252 2.99 36.66 1.76
N GLU F 253 2.20 37.28 2.66
CA GLU F 253 2.72 37.91 3.85
C GLU F 253 3.19 36.89 4.86
N VAL F 254 2.58 35.70 4.89
CA VAL F 254 3.02 34.65 5.79
C VAL F 254 4.33 34.03 5.27
N VAL F 255 4.49 33.89 3.95
CA VAL F 255 5.77 33.45 3.41
C VAL F 255 6.87 34.41 3.84
N ARG F 256 6.62 35.72 3.72
CA ARG F 256 7.60 36.74 4.06
C ARG F 256 7.95 36.67 5.56
N ALA F 257 6.92 36.55 6.42
CA ALA F 257 7.10 36.53 7.86
C ALA F 257 7.91 35.33 8.34
N LYS F 258 7.72 34.17 7.69
CA LYS F 258 8.47 32.99 8.06
C LYS F 258 9.95 33.24 7.81
N SER F 259 10.26 34.05 6.80
CA SER F 259 11.63 34.34 6.42
C SER F 259 12.21 35.46 7.29
N THR F 260 11.44 36.52 7.57
CA THR F 260 11.97 37.71 8.22
C THR F 260 11.81 37.63 9.73
N GLY F 261 10.79 36.92 10.20
CA GLY F 261 10.45 36.93 11.62
C GLY F 261 9.51 38.08 12.00
N ASP F 262 9.11 38.92 11.03
CA ASP F 262 8.19 40.01 11.30
C ASP F 262 6.76 39.60 10.91
N TRP F 263 5.92 39.37 11.93
CA TRP F 263 4.59 38.81 11.71
C TRP F 263 3.49 39.86 11.74
N ALA F 264 3.86 41.13 11.96
CA ALA F 264 2.88 42.19 12.20
C ALA F 264 1.90 42.32 11.03
N LYS F 265 2.40 42.25 9.80
CA LYS F 265 1.54 42.51 8.67
C LYS F 265 0.58 41.34 8.46
N ALA F 266 1.07 40.10 8.63
CA ALA F 266 0.23 38.92 8.52
C ALA F 266 -0.86 38.94 9.59
N LYS F 267 -0.50 39.38 10.79
CA LYS F 267 -1.44 39.43 11.89
C LYS F 267 -2.57 40.42 11.58
N ALA F 268 -2.24 41.55 10.97
CA ALA F 268 -3.21 42.58 10.64
C ALA F 268 -4.21 42.06 9.60
N ILE F 269 -3.74 41.31 8.62
CA ILE F 269 -4.62 40.73 7.63
C ILE F 269 -5.53 39.72 8.31
N SER F 270 -4.95 38.90 9.18
CA SER F 270 -5.72 37.87 9.87
C SER F 270 -6.81 38.52 10.73
N ASP F 271 -6.52 39.65 11.37
CA ASP F 271 -7.47 40.32 12.24
C ASP F 271 -8.62 40.92 11.40
N ASP F 272 -8.31 41.50 10.24
CA ASP F 272 -9.30 41.97 9.30
C ASP F 272 -10.26 40.84 8.88
N MET F 273 -9.71 39.66 8.62
CA MET F 273 -10.51 38.53 8.20
C MET F 273 -11.45 38.11 9.32
N ARG F 274 -10.95 38.05 10.55
CA ARG F 274 -11.80 37.64 11.64
C ARG F 274 -12.96 38.63 11.80
N ALA F 275 -12.66 39.93 11.69
CA ALA F 275 -13.71 40.94 11.78
C ALA F 275 -14.73 40.76 10.65
N ALA F 276 -14.29 40.47 9.42
CA ALA F 276 -15.24 40.30 8.32
C ALA F 276 -16.18 39.12 8.57
N ASP F 277 -15.71 38.11 9.32
CA ASP F 277 -16.48 36.90 9.57
C ASP F 277 -17.34 37.06 10.82
N SER F 278 -17.22 38.17 11.53
CA SER F 278 -17.77 38.24 12.85
C SER F 278 -19.31 38.19 12.86
N THR F 279 -20.01 38.54 11.77
CA THR F 279 -21.47 38.50 11.78
C THR F 279 -22.02 37.28 11.04
N LEU F 280 -21.15 36.36 10.62
CA LEU F 280 -21.58 35.30 9.71
C LEU F 280 -22.41 34.27 10.47
N PHE F 281 -21.93 33.84 11.64
CA PHE F 281 -22.57 32.81 12.43
C PHE F 281 -23.78 33.38 13.17
N PRO F 282 -24.98 32.76 13.06
CA PRO F 282 -26.13 33.15 13.88
C PRO F 282 -25.82 32.98 15.37
N ARG F 283 -25.84 34.11 16.10
CA ARG F 283 -25.54 34.16 17.53
C ARG F 283 -24.19 33.55 17.88
N GLY F 284 -23.20 33.66 17.00
CA GLY F 284 -21.85 33.21 17.30
C GLY F 284 -21.69 31.69 17.28
N ASP F 285 -22.74 30.96 16.91
CA ASP F 285 -22.90 29.54 17.21
C ASP F 285 -22.62 28.68 15.98
N PHE F 286 -21.55 27.86 16.01
CA PHE F 286 -21.20 27.02 14.89
C PHE F 286 -22.31 26.02 14.52
N SER F 287 -23.02 25.50 15.53
CA SER F 287 -24.06 24.50 15.28
C SER F 287 -25.29 25.13 14.62
N GLU F 288 -25.60 26.40 14.96
CA GLU F 288 -26.69 27.12 14.33
C GLU F 288 -26.31 27.53 12.90
N PHE F 289 -25.06 27.91 12.69
CA PHE F 289 -24.55 28.14 11.35
C PHE F 289 -24.69 26.88 10.49
N SER F 290 -24.44 25.71 11.10
CA SER F 290 -24.40 24.44 10.39
C SER F 290 -25.77 24.04 9.86
N LYS F 291 -26.86 24.50 10.50
CA LYS F 291 -28.21 24.28 9.98
C LYS F 291 -28.48 25.08 8.69
N TYR F 292 -27.76 26.19 8.52
CA TYR F 292 -28.00 27.09 7.40
C TYR F 292 -26.70 27.30 6.64
N ASN F 293 -25.81 26.30 6.70
CA ASN F 293 -24.49 26.34 6.12
C ASN F 293 -24.59 26.85 4.68
N ILE F 294 -25.51 26.25 3.90
CA ILE F 294 -25.57 26.46 2.47
C ILE F 294 -26.12 27.87 2.17
N GLY F 295 -27.29 28.19 2.71
CA GLY F 295 -27.93 29.46 2.42
C GLY F 295 -27.07 30.62 2.88
N LEU F 296 -26.34 30.49 3.98
CA LEU F 296 -25.60 31.61 4.53
C LEU F 296 -24.36 31.88 3.69
N GLU F 297 -23.64 30.83 3.30
CA GLU F 297 -22.48 31.02 2.44
C GLU F 297 -22.90 31.65 1.10
N LYS F 298 -23.99 31.15 0.51
CA LYS F 298 -24.40 31.61 -0.80
C LYS F 298 -24.89 33.06 -0.70
N ALA F 299 -25.63 33.40 0.36
CA ALA F 299 -26.09 34.76 0.54
C ALA F 299 -24.92 35.70 0.73
N ARG F 300 -23.88 35.23 1.43
CA ARG F 300 -22.69 36.04 1.63
C ARG F 300 -22.00 36.33 0.30
N MET F 301 -21.77 35.29 -0.50
CA MET F 301 -21.12 35.47 -1.79
C MET F 301 -21.93 36.41 -2.68
N ASP F 302 -23.26 36.25 -2.66
CA ASP F 302 -24.13 37.06 -3.49
C ASP F 302 -23.98 38.52 -3.08
N ALA F 303 -23.90 38.80 -1.78
CA ALA F 303 -23.80 40.17 -1.32
C ALA F 303 -22.47 40.81 -1.70
N ALA F 304 -21.40 40.02 -1.80
CA ALA F 304 -20.08 40.56 -2.08
C ALA F 304 -19.94 40.95 -3.54
N GLY F 305 -20.65 40.23 -4.42
CA GLY F 305 -20.76 40.62 -5.81
C GLY F 305 -19.57 40.21 -6.67
N TRP F 306 -18.63 39.41 -6.17
CA TRP F 306 -17.53 38.95 -7.00
C TRP F 306 -17.98 37.78 -7.87
N LEU F 307 -18.94 36.99 -7.39
CA LEU F 307 -19.51 35.93 -8.20
C LEU F 307 -20.99 35.81 -7.88
N LYS F 308 -21.70 35.06 -8.72
CA LYS F 308 -23.13 34.84 -8.58
C LYS F 308 -23.37 33.38 -8.23
N ALA F 309 -23.59 33.10 -6.94
CA ALA F 309 -23.76 31.73 -6.46
C ALA F 309 -25.15 31.22 -6.79
N GLY F 310 -26.15 32.10 -6.65
CA GLY F 310 -27.52 31.78 -7.03
C GLY F 310 -28.28 31.12 -5.88
N PRO F 311 -29.56 30.76 -6.10
CA PRO F 311 -30.37 30.14 -5.05
C PRO F 311 -29.97 28.71 -4.71
N CYS F 312 -30.44 28.23 -3.56
CA CYS F 312 -30.06 26.93 -3.06
C CYS F 312 -31.04 25.86 -3.55
N ARG F 313 -30.49 24.67 -3.80
CA ARG F 313 -31.29 23.55 -4.27
C ARG F 313 -32.05 22.95 -3.09
N PRO F 314 -33.23 22.35 -3.34
CA PRO F 314 -34.05 21.80 -2.27
C PRO F 314 -33.37 20.58 -1.63
N PRO F 315 -33.52 20.40 -0.30
CA PRO F 315 -34.49 21.15 0.49
C PRO F 315 -34.02 22.39 1.24
N TYR F 316 -32.76 22.82 1.06
CA TYR F 316 -32.13 23.77 1.97
C TYR F 316 -32.21 25.20 1.45
N ASN F 317 -33.43 25.65 1.11
CA ASN F 317 -33.63 26.93 0.48
C ASN F 317 -34.37 27.92 1.39
N LEU F 318 -34.44 27.70 2.71
CA LEU F 318 -35.12 28.62 3.62
C LEU F 318 -34.16 28.99 4.74
N VAL F 319 -33.92 30.29 4.91
CA VAL F 319 -33.04 30.78 5.94
C VAL F 319 -33.76 31.93 6.63
N PRO F 320 -33.82 32.01 7.97
CA PRO F 320 -34.38 33.17 8.65
C PRO F 320 -33.72 34.46 8.16
N GLU F 321 -34.53 35.52 7.98
CA GLU F 321 -34.09 36.82 7.49
C GLU F 321 -33.02 37.44 8.42
N ASP F 322 -33.18 37.35 9.75
CA ASP F 322 -32.17 37.84 10.68
C ASP F 322 -30.78 37.33 10.32
N TYR F 323 -30.70 36.03 10.03
CA TYR F 323 -29.43 35.39 9.81
C TYR F 323 -28.83 35.82 8.47
N LEU F 324 -29.68 35.98 7.45
CA LEU F 324 -29.26 36.43 6.13
C LEU F 324 -28.56 37.78 6.26
N ALA F 325 -29.13 38.71 7.04
CA ALA F 325 -28.54 40.03 7.21
C ALA F 325 -27.10 39.92 7.68
N GLY F 326 -26.84 39.04 8.66
CA GLY F 326 -25.49 38.83 9.17
C GLY F 326 -24.52 38.31 8.08
N ALA F 327 -25.01 37.37 7.26
CA ALA F 327 -24.22 36.82 6.17
C ALA F 327 -23.94 37.89 5.10
N GLN F 328 -24.91 38.76 4.86
CA GLN F 328 -24.76 39.80 3.85
C GLN F 328 -23.76 40.85 4.32
N LYS F 329 -23.81 41.17 5.61
CA LYS F 329 -22.85 42.10 6.18
C LYS F 329 -21.44 41.53 6.02
N SER F 330 -21.29 40.23 6.26
CA SER F 330 -20.00 39.58 6.16
C SER F 330 -19.49 39.68 4.72
N GLY F 331 -20.39 39.44 3.76
CA GLY F 331 -20.07 39.55 2.35
C GLY F 331 -19.52 40.93 1.96
N LYS F 332 -20.20 41.97 2.45
CA LYS F 332 -19.80 43.34 2.17
C LYS F 332 -18.46 43.63 2.83
N ALA F 333 -18.21 43.04 3.99
CA ALA F 333 -16.94 43.26 4.66
C ALA F 333 -15.80 42.60 3.88
N TRP F 334 -16.01 41.38 3.37
CA TRP F 334 -15.00 40.70 2.59
C TRP F 334 -14.74 41.40 1.24
N ALA F 335 -15.79 41.97 0.63
CA ALA F 335 -15.65 42.73 -0.60
C ALA F 335 -14.80 43.98 -0.35
N ALA F 336 -15.00 44.64 0.80
CA ALA F 336 -14.16 45.76 1.20
C ALA F 336 -12.71 45.32 1.36
N LEU F 337 -12.48 44.16 1.97
CA LEU F 337 -11.12 43.66 2.12
C LEU F 337 -10.51 43.42 0.75
N HIS F 338 -11.28 42.85 -0.17
CA HIS F 338 -10.77 42.57 -1.51
C HIS F 338 -10.33 43.87 -2.19
N ALA F 339 -11.12 44.93 -2.04
CA ALA F 339 -10.77 46.23 -2.61
C ALA F 339 -9.47 46.73 -2.01
N LYS F 340 -9.37 46.72 -0.67
CA LYS F 340 -8.18 47.21 0.00
C LYS F 340 -6.95 46.43 -0.44
N TYR F 341 -7.02 45.10 -0.46
CA TYR F 341 -5.82 44.29 -0.63
C TYR F 341 -5.48 44.16 -2.12
N SER F 342 -6.45 44.40 -3.02
CA SER F 342 -6.16 44.49 -4.43
C SER F 342 -5.17 45.62 -4.73
N ASN F 343 -5.29 46.76 -4.01
CA ASN F 343 -4.39 47.89 -4.18
C ASN F 343 -2.98 47.58 -3.67
N GLU F 344 -2.91 46.92 -2.51
CA GLU F 344 -1.64 46.56 -1.91
C GLU F 344 -0.91 45.48 -2.69
N LEU F 345 -1.62 44.64 -3.44
CA LEU F 345 -1.01 43.56 -4.20
C LEU F 345 -0.20 44.18 -5.34
N LYS F 346 -0.60 45.42 -5.74
CA LYS F 346 0.19 46.40 -6.49
C LYS F 346 -0.48 46.64 -7.86
N SER G 21 -44.78 8.83 62.24
CA SER G 21 -43.73 8.00 61.60
C SER G 21 -43.78 8.17 60.06
N ARG G 22 -42.85 7.50 59.37
CA ARG G 22 -42.40 7.98 58.07
C ARG G 22 -43.43 7.67 57.00
N LEU G 23 -43.55 8.60 56.03
CA LEU G 23 -44.40 8.40 54.88
C LEU G 23 -43.94 7.19 54.10
N THR G 24 -44.91 6.52 53.45
CA THR G 24 -44.64 5.54 52.42
C THR G 24 -45.39 5.98 51.17
N ALA G 25 -45.13 5.27 50.07
CA ALA G 25 -45.80 5.50 48.80
C ALA G 25 -47.32 5.43 48.94
N GLU G 26 -47.82 4.57 49.86
CA GLU G 26 -49.26 4.39 50.06
C GLU G 26 -49.90 5.69 50.50
N ASP G 27 -49.12 6.55 51.19
CA ASP G 27 -49.64 7.80 51.72
C ASP G 27 -49.63 8.93 50.68
N ILE G 28 -49.02 8.71 49.51
CA ILE G 28 -48.86 9.78 48.54
C ILE G 28 -49.97 9.63 47.50
N ASN G 29 -50.96 10.55 47.54
CA ASN G 29 -52.07 10.54 46.59
C ASN G 29 -52.45 11.96 46.19
N GLY G 30 -53.03 12.10 45.01
CA GLY G 30 -53.71 13.33 44.63
C GLY G 30 -52.73 14.41 44.18
N ALA G 31 -53.10 15.66 44.44
CA ALA G 31 -52.43 16.83 43.88
C ALA G 31 -51.36 17.34 44.85
N TRP G 32 -50.09 17.27 44.41
CA TRP G 32 -48.97 17.78 45.16
C TRP G 32 -48.44 19.03 44.47
N THR G 33 -48.45 20.15 45.18
CA THR G 33 -48.13 21.41 44.54
C THR G 33 -46.75 21.84 44.96
N ILE G 34 -45.98 22.38 44.02
CA ILE G 34 -44.64 22.86 44.28
C ILE G 34 -44.71 24.36 44.44
N MET G 35 -44.36 24.86 45.62
CA MET G 35 -44.45 26.28 45.88
C MET G 35 -43.13 26.97 45.59
N PRO G 36 -43.17 28.27 45.20
CA PRO G 36 -41.97 29.08 45.07
C PRO G 36 -41.50 29.51 46.46
N THR G 37 -40.34 30.15 46.50
CA THR G 37 -39.89 30.80 47.72
C THR G 37 -40.13 32.30 47.54
N PRO G 38 -41.25 32.84 48.06
CA PRO G 38 -41.62 34.23 47.80
C PRO G 38 -40.49 35.15 48.23
N SER G 39 -40.20 36.16 47.41
CA SER G 39 -39.08 37.02 47.71
C SER G 39 -39.54 38.46 48.00
N THR G 40 -38.75 39.16 48.80
CA THR G 40 -38.97 40.57 49.12
C THR G 40 -38.54 41.40 47.93
N PRO G 41 -38.90 42.71 47.88
CA PRO G 41 -38.61 43.53 46.71
C PRO G 41 -37.13 43.71 46.37
N ASP G 42 -36.23 43.57 47.35
CA ASP G 42 -34.81 43.81 47.14
C ASP G 42 -34.01 42.52 46.82
N ALA G 43 -34.71 41.43 46.48
CA ALA G 43 -34.11 40.10 46.50
C ALA G 43 -33.11 39.89 45.35
N SER G 44 -33.20 40.69 44.28
CA SER G 44 -32.27 40.58 43.16
C SER G 44 -30.90 41.17 43.51
N ASP G 45 -30.81 41.90 44.62
CA ASP G 45 -29.57 42.55 44.99
C ASP G 45 -28.71 41.60 45.83
N TRP G 46 -27.44 41.43 45.42
CA TRP G 46 -26.53 40.55 46.16
C TRP G 46 -26.26 41.04 47.58
N ARG G 47 -26.58 42.32 47.86
CA ARG G 47 -26.37 42.89 49.19
C ARG G 47 -27.43 42.44 50.19
N SER G 48 -28.61 42.03 49.72
CA SER G 48 -29.75 41.74 50.60
C SER G 48 -29.52 40.41 51.33
N THR G 49 -29.99 40.28 52.57
CA THR G 49 -29.65 39.12 53.37
C THR G 49 -30.86 38.37 53.92
N ALA G 50 -32.04 39.00 53.98
CA ALA G 50 -33.22 38.27 54.42
C ALA G 50 -34.31 38.45 53.37
N THR G 51 -34.22 37.70 52.28
CA THR G 51 -35.01 38.00 51.10
C THR G 51 -36.27 37.16 51.03
N VAL G 52 -36.57 36.35 52.07
CA VAL G 52 -37.80 35.57 52.05
C VAL G 52 -38.94 36.36 52.68
N ASP G 53 -40.03 36.55 51.91
CA ASP G 53 -41.28 37.08 52.45
C ASP G 53 -42.02 35.98 53.21
N LEU G 54 -41.86 35.96 54.52
CA LEU G 54 -42.36 34.89 55.35
C LEU G 54 -43.86 34.96 55.50
N GLU G 55 -44.44 36.16 55.43
CA GLU G 55 -45.89 36.28 55.56
C GLU G 55 -46.58 35.76 54.30
N GLU G 56 -46.08 36.13 53.11
CA GLU G 56 -46.58 35.59 51.87
C GLU G 56 -46.40 34.06 51.84
N THR G 57 -45.32 33.53 52.43
CA THR G 57 -45.12 32.09 52.49
C THR G 57 -46.30 31.44 53.21
N ALA G 58 -46.60 31.97 54.42
CA ALA G 58 -47.66 31.45 55.27
C ALA G 58 -49.00 31.52 54.56
N ARG G 59 -49.23 32.61 53.84
CA ARG G 59 -50.50 32.85 53.17
C ARG G 59 -50.72 31.82 52.07
N ILE G 60 -49.67 31.53 51.30
CA ILE G 60 -49.73 30.56 50.22
C ILE G 60 -50.02 29.17 50.79
N VAL G 61 -49.34 28.83 51.89
CA VAL G 61 -49.53 27.50 52.46
C VAL G 61 -50.99 27.31 52.86
N GLU G 62 -51.55 28.30 53.57
CA GLU G 62 -52.92 28.22 54.02
C GLU G 62 -53.88 28.16 52.83
N GLU G 63 -53.65 28.96 51.80
CA GLU G 63 -54.48 28.91 50.61
C GLU G 63 -54.45 27.54 49.93
N LEU G 64 -53.28 26.88 49.93
CA LEU G 64 -53.18 25.59 49.29
C LEU G 64 -53.92 24.53 50.09
N ILE G 65 -53.75 24.53 51.41
CA ILE G 65 -54.47 23.59 52.26
C ILE G 65 -55.97 23.82 52.11
N ALA G 66 -56.39 25.09 52.03
CA ALA G 66 -57.78 25.44 51.92
C ALA G 66 -58.34 25.00 50.57
N ALA G 67 -57.52 25.03 49.52
CA ALA G 67 -57.96 24.53 48.23
C ALA G 67 -58.10 23.00 48.22
N GLY G 68 -57.52 22.31 49.20
CA GLY G 68 -57.67 20.87 49.31
C GLY G 68 -56.48 20.07 48.73
N VAL G 69 -55.31 20.70 48.58
CA VAL G 69 -54.16 19.99 48.03
C VAL G 69 -53.76 18.90 49.02
N ASN G 70 -53.13 17.86 48.49
CA ASN G 70 -52.85 16.66 49.26
C ASN G 70 -51.48 16.73 49.90
N GLY G 71 -50.58 17.54 49.32
CA GLY G 71 -49.24 17.68 49.86
C GLY G 71 -48.50 18.84 49.21
N ILE G 72 -47.41 19.27 49.85
CA ILE G 72 -46.67 20.42 49.37
C ILE G 72 -45.21 20.04 49.19
N LEU G 73 -44.65 20.40 48.03
CA LEU G 73 -43.22 20.29 47.77
C LEU G 73 -42.65 21.70 47.64
N SER G 74 -41.36 21.82 47.88
CA SER G 74 -40.72 23.13 47.86
C SER G 74 -39.24 22.97 47.54
N MET G 75 -38.61 24.11 47.25
CA MET G 75 -37.17 24.20 47.12
C MET G 75 -36.62 23.22 46.08
N GLY G 76 -37.28 23.21 44.91
CA GLY G 76 -36.65 22.68 43.70
C GLY G 76 -35.91 23.80 42.96
N THR G 77 -35.88 23.73 41.62
CA THR G 77 -35.17 24.73 40.83
C THR G 77 -35.84 26.09 40.98
N PHE G 78 -37.14 26.21 40.64
CA PHE G 78 -37.76 27.53 40.62
C PHE G 78 -38.03 28.00 42.05
N GLY G 79 -38.06 27.07 43.01
CA GLY G 79 -38.09 27.39 44.43
C GLY G 79 -36.76 27.94 44.95
N GLU G 80 -35.75 27.99 44.08
CA GLU G 80 -34.49 28.69 44.34
C GLU G 80 -33.70 28.05 45.47
N CYS G 81 -33.78 26.72 45.57
CA CYS G 81 -32.90 25.97 46.46
C CYS G 81 -31.45 26.44 46.27
N ALA G 82 -31.07 26.75 45.02
CA ALA G 82 -29.71 27.08 44.68
C ALA G 82 -29.29 28.43 45.21
N THR G 83 -30.21 29.39 45.35
CA THR G 83 -29.81 30.77 45.55
C THR G 83 -30.19 31.29 46.93
N LEU G 84 -30.83 30.49 47.78
CA LEU G 84 -31.19 30.91 49.13
C LEU G 84 -29.99 30.70 50.05
N THR G 85 -29.81 31.58 51.03
CA THR G 85 -28.85 31.32 52.09
C THR G 85 -29.43 30.29 53.06
N TRP G 86 -28.56 29.73 53.90
CA TRP G 86 -28.98 28.71 54.83
C TRP G 86 -29.95 29.30 55.87
N ASP G 87 -29.72 30.54 56.30
CA ASP G 87 -30.65 31.18 57.22
C ASP G 87 -32.01 31.41 56.58
N GLU G 88 -32.05 31.80 55.31
CA GLU G 88 -33.32 31.96 54.60
C GLU G 88 -34.08 30.63 54.56
N LYS G 89 -33.40 29.53 54.31
CA LYS G 89 -34.07 28.22 54.16
C LYS G 89 -34.67 27.78 55.51
N ARG G 90 -33.91 27.96 56.59
CA ARG G 90 -34.41 27.57 57.93
C ARG G 90 -35.66 28.39 58.27
N ASP G 91 -35.65 29.68 57.96
CA ASP G 91 -36.78 30.52 58.27
C ASP G 91 -37.99 30.14 57.44
N TYR G 92 -37.76 29.86 56.15
CA TYR G 92 -38.81 29.47 55.23
C TYR G 92 -39.47 28.17 55.71
N VAL G 93 -38.66 27.15 56.01
CA VAL G 93 -39.19 25.86 56.38
C VAL G 93 -39.89 25.96 57.74
N SER G 94 -39.35 26.76 58.66
CA SER G 94 -39.98 26.97 59.96
C SER G 94 -41.38 27.53 59.77
N THR G 95 -41.48 28.57 58.95
CA THR G 95 -42.75 29.22 58.70
C THR G 95 -43.72 28.20 58.12
N ILE G 96 -43.28 27.42 57.13
CA ILE G 96 -44.18 26.46 56.50
C ILE G 96 -44.66 25.44 57.54
N VAL G 97 -43.73 24.90 58.33
CA VAL G 97 -44.07 23.83 59.24
C VAL G 97 -45.06 24.35 60.29
N GLU G 98 -44.85 25.58 60.81
CA GLU G 98 -45.73 26.09 61.82
C GLU G 98 -47.09 26.45 61.21
N THR G 99 -47.14 26.82 59.93
CA THR G 99 -48.43 27.11 59.28
C THR G 99 -49.20 25.81 59.03
N ILE G 100 -48.50 24.76 58.59
CA ILE G 100 -49.12 23.50 58.21
C ILE G 100 -49.68 22.79 59.44
N ARG G 101 -48.95 22.83 60.55
CA ARG G 101 -49.41 22.22 61.80
C ARG G 101 -49.77 20.76 61.56
N GLY G 102 -49.00 20.04 60.77
CA GLY G 102 -49.23 18.61 60.56
C GLY G 102 -50.41 18.25 59.64
N ARG G 103 -51.07 19.22 59.01
CA ARG G 103 -52.30 18.94 58.30
C ARG G 103 -52.08 18.22 56.97
N VAL G 104 -50.94 18.48 56.32
CA VAL G 104 -50.61 17.80 55.08
C VAL G 104 -49.12 17.49 55.15
N PRO G 105 -48.66 16.47 54.39
CA PRO G 105 -47.22 16.23 54.23
C PRO G 105 -46.52 17.37 53.49
N TYR G 106 -45.28 17.62 53.90
CA TYR G 106 -44.45 18.67 53.35
C TYR G 106 -43.05 18.14 53.11
N PHE G 107 -42.54 18.39 51.90
CA PHE G 107 -41.16 18.08 51.52
C PHE G 107 -40.42 19.39 51.21
N CYS G 108 -39.28 19.58 51.89
CA CYS G 108 -38.33 20.65 51.60
C CYS G 108 -37.38 20.13 50.52
N GLY G 109 -36.36 20.91 50.16
CA GLY G 109 -35.36 20.50 49.19
C GLY G 109 -33.97 20.78 49.74
N THR G 110 -33.07 19.78 49.65
CA THR G 110 -31.79 19.86 50.30
C THR G 110 -30.65 19.52 49.33
N THR G 111 -30.92 19.60 48.02
CA THR G 111 -29.89 19.31 47.03
C THR G 111 -28.73 20.28 47.23
N ALA G 112 -27.51 19.76 47.21
CA ALA G 112 -26.31 20.55 47.41
C ALA G 112 -25.15 19.93 46.64
N LEU G 113 -23.96 20.50 46.77
CA LEU G 113 -22.83 20.08 45.96
C LEU G 113 -22.18 18.81 46.48
N ASN G 114 -22.51 18.34 47.70
CA ASN G 114 -21.90 17.11 48.17
C ASN G 114 -22.72 16.43 49.24
N THR G 115 -22.35 15.18 49.56
CA THR G 115 -23.17 14.29 50.37
C THR G 115 -23.26 14.80 51.80
N ARG G 116 -22.15 15.35 52.31
CA ARG G 116 -22.10 15.77 53.71
C ARG G 116 -22.97 17.00 53.91
N GLU G 117 -22.94 17.93 52.95
CA GLU G 117 -23.76 19.13 53.05
C GLU G 117 -25.24 18.76 52.94
N VAL G 118 -25.58 17.79 52.08
CA VAL G 118 -26.95 17.37 51.92
C VAL G 118 -27.47 16.80 53.22
N ILE G 119 -26.64 15.95 53.84
CA ILE G 119 -27.01 15.29 55.09
C ILE G 119 -27.19 16.33 56.19
N ARG G 120 -26.26 17.27 56.33
CA ARG G 120 -26.36 18.31 57.35
C ARG G 120 -27.69 19.06 57.19
N GLN G 121 -28.03 19.49 55.96
CA GLN G 121 -29.24 20.25 55.74
C GLN G 121 -30.49 19.41 55.96
N THR G 122 -30.48 18.17 55.46
CA THR G 122 -31.64 17.29 55.60
C THR G 122 -31.90 17.04 57.08
N ARG G 123 -30.86 16.83 57.86
CA ARG G 123 -31.02 16.63 59.30
C ARG G 123 -31.73 17.81 59.92
N GLU G 124 -31.27 19.05 59.65
CA GLU G 124 -31.85 20.22 60.30
C GLU G 124 -33.29 20.44 59.86
N LEU G 125 -33.60 20.27 58.57
CA LEU G 125 -34.93 20.63 58.09
C LEU G 125 -35.95 19.56 58.49
N ILE G 126 -35.50 18.30 58.59
CA ILE G 126 -36.36 17.25 59.13
C ILE G 126 -36.62 17.51 60.62
N ASP G 127 -35.60 17.93 61.38
CA ASP G 127 -35.76 18.28 62.78
C ASP G 127 -36.73 19.45 62.95
N ILE G 128 -36.69 20.44 62.06
CA ILE G 128 -37.62 21.56 62.14
C ILE G 128 -39.05 21.07 61.91
N GLY G 129 -39.26 20.05 61.06
CA GLY G 129 -40.54 19.37 61.01
C GLY G 129 -41.01 19.02 59.59
N ALA G 130 -40.16 19.16 58.56
CA ALA G 130 -40.50 18.62 57.26
C ALA G 130 -40.56 17.09 57.30
N ASN G 131 -41.40 16.50 56.45
CA ASN G 131 -41.59 15.06 56.44
C ASN G 131 -40.55 14.38 55.55
N GLY G 132 -39.89 15.16 54.71
CA GLY G 132 -39.02 14.58 53.69
C GLY G 132 -38.36 15.67 52.86
N THR G 133 -37.51 15.22 51.93
CA THR G 133 -36.73 16.13 51.12
C THR G 133 -36.86 15.70 49.67
N MET G 134 -37.11 16.69 48.82
CA MET G 134 -37.06 16.53 47.38
C MET G 134 -35.62 16.74 46.96
N LEU G 135 -34.98 15.68 46.49
CA LEU G 135 -33.53 15.63 46.41
C LEU G 135 -33.03 15.21 45.03
N GLY G 136 -32.28 16.12 44.39
CA GLY G 136 -31.56 15.82 43.16
C GLY G 136 -30.18 15.28 43.51
N VAL G 137 -29.24 15.30 42.54
CA VAL G 137 -27.88 14.87 42.82
C VAL G 137 -26.92 16.04 42.64
N PRO G 138 -25.81 16.02 43.39
CA PRO G 138 -24.72 16.96 43.17
C PRO G 138 -24.33 16.97 41.69
N MET G 139 -24.05 18.15 41.15
CA MET G 139 -24.04 18.33 39.71
C MET G 139 -22.83 19.11 39.20
N TRP G 140 -21.85 19.44 40.08
CA TRP G 140 -20.61 20.03 39.62
C TRP G 140 -19.91 19.03 38.72
N VAL G 141 -19.68 17.82 39.23
CA VAL G 141 -19.21 16.73 38.40
C VAL G 141 -20.41 15.85 38.09
N LYS G 142 -20.54 15.47 36.82
CA LYS G 142 -21.64 14.62 36.40
C LYS G 142 -21.50 13.22 37.02
N MET G 143 -22.59 12.76 37.65
CA MET G 143 -22.62 11.47 38.29
C MET G 143 -22.88 10.34 37.30
N ASP G 144 -22.28 9.17 37.57
CA ASP G 144 -22.63 7.93 36.89
C ASP G 144 -23.62 7.16 37.76
N LEU G 145 -24.09 6.02 37.26
CA LEU G 145 -25.12 5.25 37.96
C LEU G 145 -24.67 4.84 39.36
N PRO G 146 -23.53 4.14 39.56
CA PRO G 146 -23.14 3.72 40.92
C PRO G 146 -22.94 4.87 41.90
N THR G 147 -22.42 6.01 41.43
CA THR G 147 -22.22 7.17 42.28
C THR G 147 -23.57 7.67 42.81
N ALA G 148 -24.54 7.78 41.90
CA ALA G 148 -25.87 8.29 42.23
C ALA G 148 -26.58 7.36 43.20
N VAL G 149 -26.48 6.06 42.96
CA VAL G 149 -27.14 5.09 43.80
C VAL G 149 -26.56 5.20 45.22
N GLN G 150 -25.22 5.25 45.32
CA GLN G 150 -24.55 5.33 46.60
C GLN G 150 -24.94 6.63 47.32
N PHE G 151 -25.11 7.69 46.56
CA PHE G 151 -25.48 8.98 47.14
C PHE G 151 -26.80 8.86 47.88
N TYR G 152 -27.83 8.31 47.22
CA TYR G 152 -29.14 8.19 47.84
C TYR G 152 -29.11 7.20 49.00
N ARG G 153 -28.31 6.12 48.89
CA ARG G 153 -28.18 5.18 49.99
C ARG G 153 -27.55 5.87 51.21
N ASP G 154 -26.51 6.69 50.95
CA ASP G 154 -25.79 7.41 52.01
C ASP G 154 -26.75 8.32 52.77
N VAL G 155 -27.59 9.09 52.04
CA VAL G 155 -28.46 10.04 52.69
C VAL G 155 -29.51 9.29 53.51
N ALA G 156 -30.04 8.21 52.96
CA ALA G 156 -31.02 7.39 53.65
C ALA G 156 -30.44 6.74 54.92
N ASP G 157 -29.20 6.26 54.89
CA ASP G 157 -28.54 5.76 56.09
C ASP G 157 -28.34 6.88 57.11
N ALA G 158 -27.90 8.05 56.66
CA ALA G 158 -27.57 9.14 57.56
C ALA G 158 -28.83 9.72 58.21
N VAL G 159 -29.96 9.68 57.50
CA VAL G 159 -31.16 10.35 57.97
C VAL G 159 -32.34 9.42 57.76
N PRO G 160 -32.40 8.31 58.54
CA PRO G 160 -33.41 7.27 58.29
C PRO G 160 -34.88 7.66 58.52
N GLU G 161 -35.10 8.75 59.27
CA GLU G 161 -36.46 9.23 59.52
C GLU G 161 -36.99 10.01 58.32
N ALA G 162 -36.14 10.46 57.40
CA ALA G 162 -36.57 11.31 56.29
C ALA G 162 -37.12 10.49 55.13
N ALA G 163 -38.29 10.86 54.64
CA ALA G 163 -38.75 10.38 53.35
C ALA G 163 -37.97 11.11 52.25
N ILE G 164 -37.79 10.44 51.11
CA ILE G 164 -37.06 11.04 50.00
C ILE G 164 -37.94 11.01 48.75
N ALA G 165 -38.01 12.17 48.08
CA ALA G 165 -38.56 12.29 46.75
C ALA G 165 -37.40 12.54 45.79
N ILE G 166 -37.22 11.65 44.81
CA ILE G 166 -36.17 11.81 43.82
C ILE G 166 -36.60 12.94 42.89
N TYR G 167 -35.75 13.97 42.78
CA TYR G 167 -35.94 15.08 41.86
C TYR G 167 -35.22 14.77 40.56
N ALA G 168 -35.94 14.13 39.64
CA ALA G 168 -35.32 13.53 38.46
C ALA G 168 -35.30 14.50 37.28
N ASN G 169 -34.42 15.51 37.38
CA ASN G 169 -34.25 16.52 36.35
C ASN G 169 -32.86 16.44 35.74
N PRO G 170 -32.72 15.82 34.55
CA PRO G 170 -31.42 15.71 33.88
C PRO G 170 -30.78 17.02 33.45
N GLU G 171 -31.59 18.03 33.14
CA GLU G 171 -31.04 19.30 32.73
C GLU G 171 -30.32 19.95 33.91
N ALA G 172 -30.98 19.99 35.07
CA ALA G 172 -30.36 20.55 36.25
C ALA G 172 -29.19 19.68 36.74
N PHE G 173 -29.38 18.37 36.84
CA PHE G 173 -28.44 17.58 37.63
C PHE G 173 -27.53 16.73 36.74
N LYS G 174 -27.67 16.83 35.41
CA LYS G 174 -26.77 16.21 34.45
C LYS G 174 -26.99 14.71 34.32
N PHE G 175 -27.02 13.98 35.44
CA PHE G 175 -27.42 12.58 35.47
C PHE G 175 -28.79 12.37 34.83
N ASP G 176 -29.00 11.27 34.12
CA ASP G 176 -30.22 11.07 33.34
C ASP G 176 -31.27 10.19 34.03
N PHE G 177 -31.00 9.71 35.26
CA PHE G 177 -31.92 8.88 36.04
C PHE G 177 -32.46 7.72 35.20
N PRO G 178 -31.59 6.78 34.76
CA PRO G 178 -31.98 5.70 33.85
C PRO G 178 -32.68 4.53 34.55
N ARG G 179 -33.09 3.54 33.76
CA ARG G 179 -33.96 2.48 34.25
C ARG G 179 -33.32 1.77 35.45
N PRO G 180 -32.05 1.30 35.35
CA PRO G 180 -31.44 0.55 36.46
C PRO G 180 -31.39 1.33 37.76
N PHE G 181 -31.34 2.67 37.64
CA PHE G 181 -31.33 3.55 38.80
C PHE G 181 -32.62 3.37 39.60
N TRP G 182 -33.76 3.30 38.91
CA TRP G 182 -35.03 3.14 39.58
C TRP G 182 -35.14 1.79 40.27
N ALA G 183 -34.58 0.76 39.65
CA ALA G 183 -34.58 -0.56 40.27
C ALA G 183 -33.86 -0.50 41.61
N GLU G 184 -32.75 0.23 41.66
CA GLU G 184 -31.97 0.35 42.89
C GLU G 184 -32.71 1.17 43.95
N MET G 185 -33.41 2.24 43.54
CA MET G 185 -34.07 3.12 44.48
C MET G 185 -35.25 2.44 45.15
N SER G 186 -35.89 1.50 44.44
CA SER G 186 -37.00 0.77 45.01
C SER G 186 -36.56 -0.11 46.19
N LYS G 187 -35.26 -0.39 46.31
CA LYS G 187 -34.74 -1.11 47.47
C LYS G 187 -34.47 -0.21 48.69
N ILE G 188 -34.57 1.11 48.56
CA ILE G 188 -34.34 1.99 49.70
C ILE G 188 -35.70 2.36 50.28
N PRO G 189 -36.07 1.89 51.48
CA PRO G 189 -37.40 2.17 52.03
C PRO G 189 -37.71 3.66 52.20
N GLN G 190 -36.69 4.50 52.39
CA GLN G 190 -36.91 5.94 52.57
C GLN G 190 -37.36 6.61 51.27
N VAL G 191 -37.03 6.02 50.11
CA VAL G 191 -37.39 6.60 48.83
C VAL G 191 -38.82 6.21 48.50
N VAL G 192 -39.73 7.18 48.49
CA VAL G 192 -41.14 6.84 48.43
C VAL G 192 -41.80 7.49 47.24
N THR G 193 -41.15 8.48 46.62
CA THR G 193 -41.77 9.16 45.50
C THR G 193 -40.68 9.76 44.61
N ALA G 194 -41.11 10.25 43.44
CA ALA G 194 -40.22 10.89 42.48
C ALA G 194 -40.96 12.00 41.75
N KPI G 195 -40.34 13.18 41.66
CA KPI G 195 -40.81 14.19 40.73
CB KPI G 195 -40.38 15.61 41.15
CG KPI G 195 -40.85 16.73 40.22
CD KPI G 195 -40.31 18.12 40.53
CE KPI G 195 -40.44 19.15 39.39
NZ KPI G 195 -39.98 20.50 39.89
CX1 KPI G 195 -39.40 21.50 39.33
C1 KPI G 195 -39.07 21.60 37.87
CX2 KPI G 195 -39.01 22.46 40.24
O1 KPI G 195 -39.16 22.21 41.47
O2 KPI G 195 -38.48 23.51 39.84
C KPI G 195 -40.29 13.80 39.35
O KPI G 195 -39.10 13.88 39.08
N TYR G 196 -41.18 13.34 38.48
CA TYR G 196 -40.80 12.70 37.23
C TYR G 196 -41.19 13.63 36.07
N LEU G 197 -40.38 13.62 35.01
CA LEU G 197 -40.70 14.41 33.82
C LEU G 197 -41.31 13.48 32.76
N GLY G 198 -40.79 13.44 31.53
CA GLY G 198 -41.44 12.70 30.46
C GLY G 198 -41.83 11.29 30.86
N ILE G 199 -43.01 10.83 30.41
CA ILE G 199 -43.54 9.54 30.81
C ILE G 199 -43.24 8.47 29.76
N GLY G 200 -42.26 8.70 28.88
CA GLY G 200 -41.94 7.75 27.82
C GLY G 200 -41.55 6.36 28.33
N MET G 201 -40.84 6.29 29.47
CA MET G 201 -40.40 5.03 30.04
C MET G 201 -41.11 4.72 31.37
N LEU G 202 -42.29 5.32 31.60
CA LEU G 202 -42.98 5.17 32.88
C LEU G 202 -43.49 3.74 33.09
N ASP G 203 -44.12 3.15 32.06
CA ASP G 203 -44.59 1.76 32.14
C ASP G 203 -43.49 0.86 32.72
N LEU G 204 -42.26 0.97 32.21
CA LEU G 204 -41.16 0.13 32.66
C LEU G 204 -40.67 0.52 34.05
N ASP G 205 -40.53 1.83 34.31
CA ASP G 205 -40.03 2.28 35.60
C ASP G 205 -40.94 1.81 36.72
N LEU G 206 -42.26 1.80 36.47
CA LEU G 206 -43.19 1.30 37.46
C LEU G 206 -42.89 -0.17 37.78
N ARG G 207 -42.55 -0.96 36.75
CA ARG G 207 -42.29 -2.38 36.94
C ARG G 207 -40.99 -2.55 37.72
N LEU G 208 -39.97 -1.75 37.41
CA LEU G 208 -38.67 -1.85 38.05
C LEU G 208 -38.69 -1.36 39.50
N ALA G 209 -39.64 -0.47 39.83
CA ALA G 209 -39.64 0.17 41.12
C ALA G 209 -41.02 0.11 41.76
N PRO G 210 -41.46 -1.07 42.24
CA PRO G 210 -42.80 -1.21 42.80
C PRO G 210 -43.11 -0.37 44.04
N ASN G 211 -42.09 0.10 44.76
CA ASN G 211 -42.32 0.74 46.05
C ASN G 211 -42.28 2.27 45.97
N ILE G 212 -42.32 2.84 44.77
CA ILE G 212 -42.21 4.28 44.59
C ILE G 212 -43.48 4.81 43.96
N ARG G 213 -44.00 5.91 44.52
CA ARG G 213 -45.09 6.64 43.89
C ARG G 213 -44.49 7.63 42.90
N PHE G 214 -44.62 7.34 41.61
CA PHE G 214 -44.09 8.22 40.58
C PHE G 214 -45.08 9.35 40.36
N LEU G 215 -44.62 10.60 40.47
CA LEU G 215 -45.50 11.74 40.22
C LEU G 215 -45.23 12.31 38.85
N PRO G 216 -46.10 12.10 37.85
CA PRO G 216 -45.98 12.83 36.59
C PRO G 216 -46.35 14.28 36.83
N HIS G 217 -45.85 15.14 35.96
CA HIS G 217 -46.35 16.49 35.79
C HIS G 217 -47.85 16.42 35.52
N GLU G 218 -48.56 17.45 35.99
CA GLU G 218 -50.00 17.55 35.88
C GLU G 218 -50.48 17.35 34.43
N ASP G 219 -49.75 17.89 33.45
CA ASP G 219 -50.16 17.79 32.06
C ASP G 219 -50.09 16.35 31.56
N ASP G 220 -49.28 15.51 32.20
CA ASP G 220 -49.11 14.12 31.78
C ASP G 220 -49.91 13.18 32.68
N TYR G 221 -50.62 13.70 33.70
CA TYR G 221 -51.29 12.84 34.66
C TYR G 221 -52.39 12.01 33.97
N TYR G 222 -53.16 12.64 33.09
CA TYR G 222 -54.25 11.96 32.43
C TYR G 222 -53.74 10.72 31.72
N ALA G 223 -52.69 10.88 30.90
CA ALA G 223 -52.12 9.78 30.18
C ALA G 223 -51.55 8.73 31.13
N ALA G 224 -50.82 9.15 32.15
CA ALA G 224 -50.15 8.20 33.04
C ALA G 224 -51.17 7.39 33.84
N ALA G 225 -52.23 8.06 34.27
CA ALA G 225 -53.28 7.41 35.04
C ALA G 225 -54.02 6.38 34.20
N ARG G 226 -54.15 6.62 32.89
CA ARG G 226 -54.78 5.66 32.02
C ARG G 226 -53.87 4.45 31.81
N ILE G 227 -52.54 4.66 31.82
CA ILE G 227 -51.59 3.57 31.61
C ILE G 227 -51.66 2.61 32.80
N ASN G 228 -51.65 3.18 34.00
CA ASN G 228 -51.60 2.38 35.19
C ASN G 228 -52.43 3.06 36.29
N PRO G 229 -53.78 2.91 36.28
CA PRO G 229 -54.62 3.58 37.26
C PRO G 229 -54.40 3.16 38.72
N GLU G 230 -53.84 1.97 38.95
CA GLU G 230 -53.62 1.47 40.30
C GLU G 230 -52.41 2.19 40.90
N ARG G 231 -51.36 2.45 40.10
CA ARG G 231 -50.12 2.98 40.61
C ARG G 231 -50.06 4.51 40.49
N ILE G 232 -50.70 5.08 39.46
CA ILE G 232 -50.57 6.51 39.20
C ILE G 232 -51.80 7.18 39.80
N THR G 233 -51.66 7.61 41.06
CA THR G 233 -52.75 8.19 41.83
C THR G 233 -52.45 9.63 42.23
N ALA G 234 -51.25 10.14 41.88
CA ALA G 234 -50.80 11.45 42.31
C ALA G 234 -49.99 12.09 41.20
N PHE G 235 -49.85 13.42 41.27
CA PHE G 235 -49.09 14.19 40.30
C PHE G 235 -48.56 15.44 40.98
N TRP G 236 -47.61 16.10 40.33
CA TRP G 236 -47.12 17.35 40.85
C TRP G 236 -47.57 18.48 39.93
N SER G 237 -47.68 19.68 40.51
CA SER G 237 -48.25 20.84 39.85
C SER G 237 -47.47 22.10 40.22
N SER G 238 -47.03 22.80 39.19
CA SER G 238 -46.55 24.17 39.27
C SER G 238 -47.67 25.14 38.90
N GLY G 239 -48.61 24.68 38.05
CA GLY G 239 -49.68 25.50 37.52
C GLY G 239 -50.66 25.94 38.61
N ALA G 240 -50.73 25.14 39.68
CA ALA G 240 -51.52 25.44 40.86
C ALA G 240 -51.13 26.77 41.52
N MET G 241 -49.90 27.24 41.31
CA MET G 241 -49.47 28.53 41.86
C MET G 241 -50.07 29.70 41.09
N CYS G 242 -50.85 29.39 40.04
CA CYS G 242 -51.61 30.38 39.28
C CYS G 242 -53.10 30.29 39.61
N GLY G 243 -53.43 29.49 40.64
CA GLY G 243 -54.79 29.14 40.99
C GLY G 243 -54.98 27.62 40.98
N PRO G 244 -55.15 26.98 42.14
CA PRO G 244 -55.19 25.51 42.21
C PRO G 244 -56.47 24.79 41.82
N ALA G 245 -57.52 25.50 41.42
CA ALA G 245 -58.78 24.82 41.13
C ALA G 245 -58.62 23.84 39.98
N THR G 246 -57.77 24.17 38.99
CA THR G 246 -57.57 23.32 37.84
C THR G 246 -57.01 21.96 38.25
N ALA G 247 -55.99 21.96 39.12
CA ALA G 247 -55.39 20.73 39.59
C ALA G 247 -56.36 19.91 40.44
N ILE G 248 -57.14 20.57 41.27
CA ILE G 248 -58.11 19.90 42.12
C ILE G 248 -59.16 19.23 41.25
N MET G 249 -59.63 19.93 40.24
CA MET G 249 -60.62 19.38 39.32
C MET G 249 -60.08 18.15 38.59
N LEU G 250 -58.83 18.23 38.12
CA LEU G 250 -58.21 17.11 37.42
C LEU G 250 -58.15 15.90 38.34
N ARG G 251 -57.69 16.10 39.57
CA ARG G 251 -57.62 15.03 40.55
C ARG G 251 -58.98 14.36 40.70
N ASP G 252 -60.03 15.18 40.90
CA ASP G 252 -61.36 14.70 41.21
C ASP G 252 -61.95 13.96 40.01
N GLU G 253 -61.75 14.51 38.80
CA GLU G 253 -62.33 13.95 37.59
C GLU G 253 -61.62 12.65 37.21
N VAL G 254 -60.34 12.52 37.53
CA VAL G 254 -59.62 11.29 37.26
C VAL G 254 -60.06 10.19 38.24
N VAL G 255 -60.35 10.51 39.50
CA VAL G 255 -60.88 9.45 40.41
C VAL G 255 -62.23 8.93 39.87
N ARG G 256 -63.07 9.84 39.38
CA ARG G 256 -64.39 9.46 38.81
C ARG G 256 -64.22 8.58 37.57
N ALA G 257 -63.33 8.97 36.64
CA ALA G 257 -63.09 8.21 35.40
C ALA G 257 -62.58 6.80 35.72
N LYS G 258 -61.73 6.67 36.74
CA LYS G 258 -61.22 5.36 37.06
C LYS G 258 -62.37 4.45 37.47
N SER G 259 -63.38 5.05 38.12
CA SER G 259 -64.51 4.30 38.62
C SER G 259 -65.55 4.07 37.52
N THR G 260 -65.83 5.08 36.68
CA THR G 260 -66.94 5.00 35.72
C THR G 260 -66.46 4.48 34.38
N GLY G 261 -65.19 4.70 34.04
CA GLY G 261 -64.69 4.41 32.69
C GLY G 261 -64.93 5.54 31.71
N ASP G 262 -65.53 6.68 32.16
CA ASP G 262 -65.75 7.82 31.28
C ASP G 262 -64.64 8.86 31.49
N TRP G 263 -63.74 8.97 30.50
CA TRP G 263 -62.53 9.77 30.61
C TRP G 263 -62.66 11.13 29.94
N ALA G 264 -63.81 11.41 29.32
CA ALA G 264 -63.97 12.59 28.48
C ALA G 264 -63.70 13.88 29.24
N LYS G 265 -64.22 13.97 30.46
CA LYS G 265 -64.13 15.21 31.20
C LYS G 265 -62.69 15.43 31.66
N ALA G 266 -62.01 14.36 32.12
CA ALA G 266 -60.62 14.47 32.53
C ALA G 266 -59.74 14.88 31.35
N LYS G 267 -60.05 14.34 30.17
CA LYS G 267 -59.29 14.65 28.98
C LYS G 267 -59.41 16.13 28.63
N ALA G 268 -60.61 16.70 28.78
CA ALA G 268 -60.86 18.10 28.45
C ALA G 268 -60.06 19.02 29.38
N ILE G 269 -59.99 18.66 30.66
CA ILE G 269 -59.21 19.44 31.60
C ILE G 269 -57.73 19.35 31.23
N SER G 270 -57.28 18.14 30.91
CA SER G 270 -55.90 17.92 30.57
C SER G 270 -55.50 18.73 29.33
N ASP G 271 -56.42 18.83 28.36
CA ASP G 271 -56.15 19.55 27.11
C ASP G 271 -56.05 21.06 27.39
N ASP G 272 -56.94 21.59 28.23
CA ASP G 272 -56.87 22.97 28.69
C ASP G 272 -55.52 23.29 29.33
N MET G 273 -55.02 22.38 30.15
CA MET G 273 -53.76 22.58 30.84
C MET G 273 -52.62 22.64 29.83
N ARG G 274 -52.62 21.74 28.86
CA ARG G 274 -51.56 21.73 27.87
C ARG G 274 -51.58 23.04 27.10
N ALA G 275 -52.76 23.51 26.72
CA ALA G 275 -52.87 24.79 26.02
C ALA G 275 -52.34 25.93 26.88
N ALA G 276 -52.64 25.95 28.19
CA ALA G 276 -52.16 27.03 29.03
C ALA G 276 -50.63 27.05 29.11
N ASP G 277 -50.00 25.89 28.95
CA ASP G 277 -48.56 25.76 29.06
C ASP G 277 -47.88 26.00 27.70
N SER G 278 -48.67 26.17 26.65
CA SER G 278 -48.10 26.09 25.33
C SER G 278 -47.13 27.25 25.03
N THR G 279 -47.20 28.40 25.71
CA THR G 279 -46.27 29.48 25.40
C THR G 279 -45.14 29.60 26.43
N LEU G 280 -45.06 28.65 27.37
CA LEU G 280 -44.16 28.81 28.49
C LEU G 280 -42.71 28.61 28.04
N PHE G 281 -42.45 27.55 27.28
CA PHE G 281 -41.10 27.20 26.84
C PHE G 281 -40.63 28.11 25.72
N PRO G 282 -39.44 28.76 25.83
CA PRO G 282 -38.86 29.50 24.70
C PRO G 282 -38.62 28.59 23.50
N ARG G 283 -39.32 28.87 22.39
CA ARG G 283 -39.19 28.12 21.15
C ARG G 283 -39.55 26.63 21.34
N GLY G 284 -40.42 26.29 22.29
CA GLY G 284 -40.85 24.91 22.47
C GLY G 284 -39.80 24.04 23.15
N ASP G 285 -38.66 24.62 23.57
CA ASP G 285 -37.43 23.90 23.85
C ASP G 285 -37.21 23.74 25.36
N PHE G 286 -37.24 22.50 25.87
CA PHE G 286 -37.06 22.26 27.31
C PHE G 286 -35.68 22.75 27.80
N SER G 287 -34.64 22.61 26.98
CA SER G 287 -33.29 23.00 27.39
C SER G 287 -33.15 24.52 27.48
N GLU G 288 -33.84 25.26 26.60
CA GLU G 288 -33.84 26.72 26.64
C GLU G 288 -34.68 27.22 27.83
N PHE G 289 -35.79 26.55 28.10
CA PHE G 289 -36.55 26.81 29.31
C PHE G 289 -35.69 26.64 30.55
N SER G 290 -34.84 25.60 30.55
CA SER G 290 -34.04 25.21 31.71
C SER G 290 -32.98 26.27 32.06
N LYS G 291 -32.55 27.06 31.08
CA LYS G 291 -31.66 28.19 31.34
C LYS G 291 -32.35 29.33 32.11
N TYR G 292 -33.67 29.42 31.96
CA TYR G 292 -34.45 30.52 32.53
C TYR G 292 -35.56 29.94 33.41
N ASN G 293 -35.32 28.74 33.94
CA ASN G 293 -36.29 27.99 34.72
C ASN G 293 -36.88 28.92 35.79
N ILE G 294 -36.02 29.63 36.51
CA ILE G 294 -36.46 30.36 37.70
C ILE G 294 -37.24 31.62 37.29
N GLY G 295 -36.64 32.44 36.45
CA GLY G 295 -37.29 33.68 36.06
C GLY G 295 -38.61 33.44 35.35
N LEU G 296 -38.72 32.37 34.56
CA LEU G 296 -39.92 32.16 33.77
C LEU G 296 -41.07 31.68 34.67
N GLU G 297 -40.78 30.77 35.60
CA GLU G 297 -41.82 30.31 36.51
C GLU G 297 -42.32 31.48 37.36
N LYS G 298 -41.40 32.31 37.87
CA LYS G 298 -41.77 33.39 38.76
C LYS G 298 -42.56 34.46 37.99
N ALA G 299 -42.15 34.76 36.76
CA ALA G 299 -42.86 35.73 35.96
C ALA G 299 -44.26 35.22 35.64
N ARG G 300 -44.39 33.92 35.42
CA ARG G 300 -45.69 33.32 35.16
C ARG G 300 -46.61 33.49 36.37
N MET G 301 -46.13 33.11 37.55
CA MET G 301 -46.94 33.21 38.74
C MET G 301 -47.33 34.67 39.00
N ASP G 302 -46.39 35.59 38.78
CA ASP G 302 -46.64 37.00 39.01
C ASP G 302 -47.77 37.47 38.09
N ALA G 303 -47.75 37.03 36.84
CA ALA G 303 -48.77 37.46 35.89
C ALA G 303 -50.15 36.94 36.25
N ALA G 304 -50.23 35.74 36.87
CA ALA G 304 -51.51 35.12 37.17
C ALA G 304 -52.19 35.80 38.35
N GLY G 305 -51.38 36.32 39.28
CA GLY G 305 -51.89 37.15 40.35
C GLY G 305 -52.49 36.39 41.52
N TRP G 306 -52.35 35.06 41.57
CA TRP G 306 -52.86 34.33 42.72
C TRP G 306 -51.89 34.45 43.90
N LEU G 307 -50.60 34.59 43.60
CA LEU G 307 -49.61 34.82 44.63
C LEU G 307 -48.54 35.75 44.09
N LYS G 308 -47.71 36.27 44.99
CA LYS G 308 -46.64 37.20 44.66
C LYS G 308 -45.30 36.50 44.89
N ALA G 309 -44.69 36.01 43.81
CA ALA G 309 -43.46 35.25 43.90
C ALA G 309 -42.27 36.18 44.12
N GLY G 310 -42.29 37.33 43.44
CA GLY G 310 -41.29 38.36 43.62
C GLY G 310 -40.09 38.15 42.71
N PRO G 311 -39.08 39.04 42.78
CA PRO G 311 -37.89 38.92 41.93
C PRO G 311 -36.98 37.75 42.30
N CYS G 312 -36.09 37.40 41.37
CA CYS G 312 -35.23 36.25 41.54
C CYS G 312 -33.92 36.65 42.21
N ARG G 313 -33.45 35.74 43.05
CA ARG G 313 -32.20 35.98 43.79
C ARG G 313 -31.00 35.76 42.85
N PRO G 314 -29.89 36.47 43.08
CA PRO G 314 -28.73 36.32 42.24
C PRO G 314 -28.09 34.94 42.31
N PRO G 315 -27.71 34.34 41.17
CA PRO G 315 -27.54 35.08 39.93
C PRO G 315 -28.57 35.03 38.80
N TYR G 316 -29.69 34.35 39.00
CA TYR G 316 -30.64 34.09 37.89
C TYR G 316 -31.73 35.15 37.78
N ASN G 317 -31.35 36.41 37.64
CA ASN G 317 -32.34 37.49 37.63
C ASN G 317 -32.43 38.18 36.27
N LEU G 318 -31.94 37.57 35.18
CA LEU G 318 -32.02 38.20 33.86
C LEU G 318 -32.68 37.24 32.88
N VAL G 319 -33.80 37.66 32.29
CA VAL G 319 -34.48 36.82 31.32
C VAL G 319 -34.78 37.66 30.09
N PRO G 320 -34.48 37.20 28.86
CA PRO G 320 -34.89 37.93 27.65
C PRO G 320 -36.40 38.26 27.68
N GLU G 321 -36.72 39.47 27.21
CA GLU G 321 -38.08 39.99 27.19
C GLU G 321 -39.03 39.10 26.36
N ASP G 322 -38.61 38.65 25.19
CA ASP G 322 -39.41 37.74 24.37
C ASP G 322 -39.95 36.57 25.19
N TYR G 323 -39.08 35.98 26.00
CA TYR G 323 -39.41 34.78 26.73
C TYR G 323 -40.38 35.09 27.87
N LEU G 324 -40.19 36.24 28.53
CA LEU G 324 -41.06 36.69 29.59
C LEU G 324 -42.50 36.79 29.10
N ALA G 325 -42.68 37.35 27.90
CA ALA G 325 -44.01 37.50 27.33
C ALA G 325 -44.73 36.16 27.27
N GLY G 326 -44.03 35.11 26.81
CA GLY G 326 -44.59 33.77 26.74
C GLY G 326 -45.01 33.24 28.11
N ALA G 327 -44.16 33.48 29.13
CA ALA G 327 -44.43 33.05 30.49
C ALA G 327 -45.64 33.79 31.07
N GLN G 328 -45.77 35.07 30.73
CA GLN G 328 -46.86 35.89 31.23
C GLN G 328 -48.17 35.46 30.59
N LYS G 329 -48.14 35.13 29.31
CA LYS G 329 -49.32 34.63 28.63
C LYS G 329 -49.78 33.33 29.30
N SER G 330 -48.81 32.47 29.65
CA SER G 330 -49.13 31.20 30.27
C SER G 330 -49.81 31.44 31.62
N GLY G 331 -49.28 32.40 32.37
CA GLY G 331 -49.84 32.77 33.66
C GLY G 331 -51.31 33.21 33.56
N LYS G 332 -51.59 34.04 32.56
CA LYS G 332 -52.93 34.55 32.35
C LYS G 332 -53.84 33.41 31.93
N ALA G 333 -53.32 32.46 31.17
CA ALA G 333 -54.12 31.33 30.73
C ALA G 333 -54.49 30.44 31.94
N TRP G 334 -53.52 30.20 32.85
CA TRP G 334 -53.79 29.39 34.03
C TRP G 334 -54.76 30.10 34.98
N ALA G 335 -54.67 31.43 35.08
CA ALA G 335 -55.59 32.22 35.89
C ALA G 335 -57.01 32.09 35.34
N ALA G 336 -57.17 32.12 34.01
CA ALA G 336 -58.45 31.88 33.37
C ALA G 336 -58.98 30.48 33.71
N LEU G 337 -58.10 29.47 33.68
CA LEU G 337 -58.53 28.12 34.01
C LEU G 337 -59.00 28.07 35.46
N HIS G 338 -58.29 28.74 36.37
CA HIS G 338 -58.66 28.75 37.76
C HIS G 338 -60.06 29.34 37.93
N ALA G 339 -60.35 30.43 37.22
CA ALA G 339 -61.67 31.05 37.26
C ALA G 339 -62.73 30.05 36.79
N LYS G 340 -62.50 29.45 35.61
CA LYS G 340 -63.46 28.52 35.05
C LYS G 340 -63.73 27.35 36.01
N TYR G 341 -62.66 26.73 36.56
CA TYR G 341 -62.81 25.48 37.30
C TYR G 341 -63.22 25.75 38.74
N SER G 342 -63.00 26.97 39.24
CA SER G 342 -63.54 27.37 40.54
C SER G 342 -65.08 27.28 40.54
N ASN G 343 -65.72 27.65 39.41
CA ASN G 343 -67.18 27.60 39.30
C ASN G 343 -67.69 26.18 39.24
N GLU G 344 -66.98 25.31 38.52
CA GLU G 344 -67.36 23.92 38.39
C GLU G 344 -67.14 23.16 39.70
N LEU G 345 -66.25 23.62 40.57
CA LEU G 345 -66.13 23.07 41.92
C LEU G 345 -67.30 23.67 42.73
N SER H 21 -57.48 2.79 -4.44
CA SER H 21 -57.17 4.20 -4.08
C SER H 21 -56.07 4.25 -3.02
N ARG H 22 -55.67 5.46 -2.63
CA ARG H 22 -54.56 5.63 -1.71
C ARG H 22 -54.98 5.25 -0.30
N LEU H 23 -54.04 4.69 0.47
CA LEU H 23 -54.28 4.38 1.86
C LEU H 23 -54.58 5.66 2.64
N THR H 24 -55.42 5.51 3.67
CA THR H 24 -55.60 6.54 4.68
C THR H 24 -55.29 5.91 6.03
N ALA H 25 -55.26 6.75 7.07
CA ALA H 25 -55.06 6.32 8.43
C ALA H 25 -56.07 5.27 8.84
N GLU H 26 -57.30 5.33 8.31
CA GLU H 26 -58.40 4.43 8.66
C GLU H 26 -57.98 2.99 8.28
N ASP H 27 -57.14 2.85 7.25
CA ASP H 27 -56.73 1.55 6.76
C ASP H 27 -55.56 0.96 7.55
N ILE H 28 -54.94 1.74 8.44
CA ILE H 28 -53.74 1.28 9.13
C ILE H 28 -54.15 0.75 10.50
N ASN H 29 -54.12 -0.59 10.67
CA ASN H 29 -54.46 -1.22 11.92
C ASN H 29 -53.54 -2.41 12.18
N GLY H 30 -53.37 -2.74 13.46
CA GLY H 30 -52.76 -4.00 13.85
C GLY H 30 -51.24 -3.96 13.75
N ALA H 31 -50.66 -5.13 13.43
CA ALA H 31 -49.23 -5.35 13.52
C ALA H 31 -48.56 -5.06 12.18
N TRP H 32 -47.70 -4.06 12.16
CA TRP H 32 -46.91 -3.71 11.00
C TRP H 32 -45.46 -4.07 11.25
N THR H 33 -44.91 -4.94 10.42
CA THR H 33 -43.60 -5.47 10.69
C THR H 33 -42.61 -4.82 9.75
N ILE H 34 -41.42 -4.51 10.27
CA ILE H 34 -40.35 -3.90 9.49
C ILE H 34 -39.38 -5.00 9.13
N MET H 35 -39.23 -5.27 7.84
CA MET H 35 -38.36 -6.36 7.41
C MET H 35 -36.98 -5.82 7.08
N PRO H 36 -35.95 -6.67 7.26
CA PRO H 36 -34.59 -6.35 6.82
C PRO H 36 -34.50 -6.53 5.31
N THR H 37 -33.35 -6.14 4.77
CA THR H 37 -33.04 -6.44 3.39
C THR H 37 -32.04 -7.59 3.40
N PRO H 38 -32.51 -8.85 3.22
CA PRO H 38 -31.63 -10.02 3.36
C PRO H 38 -30.44 -9.89 2.43
N SER H 39 -29.26 -10.25 2.92
CA SER H 39 -28.07 -10.07 2.12
C SER H 39 -27.42 -11.41 1.80
N THR H 40 -26.71 -11.46 0.66
CA THR H 40 -25.95 -12.61 0.22
C THR H 40 -24.68 -12.68 1.04
N PRO H 41 -23.93 -13.81 1.00
CA PRO H 41 -22.75 -13.97 1.86
C PRO H 41 -21.61 -12.97 1.61
N ASP H 42 -21.53 -12.39 0.40
CA ASP H 42 -20.42 -11.51 0.06
C ASP H 42 -20.78 -10.02 0.27
N ALA H 43 -21.86 -9.72 1.00
CA ALA H 43 -22.46 -8.39 0.98
C ALA H 43 -21.61 -7.36 1.74
N SER H 44 -20.72 -7.80 2.63
CA SER H 44 -19.85 -6.88 3.35
C SER H 44 -18.73 -6.35 2.46
N ASP H 45 -18.53 -6.94 1.28
CA ASP H 45 -17.44 -6.57 0.42
C ASP H 45 -17.90 -5.44 -0.52
N TRP H 46 -17.14 -4.34 -0.57
CA TRP H 46 -17.45 -3.21 -1.43
C TRP H 46 -17.42 -3.59 -2.92
N ARG H 47 -16.80 -4.72 -3.26
CA ARG H 47 -16.71 -5.17 -4.64
C ARG H 47 -18.02 -5.80 -5.13
N SER H 48 -18.88 -6.30 -4.21
CA SER H 48 -20.07 -7.05 -4.57
C SER H 48 -21.14 -6.12 -5.12
N THR H 49 -21.96 -6.56 -6.08
CA THR H 49 -22.86 -5.65 -6.76
C THR H 49 -24.33 -6.09 -6.72
N ALA H 50 -24.60 -7.37 -6.43
CA ALA H 50 -26.00 -7.77 -6.33
C ALA H 50 -26.17 -8.50 -5.02
N THR H 51 -26.29 -7.76 -3.92
CA THR H 51 -26.12 -8.34 -2.60
C THR H 51 -27.45 -8.66 -1.96
N VAL H 52 -28.58 -8.50 -2.68
CA VAL H 52 -29.87 -8.84 -2.11
C VAL H 52 -30.20 -10.30 -2.40
N ASP H 53 -30.47 -11.09 -1.35
CA ASP H 53 -31.02 -12.43 -1.49
C ASP H 53 -32.52 -12.32 -1.74
N LEU H 54 -32.90 -12.40 -3.01
CA LEU H 54 -34.26 -12.15 -3.42
C LEU H 54 -35.17 -13.32 -3.05
N GLU H 55 -34.62 -14.53 -2.98
CA GLU H 55 -35.44 -15.67 -2.60
C GLU H 55 -35.79 -15.63 -1.12
N GLU H 56 -34.81 -15.33 -0.27
CA GLU H 56 -35.07 -15.13 1.15
C GLU H 56 -36.04 -13.96 1.36
N THR H 57 -35.98 -12.92 0.53
CA THR H 57 -36.92 -11.82 0.63
C THR H 57 -38.34 -12.35 0.47
N ALA H 58 -38.57 -13.09 -0.62
CA ALA H 58 -39.89 -13.63 -0.95
C ALA H 58 -40.39 -14.53 0.17
N ARG H 59 -39.49 -15.33 0.74
CA ARG H 59 -39.84 -16.29 1.77
C ARG H 59 -40.33 -15.58 3.03
N ILE H 60 -39.62 -14.51 3.41
CA ILE H 60 -39.98 -13.73 4.58
C ILE H 60 -41.36 -13.08 4.37
N VAL H 61 -41.59 -12.54 3.18
CA VAL H 61 -42.85 -11.86 2.93
C VAL H 61 -44.00 -12.84 3.09
N GLU H 62 -43.88 -14.03 2.48
CA GLU H 62 -44.94 -15.01 2.54
C GLU H 62 -45.13 -15.50 3.99
N GLU H 63 -44.06 -15.71 4.74
CA GLU H 63 -44.17 -16.09 6.14
C GLU H 63 -44.90 -15.02 6.96
N LEU H 64 -44.66 -13.75 6.66
CA LEU H 64 -45.30 -12.68 7.42
C LEU H 64 -46.79 -12.63 7.10
N ILE H 65 -47.15 -12.73 5.81
CA ILE H 65 -48.55 -12.74 5.45
C ILE H 65 -49.24 -13.93 6.08
N ALA H 66 -48.55 -15.08 6.09
CA ALA H 66 -49.11 -16.31 6.63
C ALA H 66 -49.30 -16.19 8.14
N ALA H 67 -48.40 -15.47 8.82
CA ALA H 67 -48.58 -15.24 10.25
C ALA H 67 -49.74 -14.29 10.54
N GLY H 68 -50.24 -13.55 9.54
CA GLY H 68 -51.39 -12.69 9.72
C GLY H 68 -51.04 -11.21 9.97
N VAL H 69 -49.83 -10.77 9.60
CA VAL H 69 -49.46 -9.37 9.80
C VAL H 69 -50.35 -8.50 8.92
N ASN H 70 -50.53 -7.27 9.36
CA ASN H 70 -51.49 -6.36 8.74
C ASN H 70 -50.83 -5.50 7.66
N GLY H 71 -49.52 -5.34 7.73
CA GLY H 71 -48.79 -4.57 6.74
C GLY H 71 -47.29 -4.73 6.90
N ILE H 72 -46.55 -4.33 5.87
CA ILE H 72 -45.11 -4.49 5.88
C ILE H 72 -44.44 -3.16 5.58
N LEU H 73 -43.43 -2.82 6.40
CA LEU H 73 -42.56 -1.68 6.15
C LEU H 73 -41.17 -2.20 5.86
N SER H 74 -40.39 -1.42 5.14
CA SER H 74 -39.06 -1.84 4.74
C SER H 74 -38.17 -0.60 4.53
N MET H 75 -36.88 -0.87 4.40
CA MET H 75 -35.89 0.12 4.00
C MET H 75 -35.92 1.33 4.93
N GLY H 76 -35.91 1.05 6.24
CA GLY H 76 -35.48 2.03 7.23
C GLY H 76 -33.98 1.92 7.48
N THR H 77 -33.55 2.18 8.72
CA THR H 77 -32.15 2.13 9.06
C THR H 77 -31.61 0.70 8.94
N PHE H 78 -32.19 -0.26 9.67
CA PHE H 78 -31.62 -1.59 9.71
C PHE H 78 -31.93 -2.33 8.41
N GLY H 79 -32.97 -1.86 7.69
CA GLY H 79 -33.27 -2.31 6.34
C GLY H 79 -32.24 -1.82 5.31
N GLU H 80 -31.28 -0.99 5.75
CA GLU H 80 -30.11 -0.61 4.96
C GLU H 80 -30.49 0.22 3.75
N CYS H 81 -31.52 1.06 3.89
CA CYS H 81 -31.83 2.06 2.88
C CYS H 81 -30.54 2.79 2.48
N ALA H 82 -29.66 3.06 3.44
CA ALA H 82 -28.49 3.87 3.20
C ALA H 82 -27.44 3.15 2.36
N THR H 83 -27.37 1.82 2.43
CA THR H 83 -26.23 1.13 1.88
C THR H 83 -26.56 0.28 0.66
N LEU H 84 -27.82 0.25 0.22
CA LEU H 84 -28.21 -0.49 -0.97
C LEU H 84 -27.96 0.36 -2.20
N THR H 85 -27.56 -0.25 -3.32
CA THR H 85 -27.53 0.45 -4.60
C THR H 85 -28.95 0.58 -5.13
N TRP H 86 -29.11 1.45 -6.13
CA TRP H 86 -30.43 1.70 -6.69
C TRP H 86 -30.95 0.44 -7.40
N ASP H 87 -30.07 -0.31 -8.07
CA ASP H 87 -30.49 -1.56 -8.69
C ASP H 87 -30.94 -2.59 -7.65
N GLU H 88 -30.24 -2.69 -6.52
CA GLU H 88 -30.65 -3.60 -5.46
C GLU H 88 -32.03 -3.23 -4.95
N LYS H 89 -32.31 -1.93 -4.79
CA LYS H 89 -33.58 -1.51 -4.23
C LYS H 89 -34.72 -1.85 -5.18
N ARG H 90 -34.54 -1.60 -6.48
CA ARG H 90 -35.56 -1.91 -7.46
C ARG H 90 -35.89 -3.40 -7.43
N ASP H 91 -34.86 -4.24 -7.37
CA ASP H 91 -35.05 -5.68 -7.40
C ASP H 91 -35.76 -6.15 -6.14
N TYR H 92 -35.36 -5.59 -4.99
CA TYR H 92 -35.96 -5.93 -3.70
C TYR H 92 -37.45 -5.60 -3.72
N VAL H 93 -37.79 -4.38 -4.13
CA VAL H 93 -39.17 -3.93 -4.08
C VAL H 93 -40.00 -4.71 -5.10
N SER H 94 -39.42 -5.00 -6.28
CA SER H 94 -40.10 -5.81 -7.28
C SER H 94 -40.49 -7.17 -6.71
N THR H 95 -39.51 -7.82 -6.07
CA THR H 95 -39.73 -9.13 -5.50
C THR H 95 -40.84 -9.04 -4.47
N ILE H 96 -40.79 -8.04 -3.59
CA ILE H 96 -41.80 -7.94 -2.55
C ILE H 96 -43.17 -7.77 -3.17
N VAL H 97 -43.29 -6.86 -4.15
CA VAL H 97 -44.57 -6.53 -4.71
C VAL H 97 -45.16 -7.75 -5.42
N GLU H 98 -44.34 -8.50 -6.15
CA GLU H 98 -44.81 -9.67 -6.87
C GLU H 98 -45.21 -10.77 -5.88
N THR H 99 -44.52 -10.88 -4.72
CA THR H 99 -44.86 -11.87 -3.73
C THR H 99 -46.18 -11.51 -3.03
N ILE H 100 -46.35 -10.22 -2.70
CA ILE H 100 -47.49 -9.76 -1.92
C ILE H 100 -48.77 -9.86 -2.75
N ARG H 101 -48.68 -9.53 -4.04
CA ARG H 101 -49.82 -9.63 -4.94
C ARG H 101 -51.03 -8.89 -4.36
N GLY H 102 -50.82 -7.71 -3.78
CA GLY H 102 -51.91 -6.89 -3.28
C GLY H 102 -52.53 -7.35 -1.96
N ARG H 103 -52.01 -8.39 -1.31
CA ARG H 103 -52.70 -8.98 -0.18
C ARG H 103 -52.61 -8.12 1.09
N VAL H 104 -51.52 -7.38 1.25
CA VAL H 104 -51.37 -6.48 2.38
C VAL H 104 -50.72 -5.21 1.84
N PRO H 105 -50.91 -4.06 2.55
CA PRO H 105 -50.16 -2.86 2.24
C PRO H 105 -48.66 -2.99 2.49
N TYR H 106 -47.88 -2.34 1.63
CA TYR H 106 -46.44 -2.36 1.68
C TYR H 106 -45.88 -0.94 1.50
N PHE H 107 -44.97 -0.55 2.40
CA PHE H 107 -44.23 0.70 2.30
C PHE H 107 -42.74 0.39 2.13
N CYS H 108 -42.15 0.97 1.07
CA CYS H 108 -40.72 0.97 0.85
C CYS H 108 -40.12 2.17 1.58
N GLY H 109 -38.83 2.45 1.42
CA GLY H 109 -38.18 3.59 2.04
C GLY H 109 -37.33 4.32 1.00
N THR H 110 -37.48 5.65 0.92
CA THR H 110 -36.86 6.42 -0.15
C THR H 110 -36.10 7.62 0.40
N THR H 111 -35.74 7.58 1.68
CA THR H 111 -34.97 8.67 2.29
C THR H 111 -33.65 8.80 1.53
N ALA H 112 -33.28 10.04 1.20
CA ALA H 112 -32.05 10.32 0.48
C ALA H 112 -31.54 11.71 0.90
N LEU H 113 -30.46 12.16 0.26
CA LEU H 113 -29.81 13.38 0.69
C LEU H 113 -30.51 14.65 0.19
N ASN H 114 -31.47 14.54 -0.74
CA ASN H 114 -32.15 15.73 -1.20
C ASN H 114 -33.52 15.41 -1.81
N THR H 115 -34.31 16.46 -2.02
CA THR H 115 -35.72 16.33 -2.33
C THR H 115 -35.90 15.71 -3.71
N ARG H 116 -35.03 16.05 -4.65
CA ARG H 116 -35.20 15.60 -6.02
C ARG H 116 -34.89 14.11 -6.12
N GLU H 117 -33.87 13.66 -5.40
CA GLU H 117 -33.54 12.24 -5.38
C GLU H 117 -34.66 11.45 -4.70
N VAL H 118 -35.26 11.99 -3.63
CA VAL H 118 -36.33 11.32 -2.94
C VAL H 118 -37.52 11.14 -3.87
N ILE H 119 -37.84 12.20 -4.61
CA ILE H 119 -38.98 12.20 -5.52
C ILE H 119 -38.73 11.18 -6.65
N ARG H 120 -37.53 11.19 -7.24
CA ARG H 120 -37.20 10.25 -8.30
C ARG H 120 -37.40 8.81 -7.81
N GLN H 121 -36.87 8.47 -6.63
CA GLN H 121 -36.97 7.12 -6.11
C GLN H 121 -38.42 6.76 -5.75
N THR H 122 -39.13 7.68 -5.09
CA THR H 122 -40.50 7.43 -4.68
C THR H 122 -41.36 7.16 -5.92
N ARG H 123 -41.15 7.94 -6.98
CA ARG H 123 -41.90 7.72 -8.20
C ARG H 123 -41.69 6.30 -8.73
N GLU H 124 -40.44 5.85 -8.83
CA GLU H 124 -40.16 4.53 -9.40
C GLU H 124 -40.71 3.41 -8.53
N LEU H 125 -40.57 3.51 -7.20
CA LEU H 125 -40.95 2.40 -6.34
C LEU H 125 -42.48 2.34 -6.20
N ILE H 126 -43.14 3.48 -6.26
CA ILE H 126 -44.60 3.49 -6.29
C ILE H 126 -45.10 2.90 -7.61
N ASP H 127 -44.45 3.22 -8.73
CA ASP H 127 -44.79 2.65 -10.02
C ASP H 127 -44.60 1.14 -10.01
N ILE H 128 -43.54 0.63 -9.37
CA ILE H 128 -43.32 -0.81 -9.28
C ILE H 128 -44.45 -1.46 -8.49
N GLY H 129 -45.00 -0.79 -7.47
CA GLY H 129 -46.25 -1.24 -6.87
C GLY H 129 -46.28 -1.11 -5.34
N ALA H 130 -45.33 -0.44 -4.71
CA ALA H 130 -45.47 -0.10 -3.29
C ALA H 130 -46.62 0.87 -3.09
N ASN H 131 -47.25 0.81 -1.90
CA ASN H 131 -48.38 1.67 -1.60
C ASN H 131 -47.94 3.02 -1.05
N GLY H 132 -46.67 3.09 -0.62
CA GLY H 132 -46.20 4.25 0.11
C GLY H 132 -44.73 4.14 0.47
N THR H 133 -44.21 5.20 1.08
CA THR H 133 -42.80 5.27 1.42
C THR H 133 -42.68 5.70 2.89
N MET H 134 -41.82 4.99 3.59
CA MET H 134 -41.41 5.35 4.93
C MET H 134 -40.24 6.31 4.78
N LEU H 135 -40.45 7.56 5.16
CA LEU H 135 -39.58 8.65 4.72
C LEU H 135 -39.09 9.50 5.90
N GLY H 136 -37.77 9.53 6.09
CA GLY H 136 -37.11 10.44 7.01
C GLY H 136 -36.80 11.75 6.30
N VAL H 137 -35.88 12.56 6.84
CA VAL H 137 -35.48 13.79 6.18
C VAL H 137 -34.00 13.72 5.82
N PRO H 138 -33.61 14.43 4.75
CA PRO H 138 -32.20 14.61 4.41
C PRO H 138 -31.44 15.09 5.63
N MET H 139 -30.22 14.55 5.84
CA MET H 139 -29.59 14.67 7.14
C MET H 139 -28.12 15.10 7.05
N TRP H 140 -27.61 15.44 5.87
CA TRP H 140 -26.27 16.01 5.78
C TRP H 140 -26.24 17.32 6.54
N VAL H 141 -27.14 18.23 6.17
CA VAL H 141 -27.35 19.43 6.94
C VAL H 141 -28.61 19.23 7.78
N LYS H 142 -28.52 19.60 9.06
CA LYS H 142 -29.64 19.47 9.96
C LYS H 142 -30.79 20.40 9.54
N MET H 143 -31.98 19.85 9.41
CA MET H 143 -33.15 20.60 9.01
C MET H 143 -33.78 21.32 10.19
N ASP H 144 -34.35 22.51 9.91
CA ASP H 144 -35.22 23.21 10.85
C ASP H 144 -36.67 22.88 10.53
N LEU H 145 -37.60 23.40 11.34
CA LEU H 145 -39.01 23.04 11.19
C LEU H 145 -39.53 23.42 9.81
N PRO H 146 -39.44 24.68 9.33
CA PRO H 146 -39.99 25.02 8.02
C PRO H 146 -39.38 24.25 6.84
N THR H 147 -38.09 23.96 6.90
CA THR H 147 -37.43 23.17 5.86
C THR H 147 -38.06 21.77 5.77
N ALA H 148 -38.22 21.15 6.94
CA ALA H 148 -38.77 19.80 7.02
C ALA H 148 -40.21 19.75 6.53
N VAL H 149 -41.01 20.75 6.93
CA VAL H 149 -42.39 20.79 6.52
C VAL H 149 -42.46 20.90 5.00
N GLN H 150 -41.67 21.81 4.42
CA GLN H 150 -41.67 22.04 2.99
CA GLN H 150 -41.69 22.03 2.98
C GLN H 150 -41.20 20.77 2.26
N PHE H 151 -40.26 20.05 2.87
CA PHE H 151 -39.77 18.82 2.26
C PHE H 151 -40.91 17.82 2.05
N TYR H 152 -41.70 17.57 3.09
CA TYR H 152 -42.79 16.57 2.99
C TYR H 152 -43.91 17.09 2.06
N ARG H 153 -44.17 18.39 2.06
CA ARG H 153 -45.18 18.99 1.15
C ARG H 153 -44.73 18.81 -0.31
N ASP H 154 -43.44 18.98 -0.57
CA ASP H 154 -42.87 18.84 -1.94
C ASP H 154 -43.00 17.39 -2.41
N VAL H 155 -42.69 16.44 -1.54
CA VAL H 155 -42.76 15.05 -1.97
C VAL H 155 -44.21 14.70 -2.24
N ALA H 156 -45.12 15.14 -1.36
CA ALA H 156 -46.54 14.88 -1.53
C ALA H 156 -47.10 15.52 -2.80
N ASP H 157 -46.70 16.76 -3.13
CA ASP H 157 -47.08 17.37 -4.39
C ASP H 157 -46.53 16.60 -5.59
N ALA H 158 -45.27 16.19 -5.52
CA ALA H 158 -44.61 15.55 -6.64
C ALA H 158 -45.18 14.15 -6.89
N VAL H 159 -45.62 13.47 -5.83
CA VAL H 159 -46.02 12.08 -5.96
C VAL H 159 -47.33 11.89 -5.18
N PRO H 160 -48.44 12.47 -5.69
CA PRO H 160 -49.70 12.47 -4.94
C PRO H 160 -50.36 11.11 -4.71
N GLU H 161 -49.99 10.10 -5.51
CA GLU H 161 -50.51 8.75 -5.35
C GLU H 161 -49.87 8.04 -4.14
N ALA H 162 -48.70 8.49 -3.67
CA ALA H 162 -47.97 7.79 -2.63
C ALA H 162 -48.48 8.15 -1.24
N ALA H 163 -48.76 7.15 -0.41
CA ALA H 163 -48.91 7.35 1.02
C ALA H 163 -47.54 7.60 1.64
N ILE H 164 -47.50 8.37 2.72
CA ILE H 164 -46.26 8.67 3.40
C ILE H 164 -46.36 8.24 4.86
N ALA H 165 -45.33 7.51 5.32
CA ALA H 165 -45.11 7.25 6.72
C ALA H 165 -43.91 8.06 7.17
N ILE H 166 -44.10 8.95 8.15
CA ILE H 166 -43.00 9.74 8.67
C ILE H 166 -42.13 8.82 9.50
N TYR H 167 -40.84 8.75 9.14
CA TYR H 167 -39.84 8.00 9.89
C TYR H 167 -39.17 8.94 10.89
N ALA H 168 -39.73 9.02 12.09
CA ALA H 168 -39.38 10.05 13.04
C ALA H 168 -38.25 9.61 13.98
N ASN H 169 -37.04 9.52 13.41
CA ASN H 169 -35.85 9.10 14.12
C ASN H 169 -34.84 10.26 14.20
N PRO H 170 -34.77 10.96 15.34
CA PRO H 170 -33.83 12.08 15.51
C PRO H 170 -32.36 11.71 15.49
N GLU H 171 -32.01 10.49 15.90
CA GLU H 171 -30.63 10.07 15.88
C GLU H 171 -30.16 9.98 14.43
N ALA H 172 -30.93 9.29 13.60
CA ALA H 172 -30.57 9.16 12.19
C ALA H 172 -30.66 10.51 11.47
N PHE H 173 -31.77 11.25 11.66
CA PHE H 173 -32.04 12.33 10.73
C PHE H 173 -31.80 13.71 11.35
N LYS H 174 -31.32 13.76 12.60
CA LYS H 174 -30.89 14.98 13.28
C LYS H 174 -32.07 15.87 13.71
N PHE H 175 -33.00 16.17 12.80
CA PHE H 175 -34.23 16.86 13.14
C PHE H 175 -35.00 16.11 14.23
N ASP H 176 -35.67 16.84 15.15
CA ASP H 176 -36.28 16.21 16.32
C ASP H 176 -37.79 15.94 16.18
N PHE H 177 -38.39 16.27 15.03
CA PHE H 177 -39.82 16.04 14.75
C PHE H 177 -40.68 16.57 15.91
N PRO H 178 -40.69 17.90 16.16
CA PRO H 178 -41.37 18.48 17.32
C PRO H 178 -42.87 18.68 17.11
N ARG H 179 -43.56 19.18 18.14
CA ARG H 179 -45.02 19.19 18.16
C ARG H 179 -45.57 19.96 16.95
N PRO H 180 -45.10 21.19 16.65
CA PRO H 180 -45.66 21.96 15.54
C PRO H 180 -45.53 21.26 14.19
N PHE H 181 -44.50 20.42 14.08
CA PHE H 181 -44.27 19.64 12.86
C PHE H 181 -45.45 18.71 12.62
N TRP H 182 -45.94 18.04 13.66
CA TRP H 182 -47.06 17.13 13.52
C TRP H 182 -48.33 17.86 13.14
N ALA H 183 -48.52 19.06 13.68
CA ALA H 183 -49.68 19.84 13.32
C ALA H 183 -49.67 20.11 11.82
N GLU H 184 -48.49 20.40 11.25
CA GLU H 184 -48.38 20.68 9.83
C GLU H 184 -48.61 19.43 8.98
N MET H 185 -48.12 18.27 9.45
CA MET H 185 -48.21 17.05 8.68
C MET H 185 -49.66 16.57 8.58
N SER H 186 -50.46 16.85 9.60
CA SER H 186 -51.86 16.46 9.60
C SER H 186 -52.63 17.17 8.49
N LYS H 187 -52.09 18.27 7.95
CA LYS H 187 -52.71 18.95 6.82
C LYS H 187 -52.33 18.35 5.46
N ILE H 188 -51.39 17.40 5.40
CA ILE H 188 -51.02 16.79 4.14
C ILE H 188 -51.78 15.47 4.03
N PRO H 189 -52.77 15.34 3.12
CA PRO H 189 -53.54 14.11 3.02
C PRO H 189 -52.71 12.85 2.76
N GLN H 190 -51.56 12.98 2.09
CA GLN H 190 -50.72 11.82 1.78
C GLN H 190 -50.06 11.24 3.03
N VAL H 191 -49.89 12.06 4.08
CA VAL H 191 -49.22 11.60 5.29
C VAL H 191 -50.26 10.90 6.14
N VAL H 192 -50.09 9.58 6.33
CA VAL H 192 -51.17 8.80 6.93
C VAL H 192 -50.68 8.09 8.17
N THR H 193 -49.36 8.00 8.36
CA THR H 193 -48.85 7.27 9.51
C THR H 193 -47.46 7.78 9.87
N ALA H 194 -46.95 7.32 11.01
CA ALA H 194 -45.62 7.68 11.48
C ALA H 194 -45.02 6.50 12.24
N KPI H 195 -43.76 6.16 11.92
CA KPI H 195 -42.99 5.28 12.78
CB KPI H 195 -41.87 4.57 12.03
CG KPI H 195 -41.02 3.63 12.88
CD KPI H 195 -39.82 3.01 12.18
CE KPI H 195 -38.75 2.38 13.10
NZ KPI H 195 -37.73 1.68 12.27
CX1 KPI H 195 -36.46 1.50 12.41
C1 KPI H 195 -35.66 1.86 13.63
CX2 KPI H 195 -35.87 1.00 11.26
O1 KPI H 195 -36.56 0.87 10.23
O2 KPI H 195 -34.67 0.73 11.28
C KPI H 195 -42.47 6.15 13.93
O KPI H 195 -41.59 6.99 13.76
N TYR H 196 -43.03 5.94 15.12
CA TYR H 196 -42.82 6.84 16.23
C TYR H 196 -42.00 6.11 17.30
N LEU H 197 -41.14 6.84 18.01
CA LEU H 197 -40.34 6.26 19.08
C LEU H 197 -40.99 6.62 20.41
N GLY H 198 -40.26 7.25 21.34
CA GLY H 198 -40.80 7.46 22.68
C GLY H 198 -42.21 8.04 22.67
N ILE H 199 -43.06 7.60 23.61
CA ILE H 199 -44.45 8.03 23.63
C ILE H 199 -44.66 9.17 24.64
N GLY H 200 -43.59 9.87 25.03
CA GLY H 200 -43.67 10.92 26.03
C GLY H 200 -44.64 12.05 25.67
N MET H 201 -44.68 12.42 24.39
CA MET H 201 -45.53 13.49 23.90
C MET H 201 -46.64 12.96 22.98
N LEU H 202 -47.01 11.68 23.09
CA LEU H 202 -47.96 11.07 22.18
C LEU H 202 -49.38 11.62 22.38
N ASP H 203 -49.82 11.73 23.66
CA ASP H 203 -51.10 12.32 23.99
C ASP H 203 -51.32 13.63 23.20
N LEU H 204 -50.32 14.54 23.22
CA LEU H 204 -50.44 15.83 22.56
C LEU H 204 -50.36 15.70 21.04
N ASP H 205 -49.43 14.87 20.54
CA ASP H 205 -49.26 14.73 19.10
C ASP H 205 -50.54 14.21 18.47
N LEU H 206 -51.23 13.30 19.15
CA LEU H 206 -52.52 12.82 18.65
C LEU H 206 -53.50 13.98 18.49
N ARG H 207 -53.50 14.91 19.45
CA ARG H 207 -54.42 16.04 19.44
C ARG H 207 -54.06 16.99 18.28
N LEU H 208 -52.76 17.21 18.07
CA LEU H 208 -52.30 18.12 17.03
C LEU H 208 -52.47 17.55 15.64
N ALA H 209 -52.52 16.23 15.52
CA ALA H 209 -52.50 15.59 14.21
C ALA H 209 -53.59 14.53 14.11
N PRO H 210 -54.87 14.93 14.02
CA PRO H 210 -55.98 13.96 13.98
C PRO H 210 -55.98 12.98 12.81
N ASN H 211 -55.28 13.28 11.72
CA ASN H 211 -55.41 12.47 10.52
C ASN H 211 -54.26 11.47 10.33
N ILE H 212 -53.46 11.25 11.37
CA ILE H 212 -52.29 10.40 11.26
C ILE H 212 -52.45 9.22 12.21
N ARG H 213 -52.17 8.01 11.69
CA ARG H 213 -52.08 6.84 12.53
C ARG H 213 -50.65 6.75 13.11
N PHE H 214 -50.50 7.07 14.39
CA PHE H 214 -49.19 7.00 15.01
C PHE H 214 -48.90 5.57 15.41
N LEU H 215 -47.78 5.03 14.95
CA LEU H 215 -47.41 3.67 15.30
C LEU H 215 -46.34 3.69 16.39
N PRO H 216 -46.66 3.35 17.65
CA PRO H 216 -45.61 3.14 18.65
C PRO H 216 -44.90 1.84 18.32
N HIS H 217 -43.66 1.74 18.80
CA HIS H 217 -42.95 0.49 18.91
C HIS H 217 -43.82 -0.49 19.69
N GLU H 218 -43.68 -1.78 19.37
CA GLU H 218 -44.43 -2.86 19.97
C GLU H 218 -44.34 -2.85 21.49
N ASP H 219 -43.16 -2.54 22.05
CA ASP H 219 -42.97 -2.52 23.50
C ASP H 219 -43.80 -1.44 24.16
N ASP H 220 -44.12 -0.38 23.41
CA ASP H 220 -44.87 0.75 23.94
C ASP H 220 -46.35 0.68 23.55
N TYR H 221 -46.76 -0.35 22.80
CA TYR H 221 -48.13 -0.40 22.29
C TYR H 221 -49.12 -0.52 23.44
N TYR H 222 -48.80 -1.36 24.43
CA TYR H 222 -49.71 -1.57 25.54
C TYR H 222 -50.05 -0.24 26.21
N ALA H 223 -49.01 0.52 26.56
CA ALA H 223 -49.21 1.81 27.20
C ALA H 223 -49.97 2.77 26.29
N ALA H 224 -49.57 2.86 25.02
CA ALA H 224 -50.17 3.83 24.12
C ALA H 224 -51.64 3.51 23.87
N ALA H 225 -51.95 2.24 23.74
CA ALA H 225 -53.32 1.80 23.50
C ALA H 225 -54.20 2.11 24.71
N ARG H 226 -53.64 2.05 25.91
CA ARG H 226 -54.41 2.40 27.09
C ARG H 226 -54.65 3.91 27.15
N ILE H 227 -53.70 4.71 26.66
CA ILE H 227 -53.82 6.16 26.68
C ILE H 227 -54.96 6.58 25.76
N ASN H 228 -54.98 6.01 24.55
CA ASN H 228 -55.97 6.42 23.57
C ASN H 228 -56.38 5.20 22.75
N PRO H 229 -57.28 4.34 23.25
CA PRO H 229 -57.65 3.12 22.54
C PRO H 229 -58.36 3.32 21.20
N GLU H 230 -58.96 4.51 20.98
CA GLU H 230 -59.64 4.79 19.73
C GLU H 230 -58.61 5.08 18.63
N ARG H 231 -57.51 5.76 18.96
CA ARG H 231 -56.55 6.22 17.96
C ARG H 231 -55.39 5.24 17.80
N ILE H 232 -55.00 4.57 18.89
CA ILE H 232 -53.81 3.73 18.85
C ILE H 232 -54.28 2.30 18.64
N THR H 233 -54.34 1.89 17.38
CA THR H 233 -54.87 0.60 16.95
C THR H 233 -53.80 -0.22 16.23
N ALA H 234 -52.60 0.34 16.06
CA ALA H 234 -51.54 -0.28 15.29
C ALA H 234 -50.20 0.02 15.94
N PHE H 235 -49.21 -0.80 15.61
CA PHE H 235 -47.85 -0.61 16.10
C PHE H 235 -46.87 -1.20 15.10
N TRP H 236 -45.60 -0.85 15.26
CA TRP H 236 -44.58 -1.42 14.41
C TRP H 236 -43.71 -2.35 15.23
N SER H 237 -43.14 -3.34 14.53
CA SER H 237 -42.44 -4.45 15.17
C SER H 237 -41.19 -4.80 14.35
N SER H 238 -40.05 -4.79 15.04
CA SER H 238 -38.82 -5.40 14.59
C SER H 238 -38.67 -6.82 15.16
N GLY H 239 -39.27 -7.04 16.34
CA GLY H 239 -39.15 -8.29 17.08
C GLY H 239 -39.80 -9.46 16.36
N ALA H 240 -40.81 -9.14 15.53
CA ALA H 240 -41.47 -10.09 14.68
C ALA H 240 -40.52 -10.80 13.71
N MET H 241 -39.36 -10.20 13.38
CA MET H 241 -38.39 -10.86 12.52
C MET H 241 -37.63 -11.96 13.26
N CYS H 242 -37.94 -12.15 14.55
CA CYS H 242 -37.41 -13.24 15.36
C CYS H 242 -38.48 -14.30 15.61
N GLY H 243 -39.62 -14.16 14.89
CA GLY H 243 -40.80 -14.98 15.10
C GLY H 243 -41.99 -14.08 15.42
N PRO H 244 -42.98 -13.96 14.50
CA PRO H 244 -44.06 -13.00 14.70
C PRO H 244 -45.20 -13.35 15.65
N ALA H 245 -45.18 -14.53 16.27
CA ALA H 245 -46.32 -14.94 17.07
C ALA H 245 -46.53 -13.98 18.24
N THR H 246 -45.44 -13.43 18.80
CA THR H 246 -45.53 -12.56 19.94
C THR H 246 -46.34 -11.29 19.58
N ALA H 247 -46.03 -10.70 18.43
CA ALA H 247 -46.70 -9.48 17.99
C ALA H 247 -48.15 -9.77 17.65
N ILE H 248 -48.43 -10.91 17.03
CA ILE H 248 -49.79 -11.28 16.67
C ILE H 248 -50.62 -11.45 17.95
N MET H 249 -50.05 -12.11 18.94
CA MET H 249 -50.73 -12.31 20.22
C MET H 249 -51.04 -10.97 20.90
N LEU H 250 -50.06 -10.04 20.90
CA LEU H 250 -50.24 -8.74 21.52
C LEU H 250 -51.39 -8.02 20.84
N ARG H 251 -51.39 -8.01 19.50
CA ARG H 251 -52.45 -7.38 18.74
C ARG H 251 -53.80 -7.92 19.17
N ASP H 252 -53.91 -9.24 19.21
CA ASP H 252 -55.17 -9.93 19.47
C ASP H 252 -55.64 -9.67 20.90
N GLU H 253 -54.71 -9.73 21.86
CA GLU H 253 -55.03 -9.56 23.26
C GLU H 253 -55.39 -8.12 23.58
N VAL H 254 -54.83 -7.15 22.84
CA VAL H 254 -55.17 -5.76 23.04
C VAL H 254 -56.57 -5.48 22.46
N VAL H 255 -56.92 -6.11 21.33
CA VAL H 255 -58.28 -5.96 20.82
C VAL H 255 -59.28 -6.46 21.87
N ARG H 256 -58.99 -7.62 22.48
CA ARG H 256 -59.85 -8.22 23.48
C ARG H 256 -59.98 -7.31 24.69
N ALA H 257 -58.86 -6.77 25.18
CA ALA H 257 -58.80 -5.93 26.37
C ALA H 257 -59.59 -4.64 26.19
N LYS H 258 -59.56 -4.05 25.00
CA LYS H 258 -60.29 -2.83 24.75
C LYS H 258 -61.78 -3.12 24.91
N SER H 259 -62.19 -4.33 24.57
CA SER H 259 -63.59 -4.72 24.63
C SER H 259 -63.99 -5.14 26.04
N THR H 260 -63.16 -5.90 26.74
CA THR H 260 -63.53 -6.50 28.03
C THR H 260 -63.13 -5.58 29.19
N GLY H 261 -62.08 -4.78 29.03
CA GLY H 261 -61.53 -4.03 30.14
C GLY H 261 -60.49 -4.82 30.95
N ASP H 262 -60.20 -6.07 30.55
CA ASP H 262 -59.20 -6.88 31.24
C ASP H 262 -57.86 -6.82 30.50
N TRP H 263 -56.90 -6.10 31.07
CA TRP H 263 -55.64 -5.78 30.41
C TRP H 263 -54.51 -6.67 30.90
N ALA H 264 -54.78 -7.59 31.84
CA ALA H 264 -53.74 -8.36 32.49
C ALA H 264 -52.93 -9.18 31.48
N LYS H 265 -53.60 -9.79 30.51
CA LYS H 265 -52.91 -10.69 29.61
C LYS H 265 -52.04 -9.88 28.64
N ALA H 266 -52.57 -8.74 28.16
CA ALA H 266 -51.81 -7.87 27.28
C ALA H 266 -50.56 -7.33 27.99
N LYS H 267 -50.73 -7.01 29.28
CA LYS H 267 -49.63 -6.47 30.06
C LYS H 267 -48.52 -7.51 30.18
N ALA H 268 -48.89 -8.77 30.37
CA ALA H 268 -47.91 -9.84 30.55
C ALA H 268 -47.11 -10.06 29.27
N ILE H 269 -47.77 -9.96 28.12
CA ILE H 269 -47.06 -10.08 26.85
C ILE H 269 -46.11 -8.91 26.70
N SER H 270 -46.59 -7.71 27.02
CA SER H 270 -45.79 -6.52 26.88
C SER H 270 -44.55 -6.61 27.76
N ASP H 271 -44.68 -7.17 28.97
CA ASP H 271 -43.57 -7.27 29.90
C ASP H 271 -42.53 -8.26 29.39
N ASP H 272 -42.99 -9.39 28.84
CA ASP H 272 -42.12 -10.35 28.17
C ASP H 272 -41.30 -9.70 27.07
N MET H 273 -41.94 -8.85 26.27
CA MET H 273 -41.29 -8.18 25.16
C MET H 273 -40.20 -7.25 25.68
N ARG H 274 -40.50 -6.48 26.72
CA ARG H 274 -39.53 -5.56 27.27
C ARG H 274 -38.31 -6.35 27.77
N ALA H 275 -38.55 -7.45 28.47
CA ALA H 275 -37.46 -8.29 28.94
C ALA H 275 -36.62 -8.82 27.78
N ALA H 276 -37.25 -9.25 26.68
CA ALA H 276 -36.50 -9.77 25.54
C ALA H 276 -35.59 -8.70 24.94
N ASP H 277 -36.00 -7.43 25.06
CA ASP H 277 -35.26 -6.31 24.46
C ASP H 277 -34.21 -5.78 25.43
N SER H 278 -34.17 -6.30 26.65
CA SER H 278 -33.42 -5.63 27.69
C SER H 278 -31.90 -5.67 27.44
N THR H 279 -31.37 -6.60 26.65
CA THR H 279 -29.92 -6.62 26.42
C THR H 279 -29.53 -6.06 25.05
N LEU H 280 -30.49 -5.48 24.33
CA LEU H 280 -30.25 -5.15 22.94
C LEU H 280 -29.37 -3.91 22.84
N PHE H 281 -29.69 -2.88 23.63
CA PHE H 281 -28.98 -1.61 23.62
C PHE H 281 -27.64 -1.73 24.34
N PRO H 282 -26.51 -1.34 23.72
CA PRO H 282 -25.23 -1.25 24.43
C PRO H 282 -25.32 -0.27 25.60
N ARG H 283 -25.14 -0.79 26.83
CA ARG H 283 -25.22 -0.03 28.07
C ARG H 283 -26.52 0.74 28.22
N GLY H 284 -27.62 0.20 27.72
CA GLY H 284 -28.94 0.80 27.91
C GLY H 284 -29.17 2.05 27.06
N ASP H 285 -28.21 2.40 26.19
CA ASP H 285 -28.09 3.75 25.62
C ASP H 285 -28.60 3.77 24.17
N PHE H 286 -29.70 4.50 23.90
CA PHE H 286 -30.25 4.59 22.57
C PHE H 286 -29.26 5.17 21.55
N SER H 287 -28.44 6.14 21.97
CA SER H 287 -27.51 6.78 21.06
C SER H 287 -26.35 5.84 20.67
N GLU H 288 -25.93 4.97 21.61
CA GLU H 288 -24.90 3.98 21.34
C GLU H 288 -25.47 2.86 20.46
N PHE H 289 -26.72 2.46 20.70
CA PHE H 289 -27.41 1.55 19.81
C PHE H 289 -27.45 2.10 18.38
N SER H 290 -27.68 3.41 18.26
CA SER H 290 -27.88 4.06 16.97
C SER H 290 -26.63 4.04 16.11
N LYS H 291 -25.45 3.97 16.72
CA LYS H 291 -24.20 3.82 15.98
C LYS H 291 -24.07 2.42 15.35
N TYR H 292 -24.75 1.43 15.93
CA TYR H 292 -24.63 0.05 15.50
C TYR H 292 -26.01 -0.51 15.18
N ASN H 293 -26.93 0.40 14.80
CA ASN H 293 -28.33 0.08 14.55
C ASN H 293 -28.42 -1.15 13.64
N ILE H 294 -27.65 -1.13 12.54
CA ILE H 294 -27.80 -2.12 11.48
C ILE H 294 -27.23 -3.48 11.94
N GLY H 295 -25.98 -3.47 12.38
CA GLY H 295 -25.33 -4.71 12.77
C GLY H 295 -26.05 -5.39 13.92
N LEU H 296 -26.60 -4.62 14.85
CA LEU H 296 -27.20 -5.20 16.05
C LEU H 296 -28.55 -5.85 15.71
N GLU H 297 -29.36 -5.18 14.91
CA GLU H 297 -30.63 -5.76 14.49
C GLU H 297 -30.39 -7.04 13.69
N LYS H 298 -29.44 -7.01 12.76
CA LYS H 298 -29.18 -8.15 11.89
C LYS H 298 -28.62 -9.32 12.71
N ALA H 299 -27.74 -9.03 13.66
CA ALA H 299 -27.17 -10.07 14.50
C ALA H 299 -28.26 -10.68 15.36
N ARG H 300 -29.20 -9.86 15.83
CA ARG H 300 -30.31 -10.36 16.61
C ARG H 300 -31.17 -11.32 15.79
N MET H 301 -31.57 -10.91 14.59
CA MET H 301 -32.40 -11.75 13.76
C MET H 301 -31.67 -13.06 13.42
N ASP H 302 -30.38 -12.98 13.17
CA ASP H 302 -29.60 -14.16 12.82
C ASP H 302 -29.61 -15.13 14.00
N ALA H 303 -29.48 -14.62 15.22
CA ALA H 303 -29.45 -15.48 16.38
C ALA H 303 -30.79 -16.16 16.63
N ALA H 304 -31.91 -15.53 16.24
CA ALA H 304 -33.23 -16.06 16.52
C ALA H 304 -33.56 -17.21 15.57
N GLY H 305 -33.02 -17.14 14.35
CA GLY H 305 -33.12 -18.24 13.42
C GLY H 305 -34.44 -18.34 12.67
N TRP H 306 -35.32 -17.33 12.78
CA TRP H 306 -36.55 -17.36 12.01
C TRP H 306 -36.29 -16.93 10.57
N LEU H 307 -35.29 -16.06 10.37
CA LEU H 307 -34.91 -15.66 9.02
C LEU H 307 -33.40 -15.46 9.01
N LYS H 308 -32.85 -15.34 7.79
CA LYS H 308 -31.43 -15.16 7.58
C LYS H 308 -31.22 -13.76 6.99
N ALA H 309 -30.82 -12.81 7.85
CA ALA H 309 -30.66 -11.42 7.45
C ALA H 309 -29.35 -11.24 6.69
N GLY H 310 -28.30 -11.93 7.15
CA GLY H 310 -27.03 -11.95 6.46
C GLY H 310 -26.13 -10.80 6.91
N PRO H 311 -24.91 -10.70 6.35
CA PRO H 311 -23.98 -9.63 6.74
C PRO H 311 -24.39 -8.24 6.26
N CYS H 312 -23.79 -7.21 6.86
CA CYS H 312 -24.15 -5.83 6.58
C CYS H 312 -23.31 -5.27 5.44
N ARG H 313 -23.96 -4.46 4.62
CA ARG H 313 -23.29 -3.81 3.48
C ARG H 313 -22.39 -2.67 3.95
N PRO H 314 -21.28 -2.41 3.26
CA PRO H 314 -20.38 -1.31 3.60
C PRO H 314 -21.04 0.07 3.60
N PRO H 315 -20.80 0.92 4.61
CA PRO H 315 -19.71 0.67 5.56
C PRO H 315 -19.97 0.16 6.98
N TYR H 316 -21.22 -0.20 7.29
CA TYR H 316 -21.59 -0.53 8.69
C TYR H 316 -21.48 -2.01 8.99
N ASN H 317 -20.30 -2.59 8.77
CA ASN H 317 -20.13 -4.01 8.96
C ASN H 317 -19.22 -4.36 10.15
N LEU H 318 -18.96 -3.43 11.08
CA LEU H 318 -18.12 -3.71 12.23
C LEU H 318 -18.87 -3.33 13.50
N VAL H 319 -19.03 -4.30 14.40
CA VAL H 319 -19.71 -4.06 15.65
C VAL H 319 -18.86 -4.66 16.75
N PRO H 320 -18.58 -3.96 17.87
CA PRO H 320 -17.87 -4.56 19.00
C PRO H 320 -18.52 -5.87 19.44
N GLU H 321 -17.70 -6.86 19.78
CA GLU H 321 -18.14 -8.19 20.19
C GLU H 321 -19.04 -8.15 21.42
N ASP H 322 -18.71 -7.34 22.44
CA ASP H 322 -19.55 -7.19 23.62
C ASP H 322 -21.00 -6.90 23.22
N TYR H 323 -21.16 -5.99 22.26
CA TYR H 323 -22.49 -5.52 21.90
C TYR H 323 -23.26 -6.60 21.14
N LEU H 324 -22.55 -7.34 20.28
CA LEU H 324 -23.14 -8.44 19.53
C LEU H 324 -23.76 -9.46 20.48
N ALA H 325 -23.04 -9.80 21.55
CA ALA H 325 -23.53 -10.76 22.52
C ALA H 325 -24.90 -10.33 23.05
N GLY H 326 -25.06 -9.05 23.39
CA GLY H 326 -26.31 -8.52 23.89
C GLY H 326 -27.45 -8.67 22.86
N ALA H 327 -27.13 -8.39 21.59
CA ALA H 327 -28.09 -8.52 20.51
C ALA H 327 -28.48 -9.99 20.29
N GLN H 328 -27.52 -10.89 20.43
CA GLN H 328 -27.76 -12.31 20.23
C GLN H 328 -28.64 -12.86 21.35
N LYS H 329 -28.39 -12.40 22.57
CA LYS H 329 -29.21 -12.80 23.69
C LYS H 329 -30.66 -12.37 23.45
N SER H 330 -30.83 -11.16 22.93
CA SER H 330 -32.15 -10.63 22.68
C SER H 330 -32.85 -11.49 21.64
N GLY H 331 -32.12 -11.88 20.60
CA GLY H 331 -32.64 -12.75 19.55
C GLY H 331 -33.17 -14.06 20.08
N LYS H 332 -32.37 -14.68 20.97
CA LYS H 332 -32.75 -15.95 21.57
C LYS H 332 -33.98 -15.76 22.45
N ALA H 333 -34.08 -14.61 23.11
CA ALA H 333 -35.21 -14.36 23.98
C ALA H 333 -36.49 -14.21 23.14
N TRP H 334 -36.41 -13.49 22.00
CA TRP H 334 -37.57 -13.33 21.13
C TRP H 334 -37.98 -14.65 20.48
N ALA H 335 -37.01 -15.50 20.14
CA ALA H 335 -37.29 -16.82 19.59
C ALA H 335 -38.02 -17.69 20.62
N ALA H 336 -37.63 -17.60 21.90
CA ALA H 336 -38.34 -18.26 22.98
C ALA H 336 -39.78 -17.75 23.08
N LEU H 337 -39.97 -16.43 22.97
CA LEU H 337 -41.32 -15.87 23.01
C LEU H 337 -42.13 -16.42 21.85
N HIS H 338 -41.54 -16.50 20.66
CA HIS H 338 -42.26 -17.00 19.50
C HIS H 338 -42.73 -18.43 19.74
N ALA H 339 -41.88 -19.25 20.33
CA ALA H 339 -42.25 -20.63 20.63
C ALA H 339 -43.43 -20.65 21.60
N LYS H 340 -43.32 -19.91 22.71
CA LYS H 340 -44.36 -19.88 23.72
C LYS H 340 -45.68 -19.41 23.11
N TYR H 341 -45.68 -18.32 22.34
CA TYR H 341 -46.92 -17.69 21.92
C TYR H 341 -47.49 -18.39 20.68
N SER H 342 -46.67 -19.13 19.95
CA SER H 342 -47.18 -19.99 18.89
C SER H 342 -48.14 -21.05 19.44
N ASN H 343 -47.86 -21.59 20.64
CA ASN H 343 -48.72 -22.58 21.28
C ASN H 343 -50.03 -21.98 21.75
N GLU H 344 -49.96 -20.78 22.32
CA GLU H 344 -51.15 -20.10 22.82
C GLU H 344 -52.04 -19.60 21.68
N LEU H 345 -51.48 -19.36 20.50
CA LEU H 345 -52.28 -18.90 19.36
C LEU H 345 -53.14 -20.06 18.88
N LYS H 346 -52.61 -21.30 18.96
CA LYS H 346 -53.31 -22.51 18.55
C LYS H 346 -52.62 -23.74 19.16
C PYR I . 7.21 -12.28 -31.35
O PYR I . 6.93 -11.11 -31.68
OXT PYR I . 6.75 -13.27 -31.97
CA PYR I . 8.03 -12.48 -30.12
O3 PYR I . 8.39 -11.53 -29.48
CB PYR I . 8.26 -13.89 -29.71
P PO4 J . -3.77 -20.02 -8.07
O1 PO4 J . -2.44 -20.07 -8.83
O2 PO4 J . -4.41 -18.60 -8.16
O3 PO4 J . -4.73 -21.04 -8.70
O4 PO4 J . -3.48 -20.38 -6.59
C1 GOL K . 7.91 -15.24 -19.54
O1 GOL K . 8.09 -16.38 -20.37
C2 GOL K . 9.10 -15.00 -18.63
O2 GOL K . 9.15 -15.96 -17.57
C3 GOL K . 10.40 -15.02 -19.38
O3 GOL K . 10.30 -15.87 -20.53
C PYR L . 20.65 -32.08 -9.92
O PYR L . 21.33 -33.11 -9.67
OXT PYR L . 20.20 -31.34 -9.02
CA PYR L . 20.37 -31.72 -11.29
O3 PYR L . 20.72 -32.43 -12.21
CB PYR L . 19.58 -30.48 -11.45
P PO4 M . 0.61 -38.48 -26.30
O1 PO4 M . 1.35 -39.86 -26.30
O2 PO4 M . 1.57 -37.33 -26.03
O3 PO4 M . -0.04 -38.23 -27.67
O4 PO4 M . -0.46 -38.51 -25.20
C1 GOL N . 15.52 -30.72 -22.07
O1 GOL N . 14.56 -30.37 -23.05
C2 GOL N . 15.27 -29.95 -20.80
O2 GOL N . 13.88 -29.91 -20.47
C3 GOL N . 16.01 -30.55 -19.63
O3 GOL N . 15.44 -31.82 -19.30
C PYR O . 31.97 2.64 -21.48
O PYR O . 31.95 3.79 -21.99
OXT PYR O . 32.30 2.54 -20.28
CA PYR O . 31.64 1.43 -22.33
O3 PYR O . 31.34 1.55 -23.51
CB PYR O . 31.66 0.10 -21.69
P PO4 P . 48.62 -2.54 -41.27
O1 PO4 P . 49.57 -1.66 -40.43
O2 PO4 P . 47.58 -1.62 -41.99
O3 PO4 P . 49.44 -3.34 -42.30
O4 PO4 P . 47.90 -3.55 -40.34
C1 GOL Q . 34.62 -5.77 -30.71
O1 GOL Q . 35.09 -6.63 -31.74
C2 GOL Q . 35.67 -4.73 -30.37
O2 GOL Q . 35.13 -3.67 -29.60
C3 GOL Q . 36.83 -5.33 -29.63
O3 GOL Q . 36.39 -6.26 -28.65
C PYR R . 42.34 -26.92 -29.71
O PYR R . 42.64 -28.06 -29.26
OXT PYR R . 42.45 -26.64 -30.92
CA PYR R . 41.91 -25.89 -28.73
O3 PYR R . 41.88 -26.19 -27.55
CB PYR R . 41.64 -24.52 -29.27
C1 GOL S . 41.52 -16.65 -21.20
O1 GOL S . 41.83 -16.49 -19.82
C2 GOL S . 42.80 -16.66 -22.00
O2 GOL S . 42.57 -16.25 -23.35
C3 GOL S . 43.44 -18.02 -21.98
O3 GOL S . 42.83 -18.89 -22.92
C PYR T . -9.12 19.56 35.66
O PYR T . -9.18 19.97 36.86
OXT PYR T . -8.36 18.60 35.33
CA PYR T . -9.97 20.27 34.67
O3 PYR T . -10.60 21.24 35.01
CB PYR T . -9.94 19.81 33.27
P PO4 U . 5.91 17.55 13.35
O1 PO4 U . 6.82 16.82 14.36
O2 PO4 U . 6.51 18.89 12.97
O3 PO4 U . 5.77 16.71 12.06
O4 PO4 U . 4.55 17.76 14.01
P PO4 V . -2.91 40.97 20.91
O1 PO4 V . -1.52 40.61 20.36
O2 PO4 V . -2.76 41.56 22.35
O3 PO4 V . -3.60 41.98 19.97
O4 PO4 V . -3.75 39.71 20.95
C1 GOL W . -12.58 27.33 27.86
O1 GOL W . -11.29 27.19 28.44
C2 GOL W . -12.56 28.37 26.77
O2 GOL W . -13.88 28.82 26.49
C3 GOL W . -11.89 27.82 25.54
O3 GOL W . -10.95 26.79 25.90
C PYR X . -18.44 24.98 5.55
O PYR X . -18.68 24.67 4.35
OXT PYR X . -18.51 26.17 5.94
CA PYR X . -18.04 23.94 6.48
O3 PYR X . -17.85 22.81 6.11
CB PYR X . -17.82 24.39 7.82
C1 GOL Y . -10.77 18.12 14.92
O1 GOL Y . -11.44 17.05 14.27
C2 GOL Y . -10.89 19.41 14.16
O2 GOL Y . -12.16 20.00 14.39
C3 GOL Y . -10.73 19.21 12.67
O3 GOL Y . -11.98 19.03 12.03
C PYR Z . -39.21 22.95 37.26
O PYR Z . -38.76 23.26 38.41
OXT PYR Z . -40.19 23.56 36.72
CA PYR Z . -38.54 21.84 36.55
O3 PYR Z . -37.66 21.25 37.11
CB PYR Z . -39.06 21.46 35.23
P PO4 AA . -57.64 2.56 30.14
O1 PO4 AA . -56.31 1.88 30.41
O2 PO4 AA . -57.59 3.97 30.68
O3 PO4 AA . -57.92 2.55 28.61
O4 PO4 AA . -58.73 1.78 30.90
P PO4 BA . -57.84 12.79 20.04
O1 PO4 BA . -56.46 13.05 20.64
O2 PO4 BA . -58.75 13.98 20.44
O3 PO4 BA . -57.79 12.67 18.49
O4 PO4 BA . -58.41 11.47 20.61
C1 GOL CA . -36.36 10.21 34.61
O1 GOL CA . -37.01 9.38 33.65
C2 GOL CA . -36.61 11.68 34.35
O2 GOL CA . -37.85 12.12 34.91
C3 GOL CA . -36.62 11.99 32.88
O3 GOL CA . -37.82 11.49 32.30
C PYR DA . -34.37 1.40 14.11
O PYR DA . -34.59 0.98 12.95
OXT PYR DA . -33.82 0.71 14.93
CA PYR DA . -34.75 2.71 14.53
O3 PYR DA . -35.31 3.47 13.78
CB PYR DA . -34.41 2.98 15.93
C1 GOL EA . -40.20 11.87 17.65
O1 GOL EA . -41.03 12.87 18.23
C2 GOL EA . -40.90 10.53 17.75
O2 GOL EA . -40.10 9.47 17.23
C3 GOL EA . -41.24 10.23 19.18
O3 GOL EA . -40.11 10.59 19.98
#